data_3ZKD
#
_entry.id   3ZKD
#
_cell.length_a   71.953
_cell.length_b   97.851
_cell.length_c   138.075
_cell.angle_alpha   108.21
_cell.angle_beta   105.18
_cell.angle_gamma   91.04
#
_symmetry.space_group_name_H-M   'P 1'
#
loop_
_entity.id
_entity.type
_entity.pdbx_description
1 polymer 'DNA GYRASE SUBUNIT B'
2 non-polymer 'PHOSPHOAMINOPHOSPHONIC ACID-ADENYLATE ESTER'
3 non-polymer 'MAGNESIUM ION'
4 water water
#
_entity_poly.entity_id   1
_entity_poly.type   'polypeptide(L)'
_entity_poly.pdbx_seq_one_letter_code
;GPLGSVAAQKKKAQDEYGAASITILEGLEAVRKRPGMYIGSTGERGLHHLIWEVVDNAVDEAMAGYATTVNVVLLEDGGV
EVADDGRGIPVATHASGIPTVDVVMTQLHAGGKFDSDAYAISGGLHGVGVSVVNALSTRLEVEIKRDGYEWSQVYEKSEP
LGLKQGAPTKKTGSTVRFWADPAVFETTEYDFETVARRLQEMAFLNKGLTINLTDERVTQDEVVDEVVSDVAEAPKSASE
RAAESTAPHKVKSRTFHYPGGLVDFVKHINRTKNAIHSSIVDFSGKGTGHEVEIAMQWNAGYSESVHTFANTINTHEGGT
HEEGFRSALTSVVNKYAKDRKLLKDKDPNLTGDDIREGLAAVISVKVSEPQFEGQTKTKLGNTEVKSFVQKVCNEQLTHW
FEANPTDAKVVVNKAVSSAQARIAARKARELV
;
_entity_poly.pdbx_strand_id   A,B,C,D,E,F,G,H
#
# COMPACT_ATOMS: atom_id res chain seq x y z
N TYR A 17 39.13 35.85 12.13
CA TYR A 17 37.98 34.97 12.30
C TYR A 17 36.75 35.69 12.85
N GLY A 18 35.73 35.78 12.00
CA GLY A 18 34.46 36.41 12.31
C GLY A 18 33.31 35.87 11.48
N ALA A 19 32.29 36.70 11.26
CA ALA A 19 31.09 36.38 10.49
C ALA A 19 31.40 35.99 9.03
N ALA A 20 32.40 36.67 8.42
CA ALA A 20 32.85 36.44 7.05
C ALA A 20 33.45 35.05 6.86
N SER A 21 34.02 34.45 7.94
CA SER A 21 34.61 33.12 7.90
C SER A 21 33.55 32.06 7.62
N ILE A 22 32.51 31.96 8.50
CA ILE A 22 31.37 31.02 8.39
C ILE A 22 30.72 31.13 7.01
N THR A 23 30.60 29.98 6.32
CA THR A 23 30.05 29.90 4.96
C THR A 23 28.99 28.83 4.91
N ILE A 24 27.89 29.10 4.21
CA ILE A 24 26.82 28.12 4.07
C ILE A 24 26.90 27.49 2.69
N LEU A 25 27.08 26.17 2.65
CA LEU A 25 27.11 25.43 1.40
C LEU A 25 25.67 25.10 1.08
N GLU A 26 25.22 25.56 -0.08
CA GLU A 26 23.84 25.41 -0.50
C GLU A 26 23.59 24.09 -1.18
N GLY A 27 23.05 23.16 -0.39
CA GLY A 27 22.65 21.83 -0.81
C GLY A 27 23.70 20.98 -1.49
N LEU A 28 23.66 20.95 -2.85
CA LEU A 28 24.59 20.15 -3.65
C LEU A 28 26.04 20.63 -3.53
N GLU A 29 26.26 21.91 -3.13
CA GLU A 29 27.59 22.50 -2.88
C GLU A 29 28.31 21.61 -1.87
N ALA A 30 27.59 21.31 -0.75
CA ALA A 30 27.99 20.49 0.38
C ALA A 30 28.28 19.04 0.00
N VAL A 31 27.46 18.44 -0.86
CA VAL A 31 27.69 17.07 -1.29
C VAL A 31 28.99 16.94 -2.07
N ARG A 32 29.27 17.90 -2.98
CA ARG A 32 30.52 17.94 -3.76
C ARG A 32 31.72 18.32 -2.87
N LYS A 33 31.53 19.24 -1.90
CA LYS A 33 32.63 19.64 -1.02
C LYS A 33 32.97 18.54 -0.04
N ARG A 34 31.96 17.90 0.55
CA ARG A 34 32.14 16.83 1.54
C ARG A 34 31.41 15.54 1.09
N PRO A 35 31.87 14.86 -0.01
CA PRO A 35 31.16 13.65 -0.48
C PRO A 35 31.19 12.49 0.52
N GLY A 36 32.27 12.39 1.27
CA GLY A 36 32.47 11.35 2.28
C GLY A 36 31.31 11.28 3.25
N MET A 37 30.74 12.43 3.64
CA MET A 37 29.59 12.43 4.53
C MET A 37 28.40 11.63 3.96
N TYR A 38 28.28 11.63 2.63
CA TYR A 38 27.19 11.02 1.89
C TYR A 38 27.48 9.68 1.32
N ILE A 39 28.69 9.50 0.82
CA ILE A 39 29.07 8.32 0.09
C ILE A 39 30.07 7.42 0.84
N GLY A 40 30.66 7.96 1.90
CA GLY A 40 31.61 7.24 2.72
C GLY A 40 33.03 7.53 2.30
N SER A 41 33.37 7.09 1.08
CA SER A 41 34.69 7.19 0.49
C SER A 41 34.56 7.78 -0.90
N THR A 42 35.73 8.06 -1.52
CA THR A 42 35.86 8.54 -2.90
C THR A 42 36.56 7.44 -3.69
N GLY A 43 36.87 6.36 -2.99
CA GLY A 43 37.47 5.15 -3.55
C GLY A 43 36.42 4.24 -4.17
N GLU A 44 36.78 2.94 -4.38
CA GLU A 44 35.95 1.90 -4.97
C GLU A 44 34.56 1.78 -4.32
N ARG A 45 34.52 1.77 -2.96
CA ARG A 45 33.26 1.67 -2.21
C ARG A 45 32.41 2.92 -2.34
N GLY A 46 33.07 4.05 -2.53
CA GLY A 46 32.40 5.31 -2.77
C GLY A 46 31.79 5.34 -4.15
N LEU A 47 32.62 5.10 -5.18
CA LEU A 47 32.18 5.06 -6.57
C LEU A 47 30.90 4.22 -6.74
N HIS A 48 30.98 2.91 -6.40
CA HIS A 48 29.89 1.94 -6.49
C HIS A 48 28.65 2.32 -5.71
N HIS A 49 28.80 3.18 -4.67
CA HIS A 49 27.67 3.64 -3.89
C HIS A 49 26.69 4.39 -4.77
N LEU A 50 27.22 5.18 -5.74
CA LEU A 50 26.38 5.92 -6.66
C LEU A 50 25.37 4.97 -7.30
N ILE A 51 25.84 3.84 -7.88
CA ILE A 51 25.01 2.81 -8.51
C ILE A 51 23.93 2.35 -7.56
N TRP A 52 24.31 2.00 -6.29
CA TRP A 52 23.40 1.53 -5.26
C TRP A 52 22.30 2.52 -5.03
N GLU A 53 22.64 3.81 -4.87
CA GLU A 53 21.63 4.85 -4.64
C GLU A 53 20.49 4.77 -5.69
N VAL A 54 20.87 4.74 -6.97
CA VAL A 54 19.99 4.66 -8.15
C VAL A 54 19.21 3.31 -8.24
N VAL A 55 19.88 2.18 -7.89
CA VAL A 55 19.28 0.83 -7.87
C VAL A 55 18.29 0.69 -6.69
N ASP A 56 18.73 1.08 -5.47
CA ASP A 56 17.91 1.03 -4.26
C ASP A 56 16.59 1.74 -4.49
N ASN A 57 16.60 2.78 -5.34
CA ASN A 57 15.43 3.55 -5.72
C ASN A 57 14.50 2.73 -6.62
N ALA A 58 15.07 1.96 -7.56
CA ALA A 58 14.26 1.14 -8.46
C ALA A 58 13.73 -0.05 -7.68
N VAL A 59 14.59 -0.66 -6.83
CA VAL A 59 14.23 -1.80 -5.96
C VAL A 59 13.18 -1.35 -4.93
N ASP A 60 13.09 -0.04 -4.62
CA ASP A 60 12.04 0.50 -3.78
C ASP A 60 10.67 0.41 -4.50
N GLU A 61 10.67 0.62 -5.83
CA GLU A 61 9.51 0.51 -6.73
C GLU A 61 9.05 -0.96 -6.82
N ALA A 62 10.04 -1.88 -6.85
CA ALA A 62 9.87 -3.32 -6.90
C ALA A 62 9.14 -3.76 -5.64
N MET A 63 9.70 -3.36 -4.47
CA MET A 63 9.24 -3.58 -3.12
C MET A 63 7.81 -3.06 -2.96
N ALA A 64 7.52 -1.89 -3.58
CA ALA A 64 6.20 -1.24 -3.57
C ALA A 64 5.14 -2.03 -4.33
N GLY A 65 5.58 -2.90 -5.25
CA GLY A 65 4.71 -3.78 -6.03
C GLY A 65 4.51 -3.45 -7.49
N TYR A 66 5.09 -2.33 -7.96
CA TYR A 66 4.97 -1.81 -9.32
C TYR A 66 6.04 -2.34 -10.27
N ALA A 67 7.32 -2.20 -9.89
CA ALA A 67 8.44 -2.69 -10.70
C ALA A 67 8.62 -4.21 -10.55
N THR A 68 9.03 -4.85 -11.64
CA THR A 68 9.29 -6.30 -11.75
C THR A 68 10.73 -6.52 -12.22
N THR A 69 11.21 -5.61 -13.07
CA THR A 69 12.50 -5.70 -13.68
C THR A 69 13.31 -4.42 -13.54
N VAL A 70 14.58 -4.58 -13.14
CA VAL A 70 15.56 -3.52 -13.03
C VAL A 70 16.62 -3.88 -14.06
N ASN A 71 17.15 -2.88 -14.75
CA ASN A 71 18.18 -3.10 -15.74
C ASN A 71 19.31 -2.16 -15.47
N VAL A 72 20.48 -2.72 -15.16
CA VAL A 72 21.70 -1.96 -14.88
C VAL A 72 22.68 -2.23 -15.99
N VAL A 73 23.04 -1.18 -16.70
CA VAL A 73 23.97 -1.23 -17.82
C VAL A 73 25.20 -0.40 -17.42
N LEU A 74 26.40 -0.99 -17.56
CA LEU A 74 27.68 -0.32 -17.35
C LEU A 74 28.12 0.15 -18.76
N LEU A 75 27.75 1.39 -19.11
CA LEU A 75 27.97 2.05 -20.41
C LEU A 75 29.47 2.25 -20.75
N GLU A 76 29.84 2.06 -22.03
CA GLU A 76 31.23 2.19 -22.52
C GLU A 76 31.94 3.49 -22.09
N ASP A 77 31.24 4.63 -22.10
CA ASP A 77 31.79 5.93 -21.69
C ASP A 77 32.03 6.05 -20.17
N GLY A 78 31.77 4.97 -19.44
CA GLY A 78 31.93 4.95 -18.00
C GLY A 78 30.68 5.38 -17.26
N GLY A 79 29.61 5.58 -18.02
CA GLY A 79 28.32 5.93 -17.47
C GLY A 79 27.61 4.68 -17.04
N VAL A 80 26.52 4.87 -16.28
CA VAL A 80 25.70 3.77 -15.77
C VAL A 80 24.26 4.09 -16.06
N GLU A 81 23.53 3.10 -16.60
CA GLU A 81 22.11 3.22 -16.92
C GLU A 81 21.34 2.30 -16.00
N VAL A 82 20.38 2.84 -15.26
CA VAL A 82 19.54 2.02 -14.41
C VAL A 82 18.11 2.26 -14.86
N ALA A 83 17.49 1.25 -15.48
CA ALA A 83 16.12 1.38 -15.96
C ALA A 83 15.19 0.47 -15.17
N ASP A 84 13.94 0.89 -15.01
CA ASP A 84 12.95 0.10 -14.31
C ASP A 84 11.53 0.33 -14.85
N ASP A 85 10.69 -0.68 -14.72
CA ASP A 85 9.28 -0.67 -15.12
C ASP A 85 8.36 -0.19 -13.94
N GLY A 86 8.95 0.54 -12.97
CA GLY A 86 8.25 1.11 -11.83
C GLY A 86 7.26 2.19 -12.23
N ARG A 87 6.90 3.06 -11.28
CA ARG A 87 5.93 4.13 -11.54
C ARG A 87 6.52 5.32 -12.31
N GLY A 88 7.81 5.57 -12.11
CA GLY A 88 8.52 6.69 -12.72
C GLY A 88 8.60 7.86 -11.78
N ILE A 89 9.84 8.41 -11.59
CA ILE A 89 10.17 9.57 -10.75
C ILE A 89 9.13 10.62 -11.08
N PRO A 90 8.20 10.97 -10.16
CA PRO A 90 7.15 11.93 -10.48
C PRO A 90 7.57 13.14 -11.30
N VAL A 91 6.71 13.42 -12.25
CA VAL A 91 6.79 14.50 -13.22
C VAL A 91 5.59 15.40 -12.86
N ALA A 92 5.67 16.66 -13.26
CA ALA A 92 4.69 17.74 -13.04
C ALA A 92 5.23 18.70 -12.02
N THR A 93 4.80 19.96 -12.14
CA THR A 93 5.21 21.00 -11.22
C THR A 93 4.86 20.56 -9.83
N HIS A 94 5.85 20.59 -8.96
CA HIS A 94 5.76 20.29 -7.55
C HIS A 94 5.24 21.56 -6.87
N ALA A 95 4.66 21.43 -5.65
CA ALA A 95 4.14 22.54 -4.84
C ALA A 95 5.11 23.73 -4.75
N SER A 96 6.44 23.45 -4.70
CA SER A 96 7.51 24.46 -4.65
C SER A 96 7.60 25.33 -5.92
N GLY A 97 7.14 24.81 -7.05
CA GLY A 97 7.12 25.56 -8.30
C GLY A 97 7.98 25.07 -9.44
N ILE A 98 8.74 23.99 -9.20
CA ILE A 98 9.63 23.39 -10.19
C ILE A 98 9.25 21.89 -10.41
N PRO A 99 9.36 21.27 -11.62
CA PRO A 99 9.01 19.84 -11.75
C PRO A 99 9.68 18.92 -10.72
N THR A 100 8.90 17.95 -10.22
CA THR A 100 9.28 16.97 -9.18
C THR A 100 10.56 16.18 -9.52
N VAL A 101 10.90 16.00 -10.80
CA VAL A 101 12.13 15.29 -11.19
C VAL A 101 13.34 16.10 -10.74
N ASP A 102 13.22 17.44 -10.79
CA ASP A 102 14.30 18.33 -10.42
C ASP A 102 14.40 18.49 -8.93
N VAL A 103 13.27 18.45 -8.23
CA VAL A 103 13.20 18.54 -6.76
C VAL A 103 14.02 17.39 -6.17
N VAL A 104 13.70 16.17 -6.64
CA VAL A 104 14.29 14.89 -6.27
C VAL A 104 15.78 14.84 -6.65
N MET A 105 16.12 15.35 -7.83
CA MET A 105 17.47 15.29 -8.36
C MET A 105 18.41 16.42 -7.90
N THR A 106 17.89 17.59 -7.48
CA THR A 106 18.75 18.73 -7.11
C THR A 106 18.63 19.19 -5.64
N GLN A 107 17.76 18.52 -4.84
CA GLN A 107 17.60 18.91 -3.45
C GLN A 107 17.76 17.75 -2.51
N LEU A 108 18.51 17.97 -1.41
CA LEU A 108 18.72 17.02 -0.31
C LEU A 108 17.46 17.08 0.59
N HIS A 109 17.04 15.92 1.16
CA HIS A 109 15.85 15.75 2.02
C HIS A 109 14.57 16.08 1.26
N ALA A 110 14.57 15.78 -0.03
CA ALA A 110 13.46 15.98 -0.95
C ALA A 110 13.11 14.60 -1.45
N GLY A 111 12.02 14.06 -0.96
CA GLY A 111 11.60 12.74 -1.39
C GLY A 111 10.23 12.32 -0.89
N GLY A 112 9.70 11.29 -1.53
CA GLY A 112 8.41 10.69 -1.21
C GLY A 112 8.58 9.43 -0.38
N LYS A 113 9.49 9.47 0.62
CA LYS A 113 9.78 8.37 1.54
C LYS A 113 9.87 8.83 3.01
N PHE A 114 9.28 10.01 3.33
CA PHE A 114 9.22 10.57 4.69
C PHE A 114 7.92 10.12 5.41
N ASP A 115 7.33 9.04 4.89
CA ASP A 115 6.13 8.37 5.37
C ASP A 115 6.03 7.00 4.68
N SER A 116 4.87 6.38 4.74
CA SER A 116 4.69 5.07 4.14
C SER A 116 3.59 5.04 3.06
N ASP A 117 3.13 6.23 2.62
CA ASP A 117 2.06 6.36 1.62
C ASP A 117 2.47 5.86 0.27
N ALA A 118 3.39 6.60 -0.39
CA ALA A 118 3.90 6.28 -1.72
C ALA A 118 4.70 4.99 -1.70
N TYR A 119 5.48 4.76 -0.61
CA TYR A 119 6.30 3.57 -0.41
C TYR A 119 5.99 2.94 0.94
N ALA A 120 5.42 1.71 0.94
CA ALA A 120 5.07 1.03 2.20
C ALA A 120 6.33 0.67 2.98
N ILE A 121 7.29 -0.02 2.32
CA ILE A 121 8.59 -0.40 2.84
C ILE A 121 9.59 -0.04 1.75
N SER A 122 10.69 0.63 2.13
CA SER A 122 11.72 1.09 1.19
C SER A 122 13.05 1.29 1.86
N GLY A 123 14.10 1.01 1.14
CA GLY A 123 15.46 1.25 1.61
C GLY A 123 15.78 2.73 1.68
N GLY A 124 14.98 3.55 1.00
CA GLY A 124 15.15 4.99 0.99
C GLY A 124 14.36 5.66 2.08
N LEU A 125 14.94 6.69 2.76
CA LEU A 125 14.28 7.40 3.88
C LEU A 125 14.81 8.83 4.10
N HIS A 126 16.08 9.07 3.78
CA HIS A 126 16.77 10.35 3.94
C HIS A 126 16.39 11.40 2.88
N GLY A 127 15.95 10.95 1.69
CA GLY A 127 15.58 11.81 0.56
C GLY A 127 16.80 12.50 -0.02
N VAL A 128 17.93 11.77 -0.03
CA VAL A 128 19.24 12.30 -0.37
C VAL A 128 19.91 11.55 -1.52
N GLY A 129 19.71 10.22 -1.54
CA GLY A 129 20.24 9.26 -2.49
C GLY A 129 20.64 9.74 -3.87
N VAL A 130 19.65 9.91 -4.75
CA VAL A 130 19.89 10.28 -6.14
C VAL A 130 20.32 11.77 -6.32
N SER A 131 20.01 12.66 -5.36
CA SER A 131 20.47 14.05 -5.47
C SER A 131 22.01 14.10 -5.34
N VAL A 132 22.57 13.15 -4.56
CA VAL A 132 24.00 12.95 -4.30
C VAL A 132 24.67 12.48 -5.59
N VAL A 133 24.10 11.43 -6.20
CA VAL A 133 24.61 10.87 -7.45
C VAL A 133 24.74 11.97 -8.45
N ASN A 134 23.69 12.81 -8.61
CA ASN A 134 23.66 13.97 -9.51
C ASN A 134 24.81 14.96 -9.23
N ALA A 135 24.94 15.39 -7.96
CA ALA A 135 26.00 16.30 -7.51
C ALA A 135 27.38 15.73 -7.85
N LEU A 136 27.54 14.42 -7.63
CA LEU A 136 28.77 13.66 -7.82
C LEU A 136 28.95 13.12 -9.24
N SER A 137 28.14 13.64 -10.20
CA SER A 137 28.16 13.26 -11.62
C SER A 137 28.44 14.46 -12.53
N THR A 138 29.25 14.26 -13.57
CA THR A 138 29.56 15.29 -14.57
C THR A 138 28.30 15.60 -15.39
N ARG A 139 27.41 14.57 -15.48
CA ARG A 139 26.13 14.56 -16.17
C ARG A 139 25.24 13.44 -15.65
N LEU A 140 23.94 13.74 -15.50
CA LEU A 140 22.86 12.80 -15.16
C LEU A 140 21.80 12.97 -16.25
N GLU A 141 21.15 11.89 -16.66
CA GLU A 141 20.11 11.90 -17.68
C GLU A 141 18.95 11.02 -17.23
N VAL A 142 17.73 11.58 -17.18
CA VAL A 142 16.54 10.84 -16.77
C VAL A 142 15.48 10.74 -17.86
N GLU A 143 14.99 9.52 -18.07
CA GLU A 143 13.95 9.21 -19.04
C GLU A 143 12.82 8.56 -18.27
N ILE A 144 11.69 9.26 -18.12
CA ILE A 144 10.56 8.79 -17.33
C ILE A 144 9.30 8.59 -18.18
N LYS A 145 8.82 7.36 -18.22
CA LYS A 145 7.55 7.02 -18.86
C LYS A 145 6.50 7.08 -17.69
N ARG A 146 5.56 8.02 -17.79
CA ARG A 146 4.46 8.26 -16.87
C ARG A 146 3.56 9.34 -17.43
N ASP A 147 2.26 9.34 -17.03
CA ASP A 147 1.24 10.29 -17.47
C ASP A 147 1.07 10.25 -18.98
N GLY A 148 1.14 9.03 -19.52
CA GLY A 148 0.97 8.72 -20.93
C GLY A 148 1.96 9.32 -21.89
N TYR A 149 3.15 9.70 -21.38
CA TYR A 149 4.22 10.31 -22.16
C TYR A 149 5.58 9.93 -21.63
N GLU A 150 6.60 9.93 -22.51
CA GLU A 150 7.99 9.66 -22.13
C GLU A 150 8.56 11.04 -21.76
N TRP A 151 9.42 11.12 -20.74
CA TRP A 151 9.96 12.40 -20.24
C TRP A 151 11.46 12.40 -20.18
N SER A 152 12.08 13.29 -20.95
CA SER A 152 13.54 13.43 -20.97
C SER A 152 13.94 14.58 -20.06
N GLN A 153 15.14 14.49 -19.45
CA GLN A 153 15.70 15.55 -18.61
C GLN A 153 17.19 15.31 -18.40
N VAL A 154 17.99 16.24 -18.89
CA VAL A 154 19.45 16.19 -18.78
C VAL A 154 19.90 17.14 -17.69
N TYR A 155 20.84 16.69 -16.85
CA TYR A 155 21.46 17.46 -15.80
C TYR A 155 22.94 17.61 -16.12
N GLU A 156 23.41 18.84 -16.30
CA GLU A 156 24.80 19.11 -16.58
C GLU A 156 25.37 19.69 -15.29
N LYS A 157 26.39 19.01 -14.72
CA LYS A 157 27.07 19.38 -13.47
C LYS A 157 26.07 19.65 -12.34
N SER A 158 24.92 18.89 -12.32
CA SER A 158 23.75 18.94 -11.42
C SER A 158 22.65 19.89 -11.92
N GLU A 159 23.03 20.91 -12.70
CA GLU A 159 22.07 21.89 -13.21
C GLU A 159 21.16 21.29 -14.29
N PRO A 160 19.82 21.30 -14.09
CA PRO A 160 18.93 20.74 -15.11
C PRO A 160 18.89 21.61 -16.35
N LEU A 161 18.81 20.97 -17.52
CA LEU A 161 18.75 21.66 -18.81
C LEU A 161 17.32 21.94 -19.24
N GLY A 162 16.38 21.12 -18.83
CA GLY A 162 14.97 21.29 -19.15
C GLY A 162 14.20 20.01 -19.44
N LEU A 163 13.08 19.83 -18.74
CA LEU A 163 12.20 18.68 -18.92
C LEU A 163 11.55 18.74 -20.29
N LYS A 164 11.75 17.69 -21.08
CA LYS A 164 11.18 17.53 -22.43
C LYS A 164 10.13 16.42 -22.44
N GLN A 165 8.87 16.78 -22.72
CA GLN A 165 7.78 15.82 -22.84
C GLN A 165 7.94 15.20 -24.23
N GLY A 166 8.23 13.90 -24.27
CA GLY A 166 8.47 13.16 -25.51
C GLY A 166 7.32 12.37 -26.07
N ALA A 167 7.63 11.13 -26.50
CA ALA A 167 6.68 10.21 -27.14
C ALA A 167 5.49 9.82 -26.24
N PRO A 168 4.26 9.71 -26.77
CA PRO A 168 3.14 9.25 -25.92
C PRO A 168 3.32 7.76 -25.58
N THR A 169 3.12 7.32 -24.33
CA THR A 169 3.25 5.88 -24.03
C THR A 169 2.47 5.47 -22.76
N LYS A 170 1.77 4.32 -22.85
CA LYS A 170 0.99 3.73 -21.75
C LYS A 170 1.93 2.99 -20.76
N LYS A 171 3.25 2.88 -21.12
CA LYS A 171 4.27 2.27 -20.26
C LYS A 171 4.63 3.24 -19.11
N THR A 172 5.12 2.68 -17.99
CA THR A 172 5.54 3.46 -16.81
C THR A 172 6.94 3.03 -16.38
N GLY A 173 7.73 3.97 -15.87
CA GLY A 173 9.05 3.65 -15.37
C GLY A 173 10.07 4.74 -15.58
N SER A 174 11.10 4.74 -14.73
CA SER A 174 12.19 5.71 -14.82
C SER A 174 13.50 5.08 -15.25
N THR A 175 14.36 5.88 -15.89
CA THR A 175 15.66 5.47 -16.40
C THR A 175 16.63 6.53 -15.97
N VAL A 176 17.67 6.15 -15.27
CA VAL A 176 18.67 7.12 -14.84
C VAL A 176 20.03 6.72 -15.40
N ARG A 177 20.65 7.62 -16.14
CA ARG A 177 22.00 7.46 -16.68
C ARG A 177 22.83 8.47 -15.94
N PHE A 178 23.99 8.07 -15.43
CA PHE A 178 24.83 9.01 -14.70
C PHE A 178 26.28 8.75 -15.02
N TRP A 179 27.10 9.80 -14.97
CA TRP A 179 28.53 9.71 -15.28
C TRP A 179 29.32 10.32 -14.15
N ALA A 180 29.86 9.46 -13.27
CA ALA A 180 30.67 9.83 -12.10
C ALA A 180 31.83 10.76 -12.45
N ASP A 181 32.04 11.76 -11.58
CA ASP A 181 33.07 12.75 -11.78
C ASP A 181 34.43 12.14 -11.43
N PRO A 182 35.42 12.11 -12.36
CA PRO A 182 36.71 11.54 -12.01
C PRO A 182 37.50 12.46 -11.09
N ALA A 183 36.99 13.72 -10.88
CA ALA A 183 37.58 14.72 -9.97
C ALA A 183 37.20 14.38 -8.52
N VAL A 184 35.95 13.93 -8.35
CA VAL A 184 35.37 13.55 -7.08
C VAL A 184 35.89 12.14 -6.75
N PHE A 185 36.16 11.29 -7.75
CA PHE A 185 36.52 9.91 -7.43
C PHE A 185 37.95 9.50 -7.69
N GLU A 186 38.53 8.73 -6.73
CA GLU A 186 39.88 8.14 -6.81
C GLU A 186 40.02 7.27 -8.09
N THR A 187 38.93 6.59 -8.51
CA THR A 187 38.80 5.75 -9.71
C THR A 187 37.33 5.83 -10.17
N THR A 188 37.10 5.94 -11.48
CA THR A 188 35.75 6.03 -12.03
C THR A 188 35.31 4.69 -12.71
N GLU A 189 36.19 3.67 -12.64
CA GLU A 189 36.01 2.33 -13.22
C GLU A 189 35.22 1.45 -12.31
N TYR A 190 33.99 1.09 -12.71
CA TYR A 190 33.14 0.20 -11.90
C TYR A 190 33.58 -1.24 -12.05
N ASP A 191 33.55 -2.01 -10.95
CA ASP A 191 33.90 -3.42 -10.94
C ASP A 191 32.63 -4.21 -11.20
N PHE A 192 32.62 -4.96 -12.33
CA PHE A 192 31.48 -5.77 -12.72
C PHE A 192 31.03 -6.73 -11.60
N GLU A 193 31.98 -7.50 -11.05
CA GLU A 193 31.71 -8.48 -10.00
C GLU A 193 31.28 -7.86 -8.66
N THR A 194 31.57 -6.58 -8.44
CA THR A 194 31.13 -5.88 -7.24
C THR A 194 29.65 -5.54 -7.45
N VAL A 195 29.31 -5.05 -8.65
CA VAL A 195 27.94 -4.66 -9.03
C VAL A 195 27.05 -5.89 -9.03
N ALA A 196 27.50 -6.93 -9.74
CA ALA A 196 26.79 -8.20 -9.86
C ALA A 196 26.39 -8.75 -8.49
N ARG A 197 27.37 -8.89 -7.54
CA ARG A 197 27.14 -9.42 -6.19
C ARG A 197 25.94 -8.80 -5.51
N ARG A 198 25.90 -7.46 -5.53
CA ARG A 198 24.84 -6.64 -4.93
C ARG A 198 23.51 -6.86 -5.60
N LEU A 199 23.53 -6.83 -6.92
CA LEU A 199 22.32 -7.03 -7.71
C LEU A 199 21.75 -8.42 -7.44
N GLN A 200 22.64 -9.43 -7.40
CA GLN A 200 22.34 -10.81 -7.11
C GLN A 200 21.66 -10.88 -5.77
N GLU A 201 22.27 -10.28 -4.72
CA GLU A 201 21.70 -10.33 -3.38
C GLU A 201 20.38 -9.55 -3.27
N MET A 202 20.18 -8.49 -4.08
CA MET A 202 18.89 -7.80 -4.09
C MET A 202 17.81 -8.71 -4.65
N ALA A 203 18.12 -9.46 -5.74
CA ALA A 203 17.20 -10.40 -6.40
C ALA A 203 16.81 -11.56 -5.50
N PHE A 204 17.68 -11.96 -4.55
CA PHE A 204 17.37 -13.01 -3.56
C PHE A 204 16.39 -12.43 -2.53
N LEU A 205 16.54 -11.13 -2.22
CA LEU A 205 15.69 -10.45 -1.25
C LEU A 205 14.30 -10.08 -1.79
N ASN A 206 14.12 -10.05 -3.13
CA ASN A 206 12.82 -9.74 -3.74
C ASN A 206 12.44 -10.82 -4.76
N LYS A 207 11.43 -11.63 -4.40
CA LYS A 207 10.92 -12.81 -5.11
C LYS A 207 10.57 -12.56 -6.60
N GLY A 208 9.65 -11.63 -6.89
CA GLY A 208 9.26 -11.34 -8.26
C GLY A 208 10.28 -10.56 -9.07
N LEU A 209 11.31 -10.00 -8.38
CA LEU A 209 12.32 -9.16 -8.99
C LEU A 209 13.33 -9.90 -9.85
N THR A 210 13.64 -9.24 -10.98
CA THR A 210 14.57 -9.64 -12.01
C THR A 210 15.47 -8.43 -12.28
N ILE A 211 16.76 -8.56 -11.97
CA ILE A 211 17.70 -7.49 -12.22
C ILE A 211 18.59 -8.00 -13.33
N ASN A 212 18.71 -7.22 -14.43
CA ASN A 212 19.55 -7.57 -15.58
C ASN A 212 20.77 -6.68 -15.57
N LEU A 213 21.97 -7.29 -15.58
CA LEU A 213 23.19 -6.52 -15.58
C LEU A 213 23.98 -6.74 -16.86
N THR A 214 24.22 -5.67 -17.60
CA THR A 214 25.04 -5.79 -18.80
C THR A 214 26.30 -4.90 -18.67
N ASP A 215 27.34 -5.29 -19.40
CA ASP A 215 28.62 -4.63 -19.38
C ASP A 215 29.15 -4.47 -20.80
N GLU A 216 28.79 -3.33 -21.42
CA GLU A 216 29.21 -2.91 -22.76
C GLU A 216 30.68 -2.45 -22.62
N ARG A 217 31.58 -3.41 -22.31
CA ARG A 217 32.99 -3.22 -22.02
C ARG A 217 33.75 -4.53 -22.24
N HIS A 249 28.95 -11.36 -31.61
CA HIS A 249 29.68 -10.47 -30.71
C HIS A 249 28.88 -10.10 -29.41
N LYS A 250 28.66 -11.11 -28.54
CA LYS A 250 27.92 -11.04 -27.27
C LYS A 250 28.55 -10.08 -26.27
N VAL A 251 27.72 -9.30 -25.57
CA VAL A 251 28.11 -8.31 -24.54
C VAL A 251 28.00 -9.02 -23.16
N LYS A 252 28.93 -8.72 -22.20
CA LYS A 252 28.96 -9.33 -20.86
C LYS A 252 27.71 -9.05 -20.04
N SER A 253 26.77 -9.99 -20.08
CA SER A 253 25.48 -9.85 -19.41
C SER A 253 25.18 -10.91 -18.36
N ARG A 254 24.32 -10.57 -17.38
CA ARG A 254 23.81 -11.46 -16.32
C ARG A 254 22.33 -11.19 -16.03
N THR A 255 21.57 -12.24 -15.63
CA THR A 255 20.17 -12.12 -15.22
C THR A 255 20.01 -12.68 -13.81
N PHE A 256 19.66 -11.80 -12.86
CA PHE A 256 19.44 -12.23 -11.48
C PHE A 256 17.96 -12.33 -11.16
N HIS A 257 17.43 -13.56 -11.13
CA HIS A 257 16.04 -13.88 -10.78
C HIS A 257 16.07 -15.14 -9.96
N TYR A 258 15.70 -15.04 -8.69
CA TYR A 258 15.76 -16.21 -7.84
C TYR A 258 14.42 -16.52 -7.19
N PRO A 259 13.64 -17.43 -7.84
CA PRO A 259 12.31 -17.81 -7.31
C PRO A 259 12.38 -18.44 -5.92
N GLY A 260 13.54 -19.03 -5.60
CA GLY A 260 13.80 -19.67 -4.31
C GLY A 260 14.29 -18.72 -3.23
N GLY A 261 14.28 -17.42 -3.55
CA GLY A 261 14.66 -16.33 -2.67
C GLY A 261 15.87 -16.53 -1.78
N LEU A 262 15.64 -16.37 -0.45
CA LEU A 262 16.64 -16.50 0.63
C LEU A 262 17.24 -17.88 0.72
N VAL A 263 16.42 -18.92 0.48
CA VAL A 263 16.84 -20.33 0.51
C VAL A 263 17.89 -20.54 -0.58
N ASP A 264 17.66 -19.94 -1.76
CA ASP A 264 18.57 -19.95 -2.90
C ASP A 264 19.79 -19.06 -2.64
N PHE A 265 19.69 -18.12 -1.67
CA PHE A 265 20.78 -17.21 -1.29
C PHE A 265 21.78 -18.02 -0.49
N VAL A 266 21.29 -18.78 0.50
CA VAL A 266 22.11 -19.63 1.37
C VAL A 266 22.78 -20.70 0.51
N LYS A 267 22.02 -21.29 -0.43
CA LYS A 267 22.52 -22.29 -1.38
C LYS A 267 23.72 -21.70 -2.12
N HIS A 268 23.60 -20.43 -2.57
CA HIS A 268 24.65 -19.70 -3.27
C HIS A 268 25.88 -19.52 -2.40
N ILE A 269 25.68 -19.16 -1.11
CA ILE A 269 26.79 -18.94 -0.18
C ILE A 269 27.55 -20.26 0.05
N ASN A 270 26.81 -21.38 0.25
CA ASN A 270 27.40 -22.71 0.46
C ASN A 270 27.60 -23.50 -0.87
N ARG A 271 27.95 -22.80 -1.97
CA ARG A 271 28.21 -23.42 -3.27
C ARG A 271 29.63 -24.01 -3.26
N THR A 272 30.62 -23.17 -2.94
CA THR A 272 32.03 -23.55 -2.83
C THR A 272 32.28 -24.24 -1.49
N LYS A 273 31.63 -23.74 -0.41
CA LYS A 273 31.69 -24.31 0.94
C LYS A 273 30.91 -25.64 0.99
N ASN A 274 31.22 -26.49 1.99
CA ASN A 274 30.54 -27.79 2.11
C ASN A 274 29.48 -27.78 3.18
N ALA A 275 28.22 -27.93 2.75
CA ALA A 275 27.00 -27.94 3.58
C ALA A 275 26.98 -29.07 4.58
N ILE A 276 27.07 -28.74 5.90
CA ILE A 276 27.04 -29.68 7.02
C ILE A 276 25.77 -30.52 7.02
N HIS A 277 24.60 -29.86 6.95
CA HIS A 277 23.30 -30.51 6.97
C HIS A 277 22.57 -30.41 5.63
N SER A 278 21.64 -31.36 5.37
CA SER A 278 20.88 -31.43 4.13
C SER A 278 19.82 -30.31 3.99
N SER A 279 18.85 -30.26 4.93
CA SER A 279 17.75 -29.29 4.93
C SER A 279 18.19 -27.94 5.51
N ILE A 280 18.11 -26.87 4.70
CA ILE A 280 18.48 -25.51 5.12
C ILE A 280 17.28 -24.81 5.77
N VAL A 281 17.52 -24.12 6.88
CA VAL A 281 16.52 -23.39 7.67
C VAL A 281 15.96 -22.20 6.86
N ASP A 282 14.67 -21.91 7.04
CA ASP A 282 13.97 -20.76 6.45
C ASP A 282 12.70 -20.47 7.25
N PHE A 283 12.63 -19.26 7.84
CA PHE A 283 11.48 -18.86 8.65
C PHE A 283 11.20 -17.38 8.59
N SER A 284 9.93 -17.05 8.35
CA SER A 284 9.39 -15.69 8.30
C SER A 284 8.94 -15.28 9.71
N GLY A 285 8.57 -14.00 9.87
CA GLY A 285 8.11 -13.44 11.13
C GLY A 285 7.53 -12.08 10.91
N LYS A 286 6.19 -11.95 10.90
CA LYS A 286 5.52 -10.67 10.67
C LYS A 286 4.97 -10.07 11.95
N GLY A 287 5.53 -8.92 12.33
CA GLY A 287 5.17 -8.17 13.52
C GLY A 287 4.40 -6.90 13.26
N THR A 288 4.67 -5.84 14.06
CA THR A 288 3.98 -4.55 13.95
C THR A 288 4.53 -3.75 12.73
N GLY A 289 5.44 -2.82 12.99
CA GLY A 289 6.05 -2.02 11.92
C GLY A 289 7.26 -2.70 11.32
N HIS A 290 7.25 -4.06 11.33
CA HIS A 290 8.33 -4.91 10.83
C HIS A 290 7.87 -6.30 10.37
N GLU A 291 8.78 -6.98 9.66
CA GLU A 291 8.68 -8.32 9.08
C GLU A 291 10.12 -8.87 9.05
N VAL A 292 10.31 -10.20 8.98
CA VAL A 292 11.66 -10.80 9.00
C VAL A 292 11.73 -12.23 8.43
N GLU A 293 12.42 -12.38 7.30
CA GLU A 293 12.68 -13.69 6.73
C GLU A 293 14.14 -14.01 6.99
N ILE A 294 14.38 -15.16 7.62
CA ILE A 294 15.70 -15.65 7.97
C ILE A 294 15.88 -17.02 7.36
N ALA A 295 16.97 -17.21 6.65
CA ALA A 295 17.33 -18.51 6.10
C ALA A 295 18.78 -18.72 6.47
N MET A 296 19.14 -19.96 6.85
CA MET A 296 20.52 -20.26 7.24
C MET A 296 20.91 -21.71 7.09
N GLN A 297 22.23 -21.97 7.10
CA GLN A 297 22.86 -23.29 7.00
C GLN A 297 24.32 -23.21 7.42
N TRP A 298 24.78 -24.21 8.19
CA TRP A 298 26.16 -24.31 8.63
C TRP A 298 27.01 -25.10 7.61
N ASN A 299 28.22 -24.60 7.32
CA ASN A 299 29.22 -25.18 6.42
C ASN A 299 30.42 -25.76 7.21
N ALA A 300 31.22 -26.64 6.58
CA ALA A 300 32.38 -27.30 7.20
C ALA A 300 33.50 -26.35 7.67
N GLY A 301 33.52 -25.12 7.14
CA GLY A 301 34.51 -24.10 7.46
C GLY A 301 34.42 -23.50 8.85
N TYR A 302 35.18 -22.42 9.06
CA TYR A 302 35.27 -21.67 10.33
C TYR A 302 34.95 -20.19 10.07
N SER A 303 34.36 -19.91 8.89
CA SER A 303 34.00 -18.55 8.45
C SER A 303 32.52 -18.22 8.55
N GLU A 304 32.22 -17.22 9.39
CA GLU A 304 30.89 -16.67 9.64
C GLU A 304 30.44 -15.86 8.42
N SER A 305 29.74 -16.52 7.49
CA SER A 305 29.19 -15.90 6.28
C SER A 305 27.73 -15.46 6.57
N VAL A 306 27.57 -14.58 7.58
CA VAL A 306 26.26 -14.09 8.02
C VAL A 306 26.00 -12.71 7.41
N HIS A 307 25.00 -12.68 6.52
CA HIS A 307 24.55 -11.54 5.74
C HIS A 307 23.23 -11.01 6.30
N THR A 308 23.24 -9.72 6.64
CA THR A 308 22.06 -9.05 7.16
C THR A 308 21.65 -7.96 6.18
N PHE A 309 20.35 -7.68 6.13
CA PHE A 309 19.74 -6.71 5.24
C PHE A 309 18.52 -6.11 5.87
N ALA A 310 18.28 -4.83 5.59
CA ALA A 310 17.12 -4.11 6.11
C ALA A 310 16.51 -3.40 4.94
N ASN A 311 15.31 -3.84 4.54
CA ASN A 311 14.59 -3.26 3.40
C ASN A 311 15.44 -3.30 2.11
N THR A 312 16.10 -4.46 1.88
CA THR A 312 16.97 -4.80 0.74
C THR A 312 18.24 -3.94 0.78
N ILE A 313 18.66 -3.50 1.99
CA ILE A 313 19.88 -2.72 2.15
C ILE A 313 20.95 -3.53 2.89
N ASN A 314 22.15 -3.62 2.27
CA ASN A 314 23.30 -4.33 2.81
C ASN A 314 23.79 -3.67 4.09
N THR A 315 23.36 -4.21 5.21
CA THR A 315 23.77 -3.71 6.52
C THR A 315 24.89 -4.64 6.96
N HIS A 316 26.09 -4.44 6.35
CA HIS A 316 27.27 -5.25 6.67
C HIS A 316 27.73 -4.97 8.09
N GLU A 317 27.72 -3.69 8.51
CA GLU A 317 28.10 -3.33 9.88
C GLU A 317 26.97 -3.64 10.90
N GLY A 318 26.24 -4.73 10.64
CA GLY A 318 25.22 -5.31 11.50
C GLY A 318 24.01 -4.49 11.90
N GLY A 319 23.75 -4.48 13.20
CA GLY A 319 22.62 -3.78 13.80
C GLY A 319 21.69 -4.63 14.62
N THR A 320 20.59 -4.01 15.08
CA THR A 320 19.54 -4.57 15.93
C THR A 320 19.01 -5.92 15.44
N HIS A 321 18.79 -6.06 14.13
CA HIS A 321 18.33 -7.28 13.50
C HIS A 321 19.38 -8.39 13.56
N GLU A 322 20.68 -8.03 13.53
CA GLU A 322 21.80 -8.95 13.59
C GLU A 322 22.00 -9.40 15.03
N GLU A 323 22.19 -8.42 15.95
CA GLU A 323 22.41 -8.66 17.38
C GLU A 323 21.22 -9.33 18.10
N GLY A 324 20.04 -9.22 17.49
CA GLY A 324 18.81 -9.84 17.95
C GLY A 324 18.85 -11.30 17.62
N PHE A 325 19.14 -11.61 16.33
CA PHE A 325 19.30 -12.96 15.80
C PHE A 325 20.46 -13.70 16.50
N ARG A 326 21.61 -13.00 16.71
CA ARG A 326 22.79 -13.54 17.36
C ARG A 326 22.45 -14.05 18.77
N SER A 327 21.98 -13.14 19.65
CA SER A 327 21.59 -13.41 21.03
C SER A 327 20.52 -14.51 21.15
N ALA A 328 19.60 -14.58 20.16
CA ALA A 328 18.55 -15.58 20.11
C ALA A 328 19.10 -16.93 19.70
N LEU A 329 19.97 -16.96 18.65
CA LEU A 329 20.64 -18.16 18.14
C LEU A 329 21.49 -18.74 19.24
N THR A 330 22.29 -17.89 19.92
CA THR A 330 23.14 -18.27 21.05
C THR A 330 22.28 -18.87 22.15
N SER A 331 21.18 -18.18 22.56
CA SER A 331 20.27 -18.69 23.60
C SER A 331 19.59 -20.02 23.23
N VAL A 332 19.16 -20.18 21.95
CA VAL A 332 18.50 -21.42 21.46
C VAL A 332 19.50 -22.61 21.48
N VAL A 333 20.71 -22.38 20.89
CA VAL A 333 21.81 -23.35 20.81
C VAL A 333 22.32 -23.71 22.22
N ASN A 334 22.38 -22.72 23.15
CA ASN A 334 22.78 -22.93 24.55
C ASN A 334 21.75 -23.84 25.24
N LYS A 335 20.45 -23.55 25.03
CA LYS A 335 19.31 -24.30 25.57
C LYS A 335 19.31 -25.75 25.05
N TYR A 336 19.65 -25.97 23.75
CA TYR A 336 19.69 -27.29 23.12
C TYR A 336 20.84 -28.17 23.60
N ALA A 337 22.06 -27.58 23.76
CA ALA A 337 23.26 -28.27 24.25
C ALA A 337 23.02 -28.81 25.67
N LYS A 338 22.45 -27.96 26.57
CA LYS A 338 22.10 -28.30 27.95
C LYS A 338 20.99 -29.37 27.99
N ASP A 339 20.09 -29.34 27.00
CA ASP A 339 18.96 -30.26 26.87
C ASP A 339 19.36 -31.70 26.57
N ARG A 340 20.36 -31.91 25.69
CA ARG A 340 20.77 -33.25 25.29
C ARG A 340 22.15 -33.68 25.80
N LYS A 341 23.25 -32.94 25.48
CA LYS A 341 24.61 -33.26 25.94
C LYS A 341 25.54 -32.05 25.91
N ASP A 347 29.37 -28.46 30.03
CA ASP A 347 29.26 -27.63 31.22
C ASP A 347 30.41 -26.59 31.30
N PRO A 348 30.52 -25.77 30.24
CA PRO A 348 30.67 -24.32 30.44
C PRO A 348 29.58 -23.51 29.71
N ASN A 349 29.94 -22.71 28.68
CA ASN A 349 29.00 -21.91 27.87
C ASN A 349 29.54 -21.61 26.47
N LEU A 350 28.67 -21.79 25.45
CA LEU A 350 29.00 -21.57 24.04
C LEU A 350 28.82 -20.11 23.63
N THR A 351 29.92 -19.45 23.22
CA THR A 351 29.94 -18.06 22.77
C THR A 351 29.30 -17.99 21.36
N GLY A 352 28.67 -16.85 21.05
CA GLY A 352 28.03 -16.63 19.76
C GLY A 352 28.98 -16.83 18.60
N ASP A 353 30.22 -16.29 18.76
CA ASP A 353 31.35 -16.35 17.80
C ASP A 353 31.64 -17.76 17.29
N ASP A 354 31.57 -18.76 18.19
CA ASP A 354 31.83 -20.16 17.82
C ASP A 354 30.59 -20.89 17.32
N ILE A 355 29.38 -20.37 17.64
CA ILE A 355 28.13 -20.96 17.15
C ILE A 355 27.96 -20.50 15.69
N ARG A 356 28.15 -19.18 15.45
CA ARG A 356 28.07 -18.55 14.13
C ARG A 356 29.26 -18.94 13.24
N GLU A 357 30.26 -19.63 13.81
CA GLU A 357 31.46 -20.10 13.13
C GLU A 357 31.08 -21.12 12.06
N GLY A 358 31.46 -20.82 10.82
CA GLY A 358 31.15 -21.63 9.65
C GLY A 358 29.66 -21.68 9.38
N LEU A 359 28.98 -20.53 9.40
CA LEU A 359 27.54 -20.44 9.18
C LEU A 359 27.19 -19.43 8.11
N ALA A 360 26.42 -19.87 7.12
CA ALA A 360 25.92 -19.03 6.06
C ALA A 360 24.45 -18.72 6.41
N ALA A 361 24.19 -17.46 6.76
CA ALA A 361 22.87 -17.00 7.19
C ALA A 361 22.52 -15.71 6.52
N VAL A 362 21.24 -15.56 6.19
CA VAL A 362 20.72 -14.32 5.61
C VAL A 362 19.57 -13.89 6.51
N ILE A 363 19.64 -12.64 6.98
CA ILE A 363 18.60 -12.03 7.81
C ILE A 363 18.07 -10.84 7.06
N SER A 364 16.93 -11.03 6.41
CA SER A 364 16.25 -10.02 5.63
C SER A 364 15.09 -9.48 6.46
N VAL A 365 15.21 -8.24 6.94
CA VAL A 365 14.12 -7.61 7.67
C VAL A 365 13.48 -6.55 6.80
N LYS A 366 12.19 -6.32 7.02
CA LYS A 366 11.43 -5.27 6.36
C LYS A 366 10.90 -4.43 7.51
N VAL A 367 11.09 -3.11 7.43
CA VAL A 367 10.70 -2.19 8.48
C VAL A 367 9.91 -1.06 7.86
N SER A 368 8.72 -0.77 8.40
CA SER A 368 7.84 0.33 7.99
C SER A 368 8.61 1.67 8.18
N GLU A 369 9.32 1.79 9.31
CA GLU A 369 10.13 2.95 9.72
C GLU A 369 11.55 2.48 10.08
N PRO A 370 12.46 2.27 9.09
CA PRO A 370 13.84 1.86 9.43
C PRO A 370 14.67 2.99 10.05
N GLN A 371 15.82 2.63 10.64
CA GLN A 371 16.73 3.57 11.31
C GLN A 371 18.17 3.18 10.93
N PHE A 372 18.80 3.95 10.07
CA PHE A 372 20.14 3.61 9.60
C PHE A 372 21.26 4.50 10.07
N GLU A 373 22.47 3.89 10.23
CA GLU A 373 23.76 4.45 10.69
C GLU A 373 24.22 5.74 9.98
N GLY A 374 23.80 5.91 8.73
CA GLY A 374 24.14 7.11 7.96
C GLY A 374 23.54 7.03 6.57
N GLN A 375 24.09 7.82 5.65
CA GLN A 375 23.61 7.82 4.27
C GLN A 375 23.91 6.50 3.57
N THR A 376 25.02 5.82 3.94
CA THR A 376 25.39 4.54 3.33
C THR A 376 24.55 3.42 3.89
N LYS A 377 23.94 3.65 5.09
CA LYS A 377 23.03 2.72 5.77
C LYS A 377 23.70 1.38 6.09
N THR A 378 24.88 1.46 6.75
CA THR A 378 25.74 0.34 7.14
C THR A 378 25.15 -0.50 8.26
N LYS A 379 24.38 0.11 9.17
CA LYS A 379 23.74 -0.62 10.28
C LYS A 379 22.32 -0.13 10.52
N LEU A 380 21.51 -0.96 11.21
CA LEU A 380 20.14 -0.69 11.62
C LEU A 380 20.15 -0.44 13.15
N GLY A 381 19.50 0.64 13.59
CA GLY A 381 19.47 1.03 15.00
C GLY A 381 18.17 0.87 15.76
N ASN A 382 17.08 0.41 15.09
CA ASN A 382 15.76 0.24 15.71
C ASN A 382 15.71 -0.74 16.89
N THR A 383 15.82 -0.23 18.12
CA THR A 383 15.77 -1.04 19.35
C THR A 383 14.66 -2.10 19.27
N GLU A 384 13.43 -1.66 18.89
CA GLU A 384 12.20 -2.44 18.67
C GLU A 384 12.45 -3.75 17.86
N VAL A 385 13.32 -3.68 16.82
CA VAL A 385 13.66 -4.75 15.88
C VAL A 385 14.54 -5.83 16.51
N LYS A 386 15.52 -5.46 17.38
CA LYS A 386 16.39 -6.45 18.05
C LYS A 386 15.50 -7.46 18.76
N SER A 387 14.66 -6.98 19.69
CA SER A 387 13.71 -7.79 20.46
C SER A 387 12.66 -8.45 19.56
N PHE A 388 12.42 -7.91 18.35
CA PHE A 388 11.47 -8.50 17.41
C PHE A 388 12.08 -9.71 16.73
N VAL A 389 13.29 -9.54 16.19
CA VAL A 389 14.05 -10.59 15.52
C VAL A 389 14.37 -11.70 16.54
N GLN A 390 14.70 -11.30 17.79
CA GLN A 390 15.01 -12.16 18.91
C GLN A 390 13.82 -13.06 19.27
N LYS A 391 12.60 -12.48 19.43
CA LYS A 391 11.41 -13.24 19.79
C LYS A 391 10.97 -14.20 18.66
N VAL A 392 11.11 -13.77 17.40
CA VAL A 392 10.80 -14.60 16.22
C VAL A 392 11.81 -15.76 16.14
N CYS A 393 13.13 -15.42 16.13
CA CYS A 393 14.25 -16.35 16.05
C CYS A 393 14.15 -17.46 17.06
N ASN A 394 13.89 -17.11 18.33
CA ASN A 394 13.75 -18.05 19.43
C ASN A 394 12.75 -19.14 19.10
N GLU A 395 11.46 -18.76 18.88
CA GLU A 395 10.38 -19.70 18.57
C GLU A 395 10.60 -20.46 17.27
N GLN A 396 11.14 -19.79 16.24
CA GLN A 396 11.33 -20.41 14.94
C GLN A 396 12.57 -21.30 14.85
N LEU A 397 13.55 -21.11 15.75
CA LEU A 397 14.71 -21.99 15.81
C LEU A 397 14.37 -23.17 16.72
N THR A 398 13.75 -22.91 17.90
CA THR A 398 13.35 -23.97 18.85
C THR A 398 12.39 -24.95 18.20
N HIS A 399 11.59 -24.48 17.22
CA HIS A 399 10.68 -25.34 16.49
C HIS A 399 11.44 -26.17 15.44
N TRP A 400 12.56 -25.62 14.91
CA TRP A 400 13.41 -26.28 13.90
C TRP A 400 14.34 -27.32 14.52
N PHE A 401 14.91 -27.03 15.70
CA PHE A 401 15.82 -27.93 16.42
C PHE A 401 15.11 -29.18 16.98
N GLU A 402 13.79 -29.07 17.24
CA GLU A 402 12.93 -30.16 17.72
C GLU A 402 12.39 -30.95 16.52
N ALA A 403 12.09 -30.26 15.39
CA ALA A 403 11.55 -30.87 14.16
C ALA A 403 12.56 -31.70 13.36
N ASN A 404 13.82 -31.23 13.27
CA ASN A 404 14.89 -31.92 12.54
C ASN A 404 16.06 -32.22 13.50
N PRO A 405 15.97 -33.25 14.38
CA PRO A 405 17.07 -33.52 15.33
C PRO A 405 18.33 -34.13 14.69
N THR A 406 18.21 -34.67 13.46
CA THR A 406 19.30 -35.27 12.68
C THR A 406 20.26 -34.14 12.23
N ASP A 407 19.68 -32.99 11.83
CA ASP A 407 20.43 -31.79 11.43
C ASP A 407 20.82 -30.96 12.66
N ALA A 408 19.94 -30.93 13.69
CA ALA A 408 20.13 -30.18 14.94
C ALA A 408 21.35 -30.66 15.74
N LYS A 409 21.58 -31.99 15.82
CA LYS A 409 22.70 -32.58 16.55
C LYS A 409 24.06 -32.28 15.91
N VAL A 410 24.15 -32.43 14.57
CA VAL A 410 25.37 -32.20 13.78
C VAL A 410 25.84 -30.73 13.86
N VAL A 411 24.90 -29.79 14.10
CA VAL A 411 25.18 -28.36 14.25
C VAL A 411 25.86 -28.13 15.62
N VAL A 412 25.21 -28.61 16.70
CA VAL A 412 25.66 -28.53 18.09
C VAL A 412 27.02 -29.21 18.24
N ASN A 413 27.12 -30.49 17.79
CA ASN A 413 28.32 -31.34 17.78
C ASN A 413 29.51 -30.59 17.13
N LYS A 414 29.26 -29.85 16.04
CA LYS A 414 30.24 -29.04 15.32
C LYS A 414 30.58 -27.79 16.11
N ALA A 415 29.55 -27.11 16.67
CA ALA A 415 29.69 -25.88 17.45
C ALA A 415 30.53 -26.04 18.72
N VAL A 416 30.33 -27.14 19.47
CA VAL A 416 31.09 -27.42 20.69
C VAL A 416 32.54 -27.70 20.30
N SER A 417 32.74 -28.47 19.21
CA SER A 417 34.04 -28.82 18.64
C SER A 417 34.77 -27.54 18.18
N SER A 418 34.00 -26.57 17.65
CA SER A 418 34.51 -25.28 17.20
C SER A 418 34.88 -24.41 18.40
N ALA A 419 34.08 -24.49 19.49
CA ALA A 419 34.33 -23.77 20.75
C ALA A 419 35.60 -24.29 21.39
N GLN A 420 35.78 -25.62 21.32
CA GLN A 420 36.95 -26.33 21.83
C GLN A 420 38.23 -25.83 21.17
N ALA A 421 38.16 -25.60 19.83
CA ALA A 421 39.27 -25.10 19.01
C ALA A 421 39.82 -23.74 19.48
N ARG A 422 38.97 -22.94 20.17
CA ARG A 422 39.34 -21.63 20.71
C ARG A 422 39.92 -21.74 22.11
N ILE A 423 39.22 -22.44 23.03
CA ILE A 423 39.64 -22.60 24.44
C ILE A 423 41.04 -23.23 24.56
N ALA A 424 41.34 -24.23 23.70
CA ALA A 424 42.65 -24.90 23.64
C ALA A 424 43.73 -23.93 23.13
N ALA A 425 43.39 -23.11 22.11
CA ALA A 425 44.28 -22.10 21.52
C ALA A 425 44.58 -20.96 22.50
N ARG A 426 43.63 -20.71 23.44
CA ARG A 426 43.74 -19.70 24.50
C ARG A 426 44.52 -20.30 25.68
N LYS A 427 44.30 -21.62 25.98
CA LYS A 427 45.01 -22.38 27.02
C LYS A 427 46.50 -22.56 26.63
N ALA A 428 46.79 -22.46 25.30
CA ALA A 428 48.12 -22.51 24.69
C ALA A 428 49.03 -21.32 25.13
N ARG A 429 48.39 -20.18 25.53
CA ARG A 429 48.99 -18.94 26.04
C ARG A 429 50.29 -18.52 25.35
N TYR B 17 0.23 8.88 -6.68
CA TYR B 17 1.70 9.00 -6.59
C TYR B 17 2.29 9.97 -7.63
N GLY B 18 2.55 11.20 -7.19
CA GLY B 18 3.10 12.26 -8.04
C GLY B 18 3.73 13.41 -7.28
N ALA B 19 3.59 14.63 -7.83
CA ALA B 19 4.14 15.86 -7.24
C ALA B 19 3.74 16.14 -5.75
N ALA B 20 2.48 15.86 -5.38
CA ALA B 20 1.99 16.09 -4.02
C ALA B 20 2.52 15.06 -3.02
N SER B 21 3.19 13.99 -3.50
CA SER B 21 3.73 12.92 -2.65
C SER B 21 5.20 13.14 -2.25
N ILE B 22 5.93 13.96 -3.01
CA ILE B 22 7.33 14.29 -2.73
C ILE B 22 7.31 15.53 -1.88
N THR B 23 7.93 15.47 -0.71
CA THR B 23 7.99 16.57 0.28
C THR B 23 9.44 16.92 0.54
N ILE B 24 9.73 18.21 0.76
CA ILE B 24 11.07 18.67 1.08
C ILE B 24 11.14 19.01 2.57
N LEU B 25 12.13 18.44 3.27
CA LEU B 25 12.40 18.65 4.69
C LEU B 25 13.34 19.84 4.89
N GLU B 26 12.84 20.88 5.61
CA GLU B 26 13.47 22.19 5.89
C GLU B 26 14.53 22.19 6.99
N GLY B 27 15.77 21.94 6.59
CA GLY B 27 16.95 21.97 7.46
C GLY B 27 16.92 21.02 8.63
N LEU B 28 16.73 21.57 9.86
CA LEU B 28 16.73 20.80 11.10
C LEU B 28 15.62 19.74 11.22
N GLU B 29 14.46 19.90 10.52
CA GLU B 29 13.42 18.86 10.59
C GLU B 29 13.92 17.54 10.02
N ALA B 30 14.79 17.59 8.99
CA ALA B 30 15.44 16.44 8.36
C ALA B 30 16.30 15.68 9.39
N VAL B 31 16.93 16.42 10.33
CA VAL B 31 17.74 15.83 11.40
C VAL B 31 16.82 15.13 12.39
N ARG B 32 15.73 15.80 12.81
CA ARG B 32 14.78 15.25 13.77
C ARG B 32 14.07 14.02 13.20
N LYS B 33 13.71 14.08 11.90
CA LYS B 33 13.07 12.99 11.18
C LYS B 33 14.06 11.82 10.96
N ARG B 34 15.32 12.13 10.61
CA ARG B 34 16.34 11.12 10.32
C ARG B 34 17.61 11.29 11.21
N PRO B 35 17.51 11.10 12.56
CA PRO B 35 18.69 11.31 13.43
C PRO B 35 19.90 10.46 13.12
N GLY B 36 19.66 9.18 12.80
CA GLY B 36 20.67 8.18 12.46
C GLY B 36 21.55 8.56 11.30
N MET B 37 21.10 9.45 10.41
CA MET B 37 21.92 9.91 9.28
C MET B 37 23.09 10.76 9.80
N TYR B 38 22.85 11.50 10.87
CA TYR B 38 23.79 12.43 11.46
C TYR B 38 24.49 11.92 12.72
N ILE B 39 23.72 11.29 13.62
CA ILE B 39 24.16 10.80 14.92
C ILE B 39 24.56 9.31 14.90
N GLY B 40 24.04 8.53 13.94
CA GLY B 40 24.32 7.11 13.81
C GLY B 40 23.20 6.23 14.33
N SER B 41 22.81 6.42 15.60
CA SER B 41 21.72 5.70 16.29
C SER B 41 21.05 6.62 17.32
N THR B 42 19.90 6.21 17.86
CA THR B 42 19.21 6.99 18.89
C THR B 42 19.68 6.51 20.28
N GLY B 43 20.52 5.48 20.30
CA GLY B 43 21.05 4.88 21.52
C GLY B 43 22.18 5.64 22.19
N GLU B 44 22.91 4.94 23.08
CA GLU B 44 24.04 5.48 23.85
C GLU B 44 25.19 5.95 22.96
N ARG B 45 25.38 5.31 21.78
CA ARG B 45 26.44 5.69 20.85
C ARG B 45 26.11 7.06 20.28
N GLY B 46 24.83 7.26 20.00
CA GLY B 46 24.30 8.48 19.42
C GLY B 46 24.19 9.62 20.40
N LEU B 47 23.73 9.33 21.61
CA LEU B 47 23.59 10.30 22.68
C LEU B 47 24.95 10.97 22.99
N HIS B 48 25.99 10.13 23.14
CA HIS B 48 27.36 10.54 23.41
C HIS B 48 27.97 11.28 22.21
N HIS B 49 27.36 11.17 21.05
CA HIS B 49 27.82 11.90 19.87
C HIS B 49 27.52 13.39 19.99
N LEU B 50 26.42 13.76 20.69
CA LEU B 50 26.07 15.17 20.92
C LEU B 50 27.20 15.89 21.69
N ILE B 51 27.78 15.22 22.68
CA ILE B 51 28.90 15.77 23.44
C ILE B 51 30.12 15.90 22.53
N TRP B 52 30.38 14.90 21.68
CA TRP B 52 31.54 15.02 20.82
C TRP B 52 31.41 16.19 19.87
N GLU B 53 30.26 16.39 19.25
CA GLU B 53 30.15 17.51 18.30
C GLU B 53 30.38 18.90 18.94
N VAL B 54 29.99 19.07 20.21
CA VAL B 54 30.18 20.34 20.94
C VAL B 54 31.65 20.44 21.43
N VAL B 55 32.20 19.31 21.92
CA VAL B 55 33.57 19.19 22.38
C VAL B 55 34.57 19.32 21.24
N ASP B 56 34.42 18.54 20.15
CA ASP B 56 35.27 18.56 18.97
C ASP B 56 35.42 19.98 18.48
N ASN B 57 34.30 20.73 18.45
CA ASN B 57 34.24 22.14 18.05
C ASN B 57 35.08 23.02 18.98
N ALA B 58 35.01 22.71 20.30
CA ALA B 58 35.80 23.40 21.31
C ALA B 58 37.29 23.03 21.16
N VAL B 59 37.58 21.82 20.66
CA VAL B 59 38.94 21.34 20.50
C VAL B 59 39.55 21.87 19.18
N ASP B 60 38.72 22.13 18.15
CA ASP B 60 39.22 22.69 16.88
C ASP B 60 39.79 24.11 17.12
N GLU B 61 39.28 24.75 18.20
CA GLU B 61 39.71 26.04 18.68
C GLU B 61 41.10 25.90 19.32
N ALA B 62 41.29 24.80 20.08
CA ALA B 62 42.55 24.45 20.75
C ALA B 62 43.60 24.11 19.70
N MET B 63 43.21 23.30 18.69
CA MET B 63 44.02 22.87 17.54
C MET B 63 44.52 24.11 16.78
N ALA B 64 43.60 25.09 16.54
CA ALA B 64 43.93 26.38 15.93
C ALA B 64 44.87 27.23 16.85
N GLY B 65 44.97 26.86 18.13
CA GLY B 65 45.87 27.49 19.10
C GLY B 65 45.31 28.62 19.93
N TYR B 66 44.00 28.65 20.14
CA TYR B 66 43.35 29.70 20.90
C TYR B 66 42.84 29.23 22.25
N ALA B 67 42.16 28.10 22.26
CA ALA B 67 41.65 27.51 23.49
C ALA B 67 42.79 26.78 24.20
N THR B 68 42.91 27.01 25.51
CA THR B 68 43.95 26.39 26.35
C THR B 68 43.28 25.38 27.26
N THR B 69 42.09 25.73 27.75
CA THR B 69 41.29 24.93 28.67
C THR B 69 39.91 24.67 28.06
N VAL B 70 39.43 23.46 28.24
CA VAL B 70 38.10 23.02 27.82
C VAL B 70 37.50 22.33 29.04
N ASN B 71 36.37 22.86 29.51
CA ASN B 71 35.65 22.36 30.67
C ASN B 71 34.34 21.72 30.23
N VAL B 72 34.09 20.49 30.66
CA VAL B 72 32.87 19.79 30.29
C VAL B 72 32.20 19.30 31.56
N VAL B 73 30.93 19.63 31.69
CA VAL B 73 30.12 19.35 32.87
C VAL B 73 28.95 18.45 32.51
N LEU B 74 28.59 17.52 33.40
CA LEU B 74 27.43 16.65 33.22
C LEU B 74 26.44 17.04 34.34
N LEU B 75 25.56 17.98 34.00
CA LEU B 75 24.53 18.59 34.85
C LEU B 75 23.48 17.60 35.41
N GLU B 76 22.78 18.00 36.50
CA GLU B 76 21.74 17.22 37.17
C GLU B 76 20.53 16.98 36.25
N ASP B 77 19.99 18.06 35.64
CA ASP B 77 18.82 18.04 34.75
C ASP B 77 19.04 17.30 33.42
N GLY B 78 20.15 16.57 33.32
CA GLY B 78 20.51 15.81 32.12
C GLY B 78 21.18 16.64 31.05
N GLY B 79 21.60 17.86 31.41
CA GLY B 79 22.28 18.79 30.53
C GLY B 79 23.78 18.62 30.48
N VAL B 80 24.41 19.19 29.45
CA VAL B 80 25.86 19.14 29.29
C VAL B 80 26.41 20.52 28.97
N GLU B 81 27.24 21.06 29.87
CA GLU B 81 27.90 22.35 29.66
C GLU B 81 29.29 22.09 29.09
N VAL B 82 29.63 22.79 28.00
CA VAL B 82 30.96 22.72 27.39
C VAL B 82 31.49 24.13 27.15
N ALA B 83 32.51 24.52 27.93
CA ALA B 83 33.13 25.84 27.89
C ALA B 83 34.58 25.77 27.42
N ASP B 84 35.03 26.81 26.72
CA ASP B 84 36.39 26.92 26.21
C ASP B 84 36.81 28.39 26.14
N ASP B 85 38.12 28.67 26.35
CA ASP B 85 38.70 30.00 26.28
C ASP B 85 39.22 30.32 24.85
N GLY B 86 38.55 29.74 23.84
CA GLY B 86 38.83 29.93 22.42
C GLY B 86 38.35 31.27 21.88
N ARG B 87 38.29 31.39 20.56
CA ARG B 87 37.84 32.62 19.88
C ARG B 87 36.35 32.95 20.09
N GLY B 88 35.53 31.93 20.24
CA GLY B 88 34.09 32.08 20.40
C GLY B 88 33.35 32.10 19.08
N ILE B 89 32.12 31.55 19.09
CA ILE B 89 31.21 31.53 17.93
C ILE B 89 30.99 32.96 17.45
N PRO B 90 31.25 33.29 16.16
CA PRO B 90 31.01 34.66 15.68
C PRO B 90 29.61 35.14 16.05
N VAL B 91 29.52 36.34 16.66
CA VAL B 91 28.24 36.86 17.12
C VAL B 91 27.59 37.78 16.09
N ALA B 92 28.44 38.53 15.33
CA ALA B 92 28.07 39.48 14.29
C ALA B 92 27.06 38.94 13.27
N THR B 93 26.31 39.87 12.63
CA THR B 93 25.32 39.57 11.61
C THR B 93 25.98 38.84 10.42
N HIS B 94 25.40 37.72 10.00
CA HIS B 94 25.91 36.94 8.88
C HIS B 94 25.28 37.44 7.58
N ALA B 95 26.01 37.30 6.44
CA ALA B 95 25.55 37.74 5.12
C ALA B 95 24.17 37.17 4.76
N SER B 96 23.81 36.00 5.33
CA SER B 96 22.52 35.32 5.17
C SER B 96 21.37 36.03 5.91
N GLY B 97 21.68 37.10 6.65
CA GLY B 97 20.70 37.86 7.41
C GLY B 97 20.95 37.86 8.90
N ILE B 98 20.29 36.92 9.61
CA ILE B 98 20.35 36.73 11.07
C ILE B 98 21.81 36.51 11.58
N PRO B 99 22.16 36.86 12.85
CA PRO B 99 23.55 36.66 13.30
C PRO B 99 24.09 35.25 13.12
N THR B 100 25.42 35.14 13.03
CA THR B 100 26.16 33.88 12.82
C THR B 100 25.82 32.80 13.86
N VAL B 101 25.66 33.19 15.16
CA VAL B 101 25.28 32.27 16.24
C VAL B 101 24.10 31.43 15.76
N ASP B 102 23.01 32.12 15.36
CA ASP B 102 21.78 31.53 14.86
C ASP B 102 22.06 30.63 13.67
N VAL B 103 22.92 31.08 12.72
CA VAL B 103 23.29 30.34 11.50
C VAL B 103 23.98 29.00 11.84
N VAL B 104 25.11 29.08 12.58
CA VAL B 104 25.95 27.97 13.07
C VAL B 104 25.14 26.90 13.79
N MET B 105 24.14 27.34 14.56
CA MET B 105 23.24 26.53 15.38
C MET B 105 21.98 25.98 14.69
N THR B 106 21.43 26.72 13.73
CA THR B 106 20.17 26.30 13.11
C THR B 106 20.33 25.84 11.65
N GLN B 107 21.51 26.02 11.02
CA GLN B 107 21.66 25.60 9.63
C GLN B 107 22.72 24.53 9.40
N LEU B 108 22.35 23.47 8.64
CA LEU B 108 23.25 22.38 8.27
C LEU B 108 24.09 22.88 7.11
N HIS B 109 25.36 22.48 7.06
CA HIS B 109 26.34 22.86 6.05
C HIS B 109 26.71 24.34 6.18
N ALA B 110 26.72 24.84 7.44
CA ALA B 110 27.07 26.21 7.85
C ALA B 110 28.16 26.16 8.95
N GLY B 111 29.39 26.50 8.55
CA GLY B 111 30.58 26.49 9.42
C GLY B 111 31.82 27.02 8.74
N GLY B 112 32.74 27.60 9.52
CA GLY B 112 33.98 28.18 8.98
C GLY B 112 35.10 27.18 8.80
N LYS B 113 34.76 25.91 8.45
CA LYS B 113 35.72 24.81 8.28
C LYS B 113 35.70 24.13 6.88
N PHE B 114 35.26 24.87 5.85
CA PHE B 114 35.19 24.41 4.47
C PHE B 114 36.47 24.80 3.70
N ASP B 115 37.14 25.82 4.22
CA ASP B 115 38.42 26.36 3.82
C ASP B 115 39.35 26.05 5.00
N SER B 116 40.66 26.21 4.83
CA SER B 116 41.62 25.98 5.92
C SER B 116 42.07 27.32 6.51
N ASP B 117 41.19 28.36 6.44
CA ASP B 117 41.48 29.73 6.86
C ASP B 117 41.44 29.97 8.37
N ALA B 118 40.24 29.89 8.98
CA ALA B 118 40.03 30.13 10.42
C ALA B 118 40.57 28.97 11.23
N TYR B 119 40.56 27.75 10.66
CA TYR B 119 41.07 26.55 11.30
C TYR B 119 41.99 25.88 10.28
N ALA B 120 43.30 25.76 10.59
CA ALA B 120 44.26 25.10 9.69
C ALA B 120 43.90 23.61 9.59
N ILE B 121 44.01 22.88 10.72
CA ILE B 121 43.66 21.47 10.83
C ILE B 121 42.49 21.35 11.85
N SER B 122 41.36 20.72 11.45
CA SER B 122 40.18 20.60 12.32
C SER B 122 39.33 19.34 12.11
N GLY B 123 38.75 18.87 13.21
CA GLY B 123 37.85 17.73 13.24
C GLY B 123 36.56 18.04 12.50
N GLY B 124 36.01 19.24 12.75
CA GLY B 124 34.82 19.72 12.05
C GLY B 124 35.15 20.00 10.59
N LEU B 125 34.22 19.66 9.69
CA LEU B 125 34.39 19.82 8.24
C LEU B 125 33.07 19.88 7.47
N HIS B 126 32.00 19.31 8.04
CA HIS B 126 30.70 19.28 7.36
C HIS B 126 29.79 20.46 7.62
N GLY B 127 30.09 21.22 8.68
CA GLY B 127 29.34 22.38 9.18
C GLY B 127 27.96 21.99 9.69
N VAL B 128 27.86 20.79 10.30
CA VAL B 128 26.59 20.17 10.68
C VAL B 128 26.43 19.85 12.20
N GLY B 129 27.37 19.10 12.76
CA GLY B 129 27.38 18.64 14.15
C GLY B 129 26.62 19.42 15.19
N VAL B 130 27.03 20.69 15.45
CA VAL B 130 26.42 21.55 16.47
C VAL B 130 24.97 21.93 16.14
N SER B 131 24.63 22.02 14.82
CA SER B 131 23.24 22.31 14.42
C SER B 131 22.38 21.07 14.68
N VAL B 132 23.02 19.90 14.70
CA VAL B 132 22.38 18.63 15.01
C VAL B 132 22.20 18.56 16.53
N VAL B 133 23.24 18.99 17.28
CA VAL B 133 23.19 19.00 18.75
C VAL B 133 21.96 19.78 19.20
N ASN B 134 21.75 20.97 18.62
CA ASN B 134 20.59 21.83 18.83
C ASN B 134 19.30 21.23 18.25
N ALA B 135 19.39 20.50 17.10
CA ALA B 135 18.20 19.91 16.47
C ALA B 135 17.62 18.80 17.33
N LEU B 136 18.48 17.90 17.81
CA LEU B 136 18.14 16.75 18.63
C LEU B 136 18.08 17.05 20.16
N SER B 137 17.88 18.34 20.51
CA SER B 137 17.81 18.80 21.90
C SER B 137 16.55 19.60 22.19
N THR B 138 15.98 19.42 23.41
CA THR B 138 14.80 20.17 23.86
C THR B 138 15.18 21.62 24.14
N ARG B 139 16.44 21.84 24.55
CA ARG B 139 16.99 23.16 24.90
C ARG B 139 18.50 23.23 24.65
N LEU B 140 18.96 24.39 24.21
CA LEU B 140 20.37 24.69 23.99
C LEU B 140 20.63 26.09 24.52
N GLU B 141 21.74 26.26 25.24
CA GLU B 141 22.14 27.53 25.80
C GLU B 141 23.52 27.89 25.32
N VAL B 142 23.69 29.11 24.83
CA VAL B 142 25.01 29.55 24.42
C VAL B 142 25.43 30.76 25.22
N GLU B 143 26.69 30.78 25.65
CA GLU B 143 27.28 31.85 26.43
C GLU B 143 28.66 32.21 25.86
N ILE B 144 28.68 32.75 24.63
CA ILE B 144 29.88 33.19 23.92
C ILE B 144 30.43 34.47 24.58
N LYS B 145 31.74 34.54 24.76
CA LYS B 145 32.38 35.73 25.34
C LYS B 145 33.46 36.23 24.37
N ARG B 146 33.06 37.10 23.41
CA ARG B 146 33.96 37.67 22.39
C ARG B 146 33.49 39.06 21.86
N ASP B 147 34.43 39.76 21.17
CA ASP B 147 34.26 41.09 20.57
C ASP B 147 33.98 42.16 21.66
N GLY B 148 34.76 42.06 22.74
CA GLY B 148 34.71 42.94 23.91
C GLY B 148 33.46 42.89 24.75
N TYR B 149 32.60 41.86 24.56
CA TYR B 149 31.33 41.70 25.28
C TYR B 149 30.91 40.24 25.54
N GLU B 150 30.05 40.05 26.56
CA GLU B 150 29.45 38.76 26.92
C GLU B 150 28.19 38.60 26.06
N TRP B 151 27.84 37.35 25.73
CA TRP B 151 26.67 37.07 24.89
C TRP B 151 25.86 35.90 25.40
N SER B 152 24.54 35.93 25.16
CA SER B 152 23.63 34.88 25.61
C SER B 152 22.49 34.72 24.63
N GLN B 153 22.40 33.55 24.04
CA GLN B 153 21.32 33.21 23.13
C GLN B 153 20.82 31.85 23.56
N VAL B 154 19.52 31.75 23.77
CA VAL B 154 18.90 30.51 24.22
C VAL B 154 18.05 29.93 23.09
N TYR B 155 18.16 28.61 22.87
CA TYR B 155 17.39 27.93 21.84
C TYR B 155 16.46 26.92 22.49
N GLU B 156 15.15 27.23 22.50
CA GLU B 156 14.16 26.29 23.03
C GLU B 156 13.63 25.53 21.81
N LYS B 157 13.81 24.19 21.82
CA LYS B 157 13.40 23.26 20.73
C LYS B 157 13.94 23.73 19.37
N SER B 158 15.27 24.01 19.33
CA SER B 158 16.06 24.47 18.17
C SER B 158 15.85 25.96 17.80
N GLU B 159 14.67 26.50 18.11
CA GLU B 159 14.28 27.88 17.78
C GLU B 159 14.96 28.92 18.70
N PRO B 160 15.69 29.93 18.13
CA PRO B 160 16.33 30.93 18.99
C PRO B 160 15.30 31.89 19.60
N LEU B 161 15.56 32.29 20.84
CA LEU B 161 14.67 33.17 21.60
C LEU B 161 15.19 34.62 21.65
N GLY B 162 16.33 34.86 21.02
CA GLY B 162 16.92 36.20 20.96
C GLY B 162 18.30 36.31 21.57
N LEU B 163 19.21 36.96 20.83
CA LEU B 163 20.60 37.19 21.21
C LEU B 163 20.64 38.35 22.21
N LYS B 164 21.19 38.10 23.42
CA LYS B 164 21.28 39.01 24.57
C LYS B 164 22.72 39.42 24.94
N GLN B 165 23.09 40.69 24.64
CA GLN B 165 24.41 41.26 24.93
C GLN B 165 24.56 41.56 26.43
N GLY B 166 25.61 40.99 27.02
CA GLY B 166 25.94 41.16 28.43
C GLY B 166 27.00 42.21 28.65
N ALA B 167 27.60 42.20 29.85
CA ALA B 167 28.63 43.14 30.28
C ALA B 167 29.94 43.05 29.47
N PRO B 168 30.72 44.16 29.32
CA PRO B 168 31.97 44.07 28.54
C PRO B 168 33.08 43.25 29.21
N THR B 169 33.54 42.21 28.51
CA THR B 169 34.59 41.32 28.99
C THR B 169 35.66 41.17 27.91
N LYS B 170 36.92 41.46 28.28
CA LYS B 170 38.09 41.40 27.38
C LYS B 170 38.59 39.96 27.17
N LYS B 171 37.97 38.98 27.86
CA LYS B 171 38.28 37.56 27.74
C LYS B 171 37.58 37.03 26.50
N THR B 172 38.21 36.07 25.80
CA THR B 172 37.63 35.39 24.63
C THR B 172 37.21 33.97 25.04
N GLY B 173 36.09 33.51 24.52
CA GLY B 173 35.54 32.19 24.83
C GLY B 173 34.12 31.98 24.34
N SER B 174 33.56 30.78 24.61
CA SER B 174 32.19 30.34 24.25
C SER B 174 31.78 29.11 25.04
N THR B 175 30.57 29.14 25.60
CA THR B 175 30.02 28.08 26.45
C THR B 175 28.74 27.55 25.82
N VAL B 176 28.67 26.23 25.57
CA VAL B 176 27.50 25.62 24.94
C VAL B 176 26.92 24.53 25.84
N ARG B 177 25.68 24.76 26.32
CA ARG B 177 24.87 23.87 27.18
C ARG B 177 23.74 23.29 26.35
N PHE B 178 23.43 22.01 26.52
CA PHE B 178 22.38 21.37 25.72
C PHE B 178 21.71 20.23 26.47
N TRP B 179 20.40 20.08 26.23
CA TRP B 179 19.55 19.07 26.85
C TRP B 179 19.00 18.13 25.82
N ALA B 180 19.63 16.96 25.67
CA ALA B 180 19.19 15.94 24.72
C ALA B 180 17.66 15.65 24.85
N ASP B 181 16.96 15.60 23.71
CA ASP B 181 15.53 15.36 23.71
C ASP B 181 15.19 13.89 24.01
N PRO B 182 14.44 13.61 25.12
CA PRO B 182 14.07 12.21 25.43
C PRO B 182 13.19 11.57 24.35
N ALA B 183 12.37 12.39 23.67
CA ALA B 183 11.53 11.92 22.56
C ALA B 183 12.39 11.45 21.39
N VAL B 184 13.68 11.89 21.35
CA VAL B 184 14.66 11.48 20.33
C VAL B 184 15.54 10.32 20.85
N PHE B 185 16.13 10.47 22.05
CA PHE B 185 17.03 9.46 22.59
C PHE B 185 16.37 8.47 23.53
N GLU B 186 16.66 7.18 23.28
CA GLU B 186 16.17 6.05 24.06
C GLU B 186 16.59 6.15 25.55
N THR B 187 17.89 6.45 25.79
CA THR B 187 18.49 6.68 27.11
C THR B 187 19.01 8.12 27.07
N THR B 188 18.52 8.97 27.97
CA THR B 188 18.93 10.38 28.05
C THR B 188 20.13 10.55 29.02
N GLU B 189 20.50 9.47 29.77
CA GLU B 189 21.60 9.50 30.73
C GLU B 189 22.95 9.10 30.14
N TYR B 190 23.97 9.95 30.40
CA TYR B 190 25.35 9.77 29.92
C TYR B 190 26.16 8.86 30.82
N ASP B 191 27.16 8.23 30.23
CA ASP B 191 28.10 7.37 30.94
C ASP B 191 29.33 8.23 31.18
N PHE B 192 29.71 8.41 32.46
CA PHE B 192 30.87 9.21 32.85
C PHE B 192 32.15 8.63 32.24
N GLU B 193 32.37 7.31 32.39
CA GLU B 193 33.59 6.68 31.89
C GLU B 193 33.73 6.77 30.38
N THR B 194 32.60 6.68 29.63
CA THR B 194 32.58 6.84 28.17
C THR B 194 33.00 8.28 27.83
N VAL B 195 32.49 9.25 28.61
CA VAL B 195 32.80 10.69 28.47
C VAL B 195 34.30 10.93 28.81
N ALA B 196 34.76 10.51 30.01
CA ALA B 196 36.14 10.62 30.48
C ALA B 196 37.16 9.91 29.56
N ARG B 197 36.79 8.74 28.96
CA ARG B 197 37.66 7.97 28.07
C ARG B 197 38.04 8.78 26.85
N ARG B 198 37.04 9.41 26.21
CA ARG B 198 37.17 10.26 25.03
C ARG B 198 37.86 11.57 25.34
N LEU B 199 37.45 12.26 26.43
CA LEU B 199 38.06 13.55 26.77
C LEU B 199 39.53 13.41 27.01
N GLN B 200 39.91 12.31 27.71
CA GLN B 200 41.30 11.99 28.02
C GLN B 200 42.12 11.82 26.74
N GLU B 201 41.64 11.00 25.77
CA GLU B 201 42.40 10.77 24.54
C GLU B 201 42.60 12.06 23.77
N MET B 202 41.59 12.96 23.73
CA MET B 202 41.71 14.27 23.07
C MET B 202 42.86 15.11 23.63
N ALA B 203 43.10 15.04 24.96
CA ALA B 203 44.19 15.74 25.64
C ALA B 203 45.56 15.12 25.26
N PHE B 204 45.61 13.80 24.96
CA PHE B 204 46.83 13.12 24.54
C PHE B 204 47.20 13.56 23.12
N LEU B 205 46.19 13.79 22.28
CA LEU B 205 46.35 14.22 20.90
C LEU B 205 46.66 15.71 20.84
N ASN B 206 46.32 16.42 21.92
CA ASN B 206 46.58 17.84 21.96
C ASN B 206 47.44 18.21 23.14
N LYS B 207 48.76 18.25 22.89
CA LYS B 207 49.77 18.64 23.87
C LYS B 207 49.49 20.08 24.31
N GLY B 208 49.44 20.32 25.62
CA GLY B 208 49.21 21.64 26.20
C GLY B 208 47.77 21.95 26.56
N LEU B 209 46.81 21.36 25.83
CA LEU B 209 45.37 21.54 26.08
C LEU B 209 44.95 20.86 27.39
N THR B 210 44.16 21.56 28.19
CA THR B 210 43.66 21.05 29.46
C THR B 210 42.18 20.75 29.31
N ILE B 211 41.77 19.52 29.60
CA ILE B 211 40.36 19.18 29.54
C ILE B 211 39.90 18.77 30.91
N ASN B 212 38.98 19.56 31.47
CA ASN B 212 38.42 19.28 32.78
C ASN B 212 37.05 18.71 32.62
N LEU B 213 36.73 17.72 33.44
CA LEU B 213 35.43 17.10 33.42
C LEU B 213 34.93 17.00 34.82
N THR B 214 33.67 17.36 35.00
CA THR B 214 33.01 17.29 36.29
C THR B 214 31.62 16.67 36.07
N ASP B 215 31.16 15.87 37.05
CA ASP B 215 29.87 15.18 36.95
C ASP B 215 29.02 15.45 38.15
N GLU B 216 28.23 16.51 38.02
CA GLU B 216 27.27 17.03 38.99
C GLU B 216 25.96 16.21 38.84
N ARG B 217 25.97 14.92 39.26
CA ARG B 217 24.82 13.99 39.15
C ARG B 217 24.81 12.94 40.27
N VAL B 218 23.59 12.66 40.83
CA VAL B 218 23.29 11.68 41.89
C VAL B 218 24.04 11.98 43.22
N HIS B 249 27.34 10.91 48.39
CA HIS B 249 28.13 11.01 47.15
C HIS B 249 28.76 12.40 46.94
N LYS B 250 29.92 12.42 46.24
CA LYS B 250 30.66 13.64 45.90
C LYS B 250 30.71 13.85 44.38
N VAL B 251 30.84 15.13 43.95
CA VAL B 251 30.91 15.57 42.56
C VAL B 251 32.19 15.01 41.92
N LYS B 252 32.01 14.03 41.00
CA LYS B 252 33.04 13.31 40.25
C LYS B 252 33.81 14.27 39.34
N SER B 253 35.14 14.40 39.55
CA SER B 253 35.97 15.31 38.77
C SER B 253 37.27 14.69 38.28
N ARG B 254 37.59 14.91 36.99
CA ARG B 254 38.81 14.44 36.34
C ARG B 254 39.45 15.57 35.53
N THR B 255 40.80 15.55 35.43
CA THR B 255 41.59 16.53 34.68
C THR B 255 42.49 15.80 33.68
N PHE B 256 42.51 16.28 32.43
CA PHE B 256 43.32 15.69 31.37
C PHE B 256 44.23 16.73 30.76
N HIS B 257 45.53 16.59 31.04
CA HIS B 257 46.60 17.46 30.56
C HIS B 257 47.81 16.57 30.43
N TYR B 258 48.18 16.29 29.19
CA TYR B 258 49.28 15.38 28.92
C TYR B 258 50.31 16.06 28.02
N PRO B 259 51.30 16.74 28.65
CA PRO B 259 52.35 17.41 27.87
C PRO B 259 53.23 16.43 27.08
N GLY B 260 53.26 15.16 27.51
CA GLY B 260 53.99 14.09 26.84
C GLY B 260 53.32 13.58 25.56
N GLY B 261 52.06 13.95 25.37
CA GLY B 261 51.24 13.62 24.22
C GLY B 261 50.93 12.14 24.02
N LEU B 262 51.26 11.63 22.82
CA LEU B 262 51.05 10.25 22.38
C LEU B 262 51.93 9.24 23.12
N VAL B 263 53.15 9.68 23.48
CA VAL B 263 54.13 8.93 24.28
C VAL B 263 53.43 8.58 25.62
N ASP B 264 52.76 9.58 26.23
CA ASP B 264 51.98 9.42 27.46
C ASP B 264 50.75 8.53 27.23
N PHE B 265 50.16 8.59 26.03
CA PHE B 265 48.98 7.80 25.68
C PHE B 265 49.34 6.32 25.62
N VAL B 266 50.52 6.00 25.04
CA VAL B 266 51.01 4.64 24.96
C VAL B 266 51.29 4.14 26.38
N LYS B 267 51.89 5.00 27.23
CA LYS B 267 52.19 4.67 28.61
C LYS B 267 50.87 4.40 29.32
N HIS B 268 49.83 5.16 28.98
CA HIS B 268 48.49 5.01 29.52
C HIS B 268 47.91 3.64 29.18
N ILE B 269 48.04 3.19 27.91
CA ILE B 269 47.56 1.89 27.43
C ILE B 269 48.37 0.79 28.13
N ASN B 270 49.72 0.90 28.07
CA ASN B 270 50.70 -0.02 28.67
C ASN B 270 51.06 0.27 30.15
N ARG B 271 50.12 0.81 30.95
CA ARG B 271 50.46 1.00 32.37
C ARG B 271 50.15 -0.31 33.10
N THR B 272 49.00 -0.91 32.75
CA THR B 272 48.49 -2.19 33.23
C THR B 272 49.09 -3.29 32.37
N LYS B 273 49.07 -3.12 31.03
CA LYS B 273 49.65 -4.07 30.06
C LYS B 273 51.17 -4.07 30.26
N ASN B 274 51.79 -5.26 30.34
CA ASN B 274 53.22 -5.39 30.61
C ASN B 274 54.04 -5.15 29.35
N ALA B 275 54.57 -3.91 29.16
CA ALA B 275 55.39 -3.52 28.00
C ALA B 275 56.71 -4.28 27.94
N ILE B 276 56.91 -5.04 26.83
CA ILE B 276 58.06 -5.91 26.59
C ILE B 276 59.35 -5.15 26.21
N HIS B 277 59.25 -3.82 25.96
CA HIS B 277 60.42 -3.00 25.66
C HIS B 277 60.29 -1.60 26.28
N SER B 278 61.40 -1.14 26.90
CA SER B 278 61.57 0.11 27.64
C SER B 278 61.21 1.40 26.88
N SER B 279 61.69 1.52 25.64
CA SER B 279 61.46 2.68 24.77
C SER B 279 60.11 2.67 24.06
N ILE B 280 59.49 3.85 23.90
CA ILE B 280 58.27 3.98 23.12
C ILE B 280 58.72 4.47 21.74
N VAL B 281 58.38 3.72 20.67
CA VAL B 281 58.70 4.10 19.29
C VAL B 281 57.88 5.36 19.01
N ASP B 282 58.53 6.54 19.05
CA ASP B 282 57.84 7.79 18.76
C ASP B 282 58.51 8.52 17.60
N PHE B 283 57.72 8.86 16.59
CA PHE B 283 58.18 9.57 15.40
C PHE B 283 57.08 10.39 14.77
N SER B 284 57.46 11.48 14.12
CA SER B 284 56.55 12.37 13.42
C SER B 284 56.90 12.38 11.93
N GLY B 285 56.02 12.97 11.16
CA GLY B 285 56.17 13.12 9.74
C GLY B 285 55.24 14.18 9.23
N LYS B 286 55.76 15.12 8.44
CA LYS B 286 54.97 16.17 7.79
C LYS B 286 55.17 16.00 6.29
N GLY B 287 54.06 15.98 5.57
CA GLY B 287 54.01 15.82 4.12
C GLY B 287 53.00 16.75 3.47
N THR B 288 52.78 16.58 2.16
CA THR B 288 51.92 17.45 1.37
C THR B 288 50.48 17.46 1.91
N GLY B 289 50.16 18.55 2.60
CA GLY B 289 48.85 18.82 3.18
C GLY B 289 48.52 18.07 4.46
N HIS B 290 49.37 17.12 4.87
CA HIS B 290 49.07 16.37 6.09
C HIS B 290 50.30 15.96 6.86
N GLU B 291 50.15 15.88 8.20
CA GLU B 291 51.20 15.45 9.11
C GLU B 291 50.70 14.34 10.05
N VAL B 292 51.56 13.34 10.27
CA VAL B 292 51.31 12.18 11.11
C VAL B 292 52.22 12.20 12.33
N GLU B 293 51.67 11.69 13.44
CA GLU B 293 52.34 11.51 14.73
C GLU B 293 52.07 10.07 15.14
N ILE B 294 53.13 9.28 15.32
CA ILE B 294 53.01 7.89 15.74
C ILE B 294 53.83 7.59 16.97
N ALA B 295 53.17 6.98 17.96
CA ALA B 295 53.75 6.48 19.19
C ALA B 295 53.33 5.02 19.27
N MET B 296 54.27 4.12 19.56
CA MET B 296 53.94 2.70 19.67
C MET B 296 54.88 1.94 20.57
N GLN B 297 54.37 0.92 21.21
CA GLN B 297 55.16 0.07 22.09
C GLN B 297 54.41 -1.23 22.28
N TRP B 298 55.14 -2.35 22.20
CA TRP B 298 54.56 -3.67 22.37
C TRP B 298 54.58 -4.08 23.82
N ASN B 299 53.60 -4.90 24.19
CA ASN B 299 53.42 -5.44 25.51
C ASN B 299 53.31 -6.95 25.41
N ALA B 300 53.30 -7.64 26.56
CA ALA B 300 53.18 -9.09 26.70
C ALA B 300 51.80 -9.64 26.27
N GLY B 301 50.82 -8.74 26.12
CA GLY B 301 49.46 -9.09 25.73
C GLY B 301 49.30 -9.67 24.34
N TYR B 302 48.07 -10.10 24.02
CA TYR B 302 47.76 -10.68 22.71
C TYR B 302 46.71 -9.79 22.08
N SER B 303 46.44 -8.69 22.80
CA SER B 303 45.49 -7.65 22.43
C SER B 303 46.18 -6.62 21.53
N GLU B 304 45.56 -6.33 20.39
CA GLU B 304 46.02 -5.29 19.48
C GLU B 304 45.24 -4.01 19.91
N SER B 305 45.94 -3.04 20.51
CA SER B 305 45.34 -1.78 20.98
C SER B 305 45.92 -0.62 20.17
N VAL B 306 45.45 -0.50 18.91
CA VAL B 306 45.90 0.50 17.94
C VAL B 306 44.83 1.59 17.70
N HIS B 307 44.86 2.62 18.53
CA HIS B 307 43.98 3.77 18.45
C HIS B 307 44.47 4.72 17.39
N THR B 308 43.64 4.93 16.35
CA THR B 308 43.98 5.88 15.28
C THR B 308 43.11 7.10 15.39
N PHE B 309 43.66 8.23 14.95
CA PHE B 309 42.99 9.52 15.02
C PHE B 309 43.31 10.35 13.81
N ALA B 310 42.38 11.24 13.47
CA ALA B 310 42.49 12.18 12.37
C ALA B 310 41.88 13.48 12.84
N ASN B 311 42.74 14.47 13.14
CA ASN B 311 42.34 15.79 13.63
C ASN B 311 41.61 15.66 14.99
N THR B 312 42.20 14.84 15.89
CA THR B 312 41.71 14.50 17.24
C THR B 312 40.47 13.61 17.19
N ILE B 313 39.88 13.43 16.02
CA ILE B 313 38.69 12.62 15.89
C ILE B 313 39.02 11.13 15.94
N ASN B 314 38.24 10.39 16.79
CA ASN B 314 38.39 8.94 16.92
C ASN B 314 37.85 8.17 15.71
N THR B 315 38.76 7.88 14.77
CA THR B 315 38.45 7.07 13.60
C THR B 315 38.63 5.60 14.08
N HIS B 316 37.73 5.14 14.99
CA HIS B 316 37.77 3.79 15.58
C HIS B 316 37.46 2.69 14.56
N GLU B 317 36.91 3.04 13.38
CA GLU B 317 36.69 2.07 12.31
C GLU B 317 37.84 2.19 11.30
N GLY B 318 38.98 2.69 11.79
CA GLY B 318 40.24 2.84 11.04
C GLY B 318 40.26 3.78 9.87
N GLY B 319 40.71 3.28 8.72
CA GLY B 319 40.82 4.08 7.52
C GLY B 319 42.19 4.11 6.88
N THR B 320 42.36 4.90 5.84
CA THR B 320 43.58 5.04 5.04
C THR B 320 44.88 5.16 5.85
N HIS B 321 44.88 5.95 6.93
CA HIS B 321 46.02 6.11 7.85
C HIS B 321 46.36 4.82 8.64
N GLU B 322 45.32 4.07 9.10
CA GLU B 322 45.51 2.79 9.76
C GLU B 322 46.03 1.80 8.76
N GLU B 323 45.47 1.80 7.54
CA GLU B 323 45.85 0.96 6.40
C GLU B 323 47.32 1.19 6.04
N GLY B 324 47.70 2.46 5.86
CA GLY B 324 49.06 2.88 5.53
C GLY B 324 50.09 2.44 6.54
N PHE B 325 49.72 2.52 7.82
CA PHE B 325 50.52 2.11 8.96
C PHE B 325 50.64 0.60 9.00
N ARG B 326 49.50 -0.14 9.09
CA ARG B 326 49.46 -1.61 9.09
C ARG B 326 50.38 -2.16 8.00
N SER B 327 50.25 -1.59 6.80
CA SER B 327 51.05 -1.97 5.65
C SER B 327 52.54 -1.74 5.89
N ALA B 328 52.92 -0.51 6.31
CA ALA B 328 54.31 -0.14 6.56
C ALA B 328 54.94 -0.98 7.66
N LEU B 329 54.18 -1.22 8.74
CA LEU B 329 54.52 -2.00 9.92
C LEU B 329 54.89 -3.44 9.57
N THR B 330 53.96 -4.19 8.94
CA THR B 330 54.15 -5.58 8.51
C THR B 330 55.46 -5.67 7.69
N SER B 331 55.61 -4.78 6.68
CA SER B 331 56.75 -4.67 5.76
C SER B 331 58.07 -4.45 6.49
N VAL B 332 58.16 -3.46 7.41
CA VAL B 332 59.39 -3.19 8.15
C VAL B 332 59.85 -4.42 8.94
N VAL B 333 58.94 -4.98 9.76
CA VAL B 333 59.21 -6.15 10.59
C VAL B 333 59.60 -7.36 9.74
N ASN B 334 58.83 -7.67 8.65
CA ASN B 334 59.15 -8.78 7.74
C ASN B 334 60.53 -8.62 7.11
N LYS B 335 60.87 -7.40 6.64
CA LYS B 335 62.16 -7.09 6.06
C LYS B 335 63.28 -7.22 7.11
N TYR B 336 63.02 -6.82 8.38
CA TYR B 336 63.99 -6.92 9.47
C TYR B 336 64.23 -8.38 9.84
N ALA B 337 63.13 -9.14 10.00
CA ALA B 337 63.11 -10.57 10.37
C ALA B 337 63.82 -11.45 9.34
N LYS B 338 63.63 -11.17 8.05
CA LYS B 338 64.22 -11.90 6.94
C LYS B 338 65.71 -11.57 6.78
N ASP B 339 66.11 -10.29 6.99
CA ASP B 339 67.50 -9.84 6.89
C ASP B 339 68.33 -10.32 8.07
N ARG B 340 67.74 -10.29 9.29
CA ARG B 340 68.41 -10.73 10.52
C ARG B 340 68.46 -12.27 10.60
N LYS B 341 67.49 -12.95 9.92
CA LYS B 341 67.29 -14.41 9.79
C LYS B 341 66.67 -15.03 11.08
N LEU B 342 65.67 -14.33 11.67
CA LEU B 342 64.97 -14.75 12.89
C LEU B 342 63.70 -15.55 12.55
N ASP B 347 59.53 -20.92 5.93
CA ASP B 347 59.96 -19.78 6.73
C ASP B 347 58.97 -18.58 6.68
N PRO B 348 58.48 -18.08 5.51
CA PRO B 348 57.57 -16.91 5.52
C PRO B 348 56.07 -17.23 5.53
N ASN B 349 55.15 -16.23 5.77
CA ASN B 349 55.36 -14.80 6.06
C ASN B 349 54.60 -14.39 7.35
N LEU B 350 54.95 -13.22 7.94
CA LEU B 350 54.29 -12.70 9.14
C LEU B 350 53.04 -11.90 8.75
N THR B 351 51.87 -12.30 9.30
CA THR B 351 50.57 -11.63 9.07
C THR B 351 50.56 -10.30 9.83
N GLY B 352 49.69 -9.40 9.38
CA GLY B 352 49.43 -8.12 10.02
C GLY B 352 48.92 -8.34 11.43
N ASP B 353 48.08 -9.38 11.62
CA ASP B 353 47.52 -9.75 12.94
C ASP B 353 48.64 -10.21 13.87
N ASP B 354 49.55 -11.07 13.35
CA ASP B 354 50.68 -11.66 14.05
C ASP B 354 51.62 -10.60 14.61
N ILE B 355 51.95 -9.60 13.78
CA ILE B 355 52.82 -8.48 14.17
C ILE B 355 52.11 -7.49 15.12
N ARG B 356 50.84 -7.14 14.80
CA ARG B 356 50.08 -6.18 15.61
C ARG B 356 49.59 -6.72 16.99
N GLU B 357 49.83 -8.01 17.33
CA GLU B 357 49.45 -8.58 18.64
C GLU B 357 50.34 -8.02 19.74
N GLY B 358 49.73 -7.54 20.80
CA GLY B 358 50.45 -6.93 21.90
C GLY B 358 50.88 -5.52 21.60
N LEU B 359 50.54 -5.00 20.41
CA LEU B 359 50.94 -3.66 20.03
C LEU B 359 50.01 -2.55 20.50
N ALA B 360 50.53 -1.70 21.36
CA ALA B 360 49.89 -0.49 21.79
C ALA B 360 50.42 0.55 20.80
N ALA B 361 49.52 1.22 20.05
CA ALA B 361 49.92 2.18 19.05
C ALA B 361 48.90 3.30 18.86
N VAL B 362 49.39 4.54 18.71
CA VAL B 362 48.57 5.73 18.45
C VAL B 362 49.03 6.39 17.14
N ILE B 363 48.11 6.52 16.18
CA ILE B 363 48.41 7.15 14.89
C ILE B 363 47.50 8.37 14.82
N SER B 364 48.07 9.56 15.05
CA SER B 364 47.34 10.82 15.01
C SER B 364 47.71 11.57 13.74
N VAL B 365 46.77 11.62 12.77
CA VAL B 365 46.99 12.34 11.52
C VAL B 365 46.36 13.74 11.62
N LYS B 366 46.94 14.69 10.90
CA LYS B 366 46.50 16.07 10.83
C LYS B 366 46.35 16.41 9.36
N VAL B 367 45.11 16.33 8.84
CA VAL B 367 44.80 16.56 7.43
C VAL B 367 44.23 17.97 7.21
N SER B 368 44.67 18.63 6.12
CA SER B 368 44.19 19.97 5.72
C SER B 368 42.76 19.84 5.19
N GLU B 369 42.52 18.79 4.37
CA GLU B 369 41.22 18.48 3.81
C GLU B 369 40.94 16.99 4.07
N PRO B 370 40.53 16.63 5.32
CA PRO B 370 40.25 15.22 5.62
C PRO B 370 38.96 14.76 4.96
N GLN B 371 38.82 13.45 4.74
CA GLN B 371 37.57 12.96 4.20
C GLN B 371 37.10 11.76 5.00
N PHE B 372 36.11 12.01 5.86
CA PHE B 372 35.51 11.05 6.77
C PHE B 372 34.30 10.34 6.20
N GLU B 373 34.02 9.10 6.70
CA GLU B 373 32.91 8.21 6.33
C GLU B 373 31.51 8.80 6.50
N GLY B 374 31.29 9.60 7.56
CA GLY B 374 30.01 10.25 7.78
C GLY B 374 30.10 11.39 8.78
N GLN B 375 28.95 11.79 9.37
CA GLN B 375 28.93 12.84 10.39
C GLN B 375 29.53 12.29 11.70
N THR B 376 29.66 10.96 11.77
CA THR B 376 30.23 10.29 12.94
C THR B 376 31.73 10.11 12.75
N LYS B 377 32.24 10.35 11.53
CA LYS B 377 33.68 10.36 11.23
C LYS B 377 34.45 9.12 11.76
N THR B 378 33.80 7.93 11.71
CA THR B 378 34.31 6.62 12.17
C THR B 378 35.54 6.13 11.36
N LYS B 379 35.67 6.55 10.09
CA LYS B 379 36.73 6.12 9.21
C LYS B 379 37.27 7.28 8.39
N LEU B 380 38.59 7.33 8.18
CA LEU B 380 39.22 8.34 7.32
C LEU B 380 39.46 7.67 5.95
N GLY B 381 39.34 8.40 4.84
CA GLY B 381 39.48 7.76 3.54
C GLY B 381 40.29 8.42 2.46
N ASN B 382 41.22 9.31 2.82
CA ASN B 382 42.02 9.97 1.76
C ASN B 382 43.12 9.00 1.33
N THR B 383 43.02 8.45 0.12
CA THR B 383 44.01 7.50 -0.40
C THR B 383 45.40 8.14 -0.37
N GLU B 384 45.44 9.49 -0.50
CA GLU B 384 46.64 10.32 -0.45
C GLU B 384 47.34 10.18 0.91
N VAL B 385 46.52 10.04 2.01
CA VAL B 385 46.95 9.83 3.40
C VAL B 385 47.64 8.45 3.55
N LYS B 386 46.99 7.35 3.05
CA LYS B 386 47.48 5.97 3.06
C LYS B 386 48.94 5.90 2.57
N SER B 387 49.24 6.54 1.44
CA SER B 387 50.60 6.54 0.93
C SER B 387 51.56 7.38 1.78
N PHE B 388 51.06 8.48 2.41
CA PHE B 388 51.87 9.34 3.26
C PHE B 388 52.31 8.61 4.53
N VAL B 389 51.32 8.07 5.30
CA VAL B 389 51.50 7.33 6.56
C VAL B 389 52.49 6.20 6.35
N GLN B 390 52.29 5.43 5.27
CA GLN B 390 53.17 4.36 4.83
C GLN B 390 54.60 4.90 4.60
N LYS B 391 54.75 6.07 3.92
CA LYS B 391 56.09 6.62 3.70
C LYS B 391 56.74 6.99 5.01
N VAL B 392 56.00 7.68 5.91
CA VAL B 392 56.58 8.08 7.19
C VAL B 392 56.96 6.87 8.01
N CYS B 393 56.02 5.91 8.15
CA CYS B 393 56.24 4.69 8.92
C CYS B 393 57.37 3.86 8.36
N ASN B 394 57.49 3.75 7.04
CA ASN B 394 58.57 2.97 6.44
C ASN B 394 59.95 3.54 6.79
N GLU B 395 60.17 4.82 6.48
CA GLU B 395 61.42 5.52 6.75
C GLU B 395 61.79 5.48 8.24
N GLN B 396 60.82 5.77 9.13
CA GLN B 396 60.99 5.87 10.59
C GLN B 396 61.02 4.55 11.35
N LEU B 397 60.18 3.57 10.98
CA LEU B 397 60.16 2.25 11.65
C LEU B 397 61.42 1.49 11.33
N THR B 398 61.91 1.59 10.07
CA THR B 398 63.15 0.98 9.63
C THR B 398 64.26 1.66 10.42
N HIS B 399 64.21 3.01 10.49
CA HIS B 399 65.15 3.82 11.25
C HIS B 399 65.20 3.38 12.69
N TRP B 400 64.03 3.08 13.30
CA TRP B 400 63.95 2.61 14.68
C TRP B 400 64.50 1.21 14.86
N PHE B 401 63.97 0.24 14.07
CA PHE B 401 64.34 -1.18 14.12
C PHE B 401 65.83 -1.45 14.01
N GLU B 402 66.52 -0.76 13.08
CA GLU B 402 67.97 -0.90 12.89
C GLU B 402 68.71 -0.26 14.09
N ALA B 403 68.33 0.97 14.48
CA ALA B 403 68.93 1.71 15.60
C ALA B 403 68.44 1.27 17.00
N ASN B 404 67.64 0.18 17.09
CA ASN B 404 67.16 -0.39 18.36
C ASN B 404 67.18 -1.91 18.28
N PRO B 405 68.39 -2.55 18.14
CA PRO B 405 68.45 -4.01 17.98
C PRO B 405 68.01 -4.84 19.19
N THR B 406 68.21 -4.33 20.42
CA THR B 406 67.81 -5.02 21.66
C THR B 406 66.28 -5.22 21.65
N ASP B 407 65.54 -4.11 21.56
CA ASP B 407 64.08 -4.05 21.53
C ASP B 407 63.53 -4.67 20.21
N ALA B 408 64.22 -4.47 19.07
CA ALA B 408 63.78 -4.98 17.76
C ALA B 408 63.70 -6.49 17.75
N LYS B 409 64.77 -7.17 18.20
CA LYS B 409 64.87 -8.64 18.27
C LYS B 409 63.76 -9.22 19.16
N VAL B 410 63.27 -8.44 20.13
CA VAL B 410 62.21 -8.84 21.07
C VAL B 410 60.84 -8.74 20.43
N VAL B 411 60.57 -7.63 19.72
CA VAL B 411 59.27 -7.43 19.07
C VAL B 411 59.16 -8.28 17.80
N VAL B 412 60.30 -8.62 17.16
CA VAL B 412 60.35 -9.49 15.98
C VAL B 412 60.09 -10.95 16.43
N ASN B 413 60.68 -11.35 17.58
CA ASN B 413 60.52 -12.67 18.19
C ASN B 413 59.09 -12.88 18.62
N LYS B 414 58.45 -11.81 19.13
CA LYS B 414 57.05 -11.80 19.53
C LYS B 414 56.20 -12.15 18.29
N ALA B 415 56.42 -11.38 17.21
CA ALA B 415 55.76 -11.54 15.92
C ALA B 415 55.85 -12.96 15.39
N VAL B 416 57.05 -13.56 15.46
CA VAL B 416 57.33 -14.94 15.03
C VAL B 416 56.55 -15.94 15.90
N SER B 417 56.62 -15.79 17.25
CA SER B 417 55.91 -16.63 18.22
C SER B 417 54.42 -16.58 17.93
N SER B 418 53.90 -15.35 17.71
CA SER B 418 52.51 -15.09 17.37
C SER B 418 52.13 -15.78 16.06
N ALA B 419 52.98 -15.63 15.02
CA ALA B 419 52.76 -16.26 13.71
C ALA B 419 52.69 -17.76 13.82
N GLN B 420 53.63 -18.37 14.60
CA GLN B 420 53.70 -19.80 14.83
C GLN B 420 52.49 -20.27 15.61
N ALA B 421 52.06 -19.47 16.62
CA ALA B 421 50.88 -19.74 17.46
C ALA B 421 49.59 -19.77 16.63
N ARG B 422 49.51 -18.94 15.57
CA ARG B 422 48.38 -18.82 14.63
C ARG B 422 48.22 -20.13 13.87
N ILE B 423 49.37 -20.73 13.50
CA ILE B 423 49.42 -22.02 12.81
C ILE B 423 49.41 -23.15 13.89
N ALA B 424 48.23 -23.34 14.50
CA ALA B 424 47.93 -24.33 15.52
C ALA B 424 46.72 -25.14 15.07
N ALA B 425 45.73 -24.45 14.47
CA ALA B 425 44.50 -25.07 13.95
C ALA B 425 44.78 -25.69 12.57
N TYR C 17 -50.96 -7.14 -17.11
CA TYR C 17 -49.50 -7.11 -17.24
C TYR C 17 -49.05 -5.85 -17.97
N GLY C 18 -48.08 -5.15 -17.38
CA GLY C 18 -47.53 -3.93 -17.95
C GLY C 18 -46.65 -3.12 -17.04
N ALA C 19 -46.66 -1.79 -17.21
CA ALA C 19 -45.87 -0.83 -16.44
C ALA C 19 -46.10 -0.94 -14.92
N ALA C 20 -47.36 -1.20 -14.51
CA ALA C 20 -47.76 -1.39 -13.12
C ALA C 20 -47.25 -2.72 -12.55
N SER C 21 -47.02 -3.71 -13.43
CA SER C 21 -46.52 -5.05 -13.11
C SER C 21 -44.99 -5.08 -12.90
N ILE C 22 -44.33 -3.92 -12.96
CA ILE C 22 -42.87 -3.79 -12.79
C ILE C 22 -42.54 -2.94 -11.56
N THR C 23 -41.75 -3.51 -10.62
CA THR C 23 -41.32 -2.82 -9.42
C THR C 23 -39.78 -2.70 -9.44
N ILE C 24 -39.24 -1.68 -8.76
CA ILE C 24 -37.80 -1.46 -8.66
C ILE C 24 -37.44 -1.49 -7.19
N LEU C 25 -36.73 -2.54 -6.77
CA LEU C 25 -36.31 -2.74 -5.38
C LEU C 25 -35.14 -1.83 -5.05
N GLU C 26 -35.29 -1.06 -3.95
CA GLU C 26 -34.33 -0.04 -3.49
C GLU C 26 -33.23 -0.58 -2.59
N GLY C 27 -32.25 -1.19 -3.25
CA GLY C 27 -31.05 -1.74 -2.62
C GLY C 27 -31.32 -2.86 -1.64
N LEU C 28 -31.34 -2.53 -0.33
CA LEU C 28 -31.54 -3.49 0.76
C LEU C 28 -32.88 -4.24 0.69
N GLU C 29 -33.95 -3.58 0.19
CA GLU C 29 -35.29 -4.17 -0.06
C GLU C 29 -35.16 -5.44 -0.94
N ALA C 30 -34.25 -5.38 -1.94
CA ALA C 30 -33.91 -6.46 -2.87
C ALA C 30 -33.20 -7.61 -2.19
N VAL C 31 -32.34 -7.30 -1.19
CA VAL C 31 -31.59 -8.31 -0.44
C VAL C 31 -32.60 -9.06 0.38
N ARG C 32 -33.54 -8.35 0.99
CA ARG C 32 -34.56 -8.97 1.84
C ARG C 32 -35.54 -9.80 1.01
N LYS C 33 -35.81 -9.35 -0.23
CA LYS C 33 -36.70 -10.07 -1.15
C LYS C 33 -36.08 -11.36 -1.68
N ARG C 34 -34.84 -11.28 -2.18
CA ARG C 34 -34.09 -12.39 -2.77
C ARG C 34 -32.79 -12.66 -1.98
N PRO C 35 -32.82 -13.19 -0.74
CA PRO C 35 -31.56 -13.35 0.02
C PRO C 35 -30.52 -14.30 -0.62
N GLY C 36 -31.03 -15.37 -1.21
CA GLY C 36 -30.23 -16.40 -1.85
C GLY C 36 -29.22 -15.87 -2.83
N MET C 37 -29.58 -14.82 -3.58
CA MET C 37 -28.69 -14.19 -4.57
C MET C 37 -27.34 -13.78 -3.95
N TYR C 38 -27.39 -13.29 -2.71
CA TYR C 38 -26.28 -12.76 -1.95
C TYR C 38 -25.64 -13.73 -1.01
N ILE C 39 -26.45 -14.40 -0.16
CA ILE C 39 -25.90 -15.31 0.85
C ILE C 39 -25.92 -16.80 0.47
N GLY C 40 -26.43 -17.11 -0.73
CA GLY C 40 -26.55 -18.47 -1.22
C GLY C 40 -27.87 -19.08 -0.79
N SER C 41 -28.06 -19.28 0.52
CA SER C 41 -29.30 -19.82 1.09
C SER C 41 -29.65 -19.22 2.45
N THR C 42 -30.88 -19.43 2.90
CA THR C 42 -31.32 -18.94 4.20
C THR C 42 -31.20 -20.06 5.23
N GLY C 43 -30.50 -21.13 4.83
CA GLY C 43 -30.10 -22.24 5.67
C GLY C 43 -28.79 -21.93 6.37
N GLU C 44 -28.14 -22.95 6.98
CA GLU C 44 -26.85 -22.88 7.70
C GLU C 44 -25.78 -22.04 6.95
N ARG C 45 -25.52 -22.39 5.67
CA ARG C 45 -24.51 -21.76 4.82
C ARG C 45 -24.64 -20.24 4.78
N GLY C 46 -25.86 -19.75 4.51
CA GLY C 46 -26.20 -18.33 4.40
C GLY C 46 -26.09 -17.59 5.70
N LEU C 47 -26.56 -18.21 6.80
CA LEU C 47 -26.47 -17.67 8.15
C LEU C 47 -24.96 -17.48 8.49
N HIS C 48 -24.13 -18.50 8.17
CA HIS C 48 -22.68 -18.50 8.40
C HIS C 48 -21.99 -17.54 7.48
N HIS C 49 -22.57 -17.35 6.27
CA HIS C 49 -22.07 -16.39 5.31
C HIS C 49 -22.11 -15.00 5.94
N LEU C 50 -23.17 -14.66 6.70
CA LEU C 50 -23.25 -13.39 7.38
C LEU C 50 -21.96 -13.07 8.16
N ILE C 51 -21.52 -14.00 9.06
CA ILE C 51 -20.26 -13.93 9.85
C ILE C 51 -19.08 -13.80 8.90
N TRP C 52 -19.08 -14.57 7.77
CA TRP C 52 -17.96 -14.45 6.85
C TRP C 52 -17.87 -13.08 6.28
N GLU C 53 -18.99 -12.47 5.80
CA GLU C 53 -18.93 -11.15 5.18
C GLU C 53 -18.40 -10.07 6.12
N VAL C 54 -18.61 -10.28 7.45
CA VAL C 54 -18.12 -9.40 8.52
C VAL C 54 -16.67 -9.68 8.84
N VAL C 55 -16.27 -10.96 8.92
CA VAL C 55 -14.88 -11.32 9.22
C VAL C 55 -13.99 -11.07 8.02
N ASP C 56 -14.48 -11.39 6.81
CA ASP C 56 -13.78 -11.16 5.54
C ASP C 56 -13.27 -9.69 5.57
N ASN C 57 -14.16 -8.73 5.91
CA ASN C 57 -13.86 -7.32 6.03
C ASN C 57 -12.72 -7.02 6.98
N ALA C 58 -12.70 -7.67 8.15
CA ALA C 58 -11.64 -7.44 9.15
C ALA C 58 -10.34 -8.01 8.60
N VAL C 59 -10.40 -9.19 7.95
CA VAL C 59 -9.22 -9.81 7.38
C VAL C 59 -8.62 -8.92 6.30
N ASP C 60 -9.49 -8.17 5.58
CA ASP C 60 -9.05 -7.24 4.55
C ASP C 60 -8.17 -6.16 5.10
N GLU C 61 -8.43 -5.74 6.34
CA GLU C 61 -7.67 -4.73 7.08
C GLU C 61 -6.34 -5.33 7.56
N ALA C 62 -6.37 -6.62 7.88
CA ALA C 62 -5.24 -7.42 8.34
C ALA C 62 -4.32 -7.72 7.16
N MET C 63 -4.91 -7.96 5.96
CA MET C 63 -4.22 -8.22 4.70
C MET C 63 -3.53 -6.95 4.24
N ALA C 64 -4.25 -5.81 4.39
CA ALA C 64 -3.75 -4.46 4.11
C ALA C 64 -2.64 -4.08 5.13
N GLY C 65 -2.45 -4.94 6.14
CA GLY C 65 -1.45 -4.81 7.20
C GLY C 65 -1.70 -3.73 8.22
N TYR C 66 -2.97 -3.49 8.58
CA TYR C 66 -3.35 -2.49 9.56
C TYR C 66 -3.86 -3.16 10.83
N ALA C 67 -4.77 -4.15 10.67
CA ALA C 67 -5.30 -4.94 11.76
C ALA C 67 -4.36 -6.12 11.94
N THR C 68 -4.13 -6.50 13.19
CA THR C 68 -3.26 -7.62 13.56
C THR C 68 -4.08 -8.67 14.33
N THR C 69 -5.31 -8.28 14.72
CA THR C 69 -6.20 -9.09 15.54
C THR C 69 -7.64 -8.88 15.15
N VAL C 70 -8.33 -10.01 14.95
CA VAL C 70 -9.76 -10.09 14.68
C VAL C 70 -10.31 -10.88 15.86
N ASN C 71 -11.33 -10.37 16.49
CA ASN C 71 -12.00 -11.05 17.58
C ASN C 71 -13.44 -11.28 17.17
N VAL C 72 -13.91 -12.52 17.29
CA VAL C 72 -15.29 -12.79 16.93
C VAL C 72 -15.95 -13.50 18.11
N VAL C 73 -17.01 -12.88 18.62
CA VAL C 73 -17.75 -13.41 19.75
C VAL C 73 -19.15 -13.84 19.28
N LEU C 74 -19.59 -15.06 19.61
CA LEU C 74 -20.95 -15.54 19.32
C LEU C 74 -21.67 -15.33 20.64
N LEU C 75 -22.57 -14.33 20.65
CA LEU C 75 -23.28 -13.91 21.85
C LEU C 75 -24.44 -14.82 22.23
N GLU C 76 -24.68 -14.92 23.55
CA GLU C 76 -25.77 -15.69 24.19
C GLU C 76 -27.10 -15.44 23.45
N ASP C 77 -27.45 -14.16 23.21
CA ASP C 77 -28.72 -13.77 22.59
C ASP C 77 -28.84 -14.14 21.09
N GLY C 78 -27.75 -14.54 20.46
CA GLY C 78 -27.81 -14.91 19.05
C GLY C 78 -27.04 -13.98 18.14
N GLY C 79 -26.68 -12.83 18.67
CA GLY C 79 -25.88 -11.87 17.93
C GLY C 79 -24.43 -12.27 17.79
N VAL C 80 -23.70 -11.53 16.91
CA VAL C 80 -22.28 -11.79 16.68
C VAL C 80 -21.46 -10.53 16.79
N GLU C 81 -20.54 -10.49 17.77
CA GLU C 81 -19.59 -9.40 17.82
C GLU C 81 -18.37 -9.74 16.93
N VAL C 82 -17.93 -8.78 16.10
CA VAL C 82 -16.73 -8.86 15.25
C VAL C 82 -15.87 -7.59 15.45
N ALA C 83 -14.80 -7.70 16.26
CA ALA C 83 -13.88 -6.61 16.59
C ALA C 83 -12.57 -6.74 15.84
N ASP C 84 -12.02 -5.63 15.35
CA ASP C 84 -10.72 -5.62 14.68
C ASP C 84 -9.95 -4.36 15.05
N ASP C 85 -8.63 -4.42 15.02
CA ASP C 85 -7.78 -3.27 15.31
C ASP C 85 -7.27 -2.59 14.03
N GLY C 86 -8.08 -2.65 12.98
CA GLY C 86 -7.77 -2.05 11.68
C GLY C 86 -7.95 -0.54 11.70
N ARG C 87 -8.26 0.02 10.53
CA ARG C 87 -8.40 1.47 10.39
C ARG C 87 -9.73 2.02 10.89
N GLY C 88 -10.77 1.20 10.85
CA GLY C 88 -12.12 1.57 11.28
C GLY C 88 -12.89 2.09 10.09
N ILE C 89 -14.17 1.68 9.97
CA ILE C 89 -15.05 2.09 8.87
C ILE C 89 -15.11 3.62 8.81
N PRO C 90 -14.84 4.26 7.64
CA PRO C 90 -14.88 5.72 7.57
C PRO C 90 -16.17 6.26 8.18
N VAL C 91 -16.00 7.26 9.04
CA VAL C 91 -17.05 7.86 9.83
C VAL C 91 -17.50 9.20 9.27
N ALA C 92 -16.53 9.99 8.78
CA ALA C 92 -16.76 11.30 8.22
C ALA C 92 -17.88 11.29 7.22
N THR C 93 -18.51 12.46 6.97
CA THR C 93 -19.59 12.59 5.98
C THR C 93 -19.07 12.29 4.58
N HIS C 94 -19.75 11.37 3.88
CA HIS C 94 -19.47 10.94 2.52
C HIS C 94 -20.01 11.94 1.49
N ALA C 95 -19.53 11.91 0.23
CA ALA C 95 -19.98 12.82 -0.84
C ALA C 95 -21.51 12.85 -0.99
N SER C 96 -22.17 11.68 -0.76
CA SER C 96 -23.63 11.50 -0.79
C SER C 96 -24.34 12.30 0.34
N GLY C 97 -23.57 12.96 1.18
CA GLY C 97 -24.08 13.80 2.27
C GLY C 97 -24.67 13.02 3.41
N ILE C 98 -24.00 11.93 3.82
CA ILE C 98 -24.41 11.03 4.89
C ILE C 98 -23.14 10.39 5.48
N PRO C 99 -23.09 10.03 6.80
CA PRO C 99 -21.87 9.35 7.32
C PRO C 99 -21.51 8.14 6.48
N THR C 100 -20.21 7.99 6.16
CA THR C 100 -19.67 6.91 5.32
C THR C 100 -20.03 5.51 5.89
N VAL C 101 -20.11 5.38 7.24
CA VAL C 101 -20.56 4.16 7.94
C VAL C 101 -21.90 3.80 7.33
N ASP C 102 -22.87 4.76 7.34
CA ASP C 102 -24.22 4.58 6.81
C ASP C 102 -24.21 4.04 5.39
N VAL C 103 -23.43 4.66 4.48
CA VAL C 103 -23.26 4.27 3.07
C VAL C 103 -22.86 2.77 2.98
N VAL C 104 -21.69 2.43 3.55
CA VAL C 104 -21.07 1.11 3.68
C VAL C 104 -22.11 0.08 4.11
N MET C 105 -22.94 0.44 5.11
CA MET C 105 -23.94 -0.40 5.75
C MET C 105 -25.29 -0.51 5.09
N THR C 106 -25.80 0.55 4.47
CA THR C 106 -27.15 0.56 3.92
C THR C 106 -27.22 0.58 2.40
N GLN C 107 -26.06 0.62 1.71
CA GLN C 107 -26.04 0.65 0.25
C GLN C 107 -25.14 -0.40 -0.37
N LEU C 108 -25.64 -1.08 -1.43
CA LEU C 108 -24.93 -2.12 -2.19
C LEU C 108 -24.07 -1.47 -3.25
N HIS C 109 -22.93 -2.10 -3.59
CA HIS C 109 -21.95 -1.59 -4.55
C HIS C 109 -21.35 -0.28 -4.04
N ALA C 110 -21.32 -0.16 -2.71
CA ALA C 110 -20.74 0.90 -1.90
C ALA C 110 -19.61 0.25 -1.11
N GLY C 111 -18.39 0.71 -1.34
CA GLY C 111 -17.20 0.18 -0.68
C GLY C 111 -15.91 0.81 -1.13
N GLY C 112 -14.81 0.39 -0.50
CA GLY C 112 -13.46 0.87 -0.79
C GLY C 112 -12.58 -0.17 -1.46
N LYS C 113 -13.20 -1.22 -2.05
CA LYS C 113 -12.49 -2.33 -2.69
C LYS C 113 -12.63 -2.39 -4.24
N PHE C 114 -13.17 -1.31 -4.85
CA PHE C 114 -13.33 -1.20 -6.29
C PHE C 114 -12.00 -0.95 -6.99
N ASP C 115 -11.12 -0.18 -6.34
CA ASP C 115 -9.75 0.06 -6.79
C ASP C 115 -8.80 -0.53 -5.73
N SER C 116 -7.51 -0.65 -6.04
CA SER C 116 -6.53 -1.25 -5.11
C SER C 116 -5.83 -0.25 -4.13
N ASP C 117 -6.39 0.97 -3.92
CA ASP C 117 -5.77 2.00 -3.06
C ASP C 117 -5.81 1.72 -1.55
N ALA C 118 -7.02 1.74 -0.94
CA ALA C 118 -7.26 1.51 0.49
C ALA C 118 -6.87 0.10 0.87
N TYR C 119 -7.11 -0.87 -0.05
CA TYR C 119 -6.83 -2.28 0.12
C TYR C 119 -6.12 -2.78 -1.12
N ALA C 120 -4.87 -3.27 -0.97
CA ALA C 120 -4.05 -3.82 -2.06
C ALA C 120 -4.62 -5.20 -2.47
N ILE C 121 -4.62 -6.16 -1.53
CA ILE C 121 -5.15 -7.51 -1.75
C ILE C 121 -6.26 -7.70 -0.74
N SER C 122 -7.49 -7.88 -1.22
CA SER C 122 -8.65 -8.06 -0.34
C SER C 122 -9.67 -8.98 -0.95
N GLY C 123 -10.31 -9.75 -0.08
CA GLY C 123 -11.39 -10.67 -0.39
C GLY C 123 -12.59 -9.92 -0.91
N GLY C 124 -12.94 -8.83 -0.23
CA GLY C 124 -14.02 -7.95 -0.63
C GLY C 124 -13.69 -7.22 -1.93
N LEU C 125 -14.69 -7.07 -2.82
CA LEU C 125 -14.56 -6.45 -4.14
C LEU C 125 -15.90 -5.93 -4.72
N HIS C 126 -17.03 -6.47 -4.24
CA HIS C 126 -18.35 -6.11 -4.73
C HIS C 126 -18.98 -4.92 -4.04
N GLY C 127 -18.62 -4.66 -2.78
CA GLY C 127 -19.19 -3.58 -1.98
C GLY C 127 -20.61 -3.90 -1.54
N VAL C 128 -20.91 -5.19 -1.30
CA VAL C 128 -22.24 -5.72 -0.97
C VAL C 128 -22.25 -6.41 0.42
N GLY C 129 -21.12 -7.05 0.76
CA GLY C 129 -20.89 -7.81 1.98
C GLY C 129 -21.65 -7.43 3.24
N VAL C 130 -21.13 -6.44 3.97
CA VAL C 130 -21.62 -5.93 5.26
C VAL C 130 -23.03 -5.24 5.14
N SER C 131 -23.42 -4.80 3.91
CA SER C 131 -24.73 -4.16 3.67
C SER C 131 -25.84 -5.22 3.57
N VAL C 132 -25.47 -6.44 3.13
CA VAL C 132 -26.33 -7.62 3.03
C VAL C 132 -26.65 -8.07 4.45
N VAL C 133 -25.60 -8.14 5.31
CA VAL C 133 -25.72 -8.50 6.71
C VAL C 133 -26.75 -7.60 7.36
N ASN C 134 -26.58 -6.27 7.22
CA ASN C 134 -27.50 -5.27 7.76
C ASN C 134 -28.93 -5.48 7.25
N ALA C 135 -29.06 -5.84 5.95
CA ALA C 135 -30.35 -6.10 5.32
C ALA C 135 -31.00 -7.34 5.93
N LEU C 136 -30.18 -8.37 6.26
CA LEU C 136 -30.71 -9.61 6.79
C LEU C 136 -30.62 -9.70 8.28
N SER C 137 -30.28 -8.56 8.92
CA SER C 137 -30.20 -8.44 10.37
C SER C 137 -31.30 -7.56 10.95
N THR C 138 -31.86 -8.03 12.05
CA THR C 138 -32.90 -7.32 12.77
C THR C 138 -32.27 -6.11 13.50
N ARG C 139 -31.00 -6.23 13.89
CA ARG C 139 -30.24 -5.17 14.51
C ARG C 139 -28.79 -5.38 14.17
N LEU C 140 -28.09 -4.30 13.86
CA LEU C 140 -26.66 -4.27 13.61
C LEU C 140 -26.12 -3.05 14.32
N GLU C 141 -25.29 -3.24 15.33
CA GLU C 141 -24.68 -2.13 16.08
C GLU C 141 -23.26 -1.96 15.57
N VAL C 142 -22.76 -0.74 15.54
CA VAL C 142 -21.40 -0.51 15.07
C VAL C 142 -20.60 0.42 16.01
N GLU C 143 -19.34 0.04 16.35
CA GLU C 143 -18.44 0.86 17.16
C GLU C 143 -17.14 1.00 16.41
N ILE C 144 -16.80 2.22 16.01
CA ILE C 144 -15.59 2.53 15.25
C ILE C 144 -14.69 3.41 16.09
N LYS C 145 -13.39 3.09 16.11
CA LYS C 145 -12.39 3.86 16.83
C LYS C 145 -11.47 4.39 15.75
N ARG C 146 -11.55 5.71 15.49
CA ARG C 146 -10.80 6.44 14.47
C ARG C 146 -11.09 7.94 14.58
N ASP C 147 -10.22 8.80 14.02
CA ASP C 147 -10.39 10.26 14.01
C ASP C 147 -10.40 10.88 15.44
N GLY C 148 -9.73 10.19 16.35
CA GLY C 148 -9.57 10.57 17.74
C GLY C 148 -10.76 10.35 18.64
N TYR C 149 -11.72 9.50 18.20
CA TYR C 149 -12.95 9.19 18.93
C TYR C 149 -13.46 7.77 18.77
N GLU C 150 -14.33 7.36 19.71
CA GLU C 150 -15.06 6.09 19.74
C GLU C 150 -16.43 6.49 19.18
N TRP C 151 -16.74 6.01 17.97
CA TRP C 151 -17.95 6.27 17.21
C TRP C 151 -18.92 5.12 17.32
N SER C 152 -20.19 5.43 17.55
CA SER C 152 -21.24 4.41 17.69
C SER C 152 -22.39 4.76 16.77
N GLN C 153 -23.07 3.73 16.21
CA GLN C 153 -24.22 3.87 15.30
C GLN C 153 -24.99 2.57 15.36
N VAL C 154 -26.29 2.66 15.66
CA VAL C 154 -27.15 1.48 15.76
C VAL C 154 -28.03 1.41 14.51
N TYR C 155 -28.11 0.23 13.85
CA TYR C 155 -29.00 -0.01 12.71
C TYR C 155 -30.11 -0.98 13.16
N GLU C 156 -31.35 -0.49 13.20
CA GLU C 156 -32.54 -1.26 13.61
C GLU C 156 -33.38 -1.49 12.36
N LYS C 157 -33.51 -2.75 11.94
CA LYS C 157 -34.19 -3.15 10.70
C LYS C 157 -33.60 -2.35 9.53
N SER C 158 -32.25 -2.42 9.41
CA SER C 158 -31.40 -1.74 8.42
C SER C 158 -31.22 -0.22 8.65
N GLU C 159 -32.29 0.48 9.04
CA GLU C 159 -32.34 1.92 9.21
C GLU C 159 -31.44 2.44 10.36
N PRO C 160 -30.49 3.39 10.03
CA PRO C 160 -29.63 3.99 11.07
C PRO C 160 -30.36 4.82 12.10
N LEU C 161 -29.91 4.78 13.35
CA LEU C 161 -30.51 5.49 14.47
C LEU C 161 -29.67 6.64 15.00
N GLY C 162 -28.67 7.06 14.24
CA GLY C 162 -27.79 8.18 14.61
C GLY C 162 -26.36 7.83 14.98
N LEU C 163 -25.41 8.54 14.36
CA LEU C 163 -23.98 8.37 14.61
C LEU C 163 -23.59 9.20 15.82
N LYS C 164 -22.96 8.55 16.80
CA LYS C 164 -22.52 9.19 18.03
C LYS C 164 -20.99 9.21 18.17
N GLN C 165 -20.46 10.37 18.56
CA GLN C 165 -19.06 10.66 18.78
C GLN C 165 -18.98 10.60 20.27
N GLY C 166 -18.22 9.64 20.78
CA GLY C 166 -18.11 9.44 22.22
C GLY C 166 -16.75 9.77 22.78
N ALA C 167 -16.19 8.77 23.48
CA ALA C 167 -14.93 8.86 24.18
C ALA C 167 -13.75 9.04 23.24
N PRO C 168 -12.84 10.02 23.55
CA PRO C 168 -11.65 10.20 22.71
C PRO C 168 -10.76 8.95 22.71
N THR C 169 -10.01 8.73 21.62
CA THR C 169 -9.12 7.57 21.56
C THR C 169 -8.03 7.68 20.47
N LYS C 170 -6.82 7.21 20.85
CA LYS C 170 -5.67 7.10 19.96
C LYS C 170 -5.73 5.73 19.25
N LYS C 171 -6.50 4.80 19.85
CA LYS C 171 -6.75 3.44 19.35
C LYS C 171 -7.59 3.51 18.07
N THR C 172 -7.41 2.50 17.18
CA THR C 172 -8.13 2.41 15.90
C THR C 172 -8.75 1.01 15.72
N GLY C 173 -9.84 0.95 14.93
CA GLY C 173 -10.53 -0.29 14.60
C GLY C 173 -12.04 -0.18 14.48
N SER C 174 -12.67 -1.30 14.07
CA SER C 174 -14.12 -1.45 13.93
C SER C 174 -14.63 -2.63 14.77
N THR C 175 -15.88 -2.54 15.23
CA THR C 175 -16.57 -3.57 16.01
C THR C 175 -17.99 -3.59 15.48
N VAL C 176 -18.35 -4.65 14.74
CA VAL C 176 -19.66 -4.81 14.12
C VAL C 176 -20.38 -5.87 14.89
N ARG C 177 -21.63 -5.59 15.25
CA ARG C 177 -22.43 -6.50 16.04
C ARG C 177 -23.76 -6.66 15.38
N PHE C 178 -23.98 -7.74 14.71
CA PHE C 178 -25.26 -7.91 14.07
C PHE C 178 -26.08 -9.00 14.77
N TRP C 179 -27.36 -9.10 14.39
CA TRP C 179 -28.35 -10.07 14.90
C TRP C 179 -29.19 -10.53 13.73
N ALA C 180 -28.86 -11.69 13.16
CA ALA C 180 -29.59 -12.25 12.02
C ALA C 180 -31.10 -12.33 12.31
N ASP C 181 -31.90 -11.76 11.37
CA ASP C 181 -33.35 -11.72 11.44
C ASP C 181 -33.91 -13.14 11.37
N PRO C 182 -34.57 -13.66 12.44
CA PRO C 182 -35.13 -15.02 12.36
C PRO C 182 -36.17 -15.16 11.26
N ALA C 183 -36.79 -14.04 10.81
CA ALA C 183 -37.77 -13.95 9.72
C ALA C 183 -37.16 -14.33 8.36
N VAL C 184 -35.84 -14.21 8.25
CA VAL C 184 -35.09 -14.54 7.05
C VAL C 184 -34.59 -16.00 7.11
N PHE C 185 -33.92 -16.39 8.22
CA PHE C 185 -33.27 -17.68 8.35
C PHE C 185 -34.14 -18.82 8.85
N GLU C 186 -33.83 -20.05 8.35
CA GLU C 186 -34.52 -21.30 8.71
C GLU C 186 -34.23 -21.66 10.19
N THR C 187 -33.00 -21.32 10.63
CA THR C 187 -32.45 -21.51 11.96
C THR C 187 -31.46 -20.37 12.18
N THR C 188 -31.20 -19.99 13.44
CA THR C 188 -30.27 -18.92 13.70
C THR C 188 -29.08 -19.34 14.60
N GLU C 189 -29.05 -20.60 15.13
CA GLU C 189 -27.92 -21.02 15.96
C GLU C 189 -26.69 -21.29 15.10
N TYR C 190 -25.66 -20.44 15.25
CA TYR C 190 -24.40 -20.60 14.52
C TYR C 190 -23.64 -21.80 15.07
N ASP C 191 -23.01 -22.59 14.20
CA ASP C 191 -22.21 -23.71 14.67
C ASP C 191 -20.80 -23.23 14.88
N PHE C 192 -20.36 -23.23 16.15
CA PHE C 192 -19.03 -22.83 16.60
C PHE C 192 -17.93 -23.50 15.79
N GLU C 193 -18.07 -24.82 15.52
CA GLU C 193 -17.09 -25.58 14.80
C GLU C 193 -17.01 -25.15 13.34
N THR C 194 -18.17 -24.75 12.74
CA THR C 194 -18.15 -24.24 11.37
C THR C 194 -17.29 -22.98 11.38
N VAL C 195 -17.54 -22.12 12.39
CA VAL C 195 -16.93 -20.83 12.60
C VAL C 195 -15.42 -20.99 12.94
N ALA C 196 -15.08 -21.91 13.84
CA ALA C 196 -13.71 -22.19 14.25
C ALA C 196 -12.85 -22.62 13.07
N ARG C 197 -13.34 -23.56 12.23
CA ARG C 197 -12.58 -24.05 11.06
C ARG C 197 -12.37 -22.94 10.01
N ARG C 198 -13.40 -22.12 9.74
CA ARG C 198 -13.27 -21.01 8.79
C ARG C 198 -12.34 -19.90 9.29
N LEU C 199 -12.43 -19.54 10.58
CA LEU C 199 -11.55 -18.52 11.15
C LEU C 199 -10.14 -19.08 11.27
N GLN C 200 -10.03 -20.40 11.47
CA GLN C 200 -8.75 -21.06 11.58
C GLN C 200 -7.99 -20.90 10.30
N GLU C 201 -8.58 -21.31 9.14
CA GLU C 201 -7.90 -21.17 7.84
C GLU C 201 -7.45 -19.74 7.59
N MET C 202 -8.25 -18.74 7.97
CA MET C 202 -7.91 -17.31 7.83
C MET C 202 -6.57 -16.97 8.52
N ALA C 203 -6.29 -17.61 9.67
CA ALA C 203 -5.05 -17.44 10.44
C ALA C 203 -3.88 -18.17 9.77
N PHE C 204 -4.16 -19.27 9.05
CA PHE C 204 -3.12 -20.00 8.29
C PHE C 204 -2.73 -19.19 7.05
N LEU C 205 -3.73 -18.59 6.40
CA LEU C 205 -3.52 -17.80 5.19
C LEU C 205 -2.81 -16.47 5.47
N ASN C 206 -2.96 -15.92 6.70
CA ASN C 206 -2.35 -14.66 7.08
C ASN C 206 -1.42 -14.84 8.31
N LYS C 207 -0.09 -14.91 8.04
CA LYS C 207 1.04 -15.17 8.95
C LYS C 207 1.04 -14.33 10.24
N GLY C 208 0.97 -13.01 10.10
CA GLY C 208 0.96 -12.12 11.26
C GLY C 208 -0.39 -11.98 11.95
N LEU C 209 -1.48 -12.59 11.37
CA LEU C 209 -2.83 -12.48 11.92
C LEU C 209 -3.15 -13.50 13.02
N THR C 210 -3.84 -12.98 14.04
CA THR C 210 -4.32 -13.65 15.23
C THR C 210 -5.84 -13.46 15.28
N ILE C 211 -6.57 -14.56 15.25
CA ILE C 211 -8.03 -14.52 15.34
C ILE C 211 -8.47 -15.16 16.64
N ASN C 212 -9.29 -14.46 17.43
CA ASN C 212 -9.83 -14.99 18.69
C ASN C 212 -11.29 -15.30 18.53
N LEU C 213 -11.69 -16.50 18.89
CA LEU C 213 -13.09 -16.86 18.80
C LEU C 213 -13.59 -17.28 20.16
N THR C 214 -14.73 -16.73 20.57
CA THR C 214 -15.28 -17.08 21.86
C THR C 214 -16.82 -17.18 21.77
N ASP C 215 -17.36 -18.29 22.30
CA ASP C 215 -18.78 -18.58 22.34
C ASP C 215 -19.35 -18.36 23.74
N GLU C 216 -20.05 -17.23 23.93
CA GLU C 216 -20.66 -16.81 25.19
C GLU C 216 -21.86 -17.69 25.59
N ARG C 217 -22.33 -18.54 24.66
CA ARG C 217 -23.45 -19.47 24.85
C ARG C 217 -22.97 -20.74 25.60
N VAL C 218 -21.77 -21.28 25.20
CA VAL C 218 -21.09 -22.49 25.74
C VAL C 218 -20.00 -22.16 26.84
N THR C 219 -19.93 -23.02 27.88
CA THR C 219 -19.00 -22.85 29.00
C THR C 219 -17.95 -24.00 29.13
N GLN C 220 -16.99 -24.09 28.17
CA GLN C 220 -15.92 -25.11 28.19
C GLN C 220 -14.67 -24.75 27.35
N ASP C 221 -13.59 -24.30 28.03
CA ASP C 221 -12.28 -23.95 27.44
C ASP C 221 -11.18 -23.90 28.50
N GLU C 240 -10.23 -33.21 42.70
CA GLU C 240 -10.28 -32.80 41.31
C GLU C 240 -11.56 -32.00 40.98
N ARG C 241 -12.75 -32.67 40.96
CA ARG C 241 -14.08 -32.08 40.68
C ARG C 241 -14.36 -30.85 41.55
N ALA C 242 -13.85 -30.84 42.79
CA ALA C 242 -13.96 -29.76 43.76
C ALA C 242 -13.18 -28.53 43.29
N ALA C 243 -11.96 -28.73 42.72
CA ALA C 243 -11.12 -27.67 42.20
C ALA C 243 -11.74 -27.06 40.95
N GLU C 244 -12.42 -27.90 40.13
CA GLU C 244 -13.13 -27.51 38.90
C GLU C 244 -14.34 -26.60 39.15
N SER C 245 -15.02 -26.79 40.31
CA SER C 245 -16.17 -25.96 40.69
C SER C 245 -15.72 -24.57 41.18
N THR C 246 -14.77 -24.53 42.15
CA THR C 246 -14.18 -23.31 42.73
C THR C 246 -13.44 -22.47 41.65
N ALA C 247 -12.94 -23.13 40.57
CA ALA C 247 -12.24 -22.53 39.44
C ALA C 247 -13.15 -21.52 38.73
N PRO C 248 -12.64 -20.35 38.23
CA PRO C 248 -13.53 -19.37 37.57
C PRO C 248 -14.26 -19.94 36.37
N HIS C 249 -15.42 -19.37 36.06
CA HIS C 249 -16.25 -19.79 34.94
C HIS C 249 -15.63 -19.40 33.59
N LYS C 250 -15.04 -20.38 32.88
CA LYS C 250 -14.45 -20.17 31.56
C LYS C 250 -15.59 -20.15 30.54
N VAL C 251 -15.33 -19.54 29.39
CA VAL C 251 -16.28 -19.47 28.27
C VAL C 251 -15.52 -20.16 27.14
N LYS C 252 -16.24 -20.92 26.26
CA LYS C 252 -15.68 -21.65 25.11
C LYS C 252 -14.88 -20.70 24.21
N SER C 253 -13.56 -20.91 24.12
CA SER C 253 -12.69 -20.03 23.36
C SER C 253 -11.58 -20.74 22.64
N ARG C 254 -11.16 -20.20 21.52
CA ARG C 254 -10.05 -20.70 20.72
C ARG C 254 -9.23 -19.51 20.30
N THR C 255 -7.91 -19.69 20.15
CA THR C 255 -7.01 -18.63 19.68
C THR C 255 -6.28 -19.14 18.45
N PHE C 256 -6.56 -18.57 17.27
CA PHE C 256 -5.89 -18.97 16.02
C PHE C 256 -4.76 -18.02 15.60
N HIS C 257 -3.49 -18.46 15.72
CA HIS C 257 -2.31 -17.70 15.26
C HIS C 257 -1.32 -18.70 14.71
N TYR C 258 -1.05 -18.65 13.40
CA TYR C 258 -0.17 -19.66 12.81
C TYR C 258 1.00 -19.08 12.01
N PRO C 259 2.17 -18.87 12.66
CA PRO C 259 3.35 -18.38 11.92
C PRO C 259 3.83 -19.36 10.83
N GLY C 260 3.52 -20.65 11.03
CA GLY C 260 3.83 -21.72 10.10
C GLY C 260 3.02 -21.66 8.82
N GLY C 261 2.07 -20.73 8.78
CA GLY C 261 1.19 -20.44 7.65
C GLY C 261 0.55 -21.62 6.97
N LEU C 262 0.82 -21.76 5.66
CA LEU C 262 0.33 -22.85 4.82
C LEU C 262 0.96 -24.19 5.20
N VAL C 263 2.19 -24.15 5.73
CA VAL C 263 2.93 -25.34 6.13
C VAL C 263 2.31 -25.92 7.40
N ASP C 264 1.89 -25.03 8.31
CA ASP C 264 1.20 -25.45 9.54
C ASP C 264 -0.26 -25.79 9.23
N PHE C 265 -0.73 -25.44 8.00
CA PHE C 265 -2.08 -25.75 7.53
C PHE C 265 -2.06 -27.16 6.98
N VAL C 266 -0.99 -27.51 6.26
CA VAL C 266 -0.86 -28.85 5.69
C VAL C 266 -0.66 -29.89 6.80
N LYS C 267 -0.07 -29.46 7.95
CA LYS C 267 0.13 -30.31 9.12
C LYS C 267 -1.25 -30.63 9.72
N HIS C 268 -2.12 -29.59 9.82
CA HIS C 268 -3.47 -29.63 10.37
C HIS C 268 -4.37 -30.63 9.65
N ILE C 269 -4.28 -30.66 8.32
CA ILE C 269 -5.07 -31.54 7.46
C ILE C 269 -4.62 -33.00 7.68
N ASN C 270 -3.29 -33.23 7.71
CA ASN C 270 -2.69 -34.55 7.92
C ASN C 270 -2.52 -34.92 9.42
N ARG C 271 -3.14 -34.17 10.36
CA ARG C 271 -3.07 -34.46 11.80
C ARG C 271 -3.87 -35.74 12.12
N THR C 272 -4.82 -36.12 11.24
CA THR C 272 -5.64 -37.33 11.36
C THR C 272 -5.37 -38.33 10.20
N LYS C 273 -4.32 -38.02 9.38
CA LYS C 273 -3.91 -38.84 8.22
C LYS C 273 -2.42 -39.20 8.35
N ASN C 274 -2.06 -40.47 8.07
CA ASN C 274 -0.68 -40.93 8.16
C ASN C 274 0.19 -40.27 7.08
N ALA C 275 1.40 -39.81 7.47
CA ALA C 275 2.34 -39.15 6.56
C ALA C 275 3.12 -40.17 5.74
N ILE C 276 3.07 -40.01 4.42
CA ILE C 276 3.76 -40.87 3.45
C ILE C 276 5.16 -40.30 3.19
N HIS C 277 5.30 -38.96 3.18
CA HIS C 277 6.58 -38.25 3.04
C HIS C 277 6.68 -37.14 4.09
N SER C 278 7.85 -37.03 4.75
CA SER C 278 8.11 -36.05 5.82
C SER C 278 8.14 -34.60 5.34
N SER C 279 9.00 -34.31 4.35
CA SER C 279 9.22 -32.99 3.75
C SER C 279 7.94 -32.39 3.14
N ILE C 280 7.34 -31.39 3.82
CA ILE C 280 6.15 -30.67 3.37
C ILE C 280 6.58 -29.80 2.19
N VAL C 281 5.83 -29.82 1.08
CA VAL C 281 6.14 -28.97 -0.09
C VAL C 281 5.69 -27.54 0.23
N ASP C 282 6.60 -26.57 0.08
CA ASP C 282 6.35 -25.15 0.36
C ASP C 282 7.02 -24.29 -0.71
N PHE C 283 6.21 -23.54 -1.48
CA PHE C 283 6.73 -22.65 -2.52
C PHE C 283 5.80 -21.48 -2.85
N SER C 284 6.43 -20.35 -3.20
CA SER C 284 5.79 -19.09 -3.58
C SER C 284 5.97 -18.80 -5.09
N GLY C 285 5.27 -17.78 -5.55
CA GLY C 285 5.32 -17.29 -6.93
C GLY C 285 4.65 -15.95 -7.05
N LYS C 286 5.46 -14.90 -7.29
CA LYS C 286 4.99 -13.51 -7.44
C LYS C 286 5.10 -13.07 -8.90
N GLY C 287 4.07 -12.36 -9.38
CA GLY C 287 3.96 -11.88 -10.75
C GLY C 287 3.09 -10.66 -10.94
N THR C 288 2.93 -10.25 -12.24
CA THR C 288 2.23 -9.09 -12.83
C THR C 288 1.16 -8.46 -11.90
N GLY C 289 0.15 -9.24 -11.49
CA GLY C 289 -0.90 -8.76 -10.60
C GLY C 289 -1.43 -9.84 -9.67
N HIS C 290 -0.53 -10.78 -9.28
CA HIS C 290 -0.85 -11.92 -8.43
C HIS C 290 0.37 -12.57 -7.76
N GLU C 291 0.09 -13.23 -6.64
CA GLU C 291 1.02 -13.98 -5.79
C GLU C 291 0.36 -15.35 -5.52
N VAL C 292 1.18 -16.41 -5.41
CA VAL C 292 0.72 -17.77 -5.18
C VAL C 292 1.61 -18.48 -4.17
N GLU C 293 0.99 -19.06 -3.14
CA GLU C 293 1.66 -19.85 -2.13
C GLU C 293 1.01 -21.21 -2.15
N ILE C 294 1.84 -22.25 -2.28
CA ILE C 294 1.44 -23.65 -2.32
C ILE C 294 2.11 -24.40 -1.19
N ALA C 295 1.34 -25.23 -0.50
CA ALA C 295 1.80 -26.14 0.52
C ALA C 295 1.05 -27.42 0.26
N MET C 296 1.78 -28.52 0.05
CA MET C 296 1.17 -29.81 -0.21
C MET C 296 1.96 -30.96 0.40
N GLN C 297 1.23 -32.01 0.83
CA GLN C 297 1.77 -33.21 1.44
C GLN C 297 0.81 -34.36 1.20
N TRP C 298 1.36 -35.54 0.86
CA TRP C 298 0.58 -36.74 0.63
C TRP C 298 0.41 -37.58 1.86
N ASN C 299 -0.81 -38.10 2.02
CA ASN C 299 -1.22 -38.97 3.09
C ASN C 299 -1.56 -40.36 2.52
N ALA C 300 -1.83 -41.34 3.39
CA ALA C 300 -2.16 -42.71 3.00
C ALA C 300 -3.60 -42.83 2.47
N GLY C 301 -4.40 -41.77 2.65
CA GLY C 301 -5.80 -41.69 2.24
C GLY C 301 -6.07 -41.85 0.75
N TYR C 302 -7.35 -41.90 0.42
CA TYR C 302 -7.80 -42.06 -0.96
C TYR C 302 -8.67 -40.85 -1.35
N SER C 303 -8.80 -39.91 -0.39
CA SER C 303 -9.55 -38.67 -0.52
C SER C 303 -8.61 -37.49 -0.78
N GLU C 304 -9.00 -36.66 -1.75
CA GLU C 304 -8.28 -35.46 -2.16
C GLU C 304 -8.71 -34.34 -1.22
N SER C 305 -7.75 -33.80 -0.44
CA SER C 305 -8.00 -32.69 0.51
C SER C 305 -7.26 -31.43 0.01
N VAL C 306 -7.69 -30.96 -1.17
CA VAL C 306 -7.13 -29.79 -1.85
C VAL C 306 -8.01 -28.58 -1.53
N HIS C 307 -7.44 -27.63 -0.78
CA HIS C 307 -8.09 -26.42 -0.30
C HIS C 307 -7.54 -25.23 -1.04
N THR C 308 -8.44 -24.44 -1.64
CA THR C 308 -8.00 -23.29 -2.43
C THR C 308 -8.64 -22.00 -1.96
N PHE C 309 -7.82 -20.94 -2.02
CA PHE C 309 -8.18 -19.63 -1.54
C PHE C 309 -7.61 -18.55 -2.44
N ALA C 310 -8.45 -17.54 -2.64
CA ALA C 310 -8.13 -16.32 -3.36
C ALA C 310 -8.41 -15.20 -2.37
N ASN C 311 -7.37 -14.44 -2.02
CA ASN C 311 -7.42 -13.33 -1.06
C ASN C 311 -8.14 -13.74 0.23
N THR C 312 -7.65 -14.84 0.87
CA THR C 312 -8.15 -15.50 2.09
C THR C 312 -9.56 -16.18 1.90
N ILE C 313 -10.37 -15.78 0.90
CA ILE C 313 -11.70 -16.37 0.63
C ILE C 313 -11.59 -17.82 0.24
N ASN C 314 -12.41 -18.65 0.86
CA ASN C 314 -12.50 -20.08 0.59
C ASN C 314 -13.18 -20.34 -0.74
N THR C 315 -12.40 -20.48 -1.83
CA THR C 315 -12.96 -20.80 -3.15
C THR C 315 -13.10 -22.32 -3.24
N HIS C 316 -14.01 -22.88 -2.41
CA HIS C 316 -14.24 -24.32 -2.28
C HIS C 316 -14.83 -24.95 -3.54
N GLU C 317 -15.44 -24.16 -4.46
CA GLU C 317 -15.94 -24.72 -5.71
C GLU C 317 -14.84 -24.62 -6.80
N GLY C 318 -13.59 -24.64 -6.36
CA GLY C 318 -12.40 -24.62 -7.21
C GLY C 318 -12.06 -23.29 -7.85
N GLY C 319 -11.73 -23.33 -9.13
CA GLY C 319 -11.36 -22.14 -9.90
C GLY C 319 -10.03 -22.23 -10.61
N THR C 320 -9.76 -21.23 -11.47
CA THR C 320 -8.56 -21.07 -12.29
C THR C 320 -7.24 -21.41 -11.61
N HIS C 321 -7.05 -21.00 -10.34
CA HIS C 321 -5.83 -21.31 -9.58
C HIS C 321 -5.70 -22.82 -9.35
N GLU C 322 -6.80 -23.49 -8.92
CA GLU C 322 -6.89 -24.92 -8.66
C GLU C 322 -6.68 -25.68 -9.97
N GLU C 323 -7.41 -25.29 -11.04
CA GLU C 323 -7.31 -25.91 -12.36
C GLU C 323 -5.95 -25.74 -12.99
N GLY C 324 -5.28 -24.64 -12.68
CA GLY C 324 -3.93 -24.34 -13.14
C GLY C 324 -2.92 -25.19 -12.43
N PHE C 325 -3.12 -25.38 -11.10
CA PHE C 325 -2.30 -26.22 -10.23
C PHE C 325 -2.44 -27.71 -10.61
N ARG C 326 -3.71 -28.18 -10.78
CA ARG C 326 -4.07 -29.56 -11.14
C ARG C 326 -3.33 -30.01 -12.39
N SER C 327 -3.46 -29.23 -13.48
CA SER C 327 -2.86 -29.50 -14.79
C SER C 327 -1.34 -29.44 -14.76
N ALA C 328 -0.77 -28.57 -13.91
CA ALA C 328 0.68 -28.44 -13.74
C ALA C 328 1.21 -29.65 -12.97
N LEU C 329 0.48 -30.05 -11.90
CA LEU C 329 0.78 -31.20 -11.05
C LEU C 329 0.67 -32.50 -11.84
N THR C 330 -0.33 -32.61 -12.75
CA THR C 330 -0.51 -33.79 -13.60
C THR C 330 0.75 -33.90 -14.47
N SER C 331 1.05 -32.83 -15.23
CA SER C 331 2.19 -32.73 -16.15
C SER C 331 3.57 -32.93 -15.50
N VAL C 332 3.77 -32.44 -14.26
CA VAL C 332 5.06 -32.58 -13.55
C VAL C 332 5.34 -34.04 -13.23
N VAL C 333 4.38 -34.68 -12.53
CA VAL C 333 4.39 -36.09 -12.12
C VAL C 333 4.61 -37.02 -13.34
N ASN C 334 3.89 -36.75 -14.45
CA ASN C 334 3.98 -37.53 -15.69
C ASN C 334 5.36 -37.49 -16.35
N LYS C 335 5.95 -36.29 -16.57
CA LYS C 335 7.29 -36.21 -17.17
C LYS C 335 8.40 -36.69 -16.21
N TYR C 336 8.13 -36.71 -14.88
CA TYR C 336 9.05 -37.23 -13.87
C TYR C 336 9.04 -38.76 -14.00
N ALA C 337 7.83 -39.36 -13.99
CA ALA C 337 7.60 -40.80 -14.13
C ALA C 337 8.13 -41.33 -15.47
N LYS C 338 8.07 -40.50 -16.53
CA LYS C 338 8.59 -40.80 -17.86
C LYS C 338 10.12 -40.78 -17.84
N ASP C 339 10.72 -39.76 -17.17
CA ASP C 339 12.18 -39.61 -17.07
C ASP C 339 12.81 -40.72 -16.20
N ARG C 340 12.27 -40.93 -14.98
CA ARG C 340 12.75 -41.92 -14.01
C ARG C 340 12.41 -43.37 -14.39
N LYS C 341 11.61 -43.57 -15.45
CA LYS C 341 11.12 -44.86 -15.97
C LYS C 341 10.18 -45.55 -14.96
N LEU C 342 9.54 -44.74 -14.09
CA LEU C 342 8.59 -45.17 -13.06
C LEU C 342 7.23 -45.55 -13.68
N LEU C 343 7.02 -45.17 -14.96
CA LEU C 343 5.84 -45.46 -15.76
C LEU C 343 6.27 -46.08 -17.10
N LYS C 344 7.22 -45.43 -17.80
CA LYS C 344 7.76 -45.86 -19.10
C LYS C 344 8.65 -47.08 -18.96
N ASP C 347 2.98 -47.75 -18.22
CA ASP C 347 3.11 -47.08 -19.51
C ASP C 347 1.76 -46.53 -20.02
N PRO C 348 0.74 -46.53 -19.14
CA PRO C 348 -0.64 -46.32 -19.60
C PRO C 348 -1.01 -44.83 -19.68
N ASN C 349 -1.69 -44.26 -18.64
CA ASN C 349 -2.10 -42.86 -18.58
C ASN C 349 -2.26 -42.44 -17.11
N LEU C 350 -1.58 -41.35 -16.66
CA LEU C 350 -1.70 -40.84 -15.28
C LEU C 350 -2.52 -39.55 -15.18
N THR C 351 -3.82 -39.72 -14.85
CA THR C 351 -4.79 -38.65 -14.70
C THR C 351 -4.50 -37.89 -13.44
N GLY C 352 -4.88 -36.61 -13.42
CA GLY C 352 -4.73 -35.77 -12.25
C GLY C 352 -5.58 -36.24 -11.10
N ASP C 353 -6.75 -36.84 -11.41
CA ASP C 353 -7.71 -37.38 -10.45
C ASP C 353 -7.17 -38.60 -9.68
N ASP C 354 -6.01 -39.10 -10.08
CA ASP C 354 -5.35 -40.24 -9.43
C ASP C 354 -4.01 -39.88 -8.83
N ILE C 355 -3.47 -38.70 -9.21
CA ILE C 355 -2.23 -38.11 -8.68
C ILE C 355 -2.58 -37.39 -7.35
N ARG C 356 -3.68 -36.62 -7.35
CA ARG C 356 -4.20 -35.89 -6.19
C ARG C 356 -4.78 -36.83 -5.14
N GLU C 357 -4.87 -38.14 -5.43
CA GLU C 357 -5.42 -39.13 -4.51
C GLU C 357 -4.57 -39.18 -3.23
N GLY C 358 -5.21 -38.84 -2.12
CA GLY C 358 -4.56 -38.76 -0.81
C GLY C 358 -3.63 -37.57 -0.72
N LEU C 359 -3.99 -36.45 -1.37
CA LEU C 359 -3.17 -35.25 -1.32
C LEU C 359 -3.83 -34.17 -0.48
N ALA C 360 -3.09 -33.70 0.55
CA ALA C 360 -3.47 -32.57 1.37
C ALA C 360 -2.71 -31.41 0.74
N ALA C 361 -3.44 -30.46 0.13
CA ALA C 361 -2.81 -29.30 -0.53
C ALA C 361 -3.58 -28.02 -0.26
N VAL C 362 -2.84 -26.91 -0.15
CA VAL C 362 -3.41 -25.57 0.04
C VAL C 362 -2.83 -24.67 -1.06
N ILE C 363 -3.74 -24.02 -1.81
CA ILE C 363 -3.42 -23.12 -2.91
C ILE C 363 -3.99 -21.77 -2.52
N SER C 364 -3.14 -20.89 -2.02
CA SER C 364 -3.55 -19.55 -1.63
C SER C 364 -2.98 -18.52 -2.60
N VAL C 365 -3.87 -17.84 -3.34
CA VAL C 365 -3.49 -16.76 -4.24
C VAL C 365 -3.86 -15.41 -3.64
N LYS C 366 -3.04 -14.43 -3.95
CA LYS C 366 -3.26 -13.06 -3.57
C LYS C 366 -3.28 -12.34 -4.92
N VAL C 367 -4.50 -12.11 -5.42
CA VAL C 367 -4.78 -11.49 -6.72
C VAL C 367 -5.24 -10.04 -6.48
N SER C 368 -4.57 -9.06 -7.11
CA SER C 368 -4.93 -7.64 -6.97
C SER C 368 -6.32 -7.38 -7.59
N GLU C 369 -6.61 -8.04 -8.72
CA GLU C 369 -7.89 -7.92 -9.40
C GLU C 369 -8.57 -9.30 -9.50
N PRO C 370 -9.24 -9.75 -8.40
CA PRO C 370 -9.87 -11.08 -8.42
C PRO C 370 -11.23 -11.18 -9.13
N GLN C 371 -11.60 -12.42 -9.51
CA GLN C 371 -12.85 -12.76 -10.17
C GLN C 371 -13.54 -13.86 -9.35
N PHE C 372 -14.81 -13.65 -8.99
CA PHE C 372 -15.51 -14.62 -8.17
C PHE C 372 -16.88 -14.92 -8.67
N GLU C 373 -17.34 -16.17 -8.55
CA GLU C 373 -18.70 -16.52 -8.91
C GLU C 373 -19.62 -16.06 -7.77
N GLY C 374 -20.33 -14.96 -8.02
CA GLY C 374 -21.30 -14.38 -7.10
C GLY C 374 -20.75 -13.83 -5.80
N GLN C 375 -21.67 -13.32 -4.95
CA GLN C 375 -21.37 -12.74 -3.64
C GLN C 375 -20.76 -13.79 -2.69
N THR C 376 -21.18 -15.07 -2.84
CA THR C 376 -20.67 -16.19 -2.06
C THR C 376 -19.20 -16.47 -2.40
N LYS C 377 -18.73 -15.96 -3.58
CA LYS C 377 -17.34 -16.05 -4.07
C LYS C 377 -16.84 -17.50 -4.08
N THR C 378 -17.70 -18.41 -4.51
CA THR C 378 -17.47 -19.85 -4.51
C THR C 378 -16.30 -20.30 -5.40
N LYS C 379 -16.18 -19.71 -6.61
CA LYS C 379 -15.17 -20.07 -7.61
C LYS C 379 -14.35 -18.85 -8.02
N LEU C 380 -13.01 -19.01 -8.13
CA LEU C 380 -12.10 -17.95 -8.63
C LEU C 380 -11.98 -18.13 -10.16
N GLY C 381 -12.38 -17.11 -10.92
CA GLY C 381 -12.38 -17.19 -12.37
C GLY C 381 -11.25 -16.58 -13.17
N ASN C 382 -10.26 -15.94 -12.52
CA ASN C 382 -9.15 -15.24 -13.21
C ASN C 382 -8.30 -16.14 -14.13
N THR C 383 -8.61 -16.07 -15.44
CA THR C 383 -7.97 -16.80 -16.52
C THR C 383 -6.43 -16.68 -16.48
N GLU C 384 -5.90 -15.45 -16.37
CA GLU C 384 -4.46 -15.19 -16.29
C GLU C 384 -3.83 -15.91 -15.09
N VAL C 385 -4.59 -16.06 -13.99
CA VAL C 385 -4.16 -16.75 -12.78
C VAL C 385 -3.87 -18.24 -13.08
N LYS C 386 -4.70 -18.89 -13.94
CA LYS C 386 -4.55 -20.30 -14.32
C LYS C 386 -3.15 -20.56 -14.88
N SER C 387 -2.77 -19.84 -15.94
CA SER C 387 -1.44 -19.96 -16.57
C SER C 387 -0.32 -19.57 -15.60
N PHE C 388 -0.57 -18.57 -14.74
CA PHE C 388 0.38 -18.11 -13.73
C PHE C 388 0.68 -19.21 -12.71
N VAL C 389 -0.38 -19.85 -12.16
CA VAL C 389 -0.29 -20.94 -11.18
C VAL C 389 0.39 -22.14 -11.83
N GLN C 390 -0.01 -22.45 -13.08
CA GLN C 390 0.55 -23.54 -13.86
C GLN C 390 2.07 -23.44 -13.91
N LYS C 391 2.63 -22.31 -14.41
CA LYS C 391 4.07 -22.10 -14.53
C LYS C 391 4.78 -22.08 -13.16
N VAL C 392 4.18 -21.42 -12.13
CA VAL C 392 4.80 -21.38 -10.79
C VAL C 392 4.92 -22.81 -10.25
N CYS C 393 3.85 -23.61 -10.37
CA CYS C 393 3.87 -24.98 -9.91
C CYS C 393 4.84 -25.81 -10.73
N ASN C 394 4.77 -25.70 -12.07
CA ASN C 394 5.62 -26.40 -13.04
C ASN C 394 7.10 -26.33 -12.67
N GLU C 395 7.62 -25.12 -12.43
CA GLU C 395 9.03 -24.89 -12.11
C GLU C 395 9.44 -25.29 -10.70
N GLN C 396 8.61 -24.94 -9.70
CA GLN C 396 8.91 -25.19 -8.29
C GLN C 396 8.67 -26.65 -7.85
N LEU C 397 7.64 -27.33 -8.41
CA LEU C 397 7.33 -28.74 -8.13
C LEU C 397 8.45 -29.63 -8.64
N THR C 398 8.88 -29.42 -9.91
CA THR C 398 10.00 -30.13 -10.56
C THR C 398 11.25 -29.95 -9.68
N HIS C 399 11.51 -28.69 -9.25
CA HIS C 399 12.62 -28.33 -8.37
C HIS C 399 12.58 -29.14 -7.08
N TRP C 400 11.38 -29.31 -6.47
CA TRP C 400 11.19 -30.09 -5.24
C TRP C 400 11.40 -31.57 -5.50
N PHE C 401 10.79 -32.12 -6.57
CA PHE C 401 10.88 -33.53 -6.94
C PHE C 401 12.34 -33.93 -7.20
N GLU C 402 13.12 -33.04 -7.84
CA GLU C 402 14.54 -33.27 -8.15
C GLU C 402 15.38 -33.19 -6.87
N ALA C 403 15.13 -32.19 -6.01
CA ALA C 403 15.84 -31.99 -4.74
C ALA C 403 15.61 -33.12 -3.73
N ASN C 404 14.39 -33.69 -3.69
CA ASN C 404 14.06 -34.77 -2.76
C ASN C 404 13.66 -36.05 -3.52
N PRO C 405 14.63 -36.87 -4.01
CA PRO C 405 14.26 -38.12 -4.73
C PRO C 405 13.66 -39.17 -3.80
N THR C 406 14.00 -39.10 -2.49
CA THR C 406 13.48 -39.99 -1.44
C THR C 406 11.97 -39.78 -1.25
N ASP C 407 11.54 -38.51 -1.24
CA ASP C 407 10.12 -38.17 -1.12
C ASP C 407 9.40 -38.31 -2.47
N ALA C 408 10.08 -37.88 -3.57
CA ALA C 408 9.57 -37.89 -4.96
C ALA C 408 9.14 -39.25 -5.48
N LYS C 409 9.99 -40.28 -5.32
CA LYS C 409 9.71 -41.64 -5.79
C LYS C 409 8.53 -42.27 -5.05
N VAL C 410 8.42 -42.02 -3.72
CA VAL C 410 7.34 -42.51 -2.85
C VAL C 410 5.97 -41.91 -3.28
N VAL C 411 5.98 -40.65 -3.78
CA VAL C 411 4.78 -39.96 -4.29
C VAL C 411 4.38 -40.63 -5.63
N VAL C 412 5.34 -40.72 -6.58
CA VAL C 412 5.09 -41.33 -7.90
C VAL C 412 4.56 -42.77 -7.74
N ASN C 413 5.14 -43.55 -6.78
CA ASN C 413 4.73 -44.90 -6.45
C ASN C 413 3.31 -44.94 -5.86
N LYS C 414 2.90 -43.90 -5.12
CA LYS C 414 1.55 -43.82 -4.54
C LYS C 414 0.55 -43.58 -5.67
N ALA C 415 0.96 -42.80 -6.70
CA ALA C 415 0.16 -42.51 -7.89
C ALA C 415 0.13 -43.74 -8.82
N VAL C 416 1.16 -44.62 -8.72
CA VAL C 416 1.29 -45.87 -9.48
C VAL C 416 0.27 -46.88 -8.95
N SER C 417 0.29 -47.17 -7.63
CA SER C 417 -0.64 -48.08 -6.97
C SER C 417 -2.07 -47.57 -7.12
N SER C 418 -2.25 -46.23 -6.96
CA SER C 418 -3.52 -45.53 -7.12
C SER C 418 -3.64 -45.02 -8.57
N ALA C 419 -3.75 -46.00 -9.49
CA ALA C 419 -3.89 -45.92 -10.95
C ALA C 419 -4.31 -47.34 -11.36
N GLN C 420 -3.63 -48.36 -10.78
CA GLN C 420 -3.94 -49.79 -10.92
C GLN C 420 -5.24 -50.05 -10.17
N ALA C 421 -5.44 -49.31 -9.06
CA ALA C 421 -6.63 -49.31 -8.22
C ALA C 421 -7.80 -48.69 -9.00
N ARG C 422 -7.49 -47.72 -9.90
CA ARG C 422 -8.47 -47.08 -10.78
C ARG C 422 -8.87 -48.06 -11.88
N ILE C 423 -7.86 -48.67 -12.57
CA ILE C 423 -8.08 -49.63 -13.67
C ILE C 423 -8.67 -50.95 -13.15
N ALA C 424 -8.54 -51.21 -11.82
CA ALA C 424 -9.09 -52.39 -11.16
C ALA C 424 -10.62 -52.38 -11.30
N ALA C 425 -11.24 -51.17 -11.18
CA ALA C 425 -12.68 -50.94 -11.33
C ALA C 425 -13.22 -51.42 -12.67
N ARG C 426 -12.38 -51.39 -13.72
CA ARG C 426 -12.72 -51.85 -15.08
C ARG C 426 -12.35 -53.32 -15.26
N GLU D 16 -4.24 8.39 3.36
CA GLU D 16 -5.19 7.99 4.41
C GLU D 16 -6.45 7.30 3.87
N TYR D 17 -7.03 6.38 4.68
CA TYR D 17 -8.26 5.64 4.35
C TYR D 17 -9.41 6.25 5.13
N GLY D 18 -10.37 6.78 4.40
CA GLY D 18 -11.52 7.44 5.00
C GLY D 18 -12.66 7.68 4.03
N ALA D 19 -13.54 8.66 4.37
CA ALA D 19 -14.73 9.04 3.62
C ALA D 19 -14.57 9.01 2.06
N ALA D 20 -13.50 9.62 1.50
CA ALA D 20 -13.26 9.66 0.05
C ALA D 20 -12.88 8.29 -0.59
N SER D 21 -12.44 7.32 0.24
CA SER D 21 -12.01 6.00 -0.24
C SER D 21 -13.15 5.07 -0.64
N ILE D 22 -14.33 5.31 -0.07
CA ILE D 22 -15.55 4.51 -0.24
C ILE D 22 -16.33 5.13 -1.38
N THR D 23 -16.77 4.28 -2.35
CA THR D 23 -17.46 4.72 -3.56
C THR D 23 -18.71 3.87 -3.89
N ILE D 24 -19.74 4.55 -4.43
CA ILE D 24 -21.00 3.93 -4.81
C ILE D 24 -21.11 3.82 -6.33
N LEU D 25 -21.22 2.57 -6.81
CA LEU D 25 -21.36 2.25 -8.22
C LEU D 25 -22.83 2.35 -8.63
N GLU D 26 -23.12 2.93 -9.81
CA GLU D 26 -24.49 3.14 -10.27
C GLU D 26 -25.03 2.02 -11.15
N GLY D 27 -25.52 0.97 -10.48
CA GLY D 27 -26.16 -0.19 -11.09
C GLY D 27 -25.32 -0.99 -12.06
N LEU D 28 -25.42 -0.65 -13.38
CA LEU D 28 -24.71 -1.35 -14.45
C LEU D 28 -23.19 -1.19 -14.38
N GLU D 29 -22.72 -0.16 -13.63
CA GLU D 29 -21.31 0.09 -13.33
C GLU D 29 -20.79 -1.12 -12.51
N ALA D 30 -21.62 -1.62 -11.56
CA ALA D 30 -21.32 -2.79 -10.73
C ALA D 30 -21.20 -4.07 -11.53
N VAL D 31 -21.98 -4.17 -12.60
CA VAL D 31 -21.98 -5.36 -13.45
C VAL D 31 -20.73 -5.35 -14.30
N ARG D 32 -20.37 -4.20 -14.88
CA ARG D 32 -19.19 -4.12 -15.73
C ARG D 32 -17.89 -4.28 -14.92
N LYS D 33 -17.89 -3.79 -13.65
CA LYS D 33 -16.73 -3.90 -12.77
C LYS D 33 -16.52 -5.32 -12.29
N ARG D 34 -17.58 -5.93 -11.76
CA ARG D 34 -17.52 -7.28 -11.20
C ARG D 34 -18.49 -8.20 -11.94
N PRO D 35 -18.30 -8.47 -13.26
CA PRO D 35 -19.24 -9.35 -13.99
C PRO D 35 -19.47 -10.71 -13.35
N GLY D 36 -18.43 -11.27 -12.73
CA GLY D 36 -18.44 -12.55 -12.02
C GLY D 36 -19.52 -12.70 -10.95
N MET D 37 -20.11 -11.59 -10.49
CA MET D 37 -21.17 -11.68 -9.50
C MET D 37 -22.49 -12.05 -10.14
N TYR D 38 -22.68 -11.66 -11.40
CA TYR D 38 -23.92 -11.86 -12.13
C TYR D 38 -23.85 -12.89 -13.27
N ILE D 39 -22.67 -13.06 -13.83
CA ILE D 39 -22.44 -13.90 -14.97
C ILE D 39 -21.56 -15.12 -14.59
N GLY D 40 -21.03 -15.11 -13.37
CA GLY D 40 -20.25 -16.19 -12.79
C GLY D 40 -18.82 -16.34 -13.26
N SER D 41 -18.49 -15.80 -14.46
CA SER D 41 -17.16 -15.85 -15.10
C SER D 41 -17.13 -14.97 -16.33
N THR D 42 -15.93 -14.67 -16.85
CA THR D 42 -15.80 -13.93 -18.11
C THR D 42 -15.48 -14.91 -19.26
N GLY D 43 -15.29 -16.18 -18.91
CA GLY D 43 -14.98 -17.26 -19.83
C GLY D 43 -16.16 -17.72 -20.65
N GLU D 44 -16.05 -18.90 -21.27
CA GLU D 44 -17.12 -19.48 -22.10
C GLU D 44 -18.41 -19.67 -21.31
N ARG D 45 -18.30 -20.11 -20.04
CA ARG D 45 -19.42 -20.36 -19.13
C ARG D 45 -20.25 -19.08 -18.93
N GLY D 46 -19.54 -17.99 -18.69
CA GLY D 46 -20.13 -16.67 -18.51
C GLY D 46 -20.64 -16.08 -19.80
N LEU D 47 -19.95 -16.35 -20.92
CA LEU D 47 -20.40 -15.90 -22.22
C LEU D 47 -21.77 -16.52 -22.46
N HIS D 48 -21.83 -17.87 -22.43
CA HIS D 48 -23.06 -18.64 -22.59
C HIS D 48 -24.14 -18.21 -21.62
N HIS D 49 -23.76 -17.64 -20.47
CA HIS D 49 -24.75 -17.16 -19.52
C HIS D 49 -25.59 -15.97 -20.02
N LEU D 50 -25.12 -15.25 -21.04
CA LEU D 50 -25.92 -14.14 -21.53
C LEU D 50 -27.09 -14.67 -22.35
N ILE D 51 -26.87 -15.79 -23.03
CA ILE D 51 -27.92 -16.43 -23.80
C ILE D 51 -28.98 -16.93 -22.81
N TRP D 52 -28.55 -17.58 -21.72
CA TRP D 52 -29.50 -18.13 -20.75
C TRP D 52 -30.37 -17.08 -20.11
N GLU D 53 -29.83 -15.89 -19.80
CA GLU D 53 -30.64 -14.82 -19.22
C GLU D 53 -31.80 -14.41 -20.14
N VAL D 54 -31.51 -14.28 -21.43
CA VAL D 54 -32.42 -13.84 -22.48
C VAL D 54 -33.46 -14.93 -22.87
N VAL D 55 -33.00 -16.20 -23.00
CA VAL D 55 -33.84 -17.36 -23.34
C VAL D 55 -34.68 -17.79 -22.15
N ASP D 56 -34.08 -17.84 -20.94
CA ASP D 56 -34.80 -18.19 -19.70
C ASP D 56 -35.95 -17.21 -19.48
N ASN D 57 -35.75 -15.92 -19.86
CA ASN D 57 -36.74 -14.85 -19.80
C ASN D 57 -37.88 -15.12 -20.77
N ALA D 58 -37.54 -15.45 -22.03
CA ALA D 58 -38.51 -15.77 -23.08
C ALA D 58 -39.34 -17.03 -22.68
N VAL D 59 -38.66 -18.06 -22.16
CA VAL D 59 -39.25 -19.31 -21.70
C VAL D 59 -40.18 -19.10 -20.48
N ASP D 60 -39.94 -18.04 -19.68
CA ASP D 60 -40.80 -17.70 -18.53
C ASP D 60 -42.19 -17.29 -19.01
N GLU D 61 -42.24 -16.66 -20.21
CA GLU D 61 -43.47 -16.22 -20.86
C GLU D 61 -44.24 -17.44 -21.37
N ALA D 62 -43.51 -18.52 -21.67
CA ALA D 62 -44.08 -19.79 -22.12
C ALA D 62 -44.53 -20.64 -20.94
N MET D 63 -43.84 -20.48 -19.78
CA MET D 63 -44.18 -21.15 -18.51
C MET D 63 -45.49 -20.54 -18.08
N ALA D 64 -45.62 -19.20 -18.25
CA ALA D 64 -46.83 -18.43 -17.99
C ALA D 64 -47.92 -18.87 -18.96
N GLY D 65 -47.53 -19.19 -20.20
CA GLY D 65 -48.42 -19.69 -21.24
C GLY D 65 -48.72 -18.74 -22.38
N TYR D 66 -48.30 -17.46 -22.23
CA TYR D 66 -48.54 -16.40 -23.22
C TYR D 66 -47.70 -16.57 -24.51
N ALA D 67 -46.67 -17.43 -24.47
CA ALA D 67 -45.79 -17.77 -25.60
C ALA D 67 -45.85 -19.29 -25.82
N THR D 68 -45.72 -19.71 -27.09
CA THR D 68 -45.74 -21.13 -27.47
C THR D 68 -44.54 -21.48 -28.34
N THR D 69 -43.80 -20.45 -28.78
CA THR D 69 -42.63 -20.57 -29.64
C THR D 69 -41.54 -19.58 -29.23
N VAL D 70 -40.30 -20.08 -29.18
CA VAL D 70 -39.12 -19.28 -28.89
C VAL D 70 -38.07 -19.60 -29.93
N ASN D 71 -37.66 -18.62 -30.73
CA ASN D 71 -36.61 -18.85 -31.71
C ASN D 71 -35.35 -18.09 -31.33
N VAL D 72 -34.22 -18.80 -31.32
CA VAL D 72 -32.92 -18.26 -30.99
C VAL D 72 -32.02 -18.39 -32.22
N VAL D 73 -31.19 -17.35 -32.48
CA VAL D 73 -30.29 -17.30 -33.63
C VAL D 73 -28.87 -16.92 -33.18
N LEU D 74 -27.85 -17.71 -33.58
CA LEU D 74 -26.42 -17.38 -33.32
C LEU D 74 -26.00 -16.65 -34.59
N LEU D 75 -26.26 -15.33 -34.60
CA LEU D 75 -25.99 -14.40 -35.71
C LEU D 75 -24.51 -14.39 -36.13
N GLU D 76 -24.24 -14.09 -37.43
CA GLU D 76 -22.88 -14.05 -38.00
C GLU D 76 -21.95 -13.08 -37.28
N ASP D 77 -22.34 -11.79 -37.19
CA ASP D 77 -21.54 -10.73 -36.54
C ASP D 77 -21.06 -11.12 -35.14
N GLY D 78 -21.92 -11.73 -34.37
CA GLY D 78 -21.61 -12.16 -33.02
C GLY D 78 -22.85 -12.09 -32.17
N GLY D 79 -23.89 -11.47 -32.72
CA GLY D 79 -25.17 -11.28 -32.05
C GLY D 79 -25.92 -12.57 -31.75
N VAL D 80 -26.93 -12.44 -30.88
CA VAL D 80 -27.85 -13.51 -30.51
C VAL D 80 -29.26 -12.93 -30.59
N GLU D 81 -30.12 -13.48 -31.47
CA GLU D 81 -31.51 -13.03 -31.63
C GLU D 81 -32.46 -14.02 -30.96
N VAL D 82 -33.24 -13.58 -29.96
CA VAL D 82 -34.18 -14.46 -29.26
C VAL D 82 -35.60 -13.88 -29.36
N ALA D 83 -36.48 -14.58 -30.08
CA ALA D 83 -37.87 -14.18 -30.34
C ALA D 83 -38.86 -15.04 -29.58
N ASP D 84 -40.06 -14.51 -29.31
CA ASP D 84 -41.16 -15.22 -28.63
C ASP D 84 -42.51 -14.61 -29.00
N ASP D 85 -43.56 -15.44 -29.05
CA ASP D 85 -44.92 -14.97 -29.34
C ASP D 85 -45.67 -14.60 -28.05
N GLY D 86 -44.90 -14.22 -27.02
CA GLY D 86 -45.38 -13.83 -25.70
C GLY D 86 -46.09 -12.50 -25.65
N ARG D 87 -46.14 -11.89 -24.45
CA ARG D 87 -46.80 -10.60 -24.21
C ARG D 87 -45.92 -9.45 -24.61
N GLY D 88 -44.60 -9.66 -24.53
CA GLY D 88 -43.60 -8.65 -24.82
C GLY D 88 -43.22 -7.84 -23.60
N ILE D 89 -42.03 -7.22 -23.62
CA ILE D 89 -41.53 -6.38 -22.52
C ILE D 89 -42.44 -5.14 -22.44
N PRO D 90 -43.04 -4.83 -21.27
CA PRO D 90 -43.89 -3.64 -21.17
C PRO D 90 -43.20 -2.39 -21.73
N VAL D 91 -43.93 -1.64 -22.57
CA VAL D 91 -43.37 -0.48 -23.25
C VAL D 91 -43.76 0.86 -22.57
N ALA D 92 -45.07 1.06 -22.31
CA ALA D 92 -45.65 2.27 -21.71
C ALA D 92 -44.92 2.80 -20.46
N THR D 93 -44.84 4.15 -20.33
CA THR D 93 -44.18 4.91 -19.27
C THR D 93 -44.27 4.25 -17.89
N HIS D 94 -43.10 3.97 -17.31
CA HIS D 94 -42.98 3.36 -15.99
C HIS D 94 -42.99 4.44 -14.91
N ALA D 95 -43.39 4.05 -13.68
CA ALA D 95 -43.48 4.89 -12.48
C ALA D 95 -42.17 5.60 -12.07
N SER D 96 -41.02 5.14 -12.62
CA SER D 96 -39.71 5.74 -12.36
C SER D 96 -39.40 6.87 -13.38
N GLY D 97 -40.28 7.06 -14.36
CA GLY D 97 -40.14 8.07 -15.40
C GLY D 97 -39.87 7.48 -16.76
N ILE D 98 -38.70 6.83 -16.89
CA ILE D 98 -38.26 6.19 -18.13
C ILE D 98 -39.20 5.04 -18.53
N PRO D 99 -39.48 4.82 -19.85
CA PRO D 99 -40.39 3.72 -20.24
C PRO D 99 -39.92 2.36 -19.73
N THR D 100 -40.88 1.46 -19.37
CA THR D 100 -40.61 0.15 -18.78
C THR D 100 -39.43 -0.61 -19.43
N VAL D 101 -39.37 -0.66 -20.79
CA VAL D 101 -38.30 -1.33 -21.54
C VAL D 101 -36.92 -0.96 -20.98
N ASP D 102 -36.66 0.36 -20.85
CA ASP D 102 -35.40 0.92 -20.36
C ASP D 102 -35.12 0.53 -18.92
N VAL D 103 -36.16 0.53 -18.06
CA VAL D 103 -36.09 0.16 -16.63
C VAL D 103 -35.52 -1.26 -16.52
N VAL D 104 -36.19 -2.20 -17.19
CA VAL D 104 -35.89 -3.62 -17.29
C VAL D 104 -34.47 -3.87 -17.81
N MET D 105 -34.05 -3.07 -18.80
CA MET D 105 -32.76 -3.20 -19.46
C MET D 105 -31.58 -2.50 -18.80
N THR D 106 -31.81 -1.42 -18.03
CA THR D 106 -30.70 -0.65 -17.44
C THR D 106 -30.62 -0.68 -15.93
N GLN D 107 -31.70 -1.12 -15.25
CA GLN D 107 -31.69 -1.12 -13.78
C GLN D 107 -31.74 -2.50 -13.20
N LEU D 108 -30.90 -2.75 -12.17
CA LEU D 108 -30.86 -4.01 -11.44
C LEU D 108 -32.06 -4.00 -10.48
N HIS D 109 -32.56 -5.19 -10.11
CA HIS D 109 -33.72 -5.40 -9.23
C HIS D 109 -34.98 -4.68 -9.75
N ALA D 110 -35.10 -4.61 -11.08
CA ALA D 110 -36.21 -4.02 -11.80
C ALA D 110 -36.80 -5.17 -12.59
N GLY D 111 -37.87 -5.74 -12.06
CA GLY D 111 -38.54 -6.90 -12.65
C GLY D 111 -39.98 -7.07 -12.25
N GLY D 112 -40.64 -7.98 -12.96
CA GLY D 112 -42.03 -8.36 -12.77
C GLY D 112 -42.14 -9.77 -12.24
N LYS D 113 -41.04 -10.26 -11.65
CA LYS D 113 -40.95 -11.60 -11.07
C LYS D 113 -40.72 -11.53 -9.54
N PHE D 114 -41.14 -10.40 -8.93
CA PHE D 114 -41.03 -10.16 -7.50
C PHE D 114 -42.28 -10.63 -6.74
N ASP D 115 -43.26 -11.12 -7.51
CA ASP D 115 -44.54 -11.63 -7.05
C ASP D 115 -45.10 -12.58 -8.13
N SER D 116 -45.99 -13.49 -7.70
CA SER D 116 -46.60 -14.47 -8.59
C SER D 116 -47.83 -13.90 -9.38
N ASP D 117 -47.82 -12.56 -9.65
CA ASP D 117 -48.87 -11.84 -10.37
C ASP D 117 -48.77 -12.06 -11.89
N ALA D 118 -47.81 -11.36 -12.56
CA ALA D 118 -47.54 -11.43 -14.01
C ALA D 118 -47.12 -12.82 -14.46
N TYR D 119 -46.13 -13.41 -13.76
CA TYR D 119 -45.56 -14.74 -13.96
C TYR D 119 -45.84 -15.54 -12.70
N ALA D 120 -46.55 -16.67 -12.83
CA ALA D 120 -46.89 -17.55 -11.70
C ALA D 120 -45.65 -18.31 -11.22
N ILE D 121 -45.13 -19.21 -12.08
CA ILE D 121 -43.91 -19.98 -11.87
C ILE D 121 -42.92 -19.50 -12.93
N SER D 122 -41.76 -19.01 -12.50
CA SER D 122 -40.75 -18.51 -13.44
C SER D 122 -39.32 -18.75 -12.98
N GLY D 123 -38.45 -18.94 -13.96
CA GLY D 123 -37.02 -19.11 -13.74
C GLY D 123 -36.40 -17.84 -13.19
N GLY D 124 -36.81 -16.72 -13.77
CA GLY D 124 -36.36 -15.40 -13.32
C GLY D 124 -36.95 -15.05 -11.96
N LEU D 125 -36.27 -14.19 -11.20
CA LEU D 125 -36.73 -13.75 -9.87
C LEU D 125 -35.98 -12.55 -9.30
N HIS D 126 -34.74 -12.31 -9.75
CA HIS D 126 -33.88 -11.27 -9.21
C HIS D 126 -34.06 -9.88 -9.81
N GLY D 127 -34.55 -9.80 -11.04
CA GLY D 127 -34.72 -8.54 -11.74
C GLY D 127 -33.37 -8.00 -12.18
N VAL D 128 -32.43 -8.89 -12.56
CA VAL D 128 -31.05 -8.53 -12.86
C VAL D 128 -30.56 -9.00 -14.29
N GLY D 129 -31.06 -10.15 -14.71
CA GLY D 129 -30.74 -10.83 -15.97
C GLY D 129 -30.45 -10.04 -17.23
N VAL D 130 -31.49 -9.54 -17.89
CA VAL D 130 -31.32 -8.86 -19.15
C VAL D 130 -30.62 -7.46 -18.98
N SER D 131 -30.63 -6.93 -17.73
CA SER D 131 -29.94 -5.68 -17.37
C SER D 131 -28.41 -5.93 -17.41
N VAL D 132 -28.00 -7.13 -16.97
CA VAL D 132 -26.62 -7.63 -16.97
C VAL D 132 -26.18 -7.88 -18.40
N VAL D 133 -27.08 -8.47 -19.22
CA VAL D 133 -26.81 -8.71 -20.64
C VAL D 133 -26.51 -7.36 -21.27
N ASN D 134 -27.39 -6.36 -21.05
CA ASN D 134 -27.22 -5.00 -21.53
C ASN D 134 -25.90 -4.37 -21.06
N ALA D 135 -25.46 -4.70 -19.83
CA ALA D 135 -24.22 -4.17 -19.26
C ALA D 135 -22.98 -4.71 -19.98
N LEU D 136 -22.87 -6.05 -20.07
CA LEU D 136 -21.75 -6.76 -20.69
C LEU D 136 -21.92 -6.98 -22.23
N SER D 137 -22.71 -6.11 -22.89
CA SER D 137 -22.94 -6.12 -24.34
C SER D 137 -22.57 -4.78 -24.97
N THR D 138 -21.99 -4.82 -26.17
CA THR D 138 -21.64 -3.62 -26.95
C THR D 138 -22.92 -2.97 -27.50
N ARG D 139 -23.87 -3.79 -27.93
CA ARG D 139 -25.15 -3.34 -28.46
C ARG D 139 -26.26 -4.28 -27.99
N LEU D 140 -27.47 -3.75 -27.84
CA LEU D 140 -28.63 -4.53 -27.50
C LEU D 140 -29.85 -3.95 -28.20
N GLU D 141 -30.45 -4.75 -29.09
CA GLU D 141 -31.62 -4.32 -29.82
C GLU D 141 -32.84 -5.10 -29.35
N VAL D 142 -33.97 -4.43 -29.17
CA VAL D 142 -35.21 -5.07 -28.76
C VAL D 142 -36.36 -4.71 -29.67
N GLU D 143 -37.06 -5.72 -30.16
CA GLU D 143 -38.25 -5.56 -30.99
C GLU D 143 -39.43 -6.05 -30.15
N ILE D 144 -40.43 -5.20 -29.90
CA ILE D 144 -41.56 -5.62 -29.07
C ILE D 144 -42.89 -5.32 -29.76
N LYS D 145 -43.64 -6.36 -30.10
CA LYS D 145 -44.98 -6.23 -30.66
C LYS D 145 -45.88 -6.38 -29.43
N ARG D 146 -46.45 -5.26 -28.97
CA ARG D 146 -47.32 -5.18 -27.79
C ARG D 146 -48.14 -3.90 -27.81
N ASP D 147 -49.24 -3.87 -27.04
CA ASP D 147 -50.19 -2.76 -26.94
C ASP D 147 -50.77 -2.42 -28.33
N GLY D 148 -50.77 -3.43 -29.21
CA GLY D 148 -51.26 -3.38 -30.58
C GLY D 148 -50.31 -2.72 -31.58
N TYR D 149 -49.05 -2.45 -31.19
CA TYR D 149 -48.04 -1.77 -32.01
C TYR D 149 -46.66 -2.43 -31.90
N GLU D 150 -45.80 -2.23 -32.92
CA GLU D 150 -44.42 -2.73 -32.85
C GLU D 150 -43.50 -1.63 -32.31
N TRP D 151 -42.45 -2.04 -31.58
CA TRP D 151 -41.53 -1.11 -30.92
C TRP D 151 -40.08 -1.49 -31.13
N SER D 152 -39.24 -0.50 -31.40
CA SER D 152 -37.81 -0.68 -31.60
C SER D 152 -37.03 0.25 -30.69
N GLN D 153 -36.17 -0.33 -29.85
CA GLN D 153 -35.34 0.41 -28.91
C GLN D 153 -33.94 -0.16 -28.98
N VAL D 154 -32.94 0.72 -29.19
CA VAL D 154 -31.55 0.33 -29.33
C VAL D 154 -30.70 0.80 -28.14
N TYR D 155 -29.89 -0.11 -27.60
CA TYR D 155 -28.99 0.18 -26.50
C TYR D 155 -27.56 0.12 -27.02
N GLU D 156 -26.88 1.27 -27.06
CA GLU D 156 -25.48 1.39 -27.49
C GLU D 156 -24.63 1.58 -26.24
N LYS D 157 -23.78 0.58 -25.92
CA LYS D 157 -22.89 0.53 -24.74
C LYS D 157 -23.72 0.63 -23.44
N SER D 158 -24.90 -0.05 -23.43
CA SER D 158 -25.94 -0.13 -22.37
C SER D 158 -26.91 1.06 -22.37
N GLU D 159 -26.49 2.18 -22.98
CA GLU D 159 -27.26 3.43 -23.02
C GLU D 159 -28.35 3.41 -24.08
N PRO D 160 -29.61 3.78 -23.75
CA PRO D 160 -30.68 3.73 -24.75
C PRO D 160 -30.65 4.92 -25.71
N LEU D 161 -30.80 4.61 -27.01
CA LEU D 161 -30.81 5.54 -28.13
C LEU D 161 -32.19 6.18 -28.40
N GLY D 162 -33.20 5.73 -27.66
CA GLY D 162 -34.55 6.22 -27.76
C GLY D 162 -35.52 5.14 -28.20
N LEU D 163 -36.74 5.17 -27.64
CA LEU D 163 -37.81 4.21 -27.95
C LEU D 163 -38.60 4.68 -29.17
N LYS D 164 -38.61 3.87 -30.25
CA LYS D 164 -39.30 4.21 -31.50
C LYS D 164 -40.49 3.29 -31.72
N GLN D 165 -41.65 3.87 -32.08
CA GLN D 165 -42.86 3.12 -32.35
C GLN D 165 -43.01 2.90 -33.85
N GLY D 166 -43.36 1.68 -34.22
CA GLY D 166 -43.54 1.29 -35.61
C GLY D 166 -44.97 0.98 -35.99
N ALA D 167 -45.16 -0.01 -36.86
CA ALA D 167 -46.44 -0.46 -37.40
C ALA D 167 -47.39 -1.06 -36.35
N PRO D 168 -48.72 -0.75 -36.40
CA PRO D 168 -49.64 -1.36 -35.44
C PRO D 168 -49.98 -2.80 -35.83
N THR D 169 -49.54 -3.76 -35.00
CA THR D 169 -49.76 -5.20 -35.25
C THR D 169 -50.58 -5.87 -34.15
N LYS D 170 -51.48 -6.79 -34.56
CA LYS D 170 -52.32 -7.57 -33.65
C LYS D 170 -51.46 -8.59 -32.87
N LYS D 171 -50.41 -9.14 -33.55
CA LYS D 171 -49.45 -10.12 -33.00
C LYS D 171 -48.70 -9.56 -31.80
N THR D 172 -48.37 -10.44 -30.83
CA THR D 172 -47.66 -10.03 -29.61
C THR D 172 -46.34 -10.80 -29.43
N GLY D 173 -45.43 -10.19 -28.67
CA GLY D 173 -44.14 -10.79 -28.35
C GLY D 173 -42.98 -9.83 -28.30
N SER D 174 -41.81 -10.36 -27.89
CA SER D 174 -40.55 -9.63 -27.81
C SER D 174 -39.38 -10.38 -28.48
N THR D 175 -38.41 -9.62 -29.00
CA THR D 175 -37.22 -10.11 -29.68
C THR D 175 -36.01 -9.35 -29.16
N VAL D 176 -35.21 -9.99 -28.32
CA VAL D 176 -33.99 -9.39 -27.80
C VAL D 176 -32.83 -9.84 -28.70
N ARG D 177 -31.92 -8.93 -29.00
CA ARG D 177 -30.70 -9.12 -29.78
C ARG D 177 -29.56 -8.47 -29.00
N PHE D 178 -28.41 -9.17 -28.88
CA PHE D 178 -27.27 -8.66 -28.12
C PHE D 178 -25.94 -9.17 -28.64
N TRP D 179 -24.98 -8.25 -28.67
CA TRP D 179 -23.61 -8.51 -29.12
C TRP D 179 -22.75 -8.36 -27.88
N ALA D 180 -22.23 -9.50 -27.35
CA ALA D 180 -21.39 -9.53 -26.14
C ALA D 180 -20.13 -8.65 -26.30
N ASP D 181 -19.74 -7.91 -25.23
CA ASP D 181 -18.58 -7.03 -25.27
C ASP D 181 -17.29 -7.85 -25.15
N PRO D 182 -16.37 -7.80 -26.15
CA PRO D 182 -15.12 -8.60 -26.05
C PRO D 182 -14.13 -8.06 -25.01
N ALA D 183 -14.28 -6.77 -24.63
CA ALA D 183 -13.44 -6.19 -23.61
C ALA D 183 -13.76 -6.88 -22.27
N VAL D 184 -15.03 -7.37 -22.13
CA VAL D 184 -15.48 -8.11 -20.95
C VAL D 184 -15.08 -9.57 -21.10
N PHE D 185 -15.41 -10.18 -22.24
CA PHE D 185 -15.23 -11.60 -22.50
C PHE D 185 -13.99 -11.97 -23.27
N GLU D 186 -13.27 -13.02 -22.82
CA GLU D 186 -12.07 -13.51 -23.51
C GLU D 186 -12.41 -14.02 -24.91
N THR D 187 -13.42 -14.92 -25.00
CA THR D 187 -14.00 -15.52 -26.20
C THR D 187 -15.39 -14.89 -26.36
N THR D 188 -15.75 -14.49 -27.59
CA THR D 188 -17.05 -13.91 -27.87
C THR D 188 -17.88 -14.84 -28.81
N GLU D 189 -17.21 -15.91 -29.32
CA GLU D 189 -17.83 -16.91 -30.19
C GLU D 189 -18.42 -18.01 -29.31
N TYR D 190 -19.73 -18.22 -29.43
CA TYR D 190 -20.49 -19.23 -28.70
C TYR D 190 -20.27 -20.61 -29.27
N ASP D 191 -20.61 -21.65 -28.48
CA ASP D 191 -20.52 -23.07 -28.85
C ASP D 191 -21.93 -23.54 -29.17
N PHE D 192 -22.18 -23.92 -30.44
CA PHE D 192 -23.49 -24.40 -30.92
C PHE D 192 -24.02 -25.56 -30.12
N GLU D 193 -23.17 -26.57 -29.82
CA GLU D 193 -23.64 -27.73 -29.04
C GLU D 193 -24.01 -27.37 -27.58
N THR D 194 -23.40 -26.33 -27.01
CA THR D 194 -23.72 -25.87 -25.67
C THR D 194 -25.12 -25.25 -25.69
N VAL D 195 -25.39 -24.41 -26.71
CA VAL D 195 -26.68 -23.72 -26.88
C VAL D 195 -27.74 -24.79 -27.19
N ALA D 196 -27.54 -25.55 -28.28
CA ALA D 196 -28.44 -26.63 -28.68
C ALA D 196 -28.86 -27.53 -27.47
N ARG D 197 -27.87 -28.05 -26.69
CA ARG D 197 -28.11 -28.91 -25.52
C ARG D 197 -29.06 -28.29 -24.54
N ARG D 198 -28.75 -27.07 -24.08
CA ARG D 198 -29.53 -26.31 -23.12
C ARG D 198 -30.95 -25.99 -23.58
N LEU D 199 -31.11 -25.56 -24.84
CA LEU D 199 -32.41 -25.22 -25.42
C LEU D 199 -33.29 -26.45 -25.55
N GLN D 200 -32.68 -27.60 -25.85
CA GLN D 200 -33.39 -28.88 -25.96
C GLN D 200 -34.01 -29.28 -24.62
N GLU D 201 -33.27 -29.01 -23.52
CA GLU D 201 -33.69 -29.27 -22.15
C GLU D 201 -34.93 -28.46 -21.82
N MET D 202 -34.92 -27.17 -22.17
CA MET D 202 -36.03 -26.25 -22.00
C MET D 202 -37.29 -26.69 -22.75
N ALA D 203 -37.09 -27.38 -23.90
CA ALA D 203 -38.19 -27.94 -24.67
C ALA D 203 -38.76 -29.15 -23.92
N PHE D 204 -37.88 -30.00 -23.31
CA PHE D 204 -38.32 -31.17 -22.56
C PHE D 204 -39.08 -30.74 -21.32
N LEU D 205 -38.53 -29.74 -20.62
CA LEU D 205 -39.09 -29.21 -19.39
C LEU D 205 -40.37 -28.41 -19.58
N ASN D 206 -40.71 -28.04 -20.83
CA ASN D 206 -41.91 -27.30 -21.14
C ASN D 206 -42.64 -27.93 -22.31
N LYS D 207 -43.53 -28.88 -22.00
CA LYS D 207 -44.34 -29.56 -22.99
C LYS D 207 -45.13 -28.52 -23.83
N GLY D 208 -45.25 -28.77 -25.14
CA GLY D 208 -45.95 -27.88 -26.06
C GLY D 208 -45.14 -26.73 -26.63
N LEU D 209 -44.06 -26.35 -25.92
CA LEU D 209 -43.15 -25.28 -26.34
C LEU D 209 -42.30 -25.74 -27.52
N THR D 210 -42.02 -24.82 -28.43
CA THR D 210 -41.16 -25.09 -29.57
C THR D 210 -40.02 -24.10 -29.52
N ILE D 211 -38.79 -24.62 -29.50
CA ILE D 211 -37.59 -23.79 -29.54
C ILE D 211 -36.88 -24.08 -30.86
N ASN D 212 -36.46 -23.03 -31.54
CA ASN D 212 -35.73 -23.22 -32.79
C ASN D 212 -34.41 -22.51 -32.65
N LEU D 213 -33.32 -23.18 -33.03
CA LEU D 213 -31.99 -22.59 -32.99
C LEU D 213 -31.33 -22.69 -34.34
N THR D 214 -30.94 -21.56 -34.89
CA THR D 214 -30.24 -21.53 -36.15
C THR D 214 -28.89 -20.83 -35.93
N ASP D 215 -27.85 -21.36 -36.59
CA ASP D 215 -26.46 -20.92 -36.51
C ASP D 215 -26.02 -20.40 -37.89
N GLU D 216 -26.19 -19.09 -38.04
CA GLU D 216 -25.89 -18.34 -39.25
C GLU D 216 -24.38 -17.93 -39.32
N ARG D 217 -23.48 -18.72 -38.70
CA ARG D 217 -22.03 -18.43 -38.67
C ARG D 217 -21.21 -19.11 -39.78
N VAL D 218 -20.30 -18.33 -40.41
CA VAL D 218 -19.42 -18.83 -41.48
C VAL D 218 -18.05 -19.22 -40.91
N LYS D 250 -25.81 -25.61 -45.34
CA LYS D 250 -24.91 -24.56 -44.87
C LYS D 250 -25.23 -24.04 -43.47
N VAL D 251 -26.44 -23.47 -43.27
CA VAL D 251 -26.84 -22.94 -41.96
C VAL D 251 -27.35 -24.10 -41.07
N LYS D 252 -26.78 -24.24 -39.84
CA LYS D 252 -27.12 -25.28 -38.84
C LYS D 252 -28.40 -24.91 -38.10
N SER D 253 -29.44 -25.75 -38.17
CA SER D 253 -30.68 -25.44 -37.47
C SER D 253 -31.28 -26.64 -36.74
N ARG D 254 -31.90 -26.40 -35.57
CA ARG D 254 -32.56 -27.46 -34.81
C ARG D 254 -33.95 -27.00 -34.39
N THR D 255 -34.86 -27.96 -34.23
CA THR D 255 -36.24 -27.76 -33.81
C THR D 255 -36.36 -28.54 -32.52
N PHE D 256 -36.96 -27.92 -31.50
CA PHE D 256 -37.08 -28.52 -30.18
C PHE D 256 -38.48 -28.46 -29.64
N HIS D 257 -39.25 -29.51 -29.91
CA HIS D 257 -40.62 -29.65 -29.44
C HIS D 257 -40.85 -31.08 -28.97
N TYR D 258 -40.98 -31.28 -27.66
CA TYR D 258 -41.15 -32.61 -27.09
C TYR D 258 -42.49 -32.71 -26.35
N PRO D 259 -43.54 -33.25 -27.03
CA PRO D 259 -44.85 -33.37 -26.38
C PRO D 259 -44.88 -34.41 -25.28
N GLY D 260 -43.87 -35.30 -25.28
CA GLY D 260 -43.65 -36.34 -24.29
C GLY D 260 -42.96 -35.86 -23.03
N GLY D 261 -42.65 -34.56 -22.99
CA GLY D 261 -42.03 -33.84 -21.88
C GLY D 261 -40.80 -34.47 -21.28
N LEU D 262 -40.85 -34.71 -19.96
CA LEU D 262 -39.75 -35.31 -19.18
C LEU D 262 -39.44 -36.76 -19.56
N VAL D 263 -40.42 -37.46 -20.14
CA VAL D 263 -40.29 -38.87 -20.53
C VAL D 263 -39.37 -38.99 -21.75
N ASP D 264 -39.58 -38.12 -22.75
CA ASP D 264 -38.75 -38.02 -23.94
C ASP D 264 -37.32 -37.59 -23.55
N PHE D 265 -37.18 -36.87 -22.41
CA PHE D 265 -35.92 -36.39 -21.86
C PHE D 265 -35.03 -37.55 -21.46
N VAL D 266 -35.63 -38.54 -20.76
CA VAL D 266 -34.94 -39.74 -20.30
C VAL D 266 -34.68 -40.64 -21.53
N LYS D 267 -35.67 -40.74 -22.44
CA LYS D 267 -35.56 -41.51 -23.70
C LYS D 267 -34.31 -41.04 -24.44
N HIS D 268 -34.04 -39.72 -24.39
CA HIS D 268 -32.91 -39.06 -25.00
C HIS D 268 -31.59 -39.41 -24.31
N ILE D 269 -31.57 -39.37 -22.97
CA ILE D 269 -30.38 -39.68 -22.16
C ILE D 269 -30.00 -41.16 -22.33
N ASN D 270 -31.01 -42.06 -22.35
CA ASN D 270 -30.81 -43.51 -22.52
C ASN D 270 -30.90 -43.98 -23.97
N ARG D 271 -30.61 -43.10 -24.94
CA ARG D 271 -30.66 -43.48 -26.36
C ARG D 271 -29.39 -44.25 -26.71
N THR D 272 -28.23 -43.60 -26.48
CA THR D 272 -26.87 -44.09 -26.70
C THR D 272 -26.48 -45.24 -25.76
N LYS D 273 -26.97 -45.21 -24.50
CA LYS D 273 -26.63 -46.17 -23.45
C LYS D 273 -27.82 -47.01 -22.99
N ASN D 274 -27.86 -48.27 -23.46
CA ASN D 274 -28.90 -49.29 -23.23
C ASN D 274 -29.64 -49.17 -21.92
N ALA D 275 -30.97 -49.08 -21.99
CA ALA D 275 -31.84 -49.02 -20.81
C ALA D 275 -31.97 -50.43 -20.24
N ILE D 276 -31.74 -50.56 -18.94
CA ILE D 276 -31.79 -51.84 -18.25
C ILE D 276 -33.25 -52.35 -18.11
N HIS D 277 -34.24 -51.41 -18.07
CA HIS D 277 -35.67 -51.71 -17.93
C HIS D 277 -36.49 -50.96 -18.97
N SER D 278 -37.66 -51.55 -19.34
CA SER D 278 -38.60 -51.06 -20.36
C SER D 278 -39.41 -49.84 -19.93
N SER D 279 -40.00 -49.88 -18.72
CA SER D 279 -40.79 -48.78 -18.18
C SER D 279 -39.89 -47.62 -17.74
N ILE D 280 -40.44 -46.40 -17.79
CA ILE D 280 -39.79 -45.18 -17.36
C ILE D 280 -40.69 -44.62 -16.27
N VAL D 281 -40.15 -44.50 -15.04
CA VAL D 281 -40.84 -43.94 -13.88
C VAL D 281 -41.24 -42.51 -14.26
N ASP D 282 -42.56 -42.19 -14.23
CA ASP D 282 -43.07 -40.88 -14.62
C ASP D 282 -44.13 -40.36 -13.64
N PHE D 283 -43.68 -39.75 -12.54
CA PHE D 283 -44.61 -39.24 -11.54
C PHE D 283 -44.53 -37.73 -11.31
N SER D 284 -45.67 -37.13 -10.95
CA SER D 284 -45.82 -35.69 -10.74
C SER D 284 -46.65 -35.30 -9.52
N GLY D 285 -46.01 -34.68 -8.55
CA GLY D 285 -46.68 -34.19 -7.35
C GLY D 285 -46.89 -32.68 -7.39
N LYS D 286 -47.96 -32.17 -6.75
CA LYS D 286 -48.27 -30.75 -6.69
C LYS D 286 -48.72 -30.35 -5.28
N GLY D 287 -48.05 -29.34 -4.73
CA GLY D 287 -48.31 -28.80 -3.39
C GLY D 287 -48.34 -27.27 -3.31
N THR D 288 -48.43 -26.74 -2.07
CA THR D 288 -48.54 -25.30 -1.77
C THR D 288 -47.36 -24.46 -2.32
N GLY D 289 -47.56 -23.92 -3.52
CA GLY D 289 -46.58 -23.07 -4.20
C GLY D 289 -45.35 -23.79 -4.69
N HIS D 290 -45.50 -25.10 -5.00
CA HIS D 290 -44.45 -25.99 -5.53
C HIS D 290 -45.04 -27.23 -6.18
N GLU D 291 -44.56 -27.55 -7.36
CA GLU D 291 -44.95 -28.73 -8.11
C GLU D 291 -43.64 -29.46 -8.43
N VAL D 292 -43.71 -30.75 -8.74
CA VAL D 292 -42.56 -31.57 -9.07
C VAL D 292 -42.93 -32.68 -10.06
N GLU D 293 -42.19 -32.77 -11.14
CA GLU D 293 -42.35 -33.85 -12.09
C GLU D 293 -40.99 -34.56 -12.05
N ILE D 294 -41.04 -35.89 -11.86
CA ILE D 294 -39.86 -36.75 -11.83
C ILE D 294 -40.03 -37.87 -12.86
N ALA D 295 -39.06 -37.98 -13.74
CA ALA D 295 -39.03 -39.02 -14.75
C ALA D 295 -37.63 -39.59 -14.70
N MET D 296 -37.54 -40.93 -14.60
CA MET D 296 -36.27 -41.65 -14.47
C MET D 296 -36.33 -43.05 -15.01
N GLN D 297 -35.15 -43.58 -15.39
CA GLN D 297 -34.93 -44.92 -15.91
C GLN D 297 -33.44 -45.27 -15.73
N TRP D 298 -33.15 -46.54 -15.46
CA TRP D 298 -31.80 -47.02 -15.26
C TRP D 298 -31.20 -47.61 -16.53
N ASN D 299 -29.92 -47.26 -16.82
CA ASN D 299 -29.16 -47.76 -17.96
C ASN D 299 -28.20 -48.85 -17.50
N ALA D 300 -27.75 -49.72 -18.42
CA ALA D 300 -26.81 -50.83 -18.19
C ALA D 300 -25.36 -50.36 -17.87
N GLY D 301 -25.14 -49.04 -17.90
CA GLY D 301 -23.84 -48.42 -17.61
C GLY D 301 -23.61 -48.23 -16.13
N TYR D 302 -22.42 -47.72 -15.78
CA TYR D 302 -22.01 -47.51 -14.40
C TYR D 302 -21.88 -46.01 -14.08
N SER D 303 -22.72 -45.17 -14.70
CA SER D 303 -22.65 -43.73 -14.50
C SER D 303 -23.96 -43.06 -14.09
N GLU D 304 -23.83 -41.98 -13.34
CA GLU D 304 -24.94 -41.17 -12.87
C GLU D 304 -25.23 -40.10 -13.91
N SER D 305 -26.50 -40.00 -14.34
CA SER D 305 -26.97 -39.04 -15.34
C SER D 305 -28.22 -38.38 -14.77
N VAL D 306 -28.08 -37.81 -13.59
CA VAL D 306 -29.21 -37.21 -12.88
C VAL D 306 -29.20 -35.69 -13.06
N HIS D 307 -30.14 -35.21 -13.91
CA HIS D 307 -30.36 -33.81 -14.27
C HIS D 307 -31.47 -33.20 -13.43
N THR D 308 -31.19 -32.03 -12.83
CA THR D 308 -32.08 -31.31 -11.89
C THR D 308 -32.39 -29.91 -12.33
N PHE D 309 -33.68 -29.55 -12.29
CA PHE D 309 -34.16 -28.27 -12.75
C PHE D 309 -35.16 -27.66 -11.82
N ALA D 310 -35.23 -26.33 -11.83
CA ALA D 310 -36.16 -25.56 -10.99
C ALA D 310 -36.65 -24.39 -11.81
N ASN D 311 -37.94 -24.43 -12.18
CA ASN D 311 -38.60 -23.45 -13.06
C ASN D 311 -37.86 -23.35 -14.42
N THR D 312 -37.58 -24.55 -14.99
CA THR D 312 -36.85 -24.83 -16.24
C THR D 312 -35.35 -24.68 -16.03
N ILE D 313 -34.95 -23.71 -15.22
CA ILE D 313 -33.58 -23.34 -14.90
C ILE D 313 -32.76 -24.53 -14.43
N ASN D 314 -31.58 -24.69 -15.05
CA ASN D 314 -30.65 -25.78 -14.79
C ASN D 314 -29.84 -25.57 -13.53
N THR D 315 -30.33 -26.19 -12.44
CA THR D 315 -29.71 -26.18 -11.11
C THR D 315 -28.76 -27.36 -11.12
N HIS D 316 -27.63 -27.20 -11.81
CA HIS D 316 -26.71 -28.31 -12.00
C HIS D 316 -25.80 -28.59 -10.79
N GLU D 317 -26.00 -27.86 -9.69
CA GLU D 317 -25.31 -28.14 -8.43
C GLU D 317 -26.33 -28.74 -7.49
N GLY D 318 -27.55 -28.88 -8.01
CA GLY D 318 -28.66 -29.48 -7.31
C GLY D 318 -29.29 -28.57 -6.29
N GLY D 319 -29.43 -29.07 -5.09
CA GLY D 319 -30.08 -28.35 -4.01
C GLY D 319 -31.13 -29.18 -3.33
N THR D 320 -32.08 -28.48 -2.72
CA THR D 320 -33.14 -29.06 -1.93
C THR D 320 -34.33 -29.37 -2.78
N HIS D 321 -34.13 -30.35 -3.66
CA HIS D 321 -35.04 -30.93 -4.63
C HIS D 321 -34.28 -32.15 -5.16
N GLU D 322 -32.95 -31.98 -5.41
CA GLU D 322 -32.04 -33.06 -5.79
C GLU D 322 -31.86 -33.93 -4.56
N GLU D 323 -31.44 -33.31 -3.42
CA GLU D 323 -31.24 -33.98 -2.13
C GLU D 323 -32.53 -34.57 -1.56
N GLY D 324 -33.67 -33.93 -1.83
CA GLY D 324 -34.98 -34.44 -1.46
C GLY D 324 -35.34 -35.71 -2.24
N PHE D 325 -34.96 -35.73 -3.54
CA PHE D 325 -35.14 -36.86 -4.44
C PHE D 325 -34.18 -37.97 -4.01
N ARG D 326 -32.92 -37.61 -3.71
CA ARG D 326 -31.85 -38.50 -3.24
C ARG D 326 -32.22 -39.16 -1.92
N SER D 327 -32.77 -38.40 -0.96
CA SER D 327 -33.16 -38.94 0.35
C SER D 327 -34.25 -39.99 0.22
N ALA D 328 -35.21 -39.76 -0.70
CA ALA D 328 -36.32 -40.68 -0.91
C ALA D 328 -35.86 -41.93 -1.66
N LEU D 329 -35.14 -41.76 -2.78
CA LEU D 329 -34.60 -42.84 -3.61
C LEU D 329 -33.70 -43.79 -2.81
N THR D 330 -32.90 -43.25 -1.88
CA THR D 330 -32.04 -44.10 -1.05
C THR D 330 -32.88 -44.94 -0.09
N SER D 331 -33.87 -44.31 0.58
CA SER D 331 -34.76 -44.97 1.52
C SER D 331 -35.75 -45.94 0.88
N VAL D 332 -36.31 -45.61 -0.31
CA VAL D 332 -37.27 -46.45 -1.04
C VAL D 332 -36.62 -47.76 -1.50
N VAL D 333 -35.50 -47.65 -2.26
CA VAL D 333 -34.72 -48.77 -2.81
C VAL D 333 -34.19 -49.64 -1.66
N ASN D 334 -33.73 -49.01 -0.56
CA ASN D 334 -33.26 -49.75 0.61
C ASN D 334 -34.41 -50.44 1.31
N LYS D 335 -35.54 -49.74 1.52
CA LYS D 335 -36.75 -50.31 2.13
C LYS D 335 -37.42 -51.38 1.27
N TYR D 336 -37.10 -51.43 -0.05
CA TYR D 336 -37.61 -52.44 -1.00
C TYR D 336 -36.65 -53.63 -1.01
N ALA D 337 -35.32 -53.35 -1.06
CA ALA D 337 -34.24 -54.35 -1.04
C ALA D 337 -34.30 -55.16 0.25
N LYS D 338 -34.43 -54.46 1.40
CA LYS D 338 -34.57 -55.05 2.73
C LYS D 338 -35.82 -55.93 2.78
N ASP D 339 -36.97 -55.43 2.28
CA ASP D 339 -38.21 -56.18 2.23
C ASP D 339 -38.10 -57.44 1.34
N ARG D 340 -37.48 -57.33 0.16
CA ARG D 340 -37.33 -58.46 -0.76
C ARG D 340 -36.22 -59.43 -0.31
N LYS D 341 -34.93 -59.05 -0.50
CA LYS D 341 -33.76 -59.86 -0.11
C LYS D 341 -32.50 -58.99 0.00
N ASP D 345 -27.99 -61.75 2.77
CA ASP D 345 -27.98 -60.52 1.96
C ASP D 345 -26.89 -59.52 2.42
N LYS D 346 -26.54 -58.55 1.54
CA LYS D 346 -25.53 -57.50 1.80
C LYS D 346 -25.97 -56.65 3.01
N ASP D 347 -25.55 -57.09 4.22
CA ASP D 347 -25.85 -56.54 5.54
C ASP D 347 -25.74 -54.99 5.64
N PRO D 348 -24.66 -54.29 5.17
CA PRO D 348 -24.67 -52.81 5.26
C PRO D 348 -25.69 -52.16 4.32
N ASN D 349 -25.99 -50.87 4.53
CA ASN D 349 -26.96 -50.16 3.70
C ASN D 349 -26.40 -49.71 2.33
N LEU D 350 -27.29 -49.59 1.32
CA LEU D 350 -26.93 -49.13 -0.02
C LEU D 350 -26.68 -47.61 -0.02
N THR D 351 -25.57 -47.18 -0.64
CA THR D 351 -25.18 -45.78 -0.81
C THR D 351 -26.06 -45.22 -1.93
N GLY D 352 -26.38 -43.93 -1.87
CA GLY D 352 -27.14 -43.27 -2.92
C GLY D 352 -26.35 -43.24 -4.22
N ASP D 353 -25.02 -43.01 -4.12
CA ASP D 353 -24.08 -42.98 -5.24
C ASP D 353 -23.99 -44.32 -5.98
N ASP D 354 -24.23 -45.44 -5.28
CA ASP D 354 -24.23 -46.72 -5.95
C ASP D 354 -25.65 -47.10 -6.43
N ILE D 355 -26.72 -46.53 -5.80
CA ILE D 355 -28.11 -46.75 -6.24
C ILE D 355 -28.31 -46.01 -7.58
N ARG D 356 -27.82 -44.76 -7.62
CA ARG D 356 -27.88 -43.85 -8.76
C ARG D 356 -26.86 -44.16 -9.87
N GLU D 357 -25.93 -45.10 -9.63
CA GLU D 357 -24.95 -45.47 -10.66
C GLU D 357 -25.65 -46.24 -11.75
N GLY D 358 -25.70 -45.62 -12.92
CA GLY D 358 -26.39 -46.13 -14.08
C GLY D 358 -27.82 -45.63 -14.10
N LEU D 359 -28.04 -44.37 -13.67
CA LEU D 359 -29.37 -43.79 -13.62
C LEU D 359 -29.51 -42.53 -14.42
N ALA D 360 -30.51 -42.51 -15.30
CA ALA D 360 -30.88 -41.34 -16.05
C ALA D 360 -32.12 -40.82 -15.30
N ALA D 361 -32.01 -39.64 -14.70
CA ALA D 361 -33.12 -39.09 -13.93
C ALA D 361 -33.27 -37.61 -14.13
N VAL D 362 -34.53 -37.18 -14.31
CA VAL D 362 -34.88 -35.77 -14.43
C VAL D 362 -35.79 -35.40 -13.24
N ILE D 363 -35.40 -34.34 -12.52
CA ILE D 363 -36.15 -33.81 -11.39
C ILE D 363 -36.41 -32.39 -11.78
N SER D 364 -37.66 -32.06 -12.00
CA SER D 364 -38.04 -30.72 -12.40
C SER D 364 -38.99 -30.23 -11.37
N VAL D 365 -38.69 -29.08 -10.76
CA VAL D 365 -39.58 -28.51 -9.77
C VAL D 365 -40.18 -27.18 -10.30
N LYS D 366 -41.48 -26.96 -10.07
CA LYS D 366 -42.21 -25.75 -10.46
C LYS D 366 -42.66 -25.01 -9.19
N VAL D 367 -41.75 -24.16 -8.63
CA VAL D 367 -41.89 -23.37 -7.37
C VAL D 367 -42.39 -21.92 -7.60
N SER D 368 -43.29 -21.43 -6.73
CA SER D 368 -43.85 -20.07 -6.81
C SER D 368 -42.86 -19.00 -6.36
N GLU D 369 -42.26 -19.17 -5.17
CA GLU D 369 -41.27 -18.23 -4.62
C GLU D 369 -39.91 -18.98 -4.49
N PRO D 370 -39.11 -19.05 -5.59
CA PRO D 370 -37.84 -19.78 -5.50
C PRO D 370 -36.76 -19.08 -4.68
N GLN D 371 -35.75 -19.87 -4.32
CA GLN D 371 -34.57 -19.51 -3.58
C GLN D 371 -33.41 -20.07 -4.38
N PHE D 372 -32.87 -19.26 -5.29
CA PHE D 372 -31.72 -19.58 -6.11
C PHE D 372 -30.41 -19.08 -5.47
N GLU D 373 -29.33 -19.88 -5.64
CA GLU D 373 -27.96 -19.70 -5.16
C GLU D 373 -27.33 -18.35 -5.49
N GLY D 374 -27.38 -17.95 -6.75
CA GLY D 374 -26.88 -16.65 -7.18
C GLY D 374 -27.67 -16.24 -8.39
N GLN D 375 -27.12 -15.34 -9.25
CA GLN D 375 -27.78 -15.01 -10.52
C GLN D 375 -27.58 -16.17 -11.47
N THR D 376 -26.50 -16.93 -11.23
CA THR D 376 -26.09 -18.12 -11.96
C THR D 376 -27.17 -19.21 -11.78
N LYS D 377 -27.74 -19.33 -10.57
CA LYS D 377 -28.84 -20.25 -10.20
C LYS D 377 -28.43 -21.74 -10.30
N THR D 378 -27.19 -22.03 -9.92
CA THR D 378 -26.58 -23.35 -9.89
C THR D 378 -27.20 -24.25 -8.85
N LYS D 379 -27.64 -23.69 -7.71
CA LYS D 379 -28.22 -24.48 -6.64
C LYS D 379 -29.59 -23.95 -6.17
N LEU D 380 -30.48 -24.86 -5.74
CA LEU D 380 -31.77 -24.50 -5.17
C LEU D 380 -31.63 -24.57 -3.63
N GLY D 381 -32.23 -23.62 -2.93
CA GLY D 381 -32.12 -23.57 -1.48
C GLY D 381 -33.42 -23.71 -0.70
N ASN D 382 -34.56 -23.78 -1.43
CA ASN D 382 -35.89 -23.89 -0.82
C ASN D 382 -35.96 -25.10 0.11
N THR D 383 -35.71 -24.87 1.40
CA THR D 383 -35.68 -25.88 2.47
C THR D 383 -36.97 -26.70 2.47
N GLU D 384 -38.09 -26.02 2.23
CA GLU D 384 -39.42 -26.58 2.17
C GLU D 384 -39.52 -27.61 1.05
N VAL D 385 -38.90 -27.32 -0.11
CA VAL D 385 -38.88 -28.15 -1.32
C VAL D 385 -38.04 -29.43 -1.10
N LYS D 386 -37.08 -29.43 -0.14
CA LYS D 386 -36.33 -30.65 0.21
C LYS D 386 -37.36 -31.69 0.71
N SER D 387 -38.18 -31.31 1.70
CA SER D 387 -39.21 -32.18 2.27
C SER D 387 -40.39 -32.43 1.31
N PHE D 388 -40.67 -31.46 0.39
CA PHE D 388 -41.77 -31.59 -0.57
C PHE D 388 -41.44 -32.64 -1.62
N VAL D 389 -40.22 -32.59 -2.19
CA VAL D 389 -39.78 -33.58 -3.16
C VAL D 389 -39.66 -34.91 -2.42
N GLN D 390 -38.98 -34.92 -1.25
CA GLN D 390 -38.83 -36.11 -0.39
C GLN D 390 -40.11 -36.92 -0.24
N LYS D 391 -41.22 -36.27 0.18
CA LYS D 391 -42.50 -36.94 0.39
C LYS D 391 -43.11 -37.47 -0.92
N VAL D 392 -43.19 -36.63 -1.97
CA VAL D 392 -43.76 -37.02 -3.28
C VAL D 392 -42.96 -38.17 -3.89
N CYS D 393 -41.62 -38.05 -3.82
CA CYS D 393 -40.65 -39.01 -4.31
C CYS D 393 -40.81 -40.34 -3.59
N ASN D 394 -40.87 -40.31 -2.23
CA ASN D 394 -41.03 -41.49 -1.36
C ASN D 394 -42.29 -42.33 -1.64
N GLU D 395 -43.48 -41.69 -1.64
CA GLU D 395 -44.74 -42.38 -1.90
C GLU D 395 -44.88 -42.90 -3.33
N GLN D 396 -44.51 -42.07 -4.31
CA GLN D 396 -44.61 -42.41 -5.72
C GLN D 396 -43.55 -43.41 -6.19
N LEU D 397 -42.33 -43.37 -5.61
CA LEU D 397 -41.26 -44.31 -5.97
C LEU D 397 -41.62 -45.71 -5.52
N THR D 398 -42.13 -45.84 -4.27
CA THR D 398 -42.61 -47.09 -3.67
C THR D 398 -43.71 -47.67 -4.56
N HIS D 399 -44.69 -46.81 -4.94
CA HIS D 399 -45.81 -47.15 -5.81
C HIS D 399 -45.38 -47.67 -7.19
N TRP D 400 -44.20 -47.24 -7.69
CA TRP D 400 -43.69 -47.72 -8.97
C TRP D 400 -43.07 -49.09 -8.77
N PHE D 401 -42.28 -49.24 -7.69
CA PHE D 401 -41.59 -50.47 -7.39
C PHE D 401 -42.53 -51.65 -7.34
N GLU D 402 -43.63 -51.54 -6.56
CA GLU D 402 -44.67 -52.55 -6.41
C GLU D 402 -45.33 -52.90 -7.77
N ALA D 403 -45.85 -51.87 -8.48
CA ALA D 403 -46.52 -51.96 -9.79
C ALA D 403 -45.67 -52.55 -10.91
N ASN D 404 -44.35 -52.33 -10.87
CA ASN D 404 -43.41 -52.86 -11.85
C ASN D 404 -42.42 -53.79 -11.11
N PRO D 405 -42.79 -55.06 -10.84
CA PRO D 405 -41.88 -55.95 -10.10
C PRO D 405 -40.71 -56.47 -10.90
N THR D 406 -40.88 -56.60 -12.23
CA THR D 406 -39.84 -57.06 -13.15
C THR D 406 -38.71 -56.03 -13.23
N ASP D 407 -39.07 -54.75 -13.49
CA ASP D 407 -38.11 -53.65 -13.59
C ASP D 407 -37.43 -53.37 -12.24
N ALA D 408 -38.20 -53.48 -11.14
CA ALA D 408 -37.80 -53.27 -9.75
C ALA D 408 -36.68 -54.22 -9.33
N LYS D 409 -36.83 -55.52 -9.68
CA LYS D 409 -35.88 -56.61 -9.41
C LYS D 409 -34.55 -56.31 -10.12
N VAL D 410 -34.64 -55.89 -11.39
CA VAL D 410 -33.52 -55.57 -12.27
C VAL D 410 -32.72 -54.36 -11.76
N VAL D 411 -33.40 -53.30 -11.27
CA VAL D 411 -32.74 -52.08 -10.78
C VAL D 411 -32.14 -52.25 -9.37
N VAL D 412 -32.77 -53.08 -8.50
CA VAL D 412 -32.27 -53.32 -7.14
C VAL D 412 -31.03 -54.21 -7.20
N ASN D 413 -31.04 -55.26 -8.06
CA ASN D 413 -29.91 -56.15 -8.30
C ASN D 413 -28.73 -55.33 -8.83
N LYS D 414 -29.04 -54.27 -9.60
CA LYS D 414 -28.10 -53.31 -10.18
C LYS D 414 -27.48 -52.50 -9.05
N ALA D 415 -28.29 -52.07 -8.07
CA ALA D 415 -27.81 -51.31 -6.92
C ALA D 415 -26.96 -52.18 -6.01
N VAL D 416 -27.29 -53.49 -5.90
CA VAL D 416 -26.57 -54.46 -5.08
C VAL D 416 -25.19 -54.75 -5.70
N SER D 417 -25.16 -55.16 -6.98
CA SER D 417 -23.94 -55.46 -7.72
C SER D 417 -22.99 -54.25 -7.79
N SER D 418 -23.56 -53.03 -7.88
CA SER D 418 -22.79 -51.77 -7.90
C SER D 418 -22.23 -51.46 -6.52
N ALA D 419 -22.92 -51.89 -5.45
CA ALA D 419 -22.47 -51.68 -4.07
C ALA D 419 -21.38 -52.69 -3.71
N GLN D 420 -21.58 -53.98 -4.09
CA GLN D 420 -20.65 -55.09 -3.83
C GLN D 420 -19.29 -54.79 -4.45
N ALA D 421 -19.31 -54.17 -5.65
CA ALA D 421 -18.13 -53.74 -6.42
C ALA D 421 -17.29 -52.69 -5.70
N ARG D 422 -17.94 -51.83 -4.86
CA ARG D 422 -17.27 -50.76 -4.11
C ARG D 422 -16.44 -51.35 -2.97
N ILE D 423 -17.07 -52.21 -2.14
CA ILE D 423 -16.46 -52.93 -1.00
C ILE D 423 -15.27 -53.77 -1.52
N ALA D 424 -15.50 -54.48 -2.64
CA ALA D 424 -14.53 -55.30 -3.34
C ALA D 424 -13.29 -54.47 -3.69
N ALA D 425 -13.49 -53.27 -4.29
CA ALA D 425 -12.42 -52.35 -4.64
C ALA D 425 -11.75 -51.74 -3.41
N ARG D 426 -12.54 -51.46 -2.34
CA ARG D 426 -12.09 -50.88 -1.07
C ARG D 426 -11.08 -51.79 -0.37
N LYS D 427 -11.21 -53.13 -0.57
CA LYS D 427 -10.33 -54.16 -0.01
C LYS D 427 -8.87 -54.02 -0.49
N ALA D 428 -8.64 -53.45 -1.69
CA ALA D 428 -7.31 -53.22 -2.26
C ALA D 428 -6.58 -52.08 -1.52
N TYR E 17 25.04 -3.68 -80.29
CA TYR E 17 24.11 -4.49 -79.50
C TYR E 17 24.47 -5.97 -79.54
N GLY E 18 25.09 -6.44 -78.45
CA GLY E 18 25.53 -7.82 -78.26
C GLY E 18 25.56 -8.28 -76.81
N ALA E 19 26.44 -9.24 -76.49
CA ALA E 19 26.58 -9.82 -75.15
C ALA E 19 27.03 -8.83 -74.06
N ALA E 20 27.86 -7.83 -74.43
CA ALA E 20 28.37 -6.80 -73.51
C ALA E 20 27.29 -5.79 -73.10
N SER E 21 26.19 -5.72 -73.90
CA SER E 21 25.06 -4.82 -73.69
C SER E 21 24.16 -5.30 -72.56
N ILE E 22 23.91 -6.61 -72.48
CA ILE E 22 23.04 -7.16 -71.45
C ILE E 22 23.75 -7.21 -70.11
N THR E 23 23.21 -6.47 -69.13
CA THR E 23 23.77 -6.40 -67.79
C THR E 23 22.80 -6.96 -66.76
N ILE E 24 23.33 -7.62 -65.75
CA ILE E 24 22.57 -8.21 -64.66
C ILE E 24 22.82 -7.43 -63.39
N LEU E 25 21.77 -6.81 -62.84
CA LEU E 25 21.87 -6.06 -61.59
C LEU E 25 21.78 -7.05 -60.44
N GLU E 26 22.87 -7.15 -59.67
CA GLU E 26 22.95 -8.10 -58.55
C GLU E 26 22.31 -7.62 -57.24
N GLY E 27 21.29 -8.34 -56.81
CA GLY E 27 20.57 -8.10 -55.57
C GLY E 27 19.91 -6.74 -55.47
N LEU E 28 20.31 -5.96 -54.44
CA LEU E 28 19.79 -4.62 -54.12
C LEU E 28 20.19 -3.49 -55.12
N GLU E 29 21.07 -3.79 -56.12
CA GLU E 29 21.49 -2.84 -57.17
C GLU E 29 20.26 -2.52 -58.03
N ALA E 30 19.37 -3.53 -58.20
CA ALA E 30 18.11 -3.46 -58.95
C ALA E 30 17.14 -2.47 -58.32
N VAL E 31 17.19 -2.36 -56.99
CA VAL E 31 16.35 -1.46 -56.19
C VAL E 31 16.86 -0.04 -56.37
N ARG E 32 18.18 0.17 -56.19
CA ARG E 32 18.79 1.48 -56.27
C ARG E 32 18.78 2.02 -57.69
N LYS E 33 18.96 1.14 -58.71
CA LYS E 33 18.97 1.54 -60.13
C LYS E 33 17.55 1.82 -60.64
N ARG E 34 16.58 0.98 -60.25
CA ARG E 34 15.16 1.09 -60.64
C ARG E 34 14.28 1.18 -59.38
N PRO E 35 14.31 2.34 -58.66
CA PRO E 35 13.55 2.45 -57.39
C PRO E 35 12.02 2.50 -57.53
N GLY E 36 11.52 3.07 -58.63
CA GLY E 36 10.10 3.18 -58.92
C GLY E 36 9.39 1.85 -59.08
N MET E 37 10.15 0.79 -59.41
CA MET E 37 9.61 -0.56 -59.56
C MET E 37 9.16 -1.06 -58.18
N TYR E 38 9.76 -0.48 -57.11
CA TYR E 38 9.51 -0.87 -55.73
C TYR E 38 8.75 0.18 -54.93
N ILE E 39 9.12 1.47 -55.02
CA ILE E 39 8.52 2.58 -54.25
C ILE E 39 7.63 3.51 -55.10
N GLY E 40 7.63 3.33 -56.41
CA GLY E 40 6.82 4.15 -57.31
C GLY E 40 7.56 5.28 -58.00
N SER E 41 8.11 6.21 -57.18
CA SER E 41 8.84 7.41 -57.60
C SER E 41 9.81 7.79 -56.50
N THR E 42 10.79 8.65 -56.80
CA THR E 42 11.73 9.11 -55.77
C THR E 42 11.18 10.30 -54.99
N GLY E 43 10.01 10.80 -55.40
CA GLY E 43 9.35 11.92 -54.73
C GLY E 43 8.81 11.62 -53.32
N GLU E 44 7.94 12.53 -52.83
CA GLU E 44 7.30 12.42 -51.51
C GLU E 44 6.56 11.09 -51.37
N ARG E 45 5.89 10.65 -52.46
CA ARG E 45 5.13 9.40 -52.53
C ARG E 45 5.98 8.15 -52.22
N GLY E 46 7.23 8.13 -52.65
CA GLY E 46 8.13 7.01 -52.44
C GLY E 46 8.94 7.09 -51.17
N LEU E 47 9.24 8.31 -50.72
CA LEU E 47 10.00 8.54 -49.49
C LEU E 47 9.15 8.10 -48.30
N HIS E 48 7.86 8.45 -48.35
CA HIS E 48 6.88 8.06 -47.35
C HIS E 48 6.63 6.57 -47.43
N HIS E 49 6.85 5.99 -48.63
CA HIS E 49 6.70 4.55 -48.83
C HIS E 49 7.64 3.74 -47.94
N LEU E 50 8.90 4.19 -47.76
CA LEU E 50 9.87 3.53 -46.88
C LEU E 50 9.22 3.32 -45.49
N ILE E 51 8.52 4.38 -44.98
CA ILE E 51 7.80 4.36 -43.71
C ILE E 51 6.73 3.29 -43.80
N TRP E 52 5.85 3.36 -44.83
CA TRP E 52 4.78 2.38 -44.94
C TRP E 52 5.31 0.98 -44.93
N GLU E 53 6.47 0.72 -45.57
CA GLU E 53 7.06 -0.61 -45.61
C GLU E 53 7.45 -1.13 -44.23
N VAL E 54 8.05 -0.25 -43.40
CA VAL E 54 8.50 -0.60 -42.04
C VAL E 54 7.31 -0.70 -41.05
N VAL E 55 6.35 0.23 -41.14
CA VAL E 55 5.15 0.26 -40.30
C VAL E 55 4.21 -0.88 -40.67
N ASP E 56 4.20 -1.32 -41.96
CA ASP E 56 3.38 -2.44 -42.44
C ASP E 56 3.85 -3.71 -41.77
N ASN E 57 5.19 -3.87 -41.64
CA ASN E 57 5.87 -5.00 -41.01
C ASN E 57 5.44 -5.09 -39.56
N ALA E 58 5.43 -3.96 -38.86
CA ALA E 58 5.00 -3.83 -37.47
C ALA E 58 3.48 -4.15 -37.32
N VAL E 59 2.65 -3.59 -38.23
CA VAL E 59 1.20 -3.81 -38.22
C VAL E 59 0.90 -5.29 -38.57
N ASP E 60 1.74 -5.95 -39.38
CA ASP E 60 1.55 -7.37 -39.69
C ASP E 60 1.74 -8.22 -38.42
N GLU E 61 2.60 -7.77 -37.47
CA GLU E 61 2.80 -8.42 -36.17
C GLU E 61 1.57 -8.22 -35.29
N ALA E 62 0.94 -7.04 -35.41
CA ALA E 62 -0.26 -6.64 -34.69
C ALA E 62 -1.50 -7.37 -35.22
N MET E 63 -1.59 -7.54 -36.57
CA MET E 63 -2.67 -8.29 -37.23
C MET E 63 -2.56 -9.77 -36.81
N ALA E 64 -1.31 -10.27 -36.61
CA ALA E 64 -0.98 -11.62 -36.18
C ALA E 64 -1.37 -11.81 -34.70
N GLY E 65 -1.49 -10.68 -33.98
CA GLY E 65 -1.88 -10.62 -32.57
C GLY E 65 -0.72 -10.71 -31.62
N TYR E 66 0.46 -10.20 -32.02
CA TYR E 66 1.69 -10.22 -31.24
C TYR E 66 2.13 -8.85 -30.80
N ALA E 67 1.86 -7.87 -31.66
CA ALA E 67 2.12 -6.46 -31.39
C ALA E 67 0.80 -5.82 -31.01
N THR E 68 0.89 -4.83 -30.14
CA THR E 68 -0.26 -4.10 -29.61
C THR E 68 -0.05 -2.63 -29.87
N THR E 69 1.23 -2.23 -29.93
CA THR E 69 1.62 -0.85 -30.04
C THR E 69 2.73 -0.67 -31.05
N VAL E 70 2.53 0.26 -31.99
CA VAL E 70 3.54 0.62 -32.98
C VAL E 70 3.87 2.06 -32.67
N ASN E 71 5.16 2.35 -32.45
CA ASN E 71 5.63 3.69 -32.13
C ASN E 71 6.45 4.16 -33.31
N VAL E 72 6.03 5.28 -33.91
CA VAL E 72 6.74 5.87 -35.04
C VAL E 72 7.31 7.19 -34.58
N VAL E 73 8.58 7.39 -34.89
CA VAL E 73 9.31 8.58 -34.52
C VAL E 73 9.95 9.17 -35.79
N LEU E 74 9.70 10.45 -36.06
CA LEU E 74 10.31 11.21 -37.15
C LEU E 74 11.42 11.98 -36.43
N LEU E 75 12.63 11.41 -36.47
CA LEU E 75 13.81 11.90 -35.77
C LEU E 75 14.30 13.22 -36.36
N GLU E 76 14.95 14.05 -35.50
CA GLU E 76 15.54 15.35 -35.83
C GLU E 76 16.51 15.33 -37.04
N ASP E 77 17.38 14.29 -37.12
CA ASP E 77 18.36 14.13 -38.20
C ASP E 77 17.80 13.62 -39.54
N GLY E 78 16.48 13.53 -39.66
CA GLY E 78 15.82 13.04 -40.86
C GLY E 78 15.43 11.57 -40.83
N GLY E 79 16.01 10.81 -39.89
CA GLY E 79 15.74 9.40 -39.72
C GLY E 79 14.35 9.07 -39.21
N VAL E 80 13.97 7.78 -39.28
CA VAL E 80 12.67 7.30 -38.83
C VAL E 80 12.78 6.02 -38.02
N GLU E 81 12.42 6.10 -36.73
CA GLU E 81 12.37 4.99 -35.77
C GLU E 81 10.97 4.35 -35.82
N VAL E 82 10.91 3.05 -36.10
CA VAL E 82 9.64 2.34 -36.11
C VAL E 82 9.70 1.13 -35.18
N ALA E 83 9.34 1.39 -33.91
CA ALA E 83 9.33 0.42 -32.84
C ALA E 83 8.00 -0.31 -32.69
N ASP E 84 8.07 -1.60 -32.43
CA ASP E 84 6.89 -2.42 -32.18
C ASP E 84 7.21 -3.42 -31.09
N ASP E 85 6.16 -3.86 -30.39
CA ASP E 85 6.20 -4.84 -29.29
C ASP E 85 5.93 -6.30 -29.74
N GLY E 86 5.99 -6.56 -31.05
CA GLY E 86 5.79 -7.87 -31.68
C GLY E 86 6.82 -8.93 -31.30
N ARG E 87 6.93 -9.97 -32.13
CA ARG E 87 7.84 -11.10 -31.88
C ARG E 87 9.33 -10.78 -32.03
N GLY E 88 9.64 -9.78 -32.85
CA GLY E 88 11.00 -9.35 -33.17
C GLY E 88 11.49 -10.12 -34.38
N ILE E 89 12.20 -9.44 -35.34
CA ILE E 89 12.76 -10.08 -36.55
C ILE E 89 13.69 -11.25 -36.13
N PRO E 90 13.45 -12.48 -36.64
CA PRO E 90 14.34 -13.61 -36.30
C PRO E 90 15.81 -13.24 -36.45
N VAL E 91 16.56 -13.40 -35.37
CA VAL E 91 17.95 -12.95 -35.27
C VAL E 91 18.99 -14.11 -35.36
N ALA E 92 18.50 -15.37 -35.23
CA ALA E 92 19.27 -16.61 -35.28
C ALA E 92 19.89 -16.86 -36.68
N THR E 93 20.87 -17.79 -36.74
CA THR E 93 21.50 -18.11 -38.02
C THR E 93 20.49 -18.81 -38.89
N HIS E 94 20.33 -18.28 -40.11
CA HIS E 94 19.44 -18.78 -41.14
C HIS E 94 20.13 -19.93 -41.89
N ALA E 95 19.32 -20.70 -42.65
CA ALA E 95 19.77 -21.82 -43.48
C ALA E 95 20.84 -21.40 -44.50
N SER E 96 20.80 -20.12 -44.99
CA SER E 96 21.77 -19.61 -45.95
C SER E 96 23.16 -19.37 -45.32
N GLY E 97 23.26 -19.52 -44.00
CA GLY E 97 24.50 -19.41 -43.26
C GLY E 97 24.74 -18.12 -42.50
N ILE E 98 24.02 -17.05 -42.86
CA ILE E 98 24.16 -15.73 -42.23
C ILE E 98 23.02 -15.44 -41.23
N PRO E 99 23.10 -14.38 -40.36
CA PRO E 99 21.99 -14.10 -39.42
C PRO E 99 20.73 -13.73 -40.17
N THR E 100 19.58 -14.31 -39.77
CA THR E 100 18.29 -14.07 -40.43
C THR E 100 17.98 -12.57 -40.63
N VAL E 101 18.26 -11.73 -39.62
CA VAL E 101 18.05 -10.27 -39.74
C VAL E 101 18.79 -9.72 -40.96
N ASP E 102 19.97 -10.28 -41.28
CA ASP E 102 20.71 -9.83 -42.45
C ASP E 102 20.01 -10.31 -43.72
N VAL E 103 19.55 -11.58 -43.74
CA VAL E 103 18.83 -12.18 -44.90
C VAL E 103 17.62 -11.32 -45.22
N VAL E 104 16.81 -11.04 -44.20
CA VAL E 104 15.58 -10.23 -44.20
C VAL E 104 15.81 -8.81 -44.77
N MET E 105 16.95 -8.22 -44.44
CA MET E 105 17.32 -6.86 -44.73
C MET E 105 18.11 -6.62 -46.02
N THR E 106 18.93 -7.58 -46.40
CA THR E 106 19.84 -7.43 -47.52
C THR E 106 19.37 -8.14 -48.77
N GLN E 107 18.38 -9.03 -48.63
CA GLN E 107 17.91 -9.85 -49.74
C GLN E 107 16.49 -9.60 -50.13
N LEU E 108 16.22 -9.65 -51.47
CA LEU E 108 14.89 -9.50 -52.09
C LEU E 108 14.23 -10.86 -52.16
N HIS E 109 12.88 -10.86 -52.07
CA HIS E 109 12.04 -12.06 -52.02
C HIS E 109 12.46 -12.94 -50.86
N ALA E 110 12.87 -12.27 -49.77
CA ALA E 110 13.31 -12.86 -48.52
C ALA E 110 12.30 -12.42 -47.46
N GLY E 111 11.66 -13.38 -46.80
CA GLY E 111 10.69 -13.08 -45.76
C GLY E 111 9.81 -14.23 -45.34
N GLY E 112 9.21 -14.07 -44.16
CA GLY E 112 8.33 -15.05 -43.57
C GLY E 112 6.89 -15.01 -44.03
N LYS E 113 6.58 -14.23 -45.09
CA LYS E 113 5.19 -14.10 -45.56
C LYS E 113 4.92 -14.81 -46.90
N PHE E 114 5.61 -15.95 -47.15
CA PHE E 114 5.38 -16.75 -48.36
C PHE E 114 4.50 -17.96 -48.05
N ASP E 115 3.78 -17.89 -46.92
CA ASP E 115 2.81 -18.85 -46.42
C ASP E 115 2.00 -18.20 -45.28
N SER E 116 1.07 -18.94 -44.66
CA SER E 116 0.31 -18.33 -43.58
C SER E 116 0.75 -18.84 -42.21
N ASP E 117 1.87 -19.59 -42.20
CA ASP E 117 2.48 -20.18 -41.01
C ASP E 117 2.98 -19.15 -39.97
N ALA E 118 3.63 -18.05 -40.43
CA ALA E 118 4.16 -17.00 -39.53
C ALA E 118 3.13 -15.90 -39.27
N TYR E 119 2.45 -15.44 -40.34
CA TYR E 119 1.41 -14.40 -40.29
C TYR E 119 0.18 -14.98 -40.96
N ALA E 120 -1.01 -14.76 -40.41
CA ALA E 120 -2.24 -15.30 -40.99
C ALA E 120 -2.79 -14.33 -42.03
N ILE E 121 -2.98 -13.07 -41.65
CA ILE E 121 -3.44 -12.00 -42.52
C ILE E 121 -2.34 -10.93 -42.44
N SER E 122 -1.73 -10.65 -43.60
CA SER E 122 -0.64 -9.69 -43.70
C SER E 122 -0.61 -8.94 -45.02
N GLY E 123 -0.35 -7.65 -44.90
CA GLY E 123 -0.14 -6.75 -46.02
C GLY E 123 1.12 -7.13 -46.76
N GLY E 124 2.17 -7.48 -45.99
CA GLY E 124 3.44 -7.96 -46.53
C GLY E 124 3.26 -9.30 -47.22
N LEU E 125 3.90 -9.49 -48.38
CA LEU E 125 3.78 -10.73 -49.17
C LEU E 125 4.92 -11.04 -50.13
N HIS E 126 5.64 -10.01 -50.56
CA HIS E 126 6.71 -10.13 -51.56
C HIS E 126 8.10 -10.33 -50.96
N GLY E 127 8.24 -10.06 -49.65
CA GLY E 127 9.50 -10.19 -48.93
C GLY E 127 10.57 -9.30 -49.53
N VAL E 128 10.19 -8.05 -49.80
CA VAL E 128 11.00 -7.07 -50.50
C VAL E 128 11.05 -5.74 -49.71
N GLY E 129 9.93 -5.37 -49.10
CA GLY E 129 9.72 -4.15 -48.34
C GLY E 129 10.88 -3.57 -47.56
N VAL E 130 11.39 -4.30 -46.57
CA VAL E 130 12.43 -3.75 -45.72
C VAL E 130 13.84 -3.80 -46.40
N SER E 131 14.08 -4.78 -47.28
CA SER E 131 15.33 -4.85 -48.02
C SER E 131 15.39 -3.69 -49.00
N VAL E 132 14.22 -3.19 -49.43
CA VAL E 132 14.10 -2.02 -50.27
C VAL E 132 14.47 -0.84 -49.41
N VAL E 133 13.82 -0.68 -48.24
CA VAL E 133 14.11 0.40 -47.29
C VAL E 133 15.62 0.48 -47.09
N ASN E 134 16.27 -0.65 -46.74
CA ASN E 134 17.70 -0.79 -46.55
C ASN E 134 18.49 -0.28 -47.76
N ALA E 135 18.20 -0.82 -48.97
CA ALA E 135 18.84 -0.45 -50.25
C ALA E 135 18.72 1.04 -50.55
N LEU E 136 17.54 1.62 -50.32
CA LEU E 136 17.27 3.03 -50.54
C LEU E 136 17.62 3.91 -49.32
N SER E 137 18.27 3.34 -48.28
CA SER E 137 18.73 4.05 -47.08
C SER E 137 20.27 4.10 -46.96
N THR E 138 20.79 5.28 -46.56
CA THR E 138 22.21 5.54 -46.30
C THR E 138 22.68 4.65 -45.15
N ARG E 139 21.81 4.53 -44.12
CA ARG E 139 22.00 3.76 -42.89
C ARG E 139 20.67 3.18 -42.42
N LEU E 140 20.72 1.97 -41.91
CA LEU E 140 19.59 1.32 -41.30
C LEU E 140 20.05 0.72 -39.95
N GLU E 141 19.38 1.12 -38.87
CA GLU E 141 19.68 0.68 -37.51
C GLU E 141 18.57 -0.24 -37.04
N VAL E 142 18.93 -1.43 -36.50
CA VAL E 142 17.94 -2.37 -35.98
C VAL E 142 18.24 -2.73 -34.52
N GLU E 143 17.16 -2.82 -33.71
CA GLU E 143 17.17 -3.22 -32.31
C GLU E 143 16.07 -4.24 -32.16
N ILE E 144 16.43 -5.51 -31.89
CA ILE E 144 15.46 -6.59 -31.76
C ILE E 144 15.51 -7.18 -30.36
N LYS E 145 14.34 -7.35 -29.74
CA LYS E 145 14.22 -7.96 -28.42
C LYS E 145 13.47 -9.27 -28.63
N ARG E 146 14.22 -10.37 -28.50
CA ARG E 146 13.80 -11.77 -28.61
C ARG E 146 14.98 -12.67 -28.18
N ASP E 147 14.71 -14.01 -28.04
CA ASP E 147 15.68 -15.03 -27.61
C ASP E 147 16.27 -14.75 -26.23
N GLY E 148 15.63 -13.81 -25.52
CA GLY E 148 16.00 -13.36 -24.19
C GLY E 148 17.11 -12.33 -24.13
N TYR E 149 17.33 -11.60 -25.23
CA TYR E 149 18.40 -10.60 -25.35
C TYR E 149 17.99 -9.44 -26.29
N GLU E 150 18.68 -8.30 -26.16
CA GLU E 150 18.56 -7.11 -27.00
C GLU E 150 19.52 -7.41 -28.16
N TRP E 151 19.20 -6.99 -29.39
CA TRP E 151 20.01 -7.32 -30.56
C TRP E 151 20.30 -6.12 -31.43
N SER E 152 21.55 -5.71 -31.49
CA SER E 152 21.91 -4.55 -32.30
C SER E 152 22.47 -4.93 -33.65
N GLN E 153 22.17 -4.12 -34.65
CA GLN E 153 22.69 -4.30 -35.99
C GLN E 153 22.66 -2.97 -36.70
N VAL E 154 23.76 -2.67 -37.43
CA VAL E 154 23.92 -1.47 -38.25
C VAL E 154 24.18 -1.86 -39.70
N TYR E 155 23.38 -1.30 -40.60
CA TYR E 155 23.57 -1.48 -42.04
C TYR E 155 24.05 -0.16 -42.57
N GLU E 156 25.35 -0.11 -42.87
CA GLU E 156 25.97 1.07 -43.44
C GLU E 156 25.90 0.82 -44.91
N LYS E 157 25.19 1.69 -45.64
CA LYS E 157 25.00 1.57 -47.10
C LYS E 157 24.58 0.14 -47.48
N SER E 158 23.57 -0.41 -46.73
CA SER E 158 22.98 -1.76 -46.86
C SER E 158 23.87 -2.91 -46.35
N GLU E 159 25.18 -2.65 -46.09
CA GLU E 159 26.11 -3.70 -45.64
C GLU E 159 26.12 -3.89 -44.10
N PRO E 160 25.73 -5.10 -43.61
CA PRO E 160 25.71 -5.32 -42.14
C PRO E 160 27.08 -5.26 -41.48
N LEU E 161 27.21 -4.40 -40.47
CA LEU E 161 28.47 -4.23 -39.78
C LEU E 161 28.78 -5.38 -38.84
N GLY E 162 27.73 -5.88 -38.18
CA GLY E 162 27.84 -6.99 -37.25
C GLY E 162 26.73 -7.03 -36.23
N LEU E 163 26.13 -8.22 -36.06
CA LEU E 163 25.04 -8.44 -35.12
C LEU E 163 25.62 -8.47 -33.71
N LYS E 164 25.16 -7.53 -32.88
CA LYS E 164 25.55 -7.37 -31.50
C LYS E 164 24.46 -7.95 -30.63
N GLN E 165 24.84 -8.66 -29.58
CA GLN E 165 23.93 -9.27 -28.62
C GLN E 165 24.03 -8.43 -27.35
N GLY E 166 23.07 -7.55 -27.14
CA GLY E 166 23.02 -6.67 -25.97
C GLY E 166 22.64 -7.30 -24.64
N ALA E 167 21.85 -6.54 -23.86
CA ALA E 167 21.42 -6.93 -22.53
C ALA E 167 20.29 -7.94 -22.56
N PRO E 168 20.06 -8.76 -21.50
CA PRO E 168 18.95 -9.72 -21.55
C PRO E 168 17.60 -9.03 -21.39
N THR E 169 16.55 -9.65 -21.93
CA THR E 169 15.20 -9.12 -21.88
C THR E 169 14.16 -10.20 -22.13
N LYS E 170 13.15 -10.29 -21.26
CA LYS E 170 12.02 -11.22 -21.43
C LYS E 170 11.06 -10.53 -22.41
N LYS E 171 11.26 -9.21 -22.63
CA LYS E 171 10.50 -8.39 -23.57
C LYS E 171 10.84 -8.83 -25.00
N THR E 172 9.91 -8.56 -25.94
CA THR E 172 10.07 -8.86 -27.38
C THR E 172 9.59 -7.66 -28.20
N GLY E 173 10.06 -7.59 -29.43
CA GLY E 173 9.67 -6.55 -30.35
C GLY E 173 10.84 -6.10 -31.19
N SER E 174 10.56 -5.25 -32.18
CA SER E 174 11.62 -4.76 -33.04
C SER E 174 11.46 -3.27 -33.35
N THR E 175 12.59 -2.60 -33.48
CA THR E 175 12.71 -1.17 -33.73
C THR E 175 13.61 -1.01 -34.94
N VAL E 176 13.20 -0.20 -35.88
CA VAL E 176 14.01 -0.02 -37.08
C VAL E 176 14.15 1.47 -37.33
N ARG E 177 15.38 1.99 -37.29
CA ARG E 177 15.63 3.37 -37.66
C ARG E 177 16.26 3.30 -39.01
N PHE E 178 15.95 4.24 -39.89
CA PHE E 178 16.53 4.25 -41.22
C PHE E 178 16.69 5.69 -41.67
N TRP E 179 17.71 5.92 -42.50
CA TRP E 179 18.03 7.24 -43.05
C TRP E 179 18.04 7.16 -44.55
N ALA E 180 16.96 7.65 -45.17
CA ALA E 180 16.77 7.67 -46.62
C ALA E 180 17.92 8.41 -47.30
N ASP E 181 18.39 7.86 -48.44
CA ASP E 181 19.49 8.44 -49.22
C ASP E 181 19.01 9.68 -50.00
N PRO E 182 19.50 10.92 -49.70
CA PRO E 182 19.05 12.10 -50.46
C PRO E 182 19.59 12.09 -51.90
N ALA E 183 20.50 11.14 -52.18
CA ALA E 183 21.06 10.85 -53.49
C ALA E 183 19.96 10.21 -54.32
N VAL E 184 19.07 9.46 -53.64
CA VAL E 184 17.94 8.74 -54.25
C VAL E 184 16.73 9.66 -54.35
N PHE E 185 16.21 10.10 -53.20
CA PHE E 185 15.02 10.91 -53.09
C PHE E 185 15.29 12.40 -53.26
N GLU E 186 14.37 13.08 -53.97
CA GLU E 186 14.38 14.53 -54.24
C GLU E 186 14.39 15.26 -52.90
N THR E 187 13.38 15.02 -52.05
CA THR E 187 13.29 15.56 -50.69
C THR E 187 13.46 14.42 -49.69
N THR E 188 13.89 14.72 -48.44
CA THR E 188 14.03 13.66 -47.42
C THR E 188 13.16 14.06 -46.20
N GLU E 189 12.65 15.31 -46.16
CA GLU E 189 11.76 15.69 -45.08
C GLU E 189 10.39 15.04 -45.30
N TYR E 190 9.89 14.41 -44.25
CA TYR E 190 8.62 13.72 -44.25
C TYR E 190 7.52 14.65 -43.86
N ASP E 191 6.37 14.54 -44.48
CA ASP E 191 5.21 15.34 -44.15
C ASP E 191 4.51 14.65 -42.99
N PHE E 192 4.48 15.31 -41.80
CA PHE E 192 3.86 14.73 -40.60
C PHE E 192 2.41 14.36 -40.82
N GLU E 193 1.58 15.31 -41.30
CA GLU E 193 0.14 15.09 -41.54
C GLU E 193 -0.11 13.91 -42.47
N THR E 194 0.78 13.69 -43.46
CA THR E 194 0.72 12.54 -44.37
C THR E 194 0.90 11.28 -43.55
N VAL E 195 2.01 11.20 -42.76
CA VAL E 195 2.33 10.07 -41.89
C VAL E 195 1.18 9.78 -40.93
N ALA E 196 0.69 10.83 -40.27
CA ALA E 196 -0.43 10.75 -39.33
C ALA E 196 -1.71 10.17 -39.95
N ARG E 197 -2.16 10.69 -41.13
CA ARG E 197 -3.37 10.23 -41.84
C ARG E 197 -3.36 8.73 -42.12
N ARG E 198 -2.18 8.19 -42.46
CA ARG E 198 -1.99 6.77 -42.73
C ARG E 198 -2.01 5.94 -41.44
N LEU E 199 -1.23 6.35 -40.43
CA LEU E 199 -1.18 5.62 -39.15
C LEU E 199 -2.51 5.66 -38.48
N GLN E 200 -3.26 6.76 -38.70
CA GLN E 200 -4.60 6.94 -38.15
C GLN E 200 -5.50 5.93 -38.84
N GLU E 201 -5.43 5.85 -40.19
CA GLU E 201 -6.27 4.91 -40.91
C GLU E 201 -5.86 3.45 -40.59
N MET E 202 -4.56 3.17 -40.36
CA MET E 202 -4.05 1.86 -39.91
C MET E 202 -4.64 1.47 -38.55
N ALA E 203 -4.88 2.48 -37.68
CA ALA E 203 -5.44 2.26 -36.35
C ALA E 203 -6.91 1.92 -36.38
N PHE E 204 -7.65 2.32 -37.42
CA PHE E 204 -9.08 1.97 -37.45
C PHE E 204 -9.27 0.55 -37.94
N LEU E 205 -8.39 0.12 -38.83
CA LEU E 205 -8.42 -1.21 -39.44
C LEU E 205 -8.03 -2.31 -38.45
N ASN E 206 -7.45 -1.92 -37.28
CA ASN E 206 -6.99 -2.84 -36.25
C ASN E 206 -7.41 -2.37 -34.85
N LYS E 207 -8.65 -2.68 -34.44
CA LYS E 207 -9.31 -2.30 -33.19
C LYS E 207 -8.38 -2.23 -31.95
N GLY E 208 -7.65 -3.33 -31.71
CA GLY E 208 -6.74 -3.45 -30.56
C GLY E 208 -5.52 -2.57 -30.62
N LEU E 209 -5.04 -2.31 -31.85
CA LEU E 209 -3.84 -1.55 -32.16
C LEU E 209 -3.87 -0.08 -31.71
N THR E 210 -2.78 0.34 -31.05
CA THR E 210 -2.46 1.68 -30.57
C THR E 210 -1.22 2.15 -31.36
N ILE E 211 -1.32 3.30 -32.05
CA ILE E 211 -0.17 3.82 -32.79
C ILE E 211 0.20 5.15 -32.22
N ASN E 212 1.48 5.35 -32.00
CA ASN E 212 2.01 6.60 -31.47
C ASN E 212 2.91 7.22 -32.51
N LEU E 213 2.71 8.50 -32.78
CA LEU E 213 3.57 9.23 -33.70
C LEU E 213 4.14 10.41 -32.93
N THR E 214 5.41 10.72 -33.17
CA THR E 214 6.13 11.80 -32.51
C THR E 214 7.11 12.43 -33.49
N ASP E 215 7.15 13.78 -33.49
CA ASP E 215 8.00 14.61 -34.34
C ASP E 215 9.06 15.38 -33.54
N GLU E 216 10.26 14.79 -33.47
CA GLU E 216 11.45 15.28 -32.78
C GLU E 216 12.14 16.39 -33.58
N ARG E 217 11.79 16.53 -34.88
CA ARG E 217 12.37 17.51 -35.81
C ARG E 217 12.22 18.98 -35.39
N VAL E 218 13.14 19.85 -35.91
CA VAL E 218 13.18 21.28 -35.61
C VAL E 218 11.97 22.02 -36.18
N THR E 219 10.97 22.25 -35.31
CA THR E 219 9.73 22.95 -35.63
C THR E 219 9.88 24.37 -35.09
N GLN E 220 10.23 25.31 -36.00
CA GLN E 220 10.47 26.74 -35.73
C GLN E 220 9.22 27.44 -35.19
N PRO E 248 9.19 23.21 -19.19
CA PRO E 248 8.56 22.10 -19.90
C PRO E 248 8.47 22.36 -21.39
N HIS E 249 8.68 21.32 -22.21
CA HIS E 249 8.60 21.42 -23.67
C HIS E 249 8.09 20.13 -24.30
N LYS E 250 6.87 20.19 -24.88
CA LYS E 250 6.23 19.05 -25.50
C LYS E 250 6.57 18.85 -26.99
N VAL E 251 7.14 17.68 -27.30
CA VAL E 251 7.47 17.25 -28.65
C VAL E 251 6.12 16.94 -29.32
N LYS E 252 5.87 17.46 -30.56
CA LYS E 252 4.61 17.24 -31.29
C LYS E 252 4.32 15.75 -31.43
N SER E 253 3.22 15.32 -30.83
CA SER E 253 2.85 13.92 -30.81
C SER E 253 1.37 13.69 -31.09
N ARG E 254 1.05 12.44 -31.46
CA ARG E 254 -0.29 11.95 -31.74
C ARG E 254 -0.41 10.52 -31.30
N THR E 255 -1.60 10.12 -30.80
CA THR E 255 -1.92 8.74 -30.43
C THR E 255 -3.22 8.34 -31.12
N PHE E 256 -3.19 7.17 -31.75
CA PHE E 256 -4.31 6.59 -32.47
C PHE E 256 -4.71 5.25 -31.88
N HIS E 257 -5.85 5.24 -31.15
CA HIS E 257 -6.44 4.04 -30.59
C HIS E 257 -7.95 4.18 -30.74
N TYR E 258 -8.48 3.58 -31.82
CA TYR E 258 -9.90 3.64 -32.18
C TYR E 258 -10.61 2.30 -31.99
N PRO E 259 -11.22 2.08 -30.80
CA PRO E 259 -11.93 0.81 -30.57
C PRO E 259 -13.28 0.71 -31.28
N GLY E 260 -13.66 1.77 -31.99
CA GLY E 260 -14.90 1.83 -32.75
C GLY E 260 -14.76 1.24 -34.14
N GLY E 261 -13.51 0.96 -34.53
CA GLY E 261 -13.15 0.39 -35.81
C GLY E 261 -13.45 1.32 -36.96
N LEU E 262 -14.07 0.75 -38.01
CA LEU E 262 -14.45 1.47 -39.22
C LEU E 262 -15.59 2.48 -39.02
N VAL E 263 -16.40 2.31 -37.96
CA VAL E 263 -17.50 3.23 -37.62
C VAL E 263 -16.87 4.56 -37.18
N ASP E 264 -15.78 4.48 -36.39
CA ASP E 264 -15.02 5.63 -35.94
C ASP E 264 -14.29 6.27 -37.14
N PHE E 265 -13.92 5.44 -38.15
CA PHE E 265 -13.27 5.89 -39.39
C PHE E 265 -14.23 6.79 -40.15
N VAL E 266 -15.49 6.35 -40.32
CA VAL E 266 -16.55 7.09 -41.03
C VAL E 266 -16.89 8.39 -40.29
N LYS E 267 -16.90 8.35 -38.94
CA LYS E 267 -17.13 9.52 -38.08
C LYS E 267 -16.04 10.57 -38.34
N HIS E 268 -14.78 10.11 -38.49
CA HIS E 268 -13.61 10.94 -38.78
C HIS E 268 -13.73 11.63 -40.15
N ILE E 269 -14.18 10.89 -41.17
CA ILE E 269 -14.37 11.40 -42.52
C ILE E 269 -15.49 12.47 -42.52
N ASN E 270 -16.62 12.18 -41.82
CA ASN E 270 -17.81 13.04 -41.74
C ASN E 270 -17.77 14.11 -40.66
N ARG E 271 -16.58 14.55 -40.21
CA ARG E 271 -16.48 15.58 -39.18
C ARG E 271 -16.74 16.99 -39.77
N THR E 272 -15.99 17.36 -40.82
CA THR E 272 -16.10 18.65 -41.52
C THR E 272 -17.42 18.74 -42.31
N LYS E 273 -17.91 17.57 -42.78
CA LYS E 273 -19.15 17.42 -43.53
C LYS E 273 -20.33 17.22 -42.57
N ASN E 274 -21.56 17.31 -43.10
CA ASN E 274 -22.78 17.11 -42.31
C ASN E 274 -23.54 15.91 -42.90
N ALA E 275 -23.64 14.82 -42.10
CA ALA E 275 -24.29 13.56 -42.46
C ALA E 275 -25.78 13.73 -42.66
N ILE E 276 -26.27 13.38 -43.88
CA ILE E 276 -27.70 13.45 -44.23
C ILE E 276 -28.55 12.47 -43.42
N HIS E 277 -27.94 11.36 -42.99
CA HIS E 277 -28.57 10.33 -42.17
C HIS E 277 -27.73 10.04 -40.94
N SER E 278 -28.41 9.92 -39.80
CA SER E 278 -27.84 9.69 -38.47
C SER E 278 -27.18 8.31 -38.33
N SER E 279 -27.80 7.27 -38.94
CA SER E 279 -27.35 5.88 -38.85
C SER E 279 -26.09 5.60 -39.61
N ILE E 280 -25.25 4.69 -39.07
CA ILE E 280 -24.05 4.25 -39.78
C ILE E 280 -24.30 2.80 -40.20
N VAL E 281 -24.18 2.57 -41.52
CA VAL E 281 -24.34 1.28 -42.16
C VAL E 281 -23.04 0.52 -41.89
N ASP E 282 -23.01 -0.28 -40.84
CA ASP E 282 -21.82 -1.05 -40.53
C ASP E 282 -22.10 -2.54 -40.53
N PHE E 283 -21.69 -3.19 -41.61
CA PHE E 283 -21.85 -4.61 -41.77
C PHE E 283 -20.53 -5.33 -42.06
N SER E 284 -20.56 -6.65 -42.01
CA SER E 284 -19.41 -7.50 -42.25
C SER E 284 -19.83 -8.78 -42.95
N GLY E 285 -18.84 -9.55 -43.37
CA GLY E 285 -18.99 -10.83 -44.06
C GLY E 285 -17.70 -11.59 -44.04
N LYS E 286 -17.76 -12.91 -44.14
CA LYS E 286 -16.58 -13.76 -44.20
C LYS E 286 -16.82 -14.97 -45.08
N GLY E 287 -15.92 -15.16 -46.02
CA GLY E 287 -15.95 -16.25 -46.97
C GLY E 287 -14.89 -17.25 -46.58
N THR E 288 -14.32 -17.95 -47.57
CA THR E 288 -13.30 -18.97 -47.31
C THR E 288 -11.99 -18.32 -46.83
N GLY E 289 -11.17 -17.82 -47.75
CA GLY E 289 -9.91 -17.18 -47.38
C GLY E 289 -10.03 -15.67 -47.30
N HIS E 290 -11.24 -15.17 -47.02
CA HIS E 290 -11.47 -13.73 -46.98
C HIS E 290 -12.56 -13.32 -46.00
N GLU E 291 -12.44 -12.07 -45.52
CA GLU E 291 -13.34 -11.41 -44.60
C GLU E 291 -13.47 -9.99 -45.11
N VAL E 292 -14.59 -9.33 -44.81
CA VAL E 292 -14.83 -7.95 -45.22
C VAL E 292 -15.64 -7.22 -44.18
N GLU E 293 -15.34 -5.94 -43.99
CA GLU E 293 -16.08 -5.07 -43.09
C GLU E 293 -16.34 -3.76 -43.80
N ILE E 294 -17.60 -3.36 -43.86
CA ILE E 294 -18.01 -2.11 -44.45
C ILE E 294 -18.61 -1.24 -43.40
N ALA E 295 -18.33 0.04 -43.52
CA ALA E 295 -18.86 1.13 -42.73
C ALA E 295 -19.09 2.22 -43.76
N MET E 296 -20.25 2.88 -43.71
CA MET E 296 -20.62 3.94 -44.65
C MET E 296 -21.69 4.84 -44.12
N GLN E 297 -21.61 6.10 -44.49
CA GLN E 297 -22.55 7.15 -44.12
C GLN E 297 -22.45 8.26 -45.16
N TRP E 298 -23.61 8.72 -45.63
CA TRP E 298 -23.72 9.78 -46.61
C TRP E 298 -23.84 11.13 -45.95
N ASN E 299 -23.22 12.12 -46.57
CA ASN E 299 -23.17 13.51 -46.17
C ASN E 299 -23.81 14.41 -47.22
N ALA E 300 -24.30 15.59 -46.81
CA ALA E 300 -24.93 16.59 -47.69
C ALA E 300 -24.05 17.09 -48.84
N GLY E 301 -22.74 16.82 -48.75
CA GLY E 301 -21.72 17.25 -49.70
C GLY E 301 -21.82 16.72 -51.12
N TYR E 302 -20.80 17.05 -51.93
CA TYR E 302 -20.73 16.64 -53.32
C TYR E 302 -19.39 16.00 -53.67
N SER E 303 -18.85 15.16 -52.76
CA SER E 303 -17.58 14.44 -52.96
C SER E 303 -17.66 12.95 -52.57
N GLU E 304 -16.91 12.08 -53.26
CA GLU E 304 -16.87 10.64 -53.00
C GLU E 304 -15.68 10.26 -52.11
N SER E 305 -15.95 10.04 -50.81
CA SER E 305 -14.95 9.71 -49.78
C SER E 305 -14.90 8.22 -49.41
N VAL E 306 -14.85 7.34 -50.44
CA VAL E 306 -14.74 5.90 -50.25
C VAL E 306 -13.25 5.53 -50.05
N HIS E 307 -12.97 4.64 -49.08
CA HIS E 307 -11.63 4.18 -48.73
C HIS E 307 -11.58 2.67 -48.78
N THR E 308 -10.64 2.10 -49.52
CA THR E 308 -10.54 0.64 -49.64
C THR E 308 -9.20 0.16 -49.15
N PHE E 309 -9.26 -0.95 -48.41
CA PHE E 309 -8.14 -1.58 -47.75
C PHE E 309 -8.12 -3.07 -47.88
N ALA E 310 -6.92 -3.62 -48.00
CA ALA E 310 -6.72 -5.06 -48.06
C ALA E 310 -5.55 -5.35 -47.17
N ASN E 311 -5.79 -6.10 -46.07
CA ASN E 311 -4.78 -6.44 -45.06
C ASN E 311 -4.10 -5.17 -44.55
N THR E 312 -4.93 -4.14 -44.20
CA THR E 312 -4.58 -2.80 -43.70
C THR E 312 -4.00 -1.90 -44.82
N ILE E 313 -3.64 -2.50 -45.97
CA ILE E 313 -3.00 -1.80 -47.08
C ILE E 313 -3.99 -0.92 -47.82
N ASN E 314 -3.62 0.36 -48.03
CA ASN E 314 -4.44 1.30 -48.76
C ASN E 314 -4.38 0.99 -50.25
N THR E 315 -5.40 0.30 -50.70
CA THR E 315 -5.57 -0.04 -52.09
C THR E 315 -6.34 1.16 -52.66
N HIS E 316 -5.59 2.27 -52.91
CA HIS E 316 -6.18 3.53 -53.37
C HIS E 316 -6.60 3.52 -54.83
N GLU E 317 -5.89 2.80 -55.72
CA GLU E 317 -6.37 2.72 -57.11
C GLU E 317 -7.56 1.72 -57.19
N GLY E 318 -7.99 1.28 -55.99
CA GLY E 318 -9.12 0.39 -55.78
C GLY E 318 -8.81 -1.09 -55.86
N GLY E 319 -9.52 -1.76 -56.76
CA GLY E 319 -9.42 -3.20 -56.97
C GLY E 319 -10.75 -3.92 -56.89
N THR E 320 -10.68 -5.26 -56.93
CA THR E 320 -11.81 -6.19 -56.93
C THR E 320 -12.82 -5.93 -55.81
N HIS E 321 -12.35 -5.64 -54.60
CA HIS E 321 -13.17 -5.34 -53.44
C HIS E 321 -13.88 -3.99 -53.56
N GLU E 322 -13.22 -2.99 -54.22
CA GLU E 322 -13.80 -1.66 -54.47
C GLU E 322 -14.84 -1.81 -55.57
N GLU E 323 -14.54 -2.69 -56.54
CA GLU E 323 -15.45 -2.96 -57.65
C GLU E 323 -16.67 -3.72 -57.21
N GLY E 324 -16.48 -4.70 -56.34
CA GLY E 324 -17.53 -5.57 -55.81
C GLY E 324 -18.57 -4.79 -55.01
N PHE E 325 -18.09 -3.81 -54.22
CA PHE E 325 -18.94 -2.94 -53.41
C PHE E 325 -19.71 -1.96 -54.30
N ARG E 326 -19.04 -1.43 -55.37
CA ARG E 326 -19.62 -0.44 -56.29
C ARG E 326 -20.83 -0.96 -57.06
N SER E 327 -20.69 -2.14 -57.69
CA SER E 327 -21.76 -2.78 -58.48
C SER E 327 -22.90 -3.25 -57.58
N ALA E 328 -22.55 -3.65 -56.34
CA ALA E 328 -23.48 -4.13 -55.32
C ALA E 328 -24.30 -2.98 -54.81
N LEU E 329 -23.64 -1.85 -54.47
CA LEU E 329 -24.25 -0.60 -53.98
C LEU E 329 -25.33 -0.08 -54.96
N THR E 330 -24.97 0.00 -56.27
CA THR E 330 -25.84 0.39 -57.37
C THR E 330 -27.06 -0.54 -57.43
N SER E 331 -26.82 -1.88 -57.52
CA SER E 331 -27.85 -2.93 -57.56
C SER E 331 -28.88 -2.71 -56.46
N VAL E 332 -28.41 -2.43 -55.23
CA VAL E 332 -29.24 -2.22 -54.04
C VAL E 332 -30.11 -0.95 -54.18
N VAL E 333 -29.46 0.21 -54.43
CA VAL E 333 -30.13 1.52 -54.51
C VAL E 333 -31.18 1.55 -55.65
N ASN E 334 -30.86 1.04 -56.86
CA ASN E 334 -31.79 1.01 -58.00
C ASN E 334 -32.97 0.08 -57.77
N LYS E 335 -32.73 -1.15 -57.24
CA LYS E 335 -33.79 -2.12 -56.92
C LYS E 335 -34.74 -1.55 -55.85
N TYR E 336 -34.20 -0.74 -54.90
CA TYR E 336 -34.97 -0.08 -53.84
C TYR E 336 -35.78 1.06 -54.44
N ALA E 337 -35.13 1.96 -55.21
CA ALA E 337 -35.75 3.11 -55.88
C ALA E 337 -36.97 2.73 -56.72
N LYS E 338 -36.83 1.69 -57.57
CA LYS E 338 -37.89 1.20 -58.45
C LYS E 338 -39.05 0.54 -57.67
N ASP E 339 -38.73 -0.35 -56.71
CA ASP E 339 -39.71 -1.05 -55.89
C ASP E 339 -40.48 -0.14 -54.93
N ARG E 340 -39.87 1.00 -54.55
CA ARG E 340 -40.52 1.99 -53.68
C ARG E 340 -41.29 3.03 -54.52
N LYS E 341 -41.32 2.84 -55.88
CA LYS E 341 -41.98 3.66 -56.90
C LYS E 341 -41.53 5.15 -56.90
N LEU E 342 -40.36 5.41 -56.26
CA LEU E 342 -39.75 6.74 -56.14
C LEU E 342 -38.85 7.08 -57.34
N LEU E 343 -38.78 6.17 -58.35
CA LEU E 343 -37.96 6.38 -59.56
C LEU E 343 -38.61 5.82 -60.84
N LYS E 344 -39.27 4.65 -60.76
CA LYS E 344 -39.92 4.01 -61.91
C LYS E 344 -41.23 4.72 -62.29
N ASP E 347 -37.02 8.08 -64.43
CA ASP E 347 -37.29 6.79 -65.05
C ASP E 347 -36.01 5.95 -65.39
N PRO E 348 -34.88 6.50 -65.92
CA PRO E 348 -33.71 5.65 -66.20
C PRO E 348 -32.99 5.13 -64.95
N ASN E 349 -32.00 4.25 -65.15
CA ASN E 349 -31.19 3.66 -64.08
C ASN E 349 -30.20 4.67 -63.50
N LEU E 350 -29.95 4.64 -62.19
CA LEU E 350 -29.01 5.56 -61.54
C LEU E 350 -27.60 5.01 -61.55
N THR E 351 -26.64 5.82 -61.99
CA THR E 351 -25.22 5.43 -62.02
C THR E 351 -24.65 5.53 -60.61
N GLY E 352 -23.50 4.87 -60.40
CA GLY E 352 -22.78 4.89 -59.14
C GLY E 352 -22.31 6.28 -58.78
N ASP E 353 -21.88 7.08 -59.79
CA ASP E 353 -21.42 8.47 -59.63
C ASP E 353 -22.51 9.40 -59.04
N ASP E 354 -23.77 8.92 -58.99
CA ASP E 354 -24.93 9.63 -58.44
C ASP E 354 -25.23 9.18 -57.01
N ILE E 355 -25.03 7.87 -56.72
CA ILE E 355 -25.30 7.29 -55.40
C ILE E 355 -24.09 7.51 -54.46
N ARG E 356 -22.87 7.20 -54.93
CA ARG E 356 -21.64 7.39 -54.16
C ARG E 356 -21.37 8.86 -53.86
N GLU E 357 -22.04 9.78 -54.61
CA GLU E 357 -21.91 11.24 -54.45
C GLU E 357 -22.30 11.60 -53.03
N GLY E 358 -21.40 12.27 -52.32
CA GLY E 358 -21.58 12.65 -50.93
C GLY E 358 -21.62 11.46 -50.00
N LEU E 359 -20.67 10.51 -50.17
CA LEU E 359 -20.60 9.31 -49.34
C LEU E 359 -19.23 9.08 -48.78
N ALA E 360 -19.20 8.87 -47.45
CA ALA E 360 -18.04 8.49 -46.67
C ALA E 360 -18.23 6.99 -46.47
N ALA E 361 -17.36 6.16 -47.08
CA ALA E 361 -17.42 4.69 -47.02
C ALA E 361 -16.06 4.07 -46.82
N VAL E 362 -15.98 2.93 -46.09
CA VAL E 362 -14.72 2.22 -45.82
C VAL E 362 -14.88 0.72 -46.05
N ILE E 363 -14.23 0.20 -47.07
CA ILE E 363 -14.22 -1.23 -47.38
C ILE E 363 -12.90 -1.79 -46.89
N SER E 364 -12.98 -2.64 -45.86
CA SER E 364 -11.79 -3.28 -45.34
C SER E 364 -11.88 -4.78 -45.55
N VAL E 365 -10.96 -5.31 -46.34
CA VAL E 365 -10.93 -6.75 -46.56
C VAL E 365 -9.73 -7.38 -45.87
N LYS E 366 -9.94 -8.58 -45.39
CA LYS E 366 -8.90 -9.41 -44.82
C LYS E 366 -8.82 -10.59 -45.79
N VAL E 367 -7.66 -10.78 -46.41
CA VAL E 367 -7.41 -11.82 -47.42
C VAL E 367 -6.22 -12.67 -46.98
N SER E 368 -6.40 -14.00 -46.97
CA SER E 368 -5.40 -15.00 -46.59
C SER E 368 -4.27 -15.00 -47.60
N GLU E 369 -4.62 -14.96 -48.90
CA GLU E 369 -3.68 -14.95 -50.02
C GLU E 369 -3.97 -13.75 -51.00
N PRO E 370 -3.59 -12.49 -50.60
CA PRO E 370 -3.88 -11.33 -51.45
C PRO E 370 -3.05 -11.30 -52.71
N GLN E 371 -3.53 -10.53 -53.69
CA GLN E 371 -2.95 -10.34 -55.01
C GLN E 371 -2.83 -8.85 -55.24
N PHE E 372 -1.73 -8.26 -54.78
CA PHE E 372 -1.51 -6.83 -54.94
C PHE E 372 -0.91 -6.46 -56.29
N GLU E 373 -1.30 -5.28 -56.84
CA GLU E 373 -0.89 -4.69 -58.14
C GLU E 373 0.63 -4.60 -58.33
N GLY E 374 1.33 -4.11 -57.33
CA GLY E 374 2.78 -4.00 -57.38
C GLY E 374 3.33 -3.98 -55.98
N GLN E 375 4.61 -3.56 -55.83
CA GLN E 375 5.24 -3.47 -54.51
C GLN E 375 4.60 -2.34 -53.66
N THR E 376 3.98 -1.35 -54.33
CA THR E 376 3.27 -0.24 -53.67
C THR E 376 1.84 -0.67 -53.33
N LYS E 377 1.41 -1.87 -53.84
CA LYS E 377 0.12 -2.57 -53.54
C LYS E 377 -1.13 -1.65 -53.64
N THR E 378 -1.22 -0.87 -54.71
CA THR E 378 -2.27 0.13 -54.92
C THR E 378 -3.63 -0.42 -55.26
N LYS E 379 -3.66 -1.67 -55.73
CA LYS E 379 -4.88 -2.30 -56.17
C LYS E 379 -4.93 -3.75 -55.74
N LEU E 380 -6.11 -4.22 -55.31
CA LEU E 380 -6.35 -5.63 -54.98
C LEU E 380 -6.89 -6.32 -56.25
N GLY E 381 -6.27 -7.44 -56.62
CA GLY E 381 -6.62 -8.13 -57.84
C GLY E 381 -7.25 -9.51 -57.77
N ASN E 382 -7.54 -10.00 -56.55
CA ASN E 382 -8.16 -11.31 -56.33
C ASN E 382 -9.60 -11.28 -56.85
N THR E 383 -9.83 -11.81 -58.08
CA THR E 383 -11.14 -11.82 -58.75
C THR E 383 -12.27 -12.41 -57.86
N GLU E 384 -11.96 -13.43 -57.05
CA GLU E 384 -12.91 -14.09 -56.14
C GLU E 384 -13.41 -13.16 -55.06
N VAL E 385 -12.63 -12.09 -54.77
CA VAL E 385 -12.96 -11.07 -53.79
C VAL E 385 -14.11 -10.20 -54.32
N LYS E 386 -14.08 -9.85 -55.63
CA LYS E 386 -15.15 -9.06 -56.26
C LYS E 386 -16.50 -9.75 -56.08
N SER E 387 -16.55 -11.08 -56.33
CA SER E 387 -17.73 -11.93 -56.18
C SER E 387 -18.15 -12.00 -54.70
N PHE E 388 -17.16 -12.13 -53.78
CA PHE E 388 -17.39 -12.20 -52.36
C PHE E 388 -17.97 -10.90 -51.77
N VAL E 389 -17.33 -9.75 -52.04
CA VAL E 389 -17.74 -8.43 -51.56
C VAL E 389 -19.17 -8.08 -52.01
N GLN E 390 -19.47 -8.29 -53.31
CA GLN E 390 -20.78 -8.02 -53.90
C GLN E 390 -21.89 -8.76 -53.20
N LYS E 391 -21.71 -10.09 -52.97
CA LYS E 391 -22.70 -10.95 -52.31
C LYS E 391 -23.03 -10.38 -50.94
N VAL E 392 -21.99 -10.04 -50.16
CA VAL E 392 -22.05 -9.46 -48.81
C VAL E 392 -22.79 -8.13 -48.85
N CYS E 393 -22.28 -7.13 -49.63
CA CYS E 393 -22.92 -5.82 -49.77
C CYS E 393 -24.38 -5.92 -50.21
N ASN E 394 -24.68 -6.77 -51.22
CA ASN E 394 -26.04 -6.98 -51.74
C ASN E 394 -26.96 -7.58 -50.69
N GLU E 395 -26.45 -8.53 -49.89
CA GLU E 395 -27.20 -9.21 -48.85
C GLU E 395 -27.45 -8.31 -47.66
N GLN E 396 -26.52 -7.37 -47.38
CA GLN E 396 -26.53 -6.50 -46.21
C GLN E 396 -27.12 -5.10 -46.42
N LEU E 397 -26.78 -4.43 -47.52
CA LEU E 397 -27.31 -3.09 -47.81
C LEU E 397 -28.82 -3.14 -48.00
N THR E 398 -29.35 -4.24 -48.60
CA THR E 398 -30.80 -4.47 -48.75
C THR E 398 -31.38 -4.72 -47.35
N HIS E 399 -30.69 -5.55 -46.55
CA HIS E 399 -31.04 -5.88 -45.18
C HIS E 399 -30.95 -4.62 -44.29
N TRP E 400 -30.44 -3.50 -44.86
CA TRP E 400 -30.32 -2.21 -44.20
C TRP E 400 -31.32 -1.17 -44.72
N PHE E 401 -31.52 -1.08 -46.05
CA PHE E 401 -32.44 -0.14 -46.68
C PHE E 401 -33.89 -0.37 -46.29
N GLU E 402 -34.24 -1.63 -45.99
CA GLU E 402 -35.59 -2.01 -45.55
C GLU E 402 -35.66 -1.89 -44.02
N ALA E 403 -34.52 -2.10 -43.34
CA ALA E 403 -34.38 -2.00 -41.88
C ALA E 403 -34.46 -0.53 -41.40
N ASN E 404 -33.82 0.38 -42.17
CA ASN E 404 -33.79 1.82 -41.91
C ASN E 404 -34.48 2.50 -43.10
N PRO E 405 -35.84 2.49 -43.15
CA PRO E 405 -36.52 3.10 -44.31
C PRO E 405 -36.57 4.63 -44.25
N THR E 406 -36.52 5.20 -43.03
CA THR E 406 -36.52 6.63 -42.75
C THR E 406 -35.23 7.27 -43.27
N ASP E 407 -34.07 6.76 -42.81
CA ASP E 407 -32.72 7.20 -43.23
C ASP E 407 -32.52 6.96 -44.74
N ALA E 408 -33.02 5.81 -45.26
CA ALA E 408 -32.93 5.40 -46.67
C ALA E 408 -33.53 6.43 -47.61
N LYS E 409 -34.72 6.97 -47.27
CA LYS E 409 -35.44 7.98 -48.05
C LYS E 409 -34.49 9.13 -48.42
N VAL E 410 -33.88 9.77 -47.39
CA VAL E 410 -32.94 10.89 -47.50
C VAL E 410 -31.80 10.53 -48.44
N VAL E 411 -31.21 9.33 -48.26
CA VAL E 411 -30.10 8.77 -49.04
C VAL E 411 -30.49 8.65 -50.52
N VAL E 412 -31.60 7.94 -50.77
CA VAL E 412 -32.17 7.73 -52.10
C VAL E 412 -32.45 9.09 -52.76
N ASN E 413 -33.19 9.98 -52.04
CA ASN E 413 -33.57 11.33 -52.45
C ASN E 413 -32.37 12.17 -52.90
N LYS E 414 -31.26 12.09 -52.13
CA LYS E 414 -30.00 12.78 -52.43
C LYS E 414 -29.40 12.28 -53.74
N ALA E 415 -29.42 10.94 -53.96
CA ALA E 415 -28.88 10.30 -55.16
C ALA E 415 -29.73 10.59 -56.39
N VAL E 416 -31.07 10.76 -56.21
CA VAL E 416 -32.01 11.08 -57.29
C VAL E 416 -31.81 12.53 -57.71
N SER E 417 -31.62 13.45 -56.73
CA SER E 417 -31.36 14.88 -56.98
C SER E 417 -30.01 15.07 -57.69
N SER E 418 -28.98 14.27 -57.28
CA SER E 418 -27.63 14.25 -57.88
C SER E 418 -27.68 13.70 -59.31
N ALA E 419 -28.70 12.86 -59.60
CA ALA E 419 -28.94 12.25 -60.93
C ALA E 419 -29.72 13.19 -61.84
N GLN E 420 -30.82 13.81 -61.32
CA GLN E 420 -31.66 14.77 -62.05
C GLN E 420 -30.85 16.01 -62.43
N ALA E 421 -29.70 16.19 -61.76
CA ALA E 421 -28.72 17.25 -61.99
C ALA E 421 -28.03 17.09 -63.36
N ARG E 422 -27.68 15.83 -63.74
CA ARG E 422 -27.03 15.50 -65.01
C ARG E 422 -28.04 15.64 -66.16
N ILE E 423 -29.28 15.16 -65.93
CA ILE E 423 -30.39 15.20 -66.89
C ILE E 423 -30.79 16.66 -67.18
N ALA E 424 -30.68 17.55 -66.16
CA ALA E 424 -30.98 18.99 -66.27
C ALA E 424 -30.02 19.70 -67.26
N ALA E 425 -28.74 19.29 -67.30
CA ALA E 425 -27.69 19.83 -68.17
C ALA E 425 -27.94 19.60 -69.69
N ARG E 426 -29.11 19.02 -70.05
CA ARG E 426 -29.54 18.72 -71.42
C ARG E 426 -29.71 19.99 -72.28
N LYS E 427 -29.33 19.90 -73.57
CA LYS E 427 -29.37 20.94 -74.61
C LYS E 427 -28.48 22.13 -74.29
N ASP F 15 3.92 -18.26 -31.24
CA ASP F 15 5.06 -18.47 -32.14
C ASP F 15 6.40 -18.12 -31.45
N GLU F 16 7.50 -18.96 -31.52
CA GLU F 16 7.75 -20.23 -32.26
C GLU F 16 7.80 -19.98 -33.78
N TYR F 17 8.35 -18.80 -34.10
CA TYR F 17 8.59 -18.19 -35.41
C TYR F 17 10.02 -17.66 -35.32
N GLY F 18 10.87 -18.19 -36.18
CA GLY F 18 12.27 -17.82 -36.20
C GLY F 18 12.85 -17.89 -37.59
N ALA F 19 14.13 -18.29 -37.67
CA ALA F 19 14.91 -18.43 -38.89
C ALA F 19 14.26 -19.36 -39.91
N ALA F 20 13.67 -20.48 -39.46
CA ALA F 20 13.01 -21.49 -40.30
C ALA F 20 11.79 -20.94 -41.03
N SER F 21 11.15 -19.93 -40.43
CA SER F 21 9.96 -19.27 -40.94
C SER F 21 10.30 -18.30 -42.07
N ILE F 22 11.56 -17.84 -42.16
CA ILE F 22 12.05 -16.94 -43.22
C ILE F 22 12.46 -17.77 -44.44
N THR F 23 12.11 -17.30 -45.66
CA THR F 23 12.33 -17.99 -46.94
C THR F 23 12.96 -17.07 -48.00
N ILE F 24 13.86 -17.57 -48.86
CA ILE F 24 14.45 -16.80 -49.98
C ILE F 24 13.96 -17.44 -51.28
N LEU F 25 13.40 -16.63 -52.18
CA LEU F 25 12.89 -17.17 -53.44
C LEU F 25 13.87 -16.98 -54.56
N GLU F 26 14.48 -18.12 -54.99
CA GLU F 26 15.50 -18.26 -56.04
C GLU F 26 14.99 -17.76 -57.37
N GLY F 27 15.30 -16.49 -57.67
CA GLY F 27 14.95 -15.84 -58.92
C GLY F 27 13.50 -15.93 -59.33
N LEU F 28 13.25 -16.53 -60.53
CA LEU F 28 11.93 -16.69 -61.14
C LEU F 28 10.89 -17.41 -60.27
N GLU F 29 11.32 -18.18 -59.26
CA GLU F 29 10.37 -18.87 -58.38
C GLU F 29 9.56 -17.85 -57.57
N ALA F 30 10.11 -16.62 -57.40
CA ALA F 30 9.45 -15.51 -56.72
C ALA F 30 8.31 -15.00 -57.59
N VAL F 31 8.61 -14.74 -58.88
CA VAL F 31 7.68 -14.27 -59.91
C VAL F 31 6.43 -15.16 -59.91
N ARG F 32 6.62 -16.49 -59.87
CA ARG F 32 5.50 -17.43 -59.90
C ARG F 32 4.77 -17.43 -58.58
N LYS F 33 5.52 -17.26 -57.43
CA LYS F 33 4.96 -17.26 -56.08
C LYS F 33 4.08 -16.05 -55.84
N ARG F 34 4.45 -14.89 -56.41
CA ARG F 34 3.67 -13.66 -56.28
C ARG F 34 3.67 -12.97 -57.66
N PRO F 35 2.78 -13.43 -58.59
CA PRO F 35 2.74 -12.84 -59.94
C PRO F 35 2.13 -11.43 -60.00
N GLY F 36 1.39 -11.06 -58.97
CA GLY F 36 0.77 -9.75 -58.84
C GLY F 36 1.79 -8.62 -58.82
N MET F 37 2.96 -8.82 -58.20
CA MET F 37 4.02 -7.81 -58.10
C MET F 37 4.57 -7.38 -59.47
N TYR F 38 4.47 -8.29 -60.47
CA TYR F 38 5.03 -8.11 -61.79
C TYR F 38 4.03 -7.90 -62.92
N ILE F 39 2.96 -8.71 -62.93
CA ILE F 39 1.96 -8.74 -63.97
C ILE F 39 0.61 -8.15 -63.49
N GLY F 40 0.53 -7.82 -62.20
CA GLY F 40 -0.63 -7.17 -61.61
C GLY F 40 -1.64 -8.09 -60.98
N SER F 41 -2.34 -8.86 -61.82
CA SER F 41 -3.39 -9.76 -61.40
C SER F 41 -3.18 -11.09 -62.06
N THR F 42 -3.91 -12.10 -61.65
CA THR F 42 -3.73 -13.39 -62.28
C THR F 42 -5.01 -13.65 -63.14
N GLY F 43 -5.71 -12.56 -63.44
CA GLY F 43 -6.92 -12.55 -64.28
C GLY F 43 -6.67 -12.11 -65.70
N GLU F 44 -7.70 -11.49 -66.34
CA GLU F 44 -7.69 -10.99 -67.72
C GLU F 44 -6.62 -9.93 -67.97
N ARG F 45 -6.52 -8.94 -67.07
CA ARG F 45 -5.54 -7.85 -67.15
C ARG F 45 -4.11 -8.41 -67.07
N GLY F 46 -3.87 -9.32 -66.13
CA GLY F 46 -2.58 -9.96 -65.93
C GLY F 46 -2.20 -10.84 -67.09
N LEU F 47 -3.14 -11.69 -67.56
CA LEU F 47 -2.91 -12.57 -68.71
C LEU F 47 -2.35 -11.79 -69.88
N HIS F 48 -3.07 -10.72 -70.29
CA HIS F 48 -2.70 -9.83 -71.40
C HIS F 48 -1.36 -9.16 -71.25
N HIS F 49 -0.96 -8.90 -69.98
CA HIS F 49 0.29 -8.25 -69.64
C HIS F 49 1.51 -9.02 -70.17
N LEU F 50 1.41 -10.36 -70.28
CA LEU F 50 2.47 -11.21 -70.86
C LEU F 50 2.70 -10.83 -72.31
N ILE F 51 1.62 -10.44 -73.04
CA ILE F 51 1.69 -10.00 -74.44
C ILE F 51 2.35 -8.64 -74.49
N TRP F 52 1.81 -7.66 -73.69
CA TRP F 52 2.33 -6.29 -73.65
C TRP F 52 3.80 -6.27 -73.37
N GLU F 53 4.29 -7.19 -72.50
CA GLU F 53 5.70 -7.30 -72.16
C GLU F 53 6.55 -7.61 -73.38
N VAL F 54 6.18 -8.65 -74.12
CA VAL F 54 6.88 -9.08 -75.34
C VAL F 54 6.73 -8.05 -76.48
N VAL F 55 5.48 -7.61 -76.73
CA VAL F 55 5.16 -6.61 -77.75
C VAL F 55 5.91 -5.32 -77.46
N ASP F 56 5.94 -4.86 -76.19
CA ASP F 56 6.72 -3.69 -75.77
C ASP F 56 8.24 -3.84 -76.04
N ASN F 57 8.80 -5.08 -75.88
CA ASN F 57 10.21 -5.38 -76.13
C ASN F 57 10.58 -5.29 -77.62
N ALA F 58 9.63 -5.78 -78.46
CA ALA F 58 9.71 -5.77 -79.93
C ALA F 58 9.56 -4.32 -80.38
N VAL F 59 8.65 -3.57 -79.73
CA VAL F 59 8.45 -2.15 -79.98
C VAL F 59 9.73 -1.35 -79.61
N ASP F 60 10.40 -1.71 -78.47
CA ASP F 60 11.64 -1.03 -78.03
C ASP F 60 12.72 -1.03 -79.14
N GLU F 61 12.69 -2.06 -80.03
CA GLU F 61 13.61 -2.20 -81.17
C GLU F 61 13.24 -1.21 -82.26
N ALA F 62 11.92 -0.95 -82.41
CA ALA F 62 11.36 -0.02 -83.40
C ALA F 62 11.65 1.42 -83.00
N MET F 63 11.51 1.74 -81.69
CA MET F 63 11.79 3.06 -81.10
C MET F 63 13.25 3.45 -81.26
N ALA F 64 14.14 2.45 -81.29
CA ALA F 64 15.57 2.60 -81.46
C ALA F 64 15.90 2.74 -82.96
N GLY F 65 14.90 2.48 -83.81
CA GLY F 65 14.99 2.60 -85.26
C GLY F 65 15.52 1.37 -85.94
N TYR F 66 15.27 0.18 -85.35
CA TYR F 66 15.74 -1.09 -85.90
C TYR F 66 14.59 -1.93 -86.46
N ALA F 67 13.58 -2.30 -85.65
CA ALA F 67 12.41 -3.05 -86.12
C ALA F 67 11.48 -2.14 -86.92
N THR F 68 10.97 -2.62 -88.05
CA THR F 68 10.06 -1.83 -88.89
C THR F 68 8.63 -2.35 -88.75
N THR F 69 8.51 -3.67 -88.50
CA THR F 69 7.26 -4.39 -88.39
C THR F 69 7.22 -5.25 -87.16
N VAL F 70 6.05 -5.32 -86.58
CA VAL F 70 5.80 -6.17 -85.44
C VAL F 70 4.61 -7.04 -85.78
N ASN F 71 4.81 -8.36 -85.78
CA ASN F 71 3.80 -9.35 -86.10
C ASN F 71 3.44 -10.18 -84.88
N VAL F 72 2.28 -9.92 -84.29
CA VAL F 72 1.83 -10.71 -83.16
C VAL F 72 0.67 -11.62 -83.62
N VAL F 73 0.71 -12.90 -83.19
CA VAL F 73 -0.27 -13.93 -83.56
C VAL F 73 -0.83 -14.58 -82.30
N LEU F 74 -2.16 -14.74 -82.22
CA LEU F 74 -2.84 -15.46 -81.16
C LEU F 74 -3.04 -16.85 -81.79
N LEU F 75 -2.22 -17.82 -81.36
CA LEU F 75 -2.22 -19.21 -81.83
C LEU F 75 -3.41 -20.00 -81.26
N GLU F 76 -3.92 -20.97 -82.03
CA GLU F 76 -5.06 -21.83 -81.67
C GLU F 76 -5.00 -22.40 -80.23
N ASP F 77 -3.83 -22.96 -79.87
CA ASP F 77 -3.42 -23.57 -78.60
C ASP F 77 -3.32 -22.58 -77.43
N GLY F 78 -3.60 -21.31 -77.69
CA GLY F 78 -3.53 -20.23 -76.70
C GLY F 78 -2.12 -19.67 -76.55
N GLY F 79 -1.28 -19.98 -77.50
CA GLY F 79 0.08 -19.46 -77.49
C GLY F 79 0.10 -18.13 -78.19
N VAL F 80 1.18 -17.37 -77.99
CA VAL F 80 1.32 -16.06 -78.64
C VAL F 80 2.69 -15.96 -79.32
N GLU F 81 2.68 -15.62 -80.60
CA GLU F 81 3.90 -15.45 -81.37
C GLU F 81 4.10 -13.97 -81.65
N VAL F 82 5.21 -13.38 -81.17
CA VAL F 82 5.54 -11.97 -81.47
C VAL F 82 6.86 -11.91 -82.21
N ALA F 83 6.79 -11.54 -83.49
CA ALA F 83 7.91 -11.46 -84.39
C ALA F 83 8.18 -10.05 -84.87
N ASP F 84 9.41 -9.58 -84.64
CA ASP F 84 9.89 -8.27 -85.08
C ASP F 84 11.04 -8.45 -86.07
N ASP F 85 11.55 -7.35 -86.64
CA ASP F 85 12.69 -7.43 -87.56
C ASP F 85 13.88 -6.58 -87.07
N GLY F 86 13.97 -6.41 -85.74
CA GLY F 86 15.03 -5.69 -85.04
C GLY F 86 16.37 -6.40 -85.05
N ARG F 87 17.28 -6.04 -84.12
CA ARG F 87 18.64 -6.60 -84.03
C ARG F 87 18.73 -8.05 -83.53
N GLY F 88 17.64 -8.53 -82.96
CA GLY F 88 17.56 -9.85 -82.36
C GLY F 88 18.09 -9.83 -80.94
N ILE F 89 17.68 -10.81 -80.11
CA ILE F 89 18.16 -10.90 -78.73
C ILE F 89 19.61 -11.45 -78.78
N PRO F 90 20.61 -10.76 -78.16
CA PRO F 90 22.00 -11.24 -78.20
C PRO F 90 22.14 -12.72 -77.96
N VAL F 91 22.84 -13.41 -78.87
CA VAL F 91 23.00 -14.86 -78.83
C VAL F 91 24.37 -15.31 -78.27
N ALA F 92 25.45 -14.51 -78.54
CA ALA F 92 26.83 -14.72 -78.09
C ALA F 92 26.91 -15.03 -76.59
N THR F 93 27.95 -15.74 -76.15
CA THR F 93 28.11 -16.09 -74.74
C THR F 93 28.23 -14.80 -73.92
N HIS F 94 27.32 -14.64 -72.94
CA HIS F 94 27.32 -13.49 -72.06
C HIS F 94 28.49 -13.58 -71.05
N ALA F 95 28.88 -12.42 -70.45
CA ALA F 95 29.95 -12.26 -69.46
C ALA F 95 29.91 -13.28 -68.30
N SER F 96 28.71 -13.59 -67.78
CA SER F 96 28.54 -14.55 -66.68
C SER F 96 28.78 -16.04 -67.08
N GLY F 97 28.75 -16.32 -68.40
CA GLY F 97 29.00 -17.66 -68.93
C GLY F 97 27.86 -18.33 -69.69
N ILE F 98 26.63 -17.87 -69.48
CA ILE F 98 25.42 -18.43 -70.10
C ILE F 98 25.11 -17.69 -71.44
N PRO F 99 24.63 -18.36 -72.53
CA PRO F 99 24.21 -17.62 -73.75
C PRO F 99 23.27 -16.46 -73.39
N THR F 100 23.55 -15.25 -73.90
CA THR F 100 22.81 -14.02 -73.54
C THR F 100 21.26 -14.15 -73.66
N VAL F 101 20.75 -15.03 -74.54
CA VAL F 101 19.30 -15.27 -74.67
C VAL F 101 18.79 -15.89 -73.37
N ASP F 102 19.51 -16.91 -72.87
CA ASP F 102 19.17 -17.61 -71.64
C ASP F 102 19.27 -16.65 -70.46
N VAL F 103 20.29 -15.77 -70.49
CA VAL F 103 20.52 -14.74 -69.47
C VAL F 103 19.27 -13.86 -69.37
N VAL F 104 18.84 -13.32 -70.51
CA VAL F 104 17.67 -12.44 -70.71
C VAL F 104 16.36 -13.10 -70.32
N MET F 105 16.23 -14.39 -70.63
CA MET F 105 15.02 -15.16 -70.37
C MET F 105 14.85 -15.71 -68.96
N THR F 106 15.95 -16.18 -68.35
CA THR F 106 15.91 -16.83 -67.05
C THR F 106 16.35 -15.94 -65.87
N GLN F 107 16.60 -14.63 -66.11
CA GLN F 107 17.08 -13.74 -65.05
C GLN F 107 16.36 -12.42 -64.95
N LEU F 108 16.06 -12.01 -63.71
CA LEU F 108 15.41 -10.74 -63.40
C LEU F 108 16.46 -9.67 -63.25
N HIS F 109 16.10 -8.46 -63.68
CA HIS F 109 16.95 -7.28 -63.70
C HIS F 109 18.19 -7.60 -64.52
N ALA F 110 17.94 -8.12 -65.74
CA ALA F 110 18.95 -8.52 -66.70
C ALA F 110 18.56 -7.98 -68.07
N GLY F 111 19.32 -7.02 -68.59
CA GLY F 111 19.00 -6.45 -69.89
C GLY F 111 19.88 -5.33 -70.38
N GLY F 112 19.59 -4.89 -71.60
CA GLY F 112 20.31 -3.80 -72.26
C GLY F 112 19.61 -2.45 -72.14
N LYS F 113 18.75 -2.30 -71.11
CA LYS F 113 18.01 -1.04 -70.91
C LYS F 113 18.40 -0.32 -69.61
N PHE F 114 19.50 -0.75 -68.95
CA PHE F 114 19.93 -0.11 -67.70
C PHE F 114 20.70 1.19 -67.97
N ASP F 115 21.45 1.24 -69.08
CA ASP F 115 22.13 2.44 -69.57
C ASP F 115 21.34 2.90 -70.80
N SER F 116 21.84 3.90 -71.53
CA SER F 116 21.17 4.36 -72.75
C SER F 116 22.13 4.22 -73.92
N ASP F 117 22.46 2.95 -74.27
CA ASP F 117 23.40 2.59 -75.33
C ASP F 117 22.83 1.62 -76.37
N ALA F 118 22.14 0.56 -75.91
CA ALA F 118 21.50 -0.40 -76.81
C ALA F 118 20.11 0.14 -77.24
N TYR F 119 19.58 1.12 -76.47
CA TYR F 119 18.31 1.79 -76.70
C TYR F 119 18.41 3.22 -76.16
N ALA F 120 18.03 4.21 -76.98
CA ALA F 120 18.00 5.61 -76.55
C ALA F 120 16.78 5.71 -75.64
N ILE F 121 15.57 5.80 -76.22
CA ILE F 121 14.31 5.79 -75.50
C ILE F 121 13.71 4.39 -75.63
N SER F 122 13.22 3.83 -74.51
CA SER F 122 12.61 2.49 -74.49
C SER F 122 11.57 2.38 -73.41
N GLY F 123 10.54 1.59 -73.68
CA GLY F 123 9.49 1.26 -72.74
C GLY F 123 10.04 0.40 -71.62
N GLY F 124 10.73 -0.68 -71.99
CA GLY F 124 11.40 -1.58 -71.06
C GLY F 124 12.55 -0.92 -70.35
N LEU F 125 12.80 -1.29 -69.08
CA LEU F 125 13.86 -0.69 -68.26
C LEU F 125 14.28 -1.49 -67.04
N HIS F 126 13.37 -2.27 -66.44
CA HIS F 126 13.61 -3.05 -65.22
C HIS F 126 14.39 -4.35 -65.45
N GLY F 127 14.41 -4.85 -66.69
CA GLY F 127 15.13 -6.06 -67.06
C GLY F 127 14.44 -7.30 -66.55
N VAL F 128 13.13 -7.24 -66.44
CA VAL F 128 12.27 -8.26 -65.84
C VAL F 128 11.15 -8.79 -66.80
N GLY F 129 10.49 -7.89 -67.53
CA GLY F 129 9.40 -8.21 -68.44
C GLY F 129 9.40 -9.56 -69.12
N VAL F 130 10.43 -9.86 -69.95
CA VAL F 130 10.52 -11.12 -70.71
C VAL F 130 10.80 -12.31 -69.80
N SER F 131 11.64 -12.13 -68.75
CA SER F 131 11.94 -13.20 -67.79
C SER F 131 10.69 -13.63 -67.02
N VAL F 132 9.75 -12.68 -66.80
CA VAL F 132 8.46 -12.87 -66.14
C VAL F 132 7.56 -13.72 -67.03
N VAL F 133 7.57 -13.45 -68.35
CA VAL F 133 6.77 -14.15 -69.34
C VAL F 133 7.31 -15.56 -69.42
N ASN F 134 8.65 -15.72 -69.41
CA ASN F 134 9.28 -17.04 -69.39
C ASN F 134 8.94 -17.79 -68.11
N ALA F 135 8.88 -17.07 -66.96
CA ALA F 135 8.55 -17.62 -65.67
C ALA F 135 7.09 -18.04 -65.59
N LEU F 136 6.20 -17.24 -66.19
CA LEU F 136 4.75 -17.46 -66.17
C LEU F 136 4.24 -18.31 -67.35
N SER F 137 5.14 -18.99 -68.08
CA SER F 137 4.74 -19.83 -69.20
C SER F 137 5.30 -21.26 -69.18
N THR F 138 4.45 -22.19 -69.63
CA THR F 138 4.69 -23.63 -69.75
C THR F 138 5.75 -23.91 -70.82
N ARG F 139 5.69 -23.15 -71.92
CA ARG F 139 6.63 -23.21 -73.05
C ARG F 139 6.95 -21.79 -73.54
N LEU F 140 8.18 -21.62 -74.03
CA LEU F 140 8.68 -20.38 -74.63
C LEU F 140 9.70 -20.69 -75.73
N GLU F 141 9.23 -20.71 -76.98
CA GLU F 141 10.09 -20.92 -78.14
C GLU F 141 10.55 -19.53 -78.59
N VAL F 142 11.82 -19.40 -78.95
CA VAL F 142 12.43 -18.13 -79.38
C VAL F 142 13.23 -18.35 -80.68
N GLU F 143 12.91 -17.59 -81.72
CA GLU F 143 13.62 -17.63 -82.99
C GLU F 143 14.32 -16.29 -83.20
N ILE F 144 15.66 -16.30 -83.20
CA ILE F 144 16.44 -15.07 -83.38
C ILE F 144 17.30 -15.18 -84.60
N LYS F 145 17.14 -14.28 -85.55
CA LYS F 145 17.99 -14.25 -86.71
C LYS F 145 18.97 -13.09 -86.51
N ARG F 146 20.21 -13.42 -86.11
CA ARG F 146 21.28 -12.45 -85.86
C ARG F 146 22.68 -13.05 -86.12
N ASP F 147 23.70 -12.18 -86.28
CA ASP F 147 25.10 -12.56 -86.53
C ASP F 147 25.25 -13.59 -87.67
N GLY F 148 24.51 -13.34 -88.74
CA GLY F 148 24.49 -14.15 -89.95
C GLY F 148 23.80 -15.51 -89.88
N TYR F 149 23.25 -15.91 -88.71
CA TYR F 149 22.59 -17.21 -88.54
C TYR F 149 21.19 -17.17 -87.91
N GLU F 150 20.42 -18.25 -88.13
CA GLU F 150 19.12 -18.51 -87.52
C GLU F 150 19.43 -19.11 -86.13
N TRP F 151 18.77 -18.63 -85.08
CA TRP F 151 19.00 -19.10 -83.72
C TRP F 151 17.72 -19.56 -83.10
N SER F 152 17.72 -20.76 -82.54
CA SER F 152 16.53 -21.33 -81.94
C SER F 152 16.75 -21.64 -80.50
N GLN F 153 15.78 -21.29 -79.65
CA GLN F 153 15.87 -21.62 -78.24
C GLN F 153 14.49 -21.90 -77.69
N VAL F 154 14.31 -23.09 -77.09
CA VAL F 154 13.03 -23.47 -76.49
C VAL F 154 13.23 -23.49 -74.97
N TYR F 155 12.23 -22.98 -74.23
CA TYR F 155 12.24 -22.92 -72.78
C TYR F 155 11.06 -23.71 -72.25
N GLU F 156 11.35 -24.81 -71.55
CA GLU F 156 10.36 -25.67 -70.93
C GLU F 156 10.29 -25.23 -69.49
N LYS F 157 9.14 -24.66 -69.09
CA LYS F 157 8.88 -24.13 -67.76
C LYS F 157 10.08 -23.34 -67.21
N SER F 158 10.52 -22.32 -68.00
CA SER F 158 11.62 -21.38 -67.77
C SER F 158 13.01 -21.91 -68.15
N GLU F 159 13.24 -23.23 -68.04
CA GLU F 159 14.52 -23.87 -68.33
C GLU F 159 14.84 -23.95 -69.83
N PRO F 160 15.97 -23.35 -70.32
CA PRO F 160 16.30 -23.46 -71.76
C PRO F 160 16.64 -24.88 -72.15
N LEU F 161 16.49 -25.23 -73.43
CA LEU F 161 16.78 -26.59 -73.88
C LEU F 161 18.13 -26.68 -74.59
N GLY F 162 18.37 -25.75 -75.51
CA GLY F 162 19.61 -25.67 -76.29
C GLY F 162 19.52 -24.64 -77.40
N LEU F 163 20.38 -23.60 -77.31
CA LEU F 163 20.50 -22.51 -78.29
C LEU F 163 21.09 -23.13 -79.55
N LYS F 164 20.20 -23.57 -80.43
CA LYS F 164 20.56 -24.25 -81.66
C LYS F 164 20.74 -23.30 -82.81
N GLN F 165 21.88 -23.42 -83.52
CA GLN F 165 22.24 -22.64 -84.70
C GLN F 165 21.64 -23.35 -85.92
N GLY F 166 21.07 -22.55 -86.84
CA GLY F 166 20.44 -23.04 -88.05
C GLY F 166 21.02 -22.49 -89.33
N ALA F 167 20.13 -22.19 -90.28
CA ALA F 167 20.43 -21.66 -91.61
C ALA F 167 21.00 -20.25 -91.55
N PRO F 168 21.95 -19.87 -92.44
CA PRO F 168 22.46 -18.49 -92.42
C PRO F 168 21.42 -17.50 -92.97
N THR F 169 21.49 -16.23 -92.52
CA THR F 169 20.57 -15.17 -92.94
C THR F 169 21.19 -13.79 -92.72
N LYS F 170 21.23 -12.97 -93.80
CA LYS F 170 21.69 -11.57 -93.80
C LYS F 170 20.70 -10.69 -93.00
N LYS F 171 19.49 -11.25 -92.74
CA LYS F 171 18.38 -10.65 -92.02
C LYS F 171 18.61 -10.65 -90.48
N THR F 172 18.03 -9.65 -89.78
CA THR F 172 18.05 -9.54 -88.30
C THR F 172 16.60 -9.51 -87.78
N GLY F 173 16.31 -10.21 -86.69
CA GLY F 173 14.96 -10.24 -86.14
C GLY F 173 14.77 -11.19 -84.99
N SER F 174 13.67 -10.99 -84.22
CA SER F 174 13.30 -11.80 -83.04
C SER F 174 11.87 -12.34 -83.12
N THR F 175 11.67 -13.59 -82.69
CA THR F 175 10.37 -14.23 -82.63
C THR F 175 10.26 -14.85 -81.27
N VAL F 176 9.29 -14.41 -80.48
CA VAL F 176 9.12 -14.94 -79.13
C VAL F 176 7.75 -15.60 -79.11
N ARG F 177 7.71 -16.88 -78.71
CA ARG F 177 6.50 -17.69 -78.64
C ARG F 177 6.29 -18.22 -77.24
N PHE F 178 5.26 -17.77 -76.54
CA PHE F 178 4.99 -18.23 -75.17
C PHE F 178 3.61 -18.83 -75.06
N TRP F 179 3.39 -19.66 -74.03
CA TRP F 179 2.13 -20.31 -73.75
C TRP F 179 1.92 -20.19 -72.25
N ALA F 180 1.10 -19.20 -71.83
CA ALA F 180 0.83 -18.90 -70.42
C ALA F 180 0.51 -20.13 -69.58
N ASP F 181 1.00 -20.14 -68.35
CA ASP F 181 0.79 -21.27 -67.44
C ASP F 181 -0.65 -21.22 -66.91
N PRO F 182 -1.50 -22.24 -67.24
CA PRO F 182 -2.89 -22.24 -66.73
C PRO F 182 -2.95 -22.37 -65.21
N ALA F 183 -1.85 -22.84 -64.59
CA ALA F 183 -1.71 -22.96 -63.13
C ALA F 183 -1.74 -21.56 -62.50
N VAL F 184 -1.27 -20.56 -63.24
CA VAL F 184 -1.17 -19.16 -62.84
C VAL F 184 -2.50 -18.37 -63.13
N PHE F 185 -2.90 -18.29 -64.42
CA PHE F 185 -4.03 -17.50 -64.91
C PHE F 185 -5.43 -18.17 -64.83
N GLU F 186 -6.44 -17.39 -64.36
CA GLU F 186 -7.85 -17.79 -64.23
C GLU F 186 -8.43 -18.08 -65.61
N THR F 187 -8.15 -17.19 -66.56
CA THR F 187 -8.55 -17.31 -67.97
C THR F 187 -7.27 -17.33 -68.80
N THR F 188 -7.20 -18.22 -69.81
CA THR F 188 -6.05 -18.34 -70.71
C THR F 188 -6.40 -17.75 -72.08
N GLU F 189 -7.64 -17.24 -72.22
CA GLU F 189 -8.19 -16.67 -73.45
C GLU F 189 -7.87 -15.19 -73.60
N TYR F 190 -7.11 -14.86 -74.65
CA TYR F 190 -6.76 -13.49 -74.98
C TYR F 190 -7.92 -12.83 -75.71
N ASP F 191 -8.30 -11.60 -75.33
CA ASP F 191 -9.38 -10.89 -76.01
C ASP F 191 -8.77 -10.25 -77.24
N PHE F 192 -9.17 -10.73 -78.46
CA PHE F 192 -8.62 -10.20 -79.70
C PHE F 192 -8.70 -8.69 -79.72
N GLU F 193 -9.86 -8.15 -79.29
CA GLU F 193 -10.10 -6.71 -79.27
C GLU F 193 -9.23 -5.98 -78.25
N THR F 194 -8.91 -6.60 -77.09
CA THR F 194 -8.03 -5.98 -76.10
C THR F 194 -6.64 -5.89 -76.69
N VAL F 195 -6.18 -6.98 -77.37
CA VAL F 195 -4.87 -7.06 -78.02
C VAL F 195 -4.78 -6.03 -79.16
N ALA F 196 -5.82 -5.97 -80.01
CA ALA F 196 -5.91 -5.05 -81.13
C ALA F 196 -5.84 -3.59 -80.66
N ARG F 197 -6.70 -3.22 -79.71
CA ARG F 197 -6.77 -1.86 -79.16
C ARG F 197 -5.39 -1.34 -78.72
N ARG F 198 -4.59 -2.21 -78.05
CA ARG F 198 -3.27 -1.86 -77.55
C ARG F 198 -2.25 -1.71 -78.68
N LEU F 199 -2.28 -2.65 -79.65
CA LEU F 199 -1.38 -2.62 -80.79
C LEU F 199 -1.68 -1.40 -81.63
N GLN F 200 -2.99 -1.09 -81.80
CA GLN F 200 -3.47 0.09 -82.51
C GLN F 200 -2.79 1.32 -81.94
N GLU F 201 -2.77 1.47 -80.59
CA GLU F 201 -2.11 2.60 -79.95
C GLU F 201 -0.60 2.54 -80.11
N MET F 202 0.04 1.34 -80.00
CA MET F 202 1.49 1.24 -80.24
C MET F 202 1.81 1.79 -81.62
N ALA F 203 0.97 1.45 -82.60
CA ALA F 203 1.06 1.88 -83.98
C ALA F 203 0.86 3.37 -84.11
N PHE F 204 -0.02 3.98 -83.28
CA PHE F 204 -0.25 5.42 -83.33
C PHE F 204 0.96 6.17 -82.73
N LEU F 205 1.61 5.56 -81.70
CA LEU F 205 2.71 6.17 -80.96
C LEU F 205 4.07 5.97 -81.56
N ASN F 206 4.13 5.30 -82.71
CA ASN F 206 5.37 5.05 -83.43
C ASN F 206 5.01 5.12 -84.91
N LYS F 207 5.24 6.29 -85.52
CA LYS F 207 4.92 6.58 -86.92
C LYS F 207 5.48 5.54 -87.92
N GLY F 208 6.75 5.15 -87.75
CA GLY F 208 7.43 4.21 -88.64
C GLY F 208 6.95 2.79 -88.56
N LEU F 209 6.49 2.41 -87.36
CA LEU F 209 6.01 1.09 -87.01
C LEU F 209 4.69 0.72 -87.65
N THR F 210 4.63 -0.55 -88.10
CA THR F 210 3.54 -1.27 -88.70
C THR F 210 3.34 -2.48 -87.78
N ILE F 211 2.11 -2.70 -87.32
CA ILE F 211 1.78 -3.85 -86.47
C ILE F 211 0.77 -4.76 -87.13
N ASN F 212 1.14 -6.03 -87.28
CA ASN F 212 0.30 -7.06 -87.84
C ASN F 212 -0.19 -7.94 -86.73
N LEU F 213 -1.50 -8.05 -86.62
CA LEU F 213 -2.13 -8.92 -85.64
C LEU F 213 -2.99 -9.93 -86.36
N THR F 214 -2.86 -11.20 -86.00
CA THR F 214 -3.67 -12.24 -86.57
C THR F 214 -4.17 -13.17 -85.44
N ASP F 215 -5.44 -13.59 -85.53
CA ASP F 215 -6.12 -14.51 -84.61
C ASP F 215 -6.37 -15.82 -85.34
N GLU F 216 -5.41 -16.75 -85.22
CA GLU F 216 -5.43 -18.07 -85.83
C GLU F 216 -6.20 -19.07 -84.94
N ARG F 217 -7.20 -18.56 -84.20
CA ARG F 217 -8.05 -19.30 -83.27
C ARG F 217 -9.45 -19.46 -83.86
N VAL F 218 -10.04 -20.65 -83.67
CA VAL F 218 -11.35 -21.05 -84.19
C VAL F 218 -12.49 -20.43 -83.36
N THR F 219 -13.22 -19.46 -83.95
CA THR F 219 -14.33 -18.74 -83.31
C THR F 219 -15.61 -18.92 -84.14
N LYS F 250 -11.22 -18.03 -92.18
CA LYS F 250 -11.20 -18.69 -90.87
C LYS F 250 -10.33 -17.94 -89.83
N VAL F 251 -9.46 -17.01 -90.33
CA VAL F 251 -8.54 -16.19 -89.50
C VAL F 251 -8.98 -14.71 -89.46
N LYS F 252 -8.96 -14.11 -88.24
CA LYS F 252 -9.27 -12.70 -88.00
C LYS F 252 -7.92 -11.98 -88.06
N SER F 253 -7.82 -10.86 -88.82
CA SER F 253 -6.57 -10.11 -88.96
C SER F 253 -6.71 -8.60 -88.79
N ARG F 254 -5.58 -7.91 -88.48
CA ARG F 254 -5.46 -6.47 -88.29
C ARG F 254 -4.08 -5.88 -88.66
N THR F 255 -4.09 -4.78 -89.42
CA THR F 255 -2.89 -4.04 -89.79
C THR F 255 -3.06 -2.67 -89.17
N PHE F 256 -2.07 -2.29 -88.37
CA PHE F 256 -2.07 -1.02 -87.71
C PHE F 256 -0.80 -0.32 -88.13
N HIS F 257 -0.94 0.59 -89.11
CA HIS F 257 0.16 1.40 -89.62
C HIS F 257 -0.34 2.84 -89.57
N TYR F 258 0.24 3.67 -88.69
CA TYR F 258 -0.30 5.03 -88.58
C TYR F 258 0.76 6.13 -88.75
N PRO F 259 0.97 6.62 -90.00
CA PRO F 259 1.99 7.67 -90.24
C PRO F 259 1.59 9.08 -89.76
N GLY F 260 0.34 9.25 -89.31
CA GLY F 260 -0.19 10.50 -88.80
C GLY F 260 0.06 10.74 -87.32
N GLY F 261 0.44 9.68 -86.61
CA GLY F 261 0.75 9.73 -85.19
C GLY F 261 -0.43 9.93 -84.24
N LEU F 262 -0.23 10.83 -83.26
CA LEU F 262 -1.27 11.12 -82.27
C LEU F 262 -2.43 11.86 -82.92
N VAL F 263 -2.18 12.48 -84.11
CA VAL F 263 -3.19 13.17 -84.90
C VAL F 263 -4.18 12.10 -85.34
N ASP F 264 -3.67 10.97 -85.89
CA ASP F 264 -4.50 9.86 -86.31
C ASP F 264 -5.15 9.20 -85.10
N PHE F 265 -4.44 9.14 -83.96
CA PHE F 265 -4.96 8.58 -82.71
C PHE F 265 -6.24 9.34 -82.31
N VAL F 266 -6.15 10.69 -82.25
CA VAL F 266 -7.28 11.57 -81.91
C VAL F 266 -8.38 11.42 -82.95
N LYS F 267 -8.04 11.50 -84.26
CA LYS F 267 -8.98 11.34 -85.37
C LYS F 267 -9.85 10.07 -85.15
N HIS F 268 -9.18 8.98 -84.69
CA HIS F 268 -9.78 7.69 -84.36
C HIS F 268 -10.78 7.78 -83.21
N ILE F 269 -10.34 8.32 -82.02
CA ILE F 269 -11.18 8.47 -80.81
C ILE F 269 -12.53 9.09 -81.17
N ASN F 270 -12.53 10.25 -81.83
CA ASN F 270 -13.76 10.96 -82.20
C ASN F 270 -14.37 10.51 -83.55
N ARG F 271 -14.30 9.21 -83.91
CA ARG F 271 -14.92 8.71 -85.15
C ARG F 271 -16.45 8.65 -84.98
N THR F 272 -16.92 8.12 -83.84
CA THR F 272 -18.33 7.97 -83.46
C THR F 272 -18.84 9.26 -82.80
N LYS F 273 -18.04 9.80 -81.84
CA LYS F 273 -18.27 11.02 -81.09
C LYS F 273 -18.16 12.18 -82.07
N ASN F 274 -19.08 13.16 -82.01
CA ASN F 274 -19.04 14.29 -82.95
C ASN F 274 -18.08 15.35 -82.44
N ALA F 275 -17.07 15.73 -83.25
CA ALA F 275 -16.07 16.73 -82.87
C ALA F 275 -16.64 18.16 -82.81
N ILE F 276 -16.42 18.85 -81.66
CA ILE F 276 -16.86 20.22 -81.36
C ILE F 276 -16.27 21.25 -82.34
N HIS F 277 -15.05 20.98 -82.78
CA HIS F 277 -14.25 21.80 -83.69
C HIS F 277 -13.61 20.89 -84.75
N SER F 278 -13.17 21.46 -85.88
CA SER F 278 -12.61 20.69 -86.99
C SER F 278 -11.10 20.39 -86.87
N SER F 279 -10.31 21.35 -86.36
CA SER F 279 -8.86 21.23 -86.27
C SER F 279 -8.42 20.45 -85.06
N ILE F 280 -7.45 19.52 -85.24
CA ILE F 280 -6.88 18.75 -84.13
C ILE F 280 -5.62 19.46 -83.60
N VAL F 281 -5.58 19.70 -82.28
CA VAL F 281 -4.48 20.38 -81.61
C VAL F 281 -3.28 19.46 -81.53
N ASP F 282 -2.23 19.72 -82.32
CA ASP F 282 -1.01 18.91 -82.30
C ASP F 282 0.22 19.77 -82.04
N PHE F 283 1.03 19.36 -81.06
CA PHE F 283 2.27 20.04 -80.71
C PHE F 283 3.28 19.12 -80.03
N SER F 284 4.54 19.59 -79.93
CA SER F 284 5.64 18.84 -79.35
C SER F 284 6.67 19.77 -78.72
N GLY F 285 7.10 19.40 -77.53
CA GLY F 285 8.13 20.10 -76.77
C GLY F 285 9.31 19.19 -76.48
N LYS F 286 10.47 19.77 -76.12
CA LYS F 286 11.65 18.98 -75.82
C LYS F 286 12.51 19.59 -74.73
N GLY F 287 12.81 18.77 -73.73
CA GLY F 287 13.69 19.10 -72.62
C GLY F 287 14.99 18.36 -72.80
N THR F 288 15.79 18.20 -71.71
CA THR F 288 17.07 17.51 -71.78
C THR F 288 16.87 16.00 -72.05
N GLY F 289 16.54 15.24 -71.01
CA GLY F 289 16.33 13.81 -71.16
C GLY F 289 14.86 13.46 -71.28
N HIS F 290 14.08 14.30 -71.98
CA HIS F 290 12.65 14.09 -72.17
C HIS F 290 12.06 14.92 -73.28
N GLU F 291 11.04 14.37 -73.96
CA GLU F 291 10.27 15.00 -75.03
C GLU F 291 8.79 14.76 -74.70
N VAL F 292 7.89 15.52 -75.34
CA VAL F 292 6.43 15.42 -75.18
C VAL F 292 5.70 15.65 -76.54
N GLU F 293 4.64 14.87 -76.79
CA GLU F 293 3.80 14.96 -78.00
C GLU F 293 2.35 15.02 -77.52
N ILE F 294 1.63 16.09 -77.89
CA ILE F 294 0.24 16.27 -77.51
C ILE F 294 -0.62 16.44 -78.76
N ALA F 295 -1.79 15.83 -78.70
CA ALA F 295 -2.82 15.91 -79.71
C ALA F 295 -4.14 15.89 -78.97
N MET F 296 -5.03 16.85 -79.25
CA MET F 296 -6.35 16.89 -78.63
C MET F 296 -7.43 17.46 -79.54
N GLN F 297 -8.67 16.99 -79.34
CA GLN F 297 -9.87 17.42 -80.05
C GLN F 297 -11.10 17.14 -79.20
N TRP F 298 -11.83 18.20 -78.88
CA TRP F 298 -13.06 18.09 -78.10
C TRP F 298 -14.20 17.56 -78.99
N ASN F 299 -15.10 16.83 -78.35
CA ASN F 299 -16.28 16.21 -78.94
C ASN F 299 -17.54 16.61 -78.16
N ALA F 300 -18.71 16.56 -78.81
CA ALA F 300 -20.03 16.87 -78.28
C ALA F 300 -20.41 16.06 -77.01
N GLY F 301 -19.70 14.94 -76.78
CA GLY F 301 -19.90 14.04 -75.65
C GLY F 301 -19.61 14.60 -74.26
N TYR F 302 -19.68 13.71 -73.26
CA TYR F 302 -19.50 14.05 -71.86
C TYR F 302 -18.31 13.36 -71.21
N SER F 303 -17.99 12.11 -71.62
CA SER F 303 -16.87 11.35 -71.06
C SER F 303 -15.51 11.85 -71.59
N GLU F 304 -14.52 11.93 -70.70
CA GLU F 304 -13.15 12.33 -71.02
C GLU F 304 -12.37 11.12 -71.58
N SER F 305 -11.78 11.29 -72.77
CA SER F 305 -10.95 10.27 -73.40
C SER F 305 -9.53 10.77 -73.59
N VAL F 306 -8.85 10.96 -72.43
CA VAL F 306 -7.48 11.42 -72.33
C VAL F 306 -6.60 10.19 -72.05
N HIS F 307 -5.69 9.89 -72.98
CA HIS F 307 -4.82 8.73 -72.96
C HIS F 307 -3.39 9.16 -72.78
N THR F 308 -2.78 8.78 -71.67
CA THR F 308 -1.40 9.18 -71.43
C THR F 308 -0.43 8.00 -71.70
N PHE F 309 0.72 8.38 -72.27
CA PHE F 309 1.75 7.45 -72.68
C PHE F 309 3.12 7.93 -72.31
N ALA F 310 3.97 6.97 -71.89
CA ALA F 310 5.38 7.18 -71.58
C ALA F 310 6.19 6.05 -72.19
N ASN F 311 7.08 6.41 -73.17
CA ASN F 311 7.93 5.49 -73.94
C ASN F 311 7.09 4.38 -74.58
N THR F 312 5.93 4.81 -75.17
CA THR F 312 4.88 4.02 -75.83
C THR F 312 3.98 3.31 -74.82
N ILE F 313 4.46 3.17 -73.57
CA ILE F 313 3.72 2.44 -72.54
C ILE F 313 2.48 3.21 -72.10
N ASN F 314 1.37 2.45 -71.91
CA ASN F 314 0.10 2.99 -71.44
C ASN F 314 0.14 3.25 -69.93
N THR F 315 0.34 4.52 -69.57
CA THR F 315 0.37 5.01 -68.19
C THR F 315 -1.10 5.36 -67.90
N HIS F 316 -1.97 4.32 -67.81
CA HIS F 316 -3.41 4.50 -67.62
C HIS F 316 -3.80 5.09 -66.28
N GLU F 317 -2.91 4.96 -65.28
CA GLU F 317 -3.19 5.53 -63.96
C GLU F 317 -2.65 6.96 -63.94
N GLY F 318 -2.02 7.35 -65.05
CA GLY F 318 -1.50 8.70 -65.28
C GLY F 318 -0.07 8.92 -64.89
N GLY F 319 0.14 9.96 -64.11
CA GLY F 319 1.49 10.31 -63.67
C GLY F 319 1.81 11.79 -63.77
N THR F 320 3.11 12.11 -63.70
CA THR F 320 3.60 13.48 -63.73
C THR F 320 3.24 14.18 -65.05
N HIS F 321 3.22 13.41 -66.16
CA HIS F 321 2.88 13.93 -67.49
C HIS F 321 1.36 14.17 -67.66
N GLU F 322 0.50 13.29 -67.06
CA GLU F 322 -0.94 13.45 -67.05
C GLU F 322 -1.26 14.68 -66.21
N GLU F 323 -0.57 14.83 -65.05
CA GLU F 323 -0.71 15.95 -64.10
C GLU F 323 -0.21 17.28 -64.68
N GLY F 324 0.93 17.23 -65.38
CA GLY F 324 1.53 18.40 -66.01
C GLY F 324 0.66 19.00 -67.09
N PHE F 325 -0.01 18.14 -67.85
CA PHE F 325 -0.92 18.52 -68.90
C PHE F 325 -2.23 19.04 -68.29
N ARG F 326 -2.82 18.25 -67.35
CA ARG F 326 -4.06 18.55 -66.64
C ARG F 326 -4.06 19.95 -66.03
N SER F 327 -2.98 20.29 -65.31
CA SER F 327 -2.79 21.58 -64.66
C SER F 327 -2.69 22.71 -65.68
N ALA F 328 -1.94 22.48 -66.78
CA ALA F 328 -1.73 23.46 -67.85
C ALA F 328 -3.02 23.79 -68.61
N LEU F 329 -3.83 22.75 -68.91
CA LEU F 329 -5.12 22.88 -69.60
C LEU F 329 -6.09 23.80 -68.82
N THR F 330 -6.08 23.69 -67.47
CA THR F 330 -6.92 24.50 -66.59
C THR F 330 -6.42 25.96 -66.56
N SER F 331 -5.09 26.16 -66.54
CA SER F 331 -4.49 27.50 -66.50
C SER F 331 -4.37 28.15 -67.89
N VAL F 332 -4.88 27.49 -68.95
CA VAL F 332 -4.89 28.04 -70.31
C VAL F 332 -6.33 28.44 -70.67
N VAL F 333 -7.30 27.56 -70.37
CA VAL F 333 -8.72 27.76 -70.61
C VAL F 333 -9.26 28.94 -69.76
N ASN F 334 -8.92 28.96 -68.47
CA ASN F 334 -9.34 30.04 -67.57
C ASN F 334 -8.68 31.37 -67.93
N LYS F 335 -7.40 31.34 -68.38
CA LYS F 335 -6.65 32.52 -68.82
C LYS F 335 -7.30 33.07 -70.09
N TYR F 336 -7.75 32.16 -71.00
CA TYR F 336 -8.44 32.50 -72.25
C TYR F 336 -9.83 33.10 -71.95
N ALA F 337 -10.58 32.47 -71.03
CA ALA F 337 -11.91 32.89 -70.62
C ALA F 337 -11.88 34.25 -69.91
N LYS F 338 -10.87 34.49 -69.05
CA LYS F 338 -10.70 35.75 -68.32
C LYS F 338 -10.36 36.91 -69.28
N ASP F 339 -9.64 36.61 -70.38
CA ASP F 339 -9.25 37.56 -71.43
C ASP F 339 -10.48 38.14 -72.14
N ARG F 340 -11.51 37.30 -72.39
CA ARG F 340 -12.76 37.66 -73.08
C ARG F 340 -13.99 36.92 -72.51
N LYS F 341 -14.44 37.33 -71.30
CA LYS F 341 -15.60 36.81 -70.56
C LYS F 341 -15.94 35.34 -70.86
N PRO F 348 -17.19 32.84 -60.53
CA PRO F 348 -16.71 31.46 -60.39
C PRO F 348 -15.36 31.23 -61.08
N ASN F 349 -14.98 29.95 -61.32
CA ASN F 349 -13.75 29.52 -62.01
C ASN F 349 -13.93 28.08 -62.50
N LEU F 350 -13.60 27.81 -63.79
CA LEU F 350 -13.73 26.49 -64.43
C LEU F 350 -12.71 25.48 -63.90
N THR F 351 -13.14 24.22 -63.74
CA THR F 351 -12.32 23.11 -63.25
C THR F 351 -11.94 22.17 -64.40
N GLY F 352 -10.79 21.50 -64.25
CA GLY F 352 -10.29 20.54 -65.24
C GLY F 352 -11.23 19.37 -65.46
N ASP F 353 -12.00 19.01 -64.43
CA ASP F 353 -13.00 17.94 -64.43
C ASP F 353 -14.17 18.34 -65.35
N ASP F 354 -14.30 19.66 -65.63
CA ASP F 354 -15.34 20.23 -66.49
C ASP F 354 -14.80 20.60 -67.90
N ILE F 355 -13.48 20.78 -68.04
CA ILE F 355 -12.82 21.12 -69.31
C ILE F 355 -12.62 19.86 -70.13
N ARG F 356 -12.07 18.82 -69.49
CA ARG F 356 -11.77 17.50 -70.09
C ARG F 356 -13.04 16.73 -70.49
N GLU F 357 -14.22 17.11 -69.93
CA GLU F 357 -15.50 16.49 -70.26
C GLU F 357 -15.71 16.60 -71.77
N GLY F 358 -15.76 15.45 -72.42
CA GLY F 358 -15.90 15.34 -73.87
C GLY F 358 -14.64 15.71 -74.61
N LEU F 359 -13.46 15.41 -74.04
CA LEU F 359 -12.18 15.71 -74.69
C LEU F 359 -11.37 14.45 -75.02
N ALA F 360 -10.96 14.33 -76.30
CA ALA F 360 -10.11 13.25 -76.79
C ALA F 360 -8.69 13.77 -76.87
N ALA F 361 -7.81 13.35 -75.94
CA ALA F 361 -6.43 13.79 -75.90
C ALA F 361 -5.44 12.65 -75.77
N VAL F 362 -4.24 12.85 -76.34
CA VAL F 362 -3.13 11.89 -76.28
C VAL F 362 -1.86 12.66 -75.86
N ILE F 363 -1.28 12.26 -74.71
CA ILE F 363 -0.04 12.86 -74.20
C ILE F 363 1.00 11.76 -74.26
N SER F 364 1.92 11.87 -75.22
CA SER F 364 2.98 10.88 -75.37
C SER F 364 4.33 11.44 -74.99
N VAL F 365 4.89 10.97 -73.87
CA VAL F 365 6.20 11.41 -73.44
C VAL F 365 7.26 10.34 -73.74
N LYS F 366 8.46 10.82 -74.09
CA LYS F 366 9.66 10.06 -74.38
C LYS F 366 10.68 10.57 -73.37
N VAL F 367 10.89 9.82 -72.28
CA VAL F 367 11.84 10.17 -71.23
C VAL F 367 13.06 9.24 -71.36
N SER F 368 14.28 9.81 -71.35
CA SER F 368 15.55 9.09 -71.45
C SER F 368 15.70 8.10 -70.30
N GLU F 369 15.53 8.56 -69.03
CA GLU F 369 15.59 7.70 -67.83
C GLU F 369 14.23 7.68 -67.04
N PRO F 370 13.22 6.91 -67.53
CA PRO F 370 11.91 6.91 -66.85
C PRO F 370 11.82 6.19 -65.50
N GLN F 371 10.81 6.59 -64.74
CA GLN F 371 10.52 6.07 -63.43
C GLN F 371 9.04 5.63 -63.48
N PHE F 372 8.81 4.33 -63.56
CA PHE F 372 7.47 3.78 -63.66
C PHE F 372 7.05 3.12 -62.38
N GLU F 373 5.80 3.36 -61.91
CA GLU F 373 5.29 2.68 -60.71
C GLU F 373 5.11 1.19 -61.09
N GLY F 374 6.00 0.37 -60.57
CA GLY F 374 6.02 -1.07 -60.82
C GLY F 374 6.33 -1.51 -62.24
N GLN F 375 6.28 -2.84 -62.47
CA GLN F 375 6.53 -3.51 -63.76
C GLN F 375 5.32 -3.32 -64.69
N THR F 376 4.10 -3.16 -64.12
CA THR F 376 2.89 -2.93 -64.89
C THR F 376 2.89 -1.49 -65.48
N LYS F 377 3.79 -0.62 -64.96
CA LYS F 377 4.06 0.76 -65.40
C LYS F 377 2.78 1.57 -65.59
N THR F 378 2.02 1.64 -64.51
CA THR F 378 0.71 2.28 -64.45
C THR F 378 0.82 3.80 -64.44
N LYS F 379 1.84 4.33 -63.78
CA LYS F 379 2.08 5.76 -63.62
C LYS F 379 3.53 6.08 -63.91
N LEU F 380 3.81 7.33 -64.27
CA LEU F 380 5.17 7.80 -64.47
C LEU F 380 5.45 8.70 -63.27
N GLY F 381 6.60 8.56 -62.64
CA GLY F 381 6.95 9.32 -61.45
C GLY F 381 8.08 10.32 -61.58
N ASN F 382 8.33 10.81 -62.80
CA ASN F 382 9.39 11.76 -63.10
C ASN F 382 8.87 13.16 -62.84
N THR F 383 9.01 13.67 -61.60
CA THR F 383 8.54 15.00 -61.18
C THR F 383 9.09 16.07 -62.14
N GLU F 384 10.23 15.80 -62.79
CA GLU F 384 10.88 16.65 -63.78
C GLU F 384 9.99 16.84 -65.02
N VAL F 385 9.29 15.77 -65.44
CA VAL F 385 8.42 15.74 -66.62
C VAL F 385 7.13 16.57 -66.38
N LYS F 386 6.59 16.60 -65.14
CA LYS F 386 5.41 17.40 -64.76
C LYS F 386 5.59 18.86 -65.15
N SER F 387 6.67 19.49 -64.64
CA SER F 387 7.03 20.89 -64.91
C SER F 387 7.25 21.17 -66.39
N PHE F 388 7.92 20.25 -67.12
CA PHE F 388 8.22 20.36 -68.54
C PHE F 388 6.97 20.21 -69.44
N VAL F 389 6.09 19.25 -69.12
CA VAL F 389 4.85 19.03 -69.86
C VAL F 389 4.02 20.31 -69.76
N GLN F 390 3.84 20.85 -68.54
CA GLN F 390 3.13 22.09 -68.29
C GLN F 390 3.78 23.22 -69.07
N LYS F 391 5.13 23.38 -68.98
CA LYS F 391 5.93 24.40 -69.69
C LYS F 391 5.73 24.32 -71.23
N VAL F 392 5.29 23.16 -71.74
CA VAL F 392 5.02 22.96 -73.16
C VAL F 392 3.56 23.25 -73.42
N CYS F 393 2.65 22.54 -72.72
CA CYS F 393 1.19 22.68 -72.82
C CYS F 393 0.70 24.10 -72.61
N ASN F 394 1.23 24.81 -71.60
CA ASN F 394 0.87 26.20 -71.33
C ASN F 394 1.34 27.11 -72.48
N GLU F 395 2.63 27.02 -72.88
CA GLU F 395 3.23 27.86 -73.93
C GLU F 395 2.80 27.53 -75.35
N GLN F 396 2.30 26.30 -75.59
CA GLN F 396 1.89 25.85 -76.91
C GLN F 396 0.37 25.73 -77.09
N LEU F 397 -0.39 25.65 -75.99
CA LEU F 397 -1.85 25.58 -76.07
C LEU F 397 -2.44 26.99 -76.17
N THR F 398 -1.78 28.00 -75.56
CA THR F 398 -2.21 29.39 -75.63
C THR F 398 -2.02 29.88 -77.07
N HIS F 399 -0.92 29.43 -77.73
CA HIS F 399 -0.65 29.77 -79.14
C HIS F 399 -1.74 29.20 -80.06
N TRP F 400 -2.20 27.94 -79.80
CA TRP F 400 -3.27 27.31 -80.59
C TRP F 400 -4.59 28.05 -80.43
N PHE F 401 -4.97 28.40 -79.17
CA PHE F 401 -6.20 29.15 -78.84
C PHE F 401 -6.21 30.57 -79.48
N GLU F 402 -5.02 31.17 -79.66
CA GLU F 402 -4.84 32.48 -80.25
C GLU F 402 -4.82 32.40 -81.78
N ALA F 403 -4.09 31.41 -82.35
CA ALA F 403 -4.01 31.23 -83.81
C ALA F 403 -5.29 30.63 -84.41
N ASN F 404 -6.06 29.89 -83.58
CA ASN F 404 -7.33 29.27 -83.96
C ASN F 404 -8.44 29.81 -83.02
N PRO F 405 -8.88 31.10 -83.16
CA PRO F 405 -9.92 31.62 -82.24
C PRO F 405 -11.33 31.11 -82.51
N THR F 406 -11.57 30.65 -83.77
CA THR F 406 -12.83 30.07 -84.26
C THR F 406 -13.23 28.90 -83.35
N ASP F 407 -12.40 27.84 -83.40
CA ASP F 407 -12.52 26.60 -82.63
C ASP F 407 -12.47 26.87 -81.13
N ALA F 408 -11.51 27.72 -80.69
CA ALA F 408 -11.28 28.12 -79.30
C ALA F 408 -12.53 28.62 -78.60
N LYS F 409 -13.35 29.40 -79.32
CA LYS F 409 -14.63 29.93 -78.85
C LYS F 409 -15.60 28.79 -78.56
N VAL F 410 -15.82 27.90 -79.56
CA VAL F 410 -16.69 26.71 -79.51
C VAL F 410 -16.29 25.80 -78.34
N VAL F 411 -14.97 25.59 -78.15
CA VAL F 411 -14.36 24.78 -77.10
C VAL F 411 -14.63 25.36 -75.70
N VAL F 412 -14.36 26.67 -75.50
CA VAL F 412 -14.56 27.35 -74.21
C VAL F 412 -16.06 27.44 -73.90
N ASN F 413 -16.89 27.95 -74.86
CA ASN F 413 -18.35 28.10 -74.78
C ASN F 413 -19.06 26.81 -74.30
N LYS F 414 -18.57 25.63 -74.76
CA LYS F 414 -19.09 24.31 -74.38
C LYS F 414 -18.78 24.03 -72.91
N ALA F 415 -17.49 24.17 -72.52
CA ALA F 415 -17.01 23.97 -71.15
C ALA F 415 -17.67 24.97 -70.18
N VAL F 416 -18.00 26.17 -70.69
CA VAL F 416 -18.66 27.26 -69.96
C VAL F 416 -20.13 26.90 -69.70
N SER F 417 -20.82 26.36 -70.74
CA SER F 417 -22.23 25.94 -70.68
C SER F 417 -22.45 24.71 -69.81
N SER F 418 -21.41 23.84 -69.69
CA SER F 418 -21.46 22.62 -68.89
C SER F 418 -21.37 22.93 -67.40
N ALA F 419 -20.33 23.67 -66.97
CA ALA F 419 -20.08 24.09 -65.59
C ALA F 419 -21.26 24.89 -65.01
N GLN F 420 -21.83 25.81 -65.81
CA GLN F 420 -22.97 26.67 -65.49
C GLN F 420 -24.23 25.88 -65.15
N ALA F 421 -24.38 24.68 -65.73
CA ALA F 421 -25.52 23.78 -65.46
C ALA F 421 -25.30 23.10 -64.10
N ARG F 422 -24.03 22.68 -63.83
CA ARG F 422 -23.60 22.05 -62.57
C ARG F 422 -23.79 23.00 -61.38
N ILE F 423 -23.47 24.31 -61.58
CA ILE F 423 -23.63 25.36 -60.57
C ILE F 423 -25.14 25.53 -60.21
N ALA F 424 -26.03 25.39 -61.22
CA ALA F 424 -27.48 25.51 -61.05
C ALA F 424 -28.10 24.35 -60.25
N ALA F 425 -27.48 23.16 -60.29
CA ALA F 425 -27.93 21.94 -59.60
C ALA F 425 -27.93 22.03 -58.06
N ARG F 426 -26.81 22.50 -57.46
CA ARG F 426 -26.62 22.64 -56.01
C ARG F 426 -27.58 23.65 -55.35
N ASP G 15 -25.40 4.16 85.56
CA ASP G 15 -24.03 4.15 85.03
C ASP G 15 -23.82 3.09 83.91
N GLU G 16 -24.93 2.40 83.51
CA GLU G 16 -24.95 1.32 82.51
C GLU G 16 -24.08 1.56 81.25
N TYR G 17 -22.95 0.83 81.22
CA TYR G 17 -21.91 0.81 80.22
C TYR G 17 -21.04 -0.39 80.60
N GLY G 18 -21.15 -1.44 79.79
CA GLY G 18 -20.42 -2.69 79.95
C GLY G 18 -20.05 -3.34 78.64
N ALA G 19 -19.58 -4.60 78.72
CA ALA G 19 -19.12 -5.46 77.63
C ALA G 19 -20.01 -5.47 76.38
N ALA G 20 -21.34 -5.33 76.56
CA ALA G 20 -22.35 -5.34 75.50
C ALA G 20 -22.32 -4.07 74.65
N SER G 21 -22.09 -2.91 75.30
CA SER G 21 -22.01 -1.59 74.65
C SER G 21 -20.95 -1.56 73.55
N ILE G 22 -19.95 -2.47 73.66
CA ILE G 22 -18.81 -2.64 72.75
C ILE G 22 -19.13 -3.64 71.64
N THR G 23 -19.03 -3.15 70.40
CA THR G 23 -19.26 -3.91 69.17
C THR G 23 -18.05 -3.81 68.28
N ILE G 24 -17.83 -4.86 67.48
CA ILE G 24 -16.73 -4.92 66.52
C ILE G 24 -17.33 -4.81 65.13
N LEU G 25 -16.82 -3.86 64.34
CA LEU G 25 -17.26 -3.70 62.97
C LEU G 25 -16.34 -4.56 62.13
N GLU G 26 -16.91 -5.55 61.43
CA GLU G 26 -16.15 -6.48 60.59
C GLU G 26 -15.98 -5.95 59.18
N GLY G 27 -14.74 -5.98 58.71
CA GLY G 27 -14.34 -5.55 57.38
C GLY G 27 -14.87 -4.22 56.92
N LEU G 28 -15.55 -4.25 55.74
CA LEU G 28 -16.14 -3.10 55.03
C LEU G 28 -17.33 -2.43 55.73
N GLU G 29 -17.78 -2.99 56.87
CA GLU G 29 -18.86 -2.40 57.64
C GLU G 29 -18.35 -1.16 58.36
N ALA G 30 -17.03 -1.14 58.66
CA ALA G 30 -16.37 0.00 59.29
C ALA G 30 -16.49 1.21 58.36
N VAL G 31 -16.28 0.98 57.06
CA VAL G 31 -16.36 1.99 55.98
C VAL G 31 -17.79 2.56 55.82
N ARG G 32 -18.81 1.69 55.74
CA ARG G 32 -20.18 2.14 55.55
C ARG G 32 -20.71 2.94 56.75
N LYS G 33 -20.39 2.47 57.99
CA LYS G 33 -20.78 3.15 59.23
C LYS G 33 -19.99 4.44 59.47
N ARG G 34 -18.66 4.43 59.24
CA ARG G 34 -17.82 5.63 59.42
C ARG G 34 -17.19 6.05 58.05
N PRO G 35 -18.03 6.53 57.08
CA PRO G 35 -17.47 6.91 55.76
C PRO G 35 -16.31 7.90 55.78
N GLY G 36 -16.45 8.94 56.61
CA GLY G 36 -15.56 10.08 56.80
C GLY G 36 -14.10 9.76 57.09
N MET G 37 -13.86 8.67 57.83
CA MET G 37 -12.54 8.19 58.20
C MET G 37 -11.75 7.80 56.95
N TYR G 38 -12.47 7.37 55.87
CA TYR G 38 -11.90 6.93 54.61
C TYR G 38 -12.09 7.87 53.43
N ILE G 39 -13.26 8.51 53.38
CA ILE G 39 -13.79 9.30 52.29
C ILE G 39 -13.98 10.79 52.67
N GLY G 40 -13.48 11.23 53.84
CA GLY G 40 -13.61 12.61 54.27
C GLY G 40 -14.96 12.99 54.87
N SER G 41 -16.02 12.97 54.02
CA SER G 41 -17.43 13.32 54.31
C SER G 41 -18.38 12.58 53.32
N THR G 42 -19.71 12.71 53.49
CA THR G 42 -20.65 12.07 52.58
C THR G 42 -21.25 13.05 51.58
N GLY G 43 -20.61 14.21 51.46
CA GLY G 43 -20.98 15.25 50.50
C GLY G 43 -20.25 15.13 49.18
N GLU G 44 -20.25 16.21 48.40
CA GLU G 44 -19.60 16.27 47.09
C GLU G 44 -18.11 15.97 47.18
N ARG G 45 -17.47 16.35 48.30
CA ARG G 45 -16.05 16.06 48.53
C ARG G 45 -15.85 14.52 48.61
N GLY G 46 -16.78 13.83 49.26
CA GLY G 46 -16.73 12.39 49.46
C GLY G 46 -17.06 11.57 48.23
N LEU G 47 -18.13 11.95 47.52
CA LEU G 47 -18.58 11.28 46.31
C LEU G 47 -17.46 11.30 45.25
N HIS G 48 -16.80 12.47 45.06
CA HIS G 48 -15.68 12.62 44.14
C HIS G 48 -14.45 11.81 44.58
N HIS G 49 -14.32 11.54 45.89
CA HIS G 49 -13.24 10.74 46.45
C HIS G 49 -13.31 9.27 46.02
N LEU G 50 -14.49 8.81 45.60
CA LEU G 50 -14.66 7.43 45.11
C LEU G 50 -13.95 7.34 43.77
N ILE G 51 -14.20 8.30 42.87
CA ILE G 51 -13.54 8.39 41.57
C ILE G 51 -12.04 8.43 41.80
N TRP G 52 -11.56 9.31 42.71
CA TRP G 52 -10.14 9.49 42.99
C TRP G 52 -9.45 8.22 43.28
N GLU G 53 -9.97 7.46 44.23
CA GLU G 53 -9.36 6.19 44.62
C GLU G 53 -9.22 5.22 43.44
N VAL G 54 -10.20 5.15 42.54
CA VAL G 54 -10.15 4.28 41.35
C VAL G 54 -9.15 4.80 40.30
N VAL G 55 -9.17 6.13 40.01
CA VAL G 55 -8.24 6.78 39.07
C VAL G 55 -6.78 6.66 39.56
N ASP G 56 -6.53 6.94 40.87
CA ASP G 56 -5.22 6.85 41.54
C ASP G 56 -4.55 5.49 41.26
N ASN G 57 -5.32 4.38 41.31
CA ASN G 57 -4.85 3.02 41.09
C ASN G 57 -4.36 2.89 39.68
N ALA G 58 -5.22 3.25 38.72
CA ALA G 58 -4.92 3.24 37.29
C ALA G 58 -3.68 4.08 36.97
N VAL G 59 -3.57 5.25 37.63
CA VAL G 59 -2.45 6.16 37.48
C VAL G 59 -1.18 5.56 38.09
N ASP G 60 -1.30 4.81 39.19
CA ASP G 60 -0.14 4.14 39.77
C ASP G 60 0.43 3.09 38.80
N GLU G 61 -0.36 2.68 37.81
CA GLU G 61 0.08 1.75 36.78
C GLU G 61 0.93 2.51 35.74
N ALA G 62 0.62 3.82 35.56
CA ALA G 62 1.28 4.71 34.63
C ALA G 62 2.62 5.10 35.21
N MET G 63 2.64 5.33 36.54
CA MET G 63 3.83 5.69 37.30
C MET G 63 4.83 4.56 37.26
N ALA G 64 4.32 3.32 37.13
CA ALA G 64 5.08 2.08 37.02
C ALA G 64 5.57 1.89 35.59
N GLY G 65 4.96 2.60 34.64
CA GLY G 65 5.32 2.60 33.22
C GLY G 65 4.63 1.59 32.34
N TYR G 66 3.50 1.06 32.81
CA TYR G 66 2.71 0.07 32.10
C TYR G 66 1.51 0.73 31.44
N ALA G 67 0.82 1.61 32.18
CA ALA G 67 -0.33 2.33 31.66
C ALA G 67 0.14 3.58 30.98
N THR G 68 -0.45 3.86 29.83
CA THR G 68 -0.13 5.07 29.08
C THR G 68 -1.39 5.94 29.02
N THR G 69 -2.54 5.30 29.15
CA THR G 69 -3.84 5.93 29.01
C THR G 69 -4.77 5.49 30.14
N VAL G 70 -5.49 6.47 30.71
CA VAL G 70 -6.52 6.27 31.71
C VAL G 70 -7.81 6.85 31.09
N ASN G 71 -8.82 6.02 30.92
CA ASN G 71 -10.09 6.43 30.35
C ASN G 71 -11.11 6.52 31.46
N VAL G 72 -11.68 7.70 31.67
CA VAL G 72 -12.69 7.94 32.72
C VAL G 72 -14.01 8.34 32.05
N VAL G 73 -15.12 7.66 32.44
CA VAL G 73 -16.46 7.89 31.90
C VAL G 73 -17.51 8.04 33.00
N LEU G 74 -18.18 9.20 33.05
CA LEU G 74 -19.29 9.45 33.97
C LEU G 74 -20.52 8.95 33.23
N LEU G 75 -21.11 7.86 33.73
CA LEU G 75 -22.24 7.22 33.08
C LEU G 75 -23.58 7.85 33.39
N GLU G 76 -24.56 7.61 32.49
CA GLU G 76 -25.97 8.08 32.56
C GLU G 76 -26.67 7.81 33.91
N ASP G 77 -26.40 6.66 34.55
CA ASP G 77 -27.01 6.23 35.81
C ASP G 77 -26.22 6.58 37.08
N GLY G 78 -25.34 7.58 36.96
CA GLY G 78 -24.51 8.02 38.07
C GLY G 78 -23.41 7.02 38.42
N GLY G 79 -23.14 6.13 37.48
CA GLY G 79 -22.07 5.15 37.56
C GLY G 79 -20.85 5.81 36.96
N VAL G 80 -19.69 5.22 37.21
CA VAL G 80 -18.42 5.75 36.72
C VAL G 80 -17.62 4.56 36.25
N GLU G 81 -17.00 4.70 35.09
CA GLU G 81 -16.18 3.67 34.48
C GLU G 81 -14.77 4.23 34.38
N VAL G 82 -13.80 3.52 34.97
CA VAL G 82 -12.40 3.90 34.92
C VAL G 82 -11.64 2.74 34.37
N ALA G 83 -11.19 2.89 33.13
CA ALA G 83 -10.40 1.92 32.39
C ALA G 83 -8.94 2.38 32.23
N ASP G 84 -7.99 1.49 32.45
CA ASP G 84 -6.55 1.75 32.24
C ASP G 84 -5.97 0.68 31.33
N ASP G 85 -4.85 1.00 30.66
CA ASP G 85 -4.16 -0.01 29.84
C ASP G 85 -2.91 -0.50 30.58
N GLY G 86 -3.05 -0.64 31.90
CA GLY G 86 -1.99 -1.08 32.80
C GLY G 86 -1.72 -2.56 32.71
N ARG G 87 -1.35 -3.17 33.84
CA ARG G 87 -0.99 -4.59 33.92
C ARG G 87 -2.17 -5.54 34.06
N GLY G 88 -3.25 -5.03 34.64
CA GLY G 88 -4.45 -5.77 34.96
C GLY G 88 -4.44 -6.04 36.45
N ILE G 89 -5.63 -6.07 37.09
CA ILE G 89 -5.73 -6.35 38.53
C ILE G 89 -5.48 -7.86 38.63
N PRO G 90 -4.52 -8.35 39.44
CA PRO G 90 -4.27 -9.79 39.48
C PRO G 90 -5.56 -10.59 39.71
N VAL G 91 -5.88 -11.47 38.76
CA VAL G 91 -7.11 -12.26 38.74
C VAL G 91 -6.99 -13.63 39.44
N ALA G 92 -5.82 -14.29 39.27
CA ALA G 92 -5.43 -15.61 39.80
C ALA G 92 -5.73 -15.83 41.29
N THR G 93 -5.68 -17.09 41.73
CA THR G 93 -5.94 -17.44 43.14
C THR G 93 -4.88 -16.81 44.01
N HIS G 94 -5.30 -16.24 45.12
CA HIS G 94 -4.41 -15.59 46.06
C HIS G 94 -3.88 -16.61 47.07
N ALA G 95 -2.99 -16.16 47.99
CA ALA G 95 -2.41 -16.97 49.05
C ALA G 95 -3.49 -17.45 50.03
N SER G 96 -4.60 -16.68 50.17
CA SER G 96 -5.72 -17.03 51.05
C SER G 96 -6.79 -17.91 50.36
N GLY G 97 -6.54 -18.28 49.10
CA GLY G 97 -7.39 -19.18 48.32
C GLY G 97 -8.73 -18.60 47.91
N ILE G 98 -8.69 -17.38 47.36
CA ILE G 98 -9.81 -16.55 46.88
C ILE G 98 -9.25 -15.79 45.65
N PRO G 99 -10.04 -15.42 44.60
CA PRO G 99 -9.45 -14.68 43.48
C PRO G 99 -8.88 -13.36 43.99
N THR G 100 -7.61 -13.09 43.65
CA THR G 100 -6.88 -11.90 44.07
C THR G 100 -7.70 -10.59 43.85
N VAL G 101 -8.64 -10.57 42.88
CA VAL G 101 -9.51 -9.41 42.61
C VAL G 101 -10.41 -9.15 43.82
N ASP G 102 -11.07 -10.22 44.32
CA ASP G 102 -12.01 -10.21 45.42
C ASP G 102 -11.34 -9.80 46.72
N VAL G 103 -10.04 -10.14 46.88
CA VAL G 103 -9.21 -9.82 48.05
C VAL G 103 -9.03 -8.30 48.03
N VAL G 104 -8.51 -7.79 46.91
CA VAL G 104 -8.23 -6.40 46.58
C VAL G 104 -9.49 -5.55 46.76
N MET G 105 -10.62 -6.04 46.25
CA MET G 105 -11.89 -5.35 46.22
C MET G 105 -12.68 -5.32 47.49
N THR G 106 -12.61 -6.37 48.31
CA THR G 106 -13.47 -6.47 49.49
C THR G 106 -12.72 -6.42 50.84
N GLN G 107 -11.37 -6.41 50.81
CA GLN G 107 -10.59 -6.41 52.05
C GLN G 107 -9.71 -5.19 52.22
N LEU G 108 -9.75 -4.62 53.43
CA LEU G 108 -9.00 -3.43 53.84
C LEU G 108 -7.60 -3.82 54.22
N HIS G 109 -6.64 -2.96 53.84
CA HIS G 109 -5.20 -3.15 54.00
C HIS G 109 -4.71 -4.36 53.17
N ALA G 110 -5.28 -4.48 51.96
CA ALA G 110 -4.99 -5.52 50.97
C ALA G 110 -4.53 -4.84 49.69
N GLY G 111 -3.32 -5.17 49.23
CA GLY G 111 -2.76 -4.63 47.99
C GLY G 111 -1.27 -4.81 47.75
N GLY G 112 -0.84 -4.49 46.52
CA GLY G 112 0.55 -4.56 46.08
C GLY G 112 1.32 -3.27 46.28
N LYS G 113 0.94 -2.47 47.31
CA LYS G 113 1.59 -1.19 47.56
C LYS G 113 2.12 -1.05 48.99
N PHE G 114 2.59 -2.17 49.55
CA PHE G 114 3.22 -2.24 50.87
C PHE G 114 4.76 -2.33 50.69
N ASP G 115 5.22 -3.08 49.67
CA ASP G 115 6.62 -3.13 49.26
C ASP G 115 6.77 -2.30 47.96
N SER G 116 7.99 -1.90 47.57
CA SER G 116 8.16 -1.11 46.35
C SER G 116 8.44 -1.98 45.07
N ASP G 117 8.23 -3.31 45.19
CA ASP G 117 8.45 -4.30 44.15
C ASP G 117 7.45 -4.22 42.99
N ALA G 118 6.14 -4.17 43.28
CA ALA G 118 5.10 -4.13 42.24
C ALA G 118 4.91 -2.73 41.69
N TYR G 119 5.19 -1.69 42.52
CA TYR G 119 5.08 -0.27 42.17
C TYR G 119 6.26 0.44 42.84
N ALA G 120 7.09 1.17 42.08
CA ALA G 120 8.26 1.87 42.60
C ALA G 120 7.93 3.12 43.41
N ILE G 121 7.09 4.01 42.84
CA ILE G 121 6.62 5.26 43.43
C ILE G 121 5.15 5.35 43.11
N SER G 122 4.30 5.20 44.13
CA SER G 122 2.85 5.22 43.95
C SER G 122 2.11 5.98 45.03
N GLY G 123 0.96 6.54 44.66
CA GLY G 123 0.06 7.24 45.57
C GLY G 123 -0.60 6.27 46.54
N GLY G 124 -0.93 5.08 46.05
CA GLY G 124 -1.49 4.03 46.89
C GLY G 124 -0.45 3.52 47.88
N LEU G 125 -0.90 3.12 49.08
CA LEU G 125 -0.03 2.58 50.12
C LEU G 125 -0.79 1.87 51.20
N HIS G 126 -2.06 2.24 51.43
CA HIS G 126 -2.89 1.69 52.50
C HIS G 126 -3.59 0.37 52.18
N GLY G 127 -3.93 0.14 50.92
CA GLY G 127 -4.63 -1.08 50.49
C GLY G 127 -6.08 -1.02 50.90
N VAL G 128 -6.65 0.19 50.84
CA VAL G 128 -7.96 0.61 51.32
C VAL G 128 -8.82 1.21 50.20
N GLY G 129 -8.17 1.95 49.28
CA GLY G 129 -8.78 2.65 48.15
C GLY G 129 -10.01 2.05 47.50
N VAL G 130 -9.80 1.04 46.65
CA VAL G 130 -10.86 0.40 45.86
C VAL G 130 -11.81 -0.49 46.71
N SER G 131 -11.35 -0.94 47.88
CA SER G 131 -12.20 -1.72 48.78
C SER G 131 -13.22 -0.78 49.45
N VAL G 132 -12.84 0.49 49.67
CA VAL G 132 -13.70 1.53 50.23
C VAL G 132 -14.71 1.96 49.16
N VAL G 133 -14.29 1.96 47.90
CA VAL G 133 -15.16 2.28 46.76
C VAL G 133 -16.25 1.20 46.67
N ASN G 134 -15.85 -0.08 46.73
CA ASN G 134 -16.77 -1.22 46.70
C ASN G 134 -17.70 -1.19 47.92
N ALA G 135 -17.18 -0.76 49.08
CA ALA G 135 -17.95 -0.67 50.31
C ALA G 135 -19.02 0.42 50.22
N LEU G 136 -18.71 1.52 49.52
CA LEU G 136 -19.62 2.65 49.37
C LEU G 136 -20.41 2.64 48.07
N SER G 137 -20.38 1.49 47.37
CA SER G 137 -21.08 1.28 46.10
C SER G 137 -22.16 0.22 46.15
N THR G 138 -23.30 0.48 45.47
CA THR G 138 -24.43 -0.45 45.35
C THR G 138 -24.02 -1.61 44.44
N ARG G 139 -23.11 -1.33 43.50
CA ARG G 139 -22.60 -2.27 42.53
C ARG G 139 -21.24 -1.81 41.98
N LEU G 140 -20.34 -2.80 41.76
CA LEU G 140 -19.01 -2.60 41.20
C LEU G 140 -18.69 -3.70 40.16
N GLU G 141 -18.47 -3.29 38.89
CA GLU G 141 -18.11 -4.15 37.76
C GLU G 141 -16.62 -4.04 37.43
N VAL G 142 -15.93 -5.20 37.28
CA VAL G 142 -14.52 -5.25 36.94
C VAL G 142 -14.33 -6.03 35.63
N GLU G 143 -13.44 -5.52 34.79
CA GLU G 143 -13.08 -6.08 33.51
C GLU G 143 -11.56 -6.02 33.42
N ILE G 144 -10.90 -7.16 33.62
CA ILE G 144 -9.45 -7.23 33.61
C ILE G 144 -8.88 -8.01 32.43
N LYS G 145 -8.05 -7.35 31.64
CA LYS G 145 -7.34 -7.98 30.55
C LYS G 145 -5.96 -8.23 31.15
N ARG G 146 -5.52 -9.49 31.08
CA ARG G 146 -4.24 -10.08 31.53
C ARG G 146 -4.37 -11.62 31.50
N ASP G 147 -3.24 -12.31 31.75
CA ASP G 147 -3.16 -13.78 31.81
C ASP G 147 -3.72 -14.43 30.54
N GLY G 148 -3.62 -13.67 29.43
CA GLY G 148 -4.09 -14.04 28.11
C GLY G 148 -5.59 -14.01 27.94
N TYR G 149 -6.35 -13.40 28.88
CA TYR G 149 -7.83 -13.41 28.84
C TYR G 149 -8.50 -12.15 29.38
N GLU G 150 -9.79 -11.94 29.02
CA GLU G 150 -10.64 -10.84 29.50
C GLU G 150 -11.48 -11.39 30.67
N TRP G 151 -11.14 -10.99 31.88
CA TRP G 151 -11.82 -11.48 33.07
C TRP G 151 -12.91 -10.52 33.51
N SER G 152 -14.06 -11.05 33.95
CA SER G 152 -15.19 -10.25 34.41
C SER G 152 -15.62 -10.64 35.82
N GLN G 153 -15.95 -9.64 36.62
CA GLN G 153 -16.40 -9.84 37.98
C GLN G 153 -17.40 -8.72 38.37
N VAL G 154 -18.53 -9.09 39.02
CA VAL G 154 -19.57 -8.17 39.48
C VAL G 154 -19.73 -8.25 41.00
N TYR G 155 -19.57 -7.11 41.68
CA TYR G 155 -19.72 -7.02 43.13
C TYR G 155 -20.98 -6.27 43.43
N GLU G 156 -22.04 -7.02 43.74
CA GLU G 156 -23.35 -6.46 44.08
C GLU G 156 -23.34 -6.28 45.58
N LYS G 157 -23.52 -5.02 46.06
CA LYS G 157 -23.48 -4.63 47.47
C LYS G 157 -22.22 -5.19 48.15
N SER G 158 -21.04 -4.86 47.53
CA SER G 158 -19.68 -5.26 47.93
C SER G 158 -19.40 -6.76 47.82
N GLU G 159 -20.41 -7.57 47.42
CA GLU G 159 -20.26 -9.03 47.36
C GLU G 159 -20.03 -9.56 45.97
N PRO G 160 -18.99 -10.43 45.78
CA PRO G 160 -18.73 -10.99 44.44
C PRO G 160 -19.79 -11.98 43.99
N LEU G 161 -20.19 -11.85 42.73
CA LEU G 161 -21.17 -12.69 42.09
C LEU G 161 -20.55 -13.93 41.46
N GLY G 162 -19.30 -13.78 41.04
CA GLY G 162 -18.51 -14.84 40.41
C GLY G 162 -17.54 -14.26 39.40
N LEU G 163 -16.34 -14.86 39.34
CA LEU G 163 -15.28 -14.46 38.39
C LEU G 163 -15.52 -15.22 37.09
N LYS G 164 -15.41 -14.53 35.96
CA LYS G 164 -15.67 -15.16 34.66
C LYS G 164 -14.50 -14.94 33.71
N GLN G 165 -14.00 -16.03 33.13
CA GLN G 165 -12.91 -16.00 32.15
C GLN G 165 -13.61 -15.83 30.79
N GLY G 166 -13.21 -14.80 30.06
CA GLY G 166 -13.85 -14.50 28.81
C GLY G 166 -12.95 -14.62 27.61
N ALA G 167 -13.13 -13.71 26.67
CA ALA G 167 -12.40 -13.68 25.41
C ALA G 167 -10.88 -13.69 25.58
N PRO G 168 -10.14 -14.48 24.75
CA PRO G 168 -8.68 -14.41 24.83
C PRO G 168 -8.22 -13.03 24.36
N THR G 169 -7.12 -12.56 24.93
CA THR G 169 -6.57 -11.25 24.61
C THR G 169 -5.08 -11.22 24.92
N LYS G 170 -4.30 -10.56 24.05
CA LYS G 170 -2.87 -10.36 24.26
C LYS G 170 -2.74 -9.07 25.07
N LYS G 171 -3.89 -8.35 25.19
CA LYS G 171 -4.02 -7.07 25.87
C LYS G 171 -4.13 -7.19 27.39
N THR G 172 -3.62 -6.16 28.09
CA THR G 172 -3.67 -6.04 29.55
C THR G 172 -4.31 -4.71 29.98
N GLY G 173 -4.83 -4.69 31.19
CA GLY G 173 -5.47 -3.51 31.74
C GLY G 173 -6.63 -3.83 32.66
N SER G 174 -7.20 -2.79 33.27
CA SER G 174 -8.31 -2.92 34.20
C SER G 174 -9.35 -1.86 33.94
N THR G 175 -10.62 -2.23 34.08
CA THR G 175 -11.76 -1.35 33.92
C THR G 175 -12.66 -1.57 35.12
N VAL G 176 -12.96 -0.49 35.86
CA VAL G 176 -13.82 -0.56 37.04
C VAL G 176 -15.02 0.37 36.89
N ARG G 177 -16.22 -0.20 36.79
CA ARG G 177 -17.44 0.59 36.72
C ARG G 177 -18.07 0.49 38.11
N PHE G 178 -18.18 1.60 38.85
CA PHE G 178 -18.81 1.58 40.17
C PHE G 178 -20.07 2.47 40.21
N TRP G 179 -21.01 2.13 41.13
CA TRP G 179 -22.30 2.84 41.32
C TRP G 179 -22.43 3.30 42.77
N ALA G 180 -22.20 4.60 43.02
CA ALA G 180 -22.22 5.21 44.35
C ALA G 180 -23.52 4.95 45.08
N ASP G 181 -23.40 4.62 46.39
CA ASP G 181 -24.56 4.31 47.21
C ASP G 181 -25.34 5.60 47.57
N PRO G 182 -26.62 5.74 47.10
CA PRO G 182 -27.39 6.95 47.42
C PRO G 182 -27.70 7.03 48.91
N ALA G 183 -27.86 5.85 49.57
CA ALA G 183 -28.09 5.70 51.01
C ALA G 183 -26.88 6.24 51.83
N VAL G 184 -25.69 6.32 51.16
CA VAL G 184 -24.46 6.82 51.76
C VAL G 184 -24.33 8.31 51.53
N PHE G 185 -24.30 8.73 50.26
CA PHE G 185 -24.05 10.10 49.84
C PHE G 185 -25.29 10.94 49.74
N GLU G 186 -25.17 12.19 50.19
CA GLU G 186 -26.23 13.18 50.19
C GLU G 186 -26.68 13.48 48.75
N THR G 187 -25.72 13.47 47.80
CA THR G 187 -25.93 13.66 46.37
C THR G 187 -25.05 12.66 45.61
N THR G 188 -25.66 11.95 44.65
CA THR G 188 -24.97 10.94 43.86
C THR G 188 -24.45 11.53 42.51
N GLU G 189 -24.76 12.82 42.23
CA GLU G 189 -24.40 13.45 40.97
C GLU G 189 -23.02 14.00 41.01
N TYR G 190 -22.12 13.41 40.22
CA TYR G 190 -20.73 13.85 40.11
C TYR G 190 -20.67 15.15 39.31
N ASP G 191 -19.72 16.00 39.63
CA ASP G 191 -19.50 17.26 38.95
C ASP G 191 -18.39 17.10 37.88
N PHE G 192 -18.72 17.38 36.60
CA PHE G 192 -17.73 17.28 35.52
C PHE G 192 -16.47 18.12 35.76
N GLU G 193 -16.62 19.38 36.19
CA GLU G 193 -15.45 20.24 36.32
C GLU G 193 -14.54 19.85 37.49
N THR G 194 -15.08 19.31 38.59
CA THR G 194 -14.23 18.82 39.69
C THR G 194 -13.32 17.73 39.13
N VAL G 195 -13.96 16.67 38.58
CA VAL G 195 -13.35 15.53 37.91
C VAL G 195 -12.31 15.97 36.87
N ALA G 196 -12.69 16.90 35.96
CA ALA G 196 -11.83 17.41 34.90
C ALA G 196 -10.60 18.09 35.51
N ARG G 197 -10.79 19.04 36.46
CA ARG G 197 -9.70 19.74 37.14
C ARG G 197 -8.68 18.78 37.78
N ARG G 198 -9.15 17.70 38.41
CA ARG G 198 -8.28 16.68 39.00
C ARG G 198 -7.53 15.87 37.94
N LEU G 199 -8.25 15.35 36.95
CA LEU G 199 -7.65 14.54 35.89
C LEU G 199 -6.69 15.36 35.08
N GLN G 200 -7.01 16.65 34.88
CA GLN G 200 -6.15 17.57 34.17
C GLN G 200 -4.78 17.59 34.86
N GLU G 201 -4.76 17.74 36.22
CA GLU G 201 -3.51 17.82 36.97
C GLU G 201 -2.74 16.51 36.99
N MET G 202 -3.42 15.37 37.04
CA MET G 202 -2.71 14.09 37.00
C MET G 202 -1.86 13.95 35.75
N ALA G 203 -2.40 14.37 34.61
CA ALA G 203 -1.70 14.32 33.35
C ALA G 203 -0.56 15.35 33.34
N PHE G 204 -0.73 16.51 34.05
CA PHE G 204 0.28 17.57 34.18
C PHE G 204 1.50 17.06 34.94
N LEU G 205 1.29 16.11 35.84
CA LEU G 205 2.30 15.51 36.71
C LEU G 205 2.85 14.20 36.15
N ASN G 206 2.38 13.78 34.97
CA ASN G 206 2.74 12.53 34.33
C ASN G 206 2.80 12.73 32.85
N LYS G 207 3.97 13.17 32.35
CA LYS G 207 4.24 13.48 30.95
C LYS G 207 3.60 12.48 29.99
N GLY G 208 3.92 11.19 30.19
CA GLY G 208 3.47 10.09 29.32
C GLY G 208 2.01 9.70 29.36
N LEU G 209 1.28 10.20 30.37
CA LEU G 209 -0.11 9.85 30.57
C LEU G 209 -1.12 10.65 29.75
N THR G 210 -2.10 9.95 29.19
CA THR G 210 -3.24 10.52 28.51
C THR G 210 -4.49 10.09 29.30
N ILE G 211 -5.23 11.07 29.85
CA ILE G 211 -6.46 10.80 30.58
C ILE G 211 -7.64 11.32 29.75
N ASN G 212 -8.62 10.45 29.49
CA ASN G 212 -9.79 10.81 28.70
C ASN G 212 -11.02 10.92 29.59
N LEU G 213 -11.75 12.04 29.47
CA LEU G 213 -12.97 12.25 30.23
C LEU G 213 -14.15 12.24 29.29
N THR G 214 -15.20 11.52 29.67
CA THR G 214 -16.43 11.43 28.88
C THR G 214 -17.61 11.49 29.84
N ASP G 215 -18.57 12.38 29.52
CA ASP G 215 -19.80 12.59 30.30
C ASP G 215 -20.97 12.12 29.44
N GLU G 216 -21.31 10.83 29.58
CA GLU G 216 -22.38 10.18 28.84
C GLU G 216 -23.79 10.51 29.40
N ARG G 217 -23.85 11.37 30.45
CA ARG G 217 -25.07 11.83 31.13
C ARG G 217 -25.85 12.85 30.30
N VAL G 218 -27.17 12.66 30.20
CA VAL G 218 -28.08 13.56 29.46
C VAL G 218 -28.34 14.85 30.24
N PRO G 248 -26.02 12.02 23.20
CA PRO G 248 -25.63 13.12 22.30
C PRO G 248 -24.94 12.60 21.05
N HIS G 249 -25.10 13.35 19.92
CA HIS G 249 -24.46 13.09 18.62
C HIS G 249 -22.94 13.24 18.85
N LYS G 250 -22.56 14.13 19.79
CA LYS G 250 -21.20 14.37 20.23
C LYS G 250 -21.26 14.43 21.76
N VAL G 251 -20.86 13.34 22.42
CA VAL G 251 -20.86 13.20 23.89
C VAL G 251 -19.81 14.13 24.52
N LYS G 252 -20.14 14.77 25.67
CA LYS G 252 -19.25 15.71 26.39
C LYS G 252 -17.93 15.03 26.73
N SER G 253 -16.82 15.61 26.28
CA SER G 253 -15.51 14.98 26.44
C SER G 253 -14.38 15.97 26.56
N ARG G 254 -13.26 15.51 27.13
CA ARG G 254 -11.99 16.22 27.28
C ARG G 254 -10.90 15.16 27.18
N THR G 255 -9.68 15.57 26.79
CA THR G 255 -8.49 14.71 26.71
C THR G 255 -7.38 15.49 27.35
N PHE G 256 -6.70 14.85 28.28
CA PHE G 256 -5.60 15.51 28.98
C PHE G 256 -4.28 14.82 28.68
N HIS G 257 -3.43 15.50 27.91
CA HIS G 257 -2.10 15.03 27.59
C HIS G 257 -1.14 16.22 27.59
N TYR G 258 -0.30 16.28 28.61
CA TYR G 258 0.62 17.40 28.81
C TYR G 258 2.08 16.95 28.82
N PRO G 259 2.71 16.99 27.62
CA PRO G 259 4.12 16.57 27.53
C PRO G 259 5.11 17.57 28.12
N GLY G 260 4.63 18.78 28.44
CA GLY G 260 5.43 19.84 29.03
C GLY G 260 5.64 19.69 30.53
N GLY G 261 4.87 18.78 31.14
CA GLY G 261 4.94 18.50 32.57
C GLY G 261 4.37 19.63 33.38
N LEU G 262 5.03 19.94 34.52
CA LEU G 262 4.64 21.00 35.48
C LEU G 262 4.66 22.39 34.87
N VAL G 263 5.38 22.56 33.74
CA VAL G 263 5.45 23.83 33.06
C VAL G 263 4.09 24.13 32.44
N ASP G 264 3.45 23.10 31.83
CA ASP G 264 2.12 23.20 31.23
C ASP G 264 1.09 23.51 32.29
N PHE G 265 1.38 23.12 33.53
CA PHE G 265 0.52 23.33 34.68
C PHE G 265 0.45 24.80 35.09
N VAL G 266 1.62 25.43 35.33
CA VAL G 266 1.74 26.86 35.69
C VAL G 266 1.18 27.74 34.54
N LYS G 267 1.37 27.28 33.28
CA LYS G 267 0.87 27.95 32.09
C LYS G 267 -0.67 27.97 32.11
N HIS G 268 -1.29 26.89 32.60
CA HIS G 268 -2.75 26.74 32.71
C HIS G 268 -3.30 27.58 33.86
N ILE G 269 -2.57 27.68 34.98
CA ILE G 269 -2.99 28.50 36.11
C ILE G 269 -2.93 30.00 35.71
N ASN G 270 -1.79 30.42 35.11
CA ASN G 270 -1.56 31.78 34.67
C ASN G 270 -2.10 32.05 33.25
N ARG G 271 -3.13 31.31 32.85
CA ARG G 271 -3.75 31.50 31.55
C ARG G 271 -4.68 32.72 31.68
N THR G 272 -5.59 32.66 32.67
CA THR G 272 -6.57 33.72 32.98
C THR G 272 -5.86 34.92 33.57
N LYS G 273 -5.16 34.75 34.71
CA LYS G 273 -4.41 35.82 35.38
C LYS G 273 -3.16 36.15 34.56
N ASN G 274 -2.95 37.42 34.21
CA ASN G 274 -1.78 37.82 33.43
C ASN G 274 -0.47 37.69 34.24
N ALA G 275 0.54 37.01 33.65
CA ALA G 275 1.85 36.76 34.25
C ALA G 275 2.73 38.01 34.32
N ILE G 276 3.56 38.06 35.39
CA ILE G 276 4.49 39.13 35.77
C ILE G 276 5.83 39.04 35.01
N HIS G 277 6.38 37.81 34.87
CA HIS G 277 7.66 37.53 34.21
C HIS G 277 7.53 36.49 33.11
N SER G 278 8.25 36.68 32.00
CA SER G 278 8.23 35.82 30.80
C SER G 278 8.76 34.39 31.03
N SER G 279 9.97 34.27 31.62
CA SER G 279 10.61 32.99 31.89
C SER G 279 10.09 32.40 33.18
N ILE G 280 9.56 31.15 33.09
CA ILE G 280 8.98 30.34 34.17
C ILE G 280 10.11 29.60 34.92
N VAL G 281 10.04 29.56 36.27
CA VAL G 281 11.00 28.83 37.11
C VAL G 281 10.67 27.32 36.97
N ASP G 282 11.68 26.51 36.70
CA ASP G 282 11.52 25.06 36.52
C ASP G 282 12.77 24.31 36.95
N PHE G 283 12.66 23.59 38.07
CA PHE G 283 13.77 22.80 38.60
C PHE G 283 13.34 21.46 39.21
N SER G 284 14.28 20.50 39.16
CA SER G 284 14.14 19.13 39.66
C SER G 284 15.17 18.91 40.78
N GLY G 285 14.98 17.84 41.55
CA GLY G 285 15.87 17.46 42.63
C GLY G 285 15.79 15.97 42.94
N LYS G 286 16.95 15.32 43.15
CA LYS G 286 17.02 13.89 43.48
C LYS G 286 17.64 13.64 44.86
N GLY G 287 16.95 12.82 45.66
CA GLY G 287 17.38 12.43 47.00
C GLY G 287 17.75 10.97 47.00
N THR G 288 17.34 10.23 48.04
CA THR G 288 17.68 8.80 48.04
C THR G 288 16.44 7.97 47.71
N GLY G 289 15.35 8.20 48.44
CA GLY G 289 14.08 7.53 48.20
C GLY G 289 13.01 8.55 47.86
N HIS G 290 13.44 9.68 47.26
CA HIS G 290 12.60 10.81 46.90
C HIS G 290 13.17 11.68 45.80
N GLU G 291 12.27 12.39 45.13
CA GLU G 291 12.58 13.28 44.01
C GLU G 291 11.58 14.42 44.08
N VAL G 292 12.00 15.60 43.66
CA VAL G 292 11.16 16.78 43.70
C VAL G 292 11.21 17.52 42.37
N GLU G 293 10.08 18.08 41.97
CA GLU G 293 9.93 18.87 40.75
C GLU G 293 9.10 20.10 41.08
N ILE G 294 9.60 21.27 40.66
CA ILE G 294 8.94 22.55 40.84
C ILE G 294 8.90 23.31 39.53
N ALA G 295 7.80 24.04 39.34
CA ALA G 295 7.53 24.98 38.27
C ALA G 295 6.78 26.12 38.96
N MET G 296 7.24 27.37 38.76
CA MET G 296 6.59 28.52 39.40
C MET G 296 6.70 29.79 38.58
N GLN G 297 5.61 30.57 38.56
CA GLN G 297 5.51 31.84 37.86
C GLN G 297 4.53 32.77 38.59
N TRP G 298 4.97 34.02 38.80
CA TRP G 298 4.18 35.08 39.44
C TRP G 298 3.31 35.78 38.41
N ASN G 299 2.13 36.22 38.86
CA ASN G 299 1.13 36.95 38.08
C ASN G 299 0.86 38.30 38.77
N ALA G 300 0.15 39.22 38.10
CA ALA G 300 -0.18 40.53 38.65
C ALA G 300 -1.32 40.48 39.72
N GLY G 301 -1.64 39.28 40.19
CA GLY G 301 -2.70 39.02 41.17
C GLY G 301 -2.33 39.13 42.64
N TYR G 302 -3.33 38.95 43.50
CA TYR G 302 -3.17 39.04 44.95
C TYR G 302 -3.71 37.80 45.68
N SER G 303 -3.57 36.62 45.04
CA SER G 303 -3.97 35.31 45.57
C SER G 303 -2.86 34.26 45.40
N GLU G 304 -2.82 33.24 46.28
CA GLU G 304 -1.80 32.19 46.23
C GLU G 304 -2.30 30.98 45.47
N SER G 305 -1.64 30.64 44.35
CA SER G 305 -2.01 29.52 43.49
C SER G 305 -0.95 28.40 43.51
N VAL G 306 -0.52 28.02 44.72
CA VAL G 306 0.48 26.98 44.97
C VAL G 306 -0.22 25.63 45.09
N HIS G 307 0.15 24.69 44.20
CA HIS G 307 -0.39 23.34 44.16
C HIS G 307 0.67 22.30 44.50
N THR G 308 0.43 21.53 45.57
CA THR G 308 1.37 20.54 46.11
C THR G 308 0.88 19.12 45.98
N PHE G 309 1.75 18.27 45.47
CA PHE G 309 1.51 16.86 45.20
C PHE G 309 2.60 15.95 45.72
N ALA G 310 2.21 14.72 45.98
CA ALA G 310 3.10 13.65 46.39
C ALA G 310 2.58 12.39 45.69
N ASN G 311 3.42 11.82 44.80
CA ASN G 311 3.12 10.63 44.00
C ASN G 311 1.77 10.76 43.30
N THR G 312 1.56 11.94 42.65
CA THR G 312 0.39 12.41 41.89
C THR G 312 -0.76 12.86 42.82
N ILE G 313 -0.76 12.45 44.13
CA ILE G 313 -1.80 12.80 45.11
C ILE G 313 -1.73 14.29 45.50
N ASN G 314 -2.90 14.99 45.42
CA ASN G 314 -3.05 16.40 45.74
C ASN G 314 -3.10 16.51 47.25
N THR G 315 -2.05 17.07 47.82
CA THR G 315 -1.96 17.25 49.25
C THR G 315 -2.34 18.70 49.54
N HIS G 316 -3.63 19.03 49.29
CA HIS G 316 -4.17 20.39 49.46
C HIS G 316 -4.01 20.92 50.85
N GLU G 317 -4.12 20.07 51.86
CA GLU G 317 -3.92 20.53 53.25
C GLU G 317 -2.42 20.57 53.57
N GLY G 318 -1.62 20.90 52.55
CA GLY G 318 -0.17 21.08 52.64
C GLY G 318 0.67 19.85 52.85
N GLY G 319 1.73 20.02 53.66
CA GLY G 319 2.71 18.99 53.96
C GLY G 319 4.12 19.51 54.10
N THR G 320 5.06 18.58 54.38
CA THR G 320 6.48 18.82 54.60
C THR G 320 7.15 19.33 53.33
N HIS G 321 6.73 18.81 52.17
CA HIS G 321 7.22 19.26 50.86
C HIS G 321 6.84 20.71 50.63
N GLU G 322 5.63 21.12 51.09
CA GLU G 322 5.19 22.50 50.98
C GLU G 322 6.01 23.34 51.94
N GLU G 323 6.20 22.87 53.20
CA GLU G 323 7.01 23.55 54.23
C GLU G 323 8.42 23.82 53.73
N GLY G 324 9.07 22.77 53.21
CA GLY G 324 10.42 22.82 52.68
C GLY G 324 10.55 23.89 51.63
N PHE G 325 9.63 23.88 50.64
CA PHE G 325 9.54 24.84 49.56
C PHE G 325 9.26 26.27 50.07
N ARG G 326 8.34 26.38 51.06
CA ARG G 326 7.90 27.63 51.69
C ARG G 326 9.00 28.39 52.38
N SER G 327 9.78 27.69 53.22
CA SER G 327 10.87 28.28 54.03
C SER G 327 12.08 28.63 53.19
N ALA G 328 12.28 27.88 52.09
CA ALA G 328 13.37 28.10 51.16
C ALA G 328 13.08 29.36 50.36
N LEU G 329 11.80 29.56 49.95
CA LEU G 329 11.35 30.74 49.20
C LEU G 329 11.45 32.05 50.00
N THR G 330 11.04 32.01 51.29
CA THR G 330 11.16 33.17 52.17
C THR G 330 12.65 33.54 52.32
N SER G 331 13.54 32.53 52.45
CA SER G 331 14.99 32.68 52.57
C SER G 331 15.60 33.29 51.31
N VAL G 332 15.40 32.64 50.17
CA VAL G 332 15.95 33.04 48.88
C VAL G 332 15.63 34.50 48.55
N VAL G 333 14.31 34.86 48.54
CA VAL G 333 13.82 36.20 48.21
C VAL G 333 14.43 37.27 49.13
N ASN G 334 14.41 37.06 50.46
CA ASN G 334 14.98 38.00 51.43
C ASN G 334 16.49 38.18 51.20
N LYS G 335 17.25 37.07 51.09
CA LYS G 335 18.69 37.09 50.80
C LYS G 335 18.98 37.81 49.47
N TYR G 336 18.03 37.77 48.50
CA TYR G 336 18.14 38.47 47.22
C TYR G 336 17.82 39.97 47.41
N ALA G 337 16.77 40.28 48.21
CA ALA G 337 16.29 41.64 48.51
C ALA G 337 17.32 42.47 49.25
N LYS G 338 17.95 41.89 50.30
CA LYS G 338 18.98 42.57 51.08
C LYS G 338 20.28 42.77 50.25
N ASP G 339 20.58 41.84 49.34
CA ASP G 339 21.76 41.91 48.49
C ASP G 339 21.57 42.91 47.33
N ARG G 340 20.37 42.89 46.68
CA ARG G 340 20.03 43.79 45.57
C ARG G 340 19.68 45.20 46.06
N LYS G 341 19.52 45.37 47.39
CA LYS G 341 19.22 46.61 48.12
C LYS G 341 17.89 47.26 47.69
N LEU G 342 16.83 46.43 47.61
CA LEU G 342 15.47 46.83 47.26
C LEU G 342 14.58 47.01 48.51
N LEU G 343 14.99 46.45 49.66
CA LEU G 343 14.24 46.52 50.90
C LEU G 343 14.77 47.60 51.87
N PRO G 348 13.14 45.16 57.86
CA PRO G 348 12.27 44.03 58.22
C PRO G 348 12.08 43.09 57.03
N ASN G 349 12.42 41.80 57.23
CA ASN G 349 12.30 40.80 56.18
C ASN G 349 10.83 40.47 55.86
N LEU G 350 10.59 40.11 54.60
CA LEU G 350 9.25 39.78 54.10
C LEU G 350 8.81 38.42 54.58
N THR G 351 7.50 38.29 54.84
CA THR G 351 6.90 37.02 55.22
C THR G 351 6.57 36.26 53.91
N GLY G 352 6.24 34.98 54.04
CA GLY G 352 5.87 34.15 52.90
C GLY G 352 4.62 34.64 52.23
N ASP G 353 3.65 35.12 53.04
CA ASP G 353 2.39 35.69 52.56
C ASP G 353 2.59 36.94 51.69
N ASP G 354 3.75 37.64 51.85
CA ASP G 354 4.14 38.82 51.07
C ASP G 354 4.65 38.42 49.68
N ILE G 355 5.46 37.33 49.61
CA ILE G 355 6.07 36.77 48.39
C ILE G 355 5.10 35.89 47.55
N ARG G 356 4.51 34.87 48.19
CA ARG G 356 3.60 33.90 47.58
C ARG G 356 2.29 34.52 47.02
N GLU G 357 1.95 35.76 47.48
CA GLU G 357 0.79 36.53 47.02
C GLU G 357 1.02 36.88 45.56
N GLY G 358 0.25 36.23 44.69
CA GLY G 358 0.37 36.39 43.26
C GLY G 358 1.21 35.30 42.62
N LEU G 359 1.71 34.33 43.42
CA LEU G 359 2.52 33.21 42.91
C LEU G 359 1.70 31.96 42.59
N ALA G 360 1.92 31.40 41.39
CA ALA G 360 1.34 30.14 40.91
C ALA G 360 2.51 29.13 40.83
N ALA G 361 2.68 28.31 41.88
CA ALA G 361 3.74 27.30 41.98
C ALA G 361 3.17 25.88 42.01
N VAL G 362 3.97 24.90 41.57
CA VAL G 362 3.62 23.48 41.56
C VAL G 362 4.78 22.68 42.16
N ILE G 363 4.55 22.05 43.30
CA ILE G 363 5.52 21.19 43.99
C ILE G 363 5.05 19.75 43.77
N SER G 364 5.83 18.96 43.03
CA SER G 364 5.51 17.57 42.76
C SER G 364 6.64 16.70 43.33
N VAL G 365 6.33 15.90 44.37
CA VAL G 365 7.34 15.01 44.95
C VAL G 365 7.03 13.54 44.65
N LYS G 366 8.11 12.75 44.45
CA LYS G 366 8.10 11.32 44.18
C LYS G 366 8.82 10.66 45.32
N VAL G 367 8.08 9.96 46.19
CA VAL G 367 8.61 9.29 47.39
C VAL G 367 8.35 7.76 47.34
N SER G 368 9.40 6.96 47.67
CA SER G 368 9.37 5.50 47.72
C SER G 368 8.36 5.02 48.76
N GLU G 369 8.51 5.51 49.99
CA GLU G 369 7.65 5.21 51.12
C GLU G 369 7.09 6.50 51.75
N PRO G 370 6.01 7.07 51.15
CA PRO G 370 5.43 8.31 51.73
C PRO G 370 4.54 7.99 52.92
N GLN G 371 4.26 9.00 53.75
CA GLN G 371 3.32 8.89 54.86
C GLN G 371 2.30 10.05 54.78
N PHE G 372 1.10 9.71 54.31
CA PHE G 372 0.02 10.67 54.12
C PHE G 372 -0.92 10.64 55.30
N GLU G 373 -1.43 11.82 55.67
CA GLU G 373 -2.36 11.99 56.78
C GLU G 373 -3.76 11.57 56.31
N GLY G 374 -4.17 10.38 56.73
CA GLY G 374 -5.46 9.82 56.38
C GLY G 374 -5.57 9.18 55.00
N GLN G 375 -6.72 8.55 54.76
CA GLN G 375 -7.03 7.92 53.48
C GLN G 375 -7.29 8.96 52.38
N THR G 376 -7.70 10.17 52.80
CA THR G 376 -7.97 11.31 51.91
C THR G 376 -6.66 11.92 51.39
N LYS G 377 -5.52 11.61 52.08
CA LYS G 377 -4.12 11.98 51.78
C LYS G 377 -4.00 13.47 51.49
N THR G 378 -4.52 14.25 52.42
CA THR G 378 -4.59 15.70 52.37
C THR G 378 -3.25 16.34 52.74
N LYS G 379 -2.33 15.57 53.32
CA LYS G 379 -1.05 16.09 53.78
C LYS G 379 0.05 15.08 53.60
N LEU G 380 1.29 15.56 53.40
CA LEU G 380 2.49 14.73 53.33
C LEU G 380 3.28 14.93 54.62
N GLY G 381 3.45 13.84 55.38
CA GLY G 381 4.11 13.86 56.69
C GLY G 381 5.52 13.33 56.77
N ASN G 382 6.22 13.17 55.63
CA ASN G 382 7.61 12.70 55.68
C ASN G 382 8.57 13.84 56.05
N THR G 383 9.23 13.74 57.22
CA THR G 383 10.18 14.75 57.68
C THR G 383 11.36 14.93 56.70
N GLU G 384 11.87 13.80 56.19
CA GLU G 384 12.97 13.74 55.23
C GLU G 384 12.75 14.76 54.08
N VAL G 385 11.50 14.83 53.59
CA VAL G 385 11.03 15.68 52.49
C VAL G 385 11.19 17.19 52.77
N LYS G 386 10.81 17.70 53.98
CA LYS G 386 10.96 19.12 54.33
C LYS G 386 12.39 19.63 54.03
N SER G 387 13.39 18.98 54.64
CA SER G 387 14.80 19.32 54.44
C SER G 387 15.22 19.12 52.98
N PHE G 388 14.84 17.99 52.37
CA PHE G 388 15.17 17.67 50.98
C PHE G 388 14.70 18.75 50.02
N VAL G 389 13.41 19.10 50.11
CA VAL G 389 12.77 20.15 49.31
C VAL G 389 13.37 21.52 49.66
N GLN G 390 13.56 21.83 50.97
CA GLN G 390 14.18 23.09 51.43
C GLN G 390 15.56 23.28 50.78
N LYS G 391 16.41 22.23 50.76
CA LYS G 391 17.75 22.23 50.16
C LYS G 391 17.66 22.56 48.67
N VAL G 392 16.97 21.68 47.88
CA VAL G 392 16.75 21.82 46.43
C VAL G 392 16.26 23.25 46.08
N CYS G 393 15.19 23.74 46.75
CA CYS G 393 14.66 25.09 46.53
C CYS G 393 15.68 26.19 46.92
N ASN G 394 16.25 26.13 48.15
CA ASN G 394 17.24 27.10 48.65
C ASN G 394 18.55 27.11 47.84
N GLU G 395 18.69 26.18 46.88
CA GLU G 395 19.83 26.06 45.98
C GLU G 395 19.42 26.56 44.59
N GLN G 396 18.41 25.91 43.98
CA GLN G 396 17.88 26.21 42.65
C GLN G 396 17.24 27.59 42.50
N LEU G 397 16.40 28.02 43.47
CA LEU G 397 15.78 29.35 43.46
C LEU G 397 16.86 30.43 43.60
N THR G 398 17.94 30.14 44.37
CA THR G 398 19.07 31.05 44.57
C THR G 398 19.80 31.23 43.25
N HIS G 399 20.09 30.10 42.54
CA HIS G 399 20.73 30.09 41.23
C HIS G 399 19.87 30.85 40.23
N TRP G 400 18.57 30.47 40.10
CA TRP G 400 17.60 31.07 39.19
C TRP G 400 17.48 32.59 39.32
N PHE G 401 17.39 33.10 40.56
CA PHE G 401 17.26 34.54 40.87
C PHE G 401 18.40 35.35 40.30
N GLU G 402 19.62 34.81 40.33
CA GLU G 402 20.82 35.45 39.78
C GLU G 402 21.03 35.09 38.31
N ALA G 403 20.49 33.94 37.86
CA ALA G 403 20.54 33.50 36.46
C ALA G 403 19.61 34.37 35.60
N ASN G 404 18.48 34.80 36.20
CA ASN G 404 17.47 35.64 35.56
C ASN G 404 17.31 36.88 36.48
N PRO G 405 18.23 37.87 36.42
CA PRO G 405 18.15 39.01 37.38
C PRO G 405 17.08 40.05 37.06
N THR G 406 16.77 40.23 35.76
CA THR G 406 15.79 41.16 35.20
C THR G 406 14.43 40.92 35.87
N ASP G 407 13.88 39.71 35.63
CA ASP G 407 12.59 39.22 36.11
C ASP G 407 12.57 38.99 37.63
N ALA G 408 13.76 38.81 38.25
CA ALA G 408 13.91 38.62 39.71
C ALA G 408 13.57 39.91 40.44
N LYS G 409 13.95 41.06 39.86
CA LYS G 409 13.68 42.38 40.43
C LYS G 409 12.16 42.62 40.45
N VAL G 410 11.48 42.31 39.32
CA VAL G 410 10.04 42.44 39.09
C VAL G 410 9.23 41.75 40.19
N VAL G 411 9.63 40.51 40.55
CA VAL G 411 9.01 39.69 41.61
C VAL G 411 9.19 40.35 42.99
N VAL G 412 10.46 40.67 43.34
CA VAL G 412 10.83 41.31 44.61
C VAL G 412 10.12 42.66 44.78
N ASN G 413 10.09 43.50 43.72
CA ASN G 413 9.40 44.80 43.71
C ASN G 413 7.91 44.66 44.04
N LYS G 414 7.25 43.63 43.46
CA LYS G 414 5.84 43.29 43.69
C LYS G 414 5.63 42.87 45.16
N ALA G 415 6.52 42.00 45.70
CA ALA G 415 6.47 41.51 47.07
C ALA G 415 6.71 42.63 48.09
N VAL G 416 7.66 43.56 47.82
CA VAL G 416 7.96 44.70 48.69
C VAL G 416 6.78 45.70 48.68
N SER G 417 6.13 45.89 47.50
CA SER G 417 4.95 46.75 47.35
C SER G 417 3.70 46.15 48.02
N SER G 418 3.52 44.81 47.97
CA SER G 418 2.40 44.14 48.63
C SER G 418 2.66 43.95 50.14
N ALA G 419 3.96 44.05 50.56
CA ALA G 419 4.36 43.95 51.97
C ALA G 419 4.13 45.28 52.67
N GLN G 420 4.37 46.41 51.95
CA GLN G 420 4.16 47.78 52.44
C GLN G 420 2.67 48.03 52.72
N ALA G 421 1.78 47.17 52.16
CA ALA G 421 0.33 47.13 52.35
C ALA G 421 0.03 46.44 53.69
N ARG G 422 0.75 45.32 53.97
CA ARG G 422 0.65 44.57 55.23
C ARG G 422 1.26 45.43 56.36
N ILE G 423 2.28 46.26 56.02
CA ILE G 423 2.97 47.22 56.88
C ILE G 423 1.99 48.37 57.21
N ALA G 424 1.26 48.88 56.19
CA ALA G 424 0.25 49.94 56.32
C ALA G 424 -0.93 49.51 57.21
N ALA G 425 -1.35 48.22 57.12
CA ALA G 425 -2.45 47.65 57.90
C ALA G 425 -2.06 47.49 59.37
N TYR H 17 4.58 -8.62 38.92
CA TYR H 17 3.22 -8.24 39.33
C TYR H 17 2.15 -9.30 39.06
N GLY H 18 1.50 -9.75 40.14
CA GLY H 18 0.44 -10.75 40.13
C GLY H 18 -0.10 -11.00 41.53
N ALA H 19 -0.65 -12.20 41.76
CA ALA H 19 -1.22 -12.60 43.05
C ALA H 19 -0.24 -12.45 44.24
N ALA H 20 1.05 -12.78 44.01
CA ALA H 20 2.14 -12.76 44.98
C ALA H 20 2.52 -11.35 45.43
N SER H 21 2.20 -10.35 44.62
CA SER H 21 2.47 -8.94 44.89
C SER H 21 1.49 -8.40 45.93
N ILE H 22 0.21 -8.82 45.82
CA ILE H 22 -0.90 -8.45 46.70
C ILE H 22 -0.74 -9.14 48.04
N THR H 23 -0.77 -8.34 49.12
CA THR H 23 -0.60 -8.82 50.49
C THR H 23 -1.62 -8.20 51.43
N ILE H 24 -2.19 -9.00 52.32
CA ILE H 24 -3.19 -8.54 53.28
C ILE H 24 -2.53 -8.28 54.62
N LEU H 25 -2.74 -7.09 55.15
CA LEU H 25 -2.24 -6.74 56.46
C LEU H 25 -3.34 -7.13 57.40
N GLU H 26 -2.99 -7.90 58.43
CA GLU H 26 -3.96 -8.40 59.39
C GLU H 26 -3.67 -7.82 60.74
N GLY H 27 -4.70 -7.63 61.53
CA GLY H 27 -4.61 -7.07 62.87
C GLY H 27 -4.05 -5.66 62.90
N LEU H 28 -3.31 -5.36 63.97
CA LEU H 28 -2.68 -4.05 64.18
C LEU H 28 -1.46 -3.81 63.27
N GLU H 29 -1.08 -4.83 62.45
CA GLU H 29 0.04 -4.80 61.49
C GLU H 29 -0.10 -3.69 60.46
N ALA H 30 -1.34 -3.32 60.13
CA ALA H 30 -1.70 -2.22 59.22
C ALA H 30 -1.31 -0.86 59.83
N VAL H 31 -1.60 -0.68 61.13
CA VAL H 31 -1.28 0.54 61.86
C VAL H 31 0.23 0.65 61.96
N ARG H 32 0.91 -0.47 62.27
CA ARG H 32 2.36 -0.50 62.40
C ARG H 32 3.05 -0.23 61.08
N LYS H 33 2.54 -0.81 59.98
CA LYS H 33 3.10 -0.62 58.63
C LYS H 33 2.87 0.81 58.13
N ARG H 34 1.62 1.31 58.23
CA ARG H 34 1.26 2.64 57.75
C ARG H 34 0.71 3.51 58.88
N PRO H 35 1.58 3.98 59.80
CA PRO H 35 1.08 4.79 60.93
C PRO H 35 0.40 6.11 60.56
N GLY H 36 0.88 6.79 59.54
CA GLY H 36 0.32 8.07 59.10
C GLY H 36 -1.16 8.10 58.76
N MET H 37 -1.75 6.95 58.41
CA MET H 37 -3.17 6.86 58.07
C MET H 37 -4.04 7.14 59.31
N TYR H 38 -3.49 6.84 60.50
CA TYR H 38 -4.14 6.96 61.79
C TYR H 38 -3.65 8.09 62.68
N ILE H 39 -2.31 8.31 62.77
CA ILE H 39 -1.69 9.36 63.58
C ILE H 39 -1.22 10.56 62.76
N GLY H 40 -1.37 10.48 61.44
CA GLY H 40 -1.01 11.56 60.53
C GLY H 40 0.40 11.47 59.99
N SER H 41 1.39 11.47 60.90
CA SER H 41 2.84 11.43 60.61
C SER H 41 3.53 10.63 61.70
N THR H 42 4.88 10.50 61.67
CA THR H 42 5.64 9.80 62.73
C THR H 42 6.66 10.72 63.42
N GLY H 43 6.44 12.03 63.30
CA GLY H 43 7.27 13.05 63.92
C GLY H 43 6.71 13.54 65.24
N GLU H 44 6.61 14.87 65.40
CA GLU H 44 6.08 15.49 66.63
C GLU H 44 4.59 15.27 66.77
N ARG H 45 3.81 15.64 65.73
CA ARG H 45 2.35 15.59 65.65
C ARG H 45 1.75 14.19 65.92
N GLY H 46 2.26 13.17 65.23
CA GLY H 46 1.83 11.80 65.38
C GLY H 46 2.08 11.26 66.77
N LEU H 47 3.29 11.54 67.29
CA LEU H 47 3.68 11.15 68.65
C LEU H 47 2.64 11.68 69.65
N HIS H 48 2.40 13.01 69.64
CA HIS H 48 1.41 13.65 70.50
C HIS H 48 0.01 13.09 70.32
N HIS H 49 -0.32 12.62 69.09
CA HIS H 49 -1.63 12.05 68.78
C HIS H 49 -1.93 10.82 69.63
N LEU H 50 -0.89 10.01 69.93
CA LEU H 50 -1.02 8.85 70.82
C LEU H 50 -1.59 9.37 72.14
N ILE H 51 -1.04 10.49 72.66
CA ILE H 51 -1.56 11.07 73.88
C ILE H 51 -3.03 11.40 73.65
N TRP H 52 -3.32 12.18 72.58
CA TRP H 52 -4.68 12.63 72.25
C TRP H 52 -5.65 11.51 72.21
N GLU H 53 -5.31 10.36 71.63
CA GLU H 53 -6.27 9.27 71.57
C GLU H 53 -6.63 8.72 72.96
N VAL H 54 -5.63 8.57 73.85
CA VAL H 54 -5.84 8.06 75.22
C VAL H 54 -6.66 9.04 76.04
N VAL H 55 -6.33 10.31 75.95
CA VAL H 55 -7.01 11.38 76.65
C VAL H 55 -8.42 11.60 76.10
N ASP H 56 -8.59 11.55 74.78
CA ASP H 56 -9.89 11.75 74.15
C ASP H 56 -10.89 10.88 74.86
N ASN H 57 -10.53 9.60 75.09
CA ASN H 57 -11.28 8.57 75.78
C ASN H 57 -11.60 8.94 77.18
N ALA H 58 -10.59 9.43 77.91
CA ALA H 58 -10.73 9.87 79.30
C ALA H 58 -11.71 11.08 79.36
N VAL H 59 -11.65 12.00 78.37
CA VAL H 59 -12.55 13.16 78.28
C VAL H 59 -13.97 12.75 77.87
N ASP H 60 -14.10 11.79 76.94
CA ASP H 60 -15.38 11.26 76.47
C ASP H 60 -16.29 10.78 77.61
N GLU H 61 -15.66 10.30 78.70
CA GLU H 61 -16.28 9.81 79.92
C GLU H 61 -16.87 10.96 80.73
N ALA H 62 -16.13 12.09 80.79
CA ALA H 62 -16.55 13.31 81.46
C ALA H 62 -17.64 13.97 80.62
N MET H 63 -17.50 13.94 79.28
CA MET H 63 -18.48 14.46 78.33
C MET H 63 -19.85 13.81 78.57
N ALA H 64 -19.84 12.47 78.76
CA ALA H 64 -21.01 11.63 79.03
C ALA H 64 -21.63 11.97 80.38
N GLY H 65 -20.80 12.50 81.27
CA GLY H 65 -21.18 12.92 82.62
C GLY H 65 -20.78 11.91 83.68
N TYR H 66 -19.59 11.29 83.53
CA TYR H 66 -19.13 10.28 84.49
C TYR H 66 -17.84 10.72 85.15
N ALA H 67 -16.77 10.94 84.37
CA ALA H 67 -15.49 11.45 84.88
C ALA H 67 -15.63 12.94 85.23
N THR H 68 -14.74 13.43 86.09
CA THR H 68 -14.69 14.82 86.54
C THR H 68 -13.23 15.25 86.59
N THR H 69 -12.32 14.25 86.57
CA THR H 69 -10.88 14.50 86.67
C THR H 69 -10.09 13.63 85.76
N VAL H 70 -9.14 14.23 85.06
CA VAL H 70 -8.21 13.53 84.18
C VAL H 70 -6.79 13.94 84.56
N ASN H 71 -5.93 12.95 84.85
CA ASN H 71 -4.54 13.20 85.20
C ASN H 71 -3.64 12.60 84.15
N VAL H 72 -2.64 13.36 83.76
CA VAL H 72 -1.71 12.98 82.72
C VAL H 72 -0.30 13.17 83.23
N VAL H 73 0.49 12.11 83.14
CA VAL H 73 1.86 12.06 83.58
C VAL H 73 2.76 11.75 82.40
N LEU H 74 3.83 12.52 82.25
CA LEU H 74 4.85 12.29 81.23
C LEU H 74 5.97 11.64 82.03
N LEU H 75 6.03 10.31 81.98
CA LEU H 75 6.98 9.50 82.74
C LEU H 75 8.42 9.65 82.22
N GLU H 76 9.37 9.77 83.18
CA GLU H 76 10.82 9.94 82.97
C GLU H 76 11.39 8.97 81.94
N ASP H 77 10.99 7.68 82.01
CA ASP H 77 11.44 6.62 81.10
C ASP H 77 11.16 6.91 79.61
N GLY H 78 9.97 7.44 79.31
CA GLY H 78 9.52 7.77 77.97
C GLY H 78 8.08 7.35 77.70
N GLY H 79 7.37 6.97 78.77
CA GLY H 79 5.98 6.57 78.74
C GLY H 79 5.06 7.70 79.14
N VAL H 80 3.75 7.46 79.05
CA VAL H 80 2.72 8.45 79.39
C VAL H 80 1.61 7.79 80.21
N GLU H 81 1.10 8.46 81.26
CA GLU H 81 0.00 7.95 82.09
C GLU H 81 -1.25 8.83 81.92
N VAL H 82 -2.38 8.22 81.60
CA VAL H 82 -3.65 8.93 81.43
C VAL H 82 -4.69 8.24 82.29
N ALA H 83 -4.93 8.85 83.45
CA ALA H 83 -5.84 8.36 84.46
C ALA H 83 -7.10 9.20 84.50
N ASP H 84 -8.26 8.53 84.56
CA ASP H 84 -9.56 9.19 84.66
C ASP H 84 -10.37 8.49 85.76
N ASP H 85 -11.38 9.19 86.30
CA ASP H 85 -12.24 8.64 87.34
C ASP H 85 -13.66 8.32 86.84
N GLY H 86 -13.78 7.99 85.55
CA GLY H 86 -15.04 7.69 84.87
C GLY H 86 -15.71 6.38 85.25
N ARG H 87 -15.91 5.50 84.26
CA ARG H 87 -16.54 4.20 84.48
C ARG H 87 -15.53 3.05 84.33
N GLY H 88 -14.55 3.25 83.46
CA GLY H 88 -13.51 2.27 83.19
C GLY H 88 -13.87 1.38 82.04
N ILE H 89 -12.86 1.05 81.20
CA ILE H 89 -13.02 0.13 80.05
C ILE H 89 -13.64 -1.18 80.58
N PRO H 90 -14.73 -1.70 79.96
CA PRO H 90 -15.34 -2.93 80.49
C PRO H 90 -14.39 -4.13 80.45
N VAL H 91 -14.36 -4.92 81.53
CA VAL H 91 -13.42 -6.03 81.70
C VAL H 91 -14.10 -7.40 81.55
N ALA H 92 -15.45 -7.40 81.51
CA ALA H 92 -16.29 -8.58 81.37
C ALA H 92 -16.06 -9.26 80.01
N THR H 93 -16.19 -10.60 79.98
CA THR H 93 -15.98 -11.39 78.77
C THR H 93 -16.94 -10.91 77.68
N HIS H 94 -16.38 -10.26 76.67
CA HIS H 94 -17.11 -9.70 75.54
C HIS H 94 -17.72 -10.80 74.64
N ALA H 95 -18.73 -10.43 73.81
CA ALA H 95 -19.42 -11.29 72.84
C ALA H 95 -18.52 -12.26 72.08
N SER H 96 -17.31 -11.79 71.65
CA SER H 96 -16.31 -12.57 70.91
C SER H 96 -15.39 -13.45 71.80
N GLY H 97 -15.80 -13.70 73.05
CA GLY H 97 -15.13 -14.57 74.02
C GLY H 97 -13.69 -14.22 74.34
N ILE H 98 -13.41 -12.92 74.56
CA ILE H 98 -12.12 -12.28 74.88
C ILE H 98 -12.48 -11.14 75.87
N PRO H 99 -11.69 -10.82 76.95
CA PRO H 99 -12.06 -9.68 77.82
C PRO H 99 -12.18 -8.38 77.00
N THR H 100 -13.30 -7.65 77.19
CA THR H 100 -13.61 -6.39 76.46
C THR H 100 -12.41 -5.42 76.36
N VAL H 101 -11.56 -5.35 77.42
CA VAL H 101 -10.35 -4.50 77.46
C VAL H 101 -9.47 -4.76 76.21
N ASP H 102 -9.12 -6.06 75.99
CA ASP H 102 -8.28 -6.57 74.91
C ASP H 102 -8.90 -6.31 73.56
N VAL H 103 -10.24 -6.41 73.46
CA VAL H 103 -11.00 -6.17 72.23
C VAL H 103 -10.72 -4.72 71.82
N VAL H 104 -11.04 -3.80 72.72
CA VAL H 104 -10.87 -2.35 72.64
C VAL H 104 -9.40 -1.93 72.36
N MET H 105 -8.41 -2.69 72.88
CA MET H 105 -6.99 -2.40 72.76
C MET H 105 -6.26 -3.07 71.61
N THR H 106 -6.70 -4.25 71.16
CA THR H 106 -6.00 -4.97 70.09
C THR H 106 -6.80 -5.07 68.80
N GLN H 107 -8.03 -4.51 68.77
CA GLN H 107 -8.89 -4.58 67.58
C GLN H 107 -9.24 -3.21 67.11
N LEU H 108 -9.17 -3.00 65.78
CA LEU H 108 -9.54 -1.74 65.16
C LEU H 108 -11.02 -1.81 64.84
N HIS H 109 -11.75 -0.68 65.00
CA HIS H 109 -13.21 -0.59 64.80
C HIS H 109 -13.98 -1.46 65.79
N ALA H 110 -13.49 -1.50 67.04
CA ALA H 110 -14.09 -2.19 68.15
C ALA H 110 -14.25 -1.12 69.23
N GLY H 111 -15.50 -0.87 69.65
CA GLY H 111 -15.83 0.18 70.61
C GLY H 111 -17.31 0.38 70.89
N GLY H 112 -17.57 1.36 71.75
CA GLY H 112 -18.91 1.69 72.25
C GLY H 112 -19.42 3.07 71.92
N LYS H 113 -18.95 3.62 70.80
CA LYS H 113 -19.33 4.94 70.28
C LYS H 113 -19.89 4.76 68.89
N PHE H 114 -20.35 3.54 68.58
CA PHE H 114 -20.97 3.21 67.30
C PHE H 114 -22.43 3.54 67.39
N ASP H 115 -22.99 3.41 68.61
CA ASP H 115 -24.35 3.83 68.97
C ASP H 115 -24.19 5.13 69.79
N SER H 116 -25.30 5.64 70.36
CA SER H 116 -25.25 6.84 71.21
C SER H 116 -25.69 6.50 72.64
N ASP H 117 -25.87 5.20 72.94
CA ASP H 117 -26.31 4.69 74.25
C ASP H 117 -25.31 4.99 75.36
N ALA H 118 -24.11 4.35 75.31
CA ALA H 118 -23.03 4.49 76.29
C ALA H 118 -22.45 5.90 76.38
N TYR H 119 -22.44 6.65 75.27
CA TYR H 119 -21.94 8.03 75.20
C TYR H 119 -22.92 8.83 74.32
N ALA H 120 -23.66 9.78 74.92
CA ALA H 120 -24.68 10.60 74.26
C ALA H 120 -24.08 11.51 73.19
N ILE H 121 -22.92 12.13 73.50
CA ILE H 121 -22.11 13.04 72.66
C ILE H 121 -20.62 12.82 73.07
N SER H 122 -19.73 12.53 72.06
CA SER H 122 -18.29 12.26 72.23
C SER H 122 -17.47 12.43 70.95
N GLY H 123 -16.16 12.64 71.13
CA GLY H 123 -15.18 12.79 70.06
C GLY H 123 -14.92 11.45 69.42
N GLY H 124 -14.66 10.43 70.24
CA GLY H 124 -14.48 9.05 69.79
C GLY H 124 -15.67 8.51 69.03
N LEU H 125 -15.43 7.80 67.91
CA LEU H 125 -16.49 7.25 67.05
C LEU H 125 -16.02 6.12 66.14
N HIS H 126 -14.72 6.10 65.81
CA HIS H 126 -14.15 5.12 64.90
C HIS H 126 -13.84 3.78 65.56
N GLY H 127 -13.64 3.79 66.87
CA GLY H 127 -13.29 2.59 67.63
C GLY H 127 -11.86 2.13 67.35
N VAL H 128 -11.06 3.01 66.73
CA VAL H 128 -9.69 2.73 66.30
C VAL H 128 -8.64 3.31 67.27
N GLY H 129 -8.95 4.45 67.85
CA GLY H 129 -8.08 5.18 68.76
C GLY H 129 -7.02 4.45 69.58
N VAL H 130 -7.42 3.95 70.76
CA VAL H 130 -6.51 3.31 71.73
C VAL H 130 -5.89 1.98 71.17
N SER H 131 -6.49 1.42 70.11
CA SER H 131 -5.97 0.26 69.39
C SER H 131 -4.68 0.71 68.66
N VAL H 132 -4.73 1.91 68.00
CA VAL H 132 -3.62 2.56 67.28
C VAL H 132 -2.45 2.81 68.24
N VAL H 133 -2.77 3.31 69.43
CA VAL H 133 -1.81 3.58 70.49
C VAL H 133 -1.13 2.29 70.91
N ASN H 134 -1.93 1.23 71.11
CA ASN H 134 -1.42 -0.09 71.49
C ASN H 134 -0.55 -0.67 70.38
N ALA H 135 -0.90 -0.38 69.11
CA ALA H 135 -0.16 -0.85 67.94
C ALA H 135 1.19 -0.14 67.86
N LEU H 136 1.21 1.18 68.01
CA LEU H 136 2.44 1.96 67.91
C LEU H 136 3.18 2.16 69.25
N SER H 137 3.07 1.18 70.18
CA SER H 137 3.74 1.23 71.47
C SER H 137 4.44 -0.09 71.82
N THR H 138 5.69 0.01 72.31
CA THR H 138 6.51 -1.13 72.74
C THR H 138 5.85 -1.89 73.90
N ARG H 139 5.15 -1.16 74.79
CA ARG H 139 4.43 -1.64 75.98
C ARG H 139 3.18 -0.76 76.27
N LEU H 140 2.19 -1.32 77.01
CA LEU H 140 0.95 -0.64 77.38
C LEU H 140 0.36 -1.18 78.70
N GLU H 141 0.58 -0.47 79.81
CA GLU H 141 0.06 -0.81 81.14
C GLU H 141 -1.36 -0.30 81.28
N VAL H 142 -2.25 -1.11 81.88
CA VAL H 142 -3.65 -0.75 82.06
C VAL H 142 -4.10 -1.07 83.50
N GLU H 143 -4.80 -0.11 84.13
CA GLU H 143 -5.37 -0.23 85.49
C GLU H 143 -6.81 0.27 85.49
N ILE H 144 -7.77 -0.66 85.59
CA ILE H 144 -9.18 -0.33 85.60
C ILE H 144 -9.79 -0.65 86.94
N LYS H 145 -10.57 0.29 87.48
CA LYS H 145 -11.28 0.11 88.74
C LYS H 145 -12.76 0.14 88.35
N ARG H 146 -13.32 -1.04 88.13
CA ARG H 146 -14.71 -1.18 87.70
C ARG H 146 -15.29 -2.42 88.33
N ASP H 147 -16.63 -2.49 88.38
CA ASP H 147 -17.41 -3.64 88.88
C ASP H 147 -17.03 -4.09 90.33
N GLY H 148 -16.27 -3.25 91.04
CA GLY H 148 -15.84 -3.49 92.40
C GLY H 148 -14.49 -4.14 92.60
N TYR H 149 -13.56 -3.98 91.63
CA TYR H 149 -12.20 -4.54 91.70
C TYR H 149 -11.19 -3.72 90.91
N GLU H 150 -9.89 -3.79 91.28
CA GLU H 150 -8.80 -3.14 90.53
C GLU H 150 -8.13 -4.21 89.64
N TRP H 151 -8.31 -4.05 88.32
CA TRP H 151 -7.88 -4.95 87.26
C TRP H 151 -6.62 -4.45 86.57
N SER H 152 -5.64 -5.34 86.34
CA SER H 152 -4.42 -5.01 85.63
C SER H 152 -4.15 -5.87 84.40
N GLN H 153 -3.82 -5.20 83.28
CA GLN H 153 -3.48 -5.84 82.01
C GLN H 153 -2.28 -5.11 81.37
N VAL H 154 -1.25 -5.88 80.98
CA VAL H 154 -0.03 -5.35 80.38
C VAL H 154 0.09 -5.88 78.97
N TYR H 155 0.17 -4.97 77.97
CA TYR H 155 0.32 -5.33 76.57
C TYR H 155 1.77 -5.11 76.15
N GLU H 156 2.46 -6.18 75.75
CA GLU H 156 3.85 -6.11 75.31
C GLU H 156 3.88 -6.26 73.80
N LYS H 157 4.42 -5.23 73.09
CA LYS H 157 4.51 -5.15 71.61
C LYS H 157 3.14 -5.40 70.95
N SER H 158 2.07 -4.83 71.57
CA SER H 158 0.64 -4.85 71.22
C SER H 158 -0.14 -6.05 71.77
N GLU H 159 0.53 -7.19 72.06
CA GLU H 159 -0.13 -8.41 72.54
C GLU H 159 -0.27 -8.50 74.07
N PRO H 160 -1.45 -8.94 74.60
CA PRO H 160 -1.65 -8.98 76.07
C PRO H 160 -0.90 -10.08 76.83
N LEU H 161 -0.32 -9.71 78.00
CA LEU H 161 0.42 -10.61 78.89
C LEU H 161 -0.45 -11.33 79.93
N GLY H 162 -1.75 -11.06 79.93
CA GLY H 162 -2.70 -11.68 80.83
C GLY H 162 -3.40 -10.71 81.75
N LEU H 163 -4.72 -10.89 81.92
CA LEU H 163 -5.47 -10.03 82.82
C LEU H 163 -5.37 -10.55 84.26
N LYS H 164 -4.86 -9.70 85.13
CA LYS H 164 -4.62 -10.01 86.54
C LYS H 164 -5.57 -9.21 87.42
N GLN H 165 -6.36 -9.94 88.24
CA GLN H 165 -7.32 -9.38 89.21
C GLN H 165 -6.52 -8.89 90.47
N GLY H 166 -7.05 -7.88 91.15
CA GLY H 166 -6.37 -7.32 92.30
C GLY H 166 -7.19 -7.12 93.56
N ALA H 167 -7.26 -5.85 94.02
CA ALA H 167 -7.94 -5.44 95.24
C ALA H 167 -9.38 -4.99 95.02
N PRO H 168 -10.32 -5.26 95.96
CA PRO H 168 -11.70 -4.76 95.79
C PRO H 168 -11.74 -3.23 95.89
N THR H 169 -12.49 -2.58 94.97
CA THR H 169 -12.57 -1.11 94.94
C THR H 169 -13.94 -0.60 94.47
N LYS H 170 -14.64 0.13 95.36
CA LYS H 170 -15.93 0.78 95.12
C LYS H 170 -15.83 1.95 94.10
N LYS H 171 -14.61 2.44 93.86
CA LYS H 171 -14.35 3.51 92.91
C LYS H 171 -14.43 2.98 91.46
N THR H 172 -14.60 3.89 90.47
CA THR H 172 -14.61 3.58 89.03
C THR H 172 -13.69 4.52 88.28
N GLY H 173 -13.04 4.00 87.26
CA GLY H 173 -12.10 4.76 86.47
C GLY H 173 -11.07 3.89 85.80
N SER H 174 -10.41 4.45 84.79
CA SER H 174 -9.39 3.76 84.00
C SER H 174 -8.06 4.52 83.90
N THR H 175 -6.94 3.76 83.92
CA THR H 175 -5.58 4.27 83.81
C THR H 175 -4.89 3.55 82.67
N VAL H 176 -4.40 4.32 81.68
CA VAL H 176 -3.70 3.76 80.53
C VAL H 176 -2.30 4.37 80.42
N ARG H 177 -1.28 3.51 80.43
CA ARG H 177 0.12 3.91 80.33
C ARG H 177 0.71 3.30 79.10
N PHE H 178 1.37 4.11 78.27
CA PHE H 178 1.94 3.59 77.03
C PHE H 178 3.36 4.08 76.77
N TRP H 179 4.20 3.23 76.13
CA TRP H 179 5.58 3.53 75.79
C TRP H 179 5.77 3.44 74.28
N ALA H 180 5.62 4.58 73.58
CA ALA H 180 5.75 4.67 72.12
C ALA H 180 6.99 3.98 71.57
N ASP H 181 6.83 3.36 70.38
CA ASP H 181 7.87 2.60 69.72
C ASP H 181 8.87 3.54 69.03
N PRO H 182 10.18 3.54 69.41
CA PRO H 182 11.15 4.40 68.70
C PRO H 182 11.37 3.93 67.26
N ALA H 183 11.03 2.65 66.99
CA ALA H 183 11.11 2.06 65.65
C ALA H 183 10.10 2.76 64.76
N VAL H 184 8.97 3.22 65.35
CA VAL H 184 7.88 3.91 64.65
C VAL H 184 8.18 5.38 64.44
N PHE H 185 8.62 6.08 65.49
CA PHE H 185 8.77 7.52 65.46
C PHE H 185 10.17 8.07 65.21
N GLU H 186 10.21 9.36 64.86
CA GLU H 186 11.42 10.12 64.60
C GLU H 186 11.83 10.75 65.91
N THR H 187 10.85 11.27 66.67
CA THR H 187 11.06 11.80 68.01
C THR H 187 10.22 11.00 69.02
N THR H 188 10.78 10.79 70.23
CA THR H 188 10.18 10.08 71.36
C THR H 188 9.78 11.10 72.47
N GLU H 189 10.45 12.27 72.49
CA GLU H 189 10.24 13.33 73.47
C GLU H 189 8.95 14.14 73.20
N TYR H 190 7.93 13.97 74.06
CA TYR H 190 6.69 14.73 73.91
C TYR H 190 7.00 16.14 74.41
N ASP H 191 6.45 17.18 73.75
CA ASP H 191 6.65 18.58 74.15
C ASP H 191 5.63 18.86 75.22
N PHE H 192 6.09 19.12 76.48
CA PHE H 192 5.22 19.39 77.62
C PHE H 192 4.25 20.50 77.29
N GLU H 193 4.75 21.58 76.66
CA GLU H 193 3.92 22.74 76.38
C GLU H 193 2.82 22.40 75.39
N THR H 194 3.10 21.59 74.35
CA THR H 194 2.07 21.15 73.40
C THR H 194 0.99 20.36 74.13
N VAL H 195 1.42 19.42 74.99
CA VAL H 195 0.57 18.59 75.85
C VAL H 195 -0.28 19.47 76.77
N ALA H 196 0.34 20.47 77.43
CA ALA H 196 -0.31 21.44 78.32
C ALA H 196 -1.39 22.23 77.59
N ARG H 197 -0.98 22.89 76.47
CA ARG H 197 -1.80 23.69 75.58
C ARG H 197 -3.10 22.99 75.17
N ARG H 198 -3.02 21.67 74.86
CA ARG H 198 -4.17 20.86 74.45
C ARG H 198 -5.03 20.39 75.64
N LEU H 199 -4.38 19.97 76.73
CA LEU H 199 -5.13 19.56 77.91
C LEU H 199 -5.90 20.75 78.43
N GLN H 200 -5.34 21.97 78.26
CA GLN H 200 -5.94 23.25 78.66
C GLN H 200 -7.19 23.55 77.87
N GLU H 201 -7.19 23.35 76.54
CA GLU H 201 -8.38 23.64 75.78
C GLU H 201 -9.49 22.63 76.11
N MET H 202 -9.09 21.37 76.35
CA MET H 202 -9.98 20.28 76.74
C MET H 202 -10.73 20.63 78.02
N ALA H 203 -10.04 21.33 78.95
CA ALA H 203 -10.53 21.81 80.24
C ALA H 203 -11.50 22.98 80.07
N PHE H 204 -11.26 23.85 79.06
CA PHE H 204 -12.14 24.98 78.75
C PHE H 204 -13.43 24.44 78.07
N LEU H 205 -13.30 23.34 77.32
CA LEU H 205 -14.43 22.78 76.57
C LEU H 205 -15.31 21.85 77.38
N ASN H 206 -14.92 21.57 78.63
CA ASN H 206 -15.64 20.74 79.59
C ASN H 206 -15.49 21.38 80.95
N LYS H 207 -16.45 22.27 81.29
CA LYS H 207 -16.49 23.08 82.51
C LYS H 207 -16.24 22.29 83.82
N GLY H 208 -16.96 21.18 83.99
CA GLY H 208 -16.85 20.34 85.18
C GLY H 208 -15.61 19.47 85.29
N LEU H 209 -14.71 19.57 84.29
CA LEU H 209 -13.50 18.79 84.18
C LEU H 209 -12.26 19.51 84.67
N THR H 210 -11.49 18.76 85.47
CA THR H 210 -10.21 19.13 86.03
C THR H 210 -9.20 18.28 85.28
N ILE H 211 -8.13 18.91 84.79
CA ILE H 211 -7.08 18.19 84.10
C ILE H 211 -5.77 18.46 84.79
N ASN H 212 -5.00 17.40 85.02
CA ASN H 212 -3.70 17.48 85.65
C ASN H 212 -2.61 17.01 84.77
N LEU H 213 -1.52 17.75 84.74
CA LEU H 213 -0.36 17.39 83.94
C LEU H 213 0.88 17.36 84.83
N THR H 214 1.69 16.30 84.71
CA THR H 214 2.91 16.10 85.49
C THR H 214 4.08 15.59 84.65
N ASP H 215 5.09 16.43 84.46
CA ASP H 215 6.29 16.07 83.71
C ASP H 215 7.37 15.65 84.70
N GLU H 216 7.59 14.33 84.80
CA GLU H 216 8.57 13.72 85.70
C GLU H 216 9.93 13.50 85.03
N ARG H 217 10.08 13.96 83.78
CA ARG H 217 11.31 13.85 83.01
C ARG H 217 12.39 14.82 83.52
N VAL H 218 13.66 14.56 83.10
CA VAL H 218 14.83 15.37 83.46
C VAL H 218 14.82 16.70 82.69
N THR H 219 14.57 17.80 83.41
CA THR H 219 14.57 19.14 82.81
C THR H 219 16.02 19.67 82.81
N GLN H 220 16.82 19.19 81.80
CA GLN H 220 18.23 19.46 81.48
C GLN H 220 19.10 19.89 82.70
N LYS H 250 13.58 19.11 89.53
CA LYS H 250 12.17 19.04 89.94
C LYS H 250 11.22 18.52 88.83
N VAL H 251 9.91 18.41 89.15
CA VAL H 251 8.84 17.97 88.25
C VAL H 251 7.94 19.16 87.88
N LYS H 252 7.60 19.28 86.57
CA LYS H 252 6.77 20.35 86.03
C LYS H 252 5.31 19.95 86.16
N SER H 253 4.46 20.84 86.70
CA SER H 253 3.04 20.52 86.86
C SER H 253 2.12 21.63 86.43
N ARG H 254 0.89 21.25 86.01
CA ARG H 254 -0.17 22.15 85.55
C ARG H 254 -1.54 21.60 85.91
N THR H 255 -2.44 22.51 86.28
CA THR H 255 -3.81 22.16 86.61
C THR H 255 -4.74 23.04 85.81
N PHE H 256 -5.63 22.37 85.08
CA PHE H 256 -6.60 23.02 84.23
C PHE H 256 -8.02 22.69 84.61
N HIS H 257 -8.64 23.62 85.33
CA HIS H 257 -10.04 23.56 85.70
C HIS H 257 -10.61 24.92 85.42
N TYR H 258 -11.52 24.98 84.45
CA TYR H 258 -12.07 26.27 84.06
C TYR H 258 -13.59 26.22 84.06
N PRO H 259 -14.27 26.62 85.16
CA PRO H 259 -15.75 26.60 85.16
C PRO H 259 -16.38 27.71 84.30
N GLY H 260 -15.51 28.53 83.68
CA GLY H 260 -15.88 29.67 82.84
C GLY H 260 -16.14 29.35 81.39
N GLY H 261 -15.97 28.08 81.02
CA GLY H 261 -16.21 27.58 79.67
C GLY H 261 -15.37 28.26 78.61
N LEU H 262 -16.01 28.55 77.47
CA LEU H 262 -15.35 29.18 76.32
C LEU H 262 -15.04 30.66 76.56
N VAL H 263 -15.67 31.28 77.55
CA VAL H 263 -15.42 32.67 77.90
C VAL H 263 -13.98 32.78 78.44
N ASP H 264 -13.59 31.87 79.37
CA ASP H 264 -12.23 31.78 79.95
C ASP H 264 -11.20 31.45 78.87
N PHE H 265 -11.60 30.64 77.89
CA PHE H 265 -10.76 30.30 76.76
C PHE H 265 -10.41 31.57 75.98
N VAL H 266 -11.41 32.45 75.76
CA VAL H 266 -11.28 33.74 75.08
C VAL H 266 -10.46 34.71 75.95
N LYS H 267 -10.72 34.68 77.28
CA LYS H 267 -10.01 35.50 78.28
C LYS H 267 -8.52 35.17 78.25
N HIS H 268 -8.19 33.87 78.00
CA HIS H 268 -6.84 33.33 77.94
C HIS H 268 -6.13 33.88 76.73
N ILE H 269 -6.69 33.64 75.52
CA ILE H 269 -6.15 34.07 74.24
C ILE H 269 -5.87 35.59 74.25
N ASN H 270 -6.87 36.40 74.66
CA ASN H 270 -6.82 37.85 74.68
C ASN H 270 -6.17 38.52 75.91
N ARG H 271 -5.60 37.71 76.84
CA ARG H 271 -4.98 38.24 78.07
C ARG H 271 -3.77 39.12 77.72
N THR H 272 -2.89 38.59 76.83
CA THR H 272 -1.64 39.23 76.36
C THR H 272 -1.87 40.12 75.13
N LYS H 273 -2.96 39.87 74.40
CA LYS H 273 -3.37 40.67 73.24
C LYS H 273 -4.17 41.82 73.84
N ASN H 274 -4.75 42.71 73.02
CA ASN H 274 -5.49 43.80 73.67
C ASN H 274 -6.92 43.84 73.19
N ALA H 275 -7.85 43.46 74.08
CA ALA H 275 -9.28 43.44 73.78
C ALA H 275 -9.82 44.83 73.49
N ILE H 276 -10.57 44.95 72.37
CA ILE H 276 -11.18 46.15 71.80
C ILE H 276 -12.54 46.45 72.42
N HIS H 277 -13.12 45.44 73.08
CA HIS H 277 -14.42 45.54 73.74
C HIS H 277 -14.42 44.63 74.95
N SER H 278 -14.87 45.14 76.10
CA SER H 278 -14.90 44.43 77.38
C SER H 278 -15.92 43.29 77.40
N SER H 279 -16.90 43.31 76.47
CA SER H 279 -17.97 42.32 76.40
C SER H 279 -17.63 41.11 75.59
N ILE H 280 -17.42 39.97 76.25
CA ILE H 280 -17.15 38.73 75.50
C ILE H 280 -18.50 38.24 74.96
N VAL H 281 -18.57 38.07 73.63
CA VAL H 281 -19.76 37.59 72.93
C VAL H 281 -19.89 36.12 73.29
N ASP H 282 -20.93 35.73 74.04
CA ASP H 282 -21.15 34.35 74.45
C ASP H 282 -22.56 33.86 74.15
N PHE H 283 -22.71 32.79 73.32
CA PHE H 283 -24.03 32.25 72.99
C PHE H 283 -24.08 30.74 72.72
N SER H 284 -25.13 30.10 73.25
CA SER H 284 -25.43 28.68 73.08
C SER H 284 -26.36 28.51 71.86
N GLY H 285 -26.75 27.26 71.59
CA GLY H 285 -27.62 26.91 70.48
C GLY H 285 -27.87 25.43 70.37
N LYS H 286 -29.12 25.01 70.67
CA LYS H 286 -29.54 23.59 70.58
C LYS H 286 -30.29 23.28 69.27
N GLY H 287 -30.28 22.02 68.87
CA GLY H 287 -30.92 21.57 67.64
C GLY H 287 -30.99 20.07 67.51
N THR H 288 -31.79 19.61 66.52
CA THR H 288 -32.02 18.19 66.26
C THR H 288 -30.69 17.49 65.92
N GLY H 289 -30.14 16.83 66.94
CA GLY H 289 -28.90 16.07 66.89
C GLY H 289 -27.62 16.87 66.94
N HIS H 290 -27.69 18.13 67.46
CA HIS H 290 -26.51 19.00 67.56
C HIS H 290 -26.67 20.18 68.51
N GLU H 291 -25.55 20.61 69.08
CA GLU H 291 -25.48 21.77 69.96
C GLU H 291 -24.31 22.62 69.45
N VAL H 292 -24.22 23.89 69.91
CA VAL H 292 -23.18 24.86 69.55
C VAL H 292 -23.08 25.92 70.63
N GLU H 293 -21.89 26.07 71.21
CA GLU H 293 -21.61 27.10 72.20
C GLU H 293 -20.48 27.94 71.61
N ILE H 294 -20.68 29.25 71.53
CA ILE H 294 -19.69 30.16 70.96
C ILE H 294 -19.31 31.24 71.96
N ALA H 295 -18.08 31.73 71.82
CA ALA H 295 -17.51 32.84 72.58
C ALA H 295 -16.46 33.53 71.70
N MET H 296 -16.58 34.87 71.57
CA MET H 296 -15.64 35.65 70.77
C MET H 296 -15.39 37.07 71.31
N GLN H 297 -14.16 37.55 71.14
CA GLN H 297 -13.73 38.87 71.55
C GLN H 297 -12.58 39.32 70.66
N TRP H 298 -12.71 40.54 70.15
CA TRP H 298 -11.73 41.18 69.27
C TRP H 298 -10.59 41.78 70.06
N ASN H 299 -9.42 41.85 69.40
CA ASN H 299 -8.18 42.36 69.95
C ASN H 299 -7.42 43.24 68.93
N ALA H 300 -6.50 44.06 69.45
CA ALA H 300 -5.64 45.02 68.75
C ALA H 300 -4.76 44.38 67.66
N GLY H 301 -4.51 43.07 67.78
CA GLY H 301 -3.67 42.32 66.87
C GLY H 301 -4.18 42.20 65.46
N TYR H 302 -3.35 41.63 64.59
CA TYR H 302 -3.64 41.43 63.17
C TYR H 302 -3.53 39.93 62.94
N SER H 303 -4.12 39.14 63.86
CA SER H 303 -4.07 37.68 63.82
C SER H 303 -5.42 37.04 64.08
N GLU H 304 -5.84 36.10 63.19
CA GLU H 304 -7.07 35.33 63.38
C GLU H 304 -6.74 34.32 64.46
N SER H 305 -7.42 34.41 65.60
CA SER H 305 -7.23 33.53 66.76
C SER H 305 -8.50 32.71 66.99
N VAL H 306 -9.02 32.13 65.88
CA VAL H 306 -10.25 31.33 65.85
C VAL H 306 -9.96 29.81 66.04
N HIS H 307 -10.60 29.24 67.08
CA HIS H 307 -10.49 27.85 67.54
C HIS H 307 -11.79 27.09 67.36
N THR H 308 -11.72 26.04 66.55
CA THR H 308 -12.87 25.21 66.21
C THR H 308 -12.76 23.82 66.79
N PHE H 309 -13.81 23.41 67.49
CA PHE H 309 -13.93 22.13 68.17
C PHE H 309 -15.23 21.45 67.84
N ALA H 310 -15.21 20.12 67.87
CA ALA H 310 -16.39 19.29 67.65
C ALA H 310 -16.28 18.11 68.58
N ASN H 311 -17.09 18.12 69.66
CA ASN H 311 -17.14 17.08 70.68
C ASN H 311 -15.79 16.92 71.35
N THR H 312 -15.25 18.09 71.79
CA THR H 312 -13.94 18.32 72.43
C THR H 312 -12.77 18.15 71.44
N ILE H 313 -13.01 17.59 70.25
CA ILE H 313 -11.93 17.39 69.29
C ILE H 313 -11.57 18.67 68.56
N ASN H 314 -10.27 18.98 68.58
CA ASN H 314 -9.66 20.10 67.89
C ASN H 314 -9.68 19.80 66.39
N THR H 315 -10.62 20.45 65.69
CA THR H 315 -10.81 20.35 64.25
C THR H 315 -10.04 21.55 63.69
N HIS H 316 -8.71 21.46 63.74
CA HIS H 316 -7.86 22.59 63.38
C HIS H 316 -7.80 22.85 61.92
N GLU H 317 -8.30 21.92 61.08
CA GLU H 317 -8.39 22.09 59.63
C GLU H 317 -9.79 22.58 59.23
N GLY H 318 -10.61 22.86 60.22
CA GLY H 318 -11.94 23.46 60.06
C GLY H 318 -13.10 22.52 59.89
N GLY H 319 -14.03 22.94 59.03
CA GLY H 319 -15.23 22.18 58.75
C GLY H 319 -16.51 22.98 58.64
N THR H 320 -17.61 22.24 58.53
CA THR H 320 -18.97 22.77 58.37
C THR H 320 -19.31 23.79 59.44
N HIS H 321 -18.95 23.52 60.71
CA HIS H 321 -19.13 24.42 61.87
C HIS H 321 -18.32 25.70 61.70
N GLU H 322 -17.03 25.59 61.28
CA GLU H 322 -16.13 26.71 61.00
C GLU H 322 -16.67 27.55 59.84
N GLU H 323 -17.02 26.91 58.71
CA GLU H 323 -17.52 27.59 57.52
C GLU H 323 -18.95 28.13 57.68
N GLY H 324 -19.70 27.55 58.62
CA GLY H 324 -21.05 27.96 58.97
C GLY H 324 -21.00 29.19 59.83
N PHE H 325 -19.96 29.28 60.65
CA PHE H 325 -19.69 30.42 61.51
C PHE H 325 -19.11 31.55 60.64
N ARG H 326 -18.15 31.21 59.75
CA ARG H 326 -17.49 32.16 58.85
C ARG H 326 -18.47 32.87 57.91
N SER H 327 -19.48 32.14 57.41
CA SER H 327 -20.50 32.74 56.56
C SER H 327 -21.44 33.59 57.40
N ALA H 328 -21.65 33.19 58.68
CA ALA H 328 -22.54 33.85 59.62
C ALA H 328 -22.02 35.13 60.21
N LEU H 329 -20.69 35.26 60.30
CA LEU H 329 -20.05 36.45 60.83
C LEU H 329 -19.85 37.48 59.72
N THR H 330 -19.53 37.01 58.48
CA THR H 330 -19.31 37.87 57.32
C THR H 330 -20.63 38.52 56.84
N SER H 331 -21.76 37.78 56.88
CA SER H 331 -23.04 38.36 56.47
C SER H 331 -23.67 39.28 57.53
N VAL H 332 -23.36 39.05 58.82
CA VAL H 332 -23.86 39.86 59.93
C VAL H 332 -23.02 41.16 60.10
N VAL H 333 -21.68 41.09 59.91
CA VAL H 333 -20.80 42.26 60.03
C VAL H 333 -21.02 43.17 58.81
N ASN H 334 -21.36 42.60 57.65
CA ASN H 334 -21.65 43.41 56.46
C ASN H 334 -23.02 44.12 56.56
N LYS H 335 -24.08 43.39 57.00
CA LYS H 335 -25.43 43.95 57.13
C LYS H 335 -25.53 45.02 58.22
N TYR H 336 -24.66 44.97 59.27
CA TYR H 336 -24.60 45.97 60.34
C TYR H 336 -23.94 47.22 59.74
N ALA H 337 -22.91 47.03 58.89
CA ALA H 337 -22.19 48.10 58.20
C ALA H 337 -23.08 48.77 57.14
N LYS H 338 -23.96 47.97 56.47
CA LYS H 338 -24.92 48.44 55.47
C LYS H 338 -26.07 49.21 56.14
N ASP H 339 -26.43 48.82 57.38
CA ASP H 339 -27.49 49.46 58.18
C ASP H 339 -26.95 50.79 58.74
N ARG H 340 -25.89 50.71 59.57
CA ARG H 340 -25.21 51.86 60.15
C ARG H 340 -23.99 52.13 59.27
N LYS H 341 -24.14 53.06 58.30
CA LYS H 341 -23.15 53.45 57.30
C LYS H 341 -21.73 53.73 57.86
N LEU H 342 -20.87 52.72 57.76
CA LEU H 342 -19.46 52.76 58.20
C LEU H 342 -18.53 52.66 56.98
N LEU H 343 -19.03 52.07 55.86
CA LEU H 343 -18.34 51.91 54.58
C LEU H 343 -19.38 52.01 53.47
N ASP H 347 -18.55 52.48 48.98
CA ASP H 347 -19.33 51.26 48.89
C ASP H 347 -18.52 50.16 48.20
N PRO H 348 -17.89 49.30 49.03
CA PRO H 348 -17.49 47.98 48.56
C PRO H 348 -18.09 46.84 49.40
N ASN H 349 -17.32 45.76 49.65
CA ASN H 349 -17.72 44.60 50.43
C ASN H 349 -16.60 44.19 51.39
N LEU H 350 -16.97 43.85 52.64
CA LEU H 350 -16.01 43.47 53.68
C LEU H 350 -15.77 41.94 53.75
N THR H 351 -14.49 41.55 53.62
CA THR H 351 -14.04 40.17 53.64
C THR H 351 -13.90 39.70 55.07
N GLY H 352 -14.37 38.47 55.31
CA GLY H 352 -14.28 37.79 56.59
C GLY H 352 -12.86 37.70 57.12
N ASP H 353 -11.85 37.61 56.23
CA ASP H 353 -10.43 37.53 56.62
C ASP H 353 -9.95 38.82 57.30
N ASP H 354 -10.58 39.96 56.94
CA ASP H 354 -10.29 41.26 57.56
C ASP H 354 -11.27 41.58 58.67
N ILE H 355 -12.36 40.78 58.79
CA ILE H 355 -13.36 40.89 59.87
C ILE H 355 -12.82 40.10 61.06
N ARG H 356 -12.32 38.88 60.78
CA ARG H 356 -11.72 37.93 61.71
C ARG H 356 -10.31 38.32 62.11
N GLU H 357 -9.77 39.37 61.49
CA GLU H 357 -8.44 39.93 61.78
C GLU H 357 -8.45 40.41 63.22
N GLY H 358 -7.59 39.81 64.04
CA GLY H 358 -7.49 40.12 65.45
C GLY H 358 -8.69 39.59 66.23
N LEU H 359 -9.30 38.50 65.77
CA LEU H 359 -10.45 37.96 66.46
C LEU H 359 -10.16 36.61 67.11
N ALA H 360 -10.36 36.57 68.43
CA ALA H 360 -10.25 35.39 69.27
C ALA H 360 -11.66 34.84 69.37
N ALA H 361 -11.88 33.65 68.80
CA ALA H 361 -13.17 32.97 68.81
C ALA H 361 -13.01 31.49 69.11
N VAL H 362 -14.01 30.90 69.77
CA VAL H 362 -14.08 29.49 70.13
C VAL H 362 -15.45 29.01 69.74
N ILE H 363 -15.49 27.99 68.87
CA ILE H 363 -16.72 27.39 68.35
C ILE H 363 -16.72 25.92 68.77
N SER H 364 -17.54 25.59 69.77
CA SER H 364 -17.65 24.23 70.24
C SER H 364 -19.00 23.62 69.87
N VAL H 365 -19.00 22.72 68.88
CA VAL H 365 -20.20 22.02 68.45
C VAL H 365 -20.29 20.66 69.14
N LYS H 366 -21.50 20.30 69.59
CA LYS H 366 -21.76 19.00 70.20
C LYS H 366 -22.69 18.21 69.27
N VAL H 367 -22.10 17.48 68.33
CA VAL H 367 -22.81 16.69 67.35
C VAL H 367 -23.10 15.30 67.93
N SER H 368 -24.34 14.81 67.73
CA SER H 368 -24.82 13.51 68.20
C SER H 368 -24.22 12.37 67.40
N GLU H 369 -24.05 12.56 66.08
CA GLU H 369 -23.46 11.59 65.15
C GLU H 369 -22.45 12.31 64.22
N PRO H 370 -21.30 12.81 64.78
CA PRO H 370 -20.36 13.57 63.95
C PRO H 370 -19.70 12.79 62.85
N GLN H 371 -19.34 13.47 61.79
CA GLN H 371 -18.64 12.93 60.65
C GLN H 371 -17.34 13.74 60.53
N PHE H 372 -16.25 13.14 61.01
CA PHE H 372 -14.92 13.74 60.97
C PHE H 372 -14.13 13.27 59.78
N GLU H 373 -13.23 14.11 59.29
CA GLU H 373 -12.36 13.70 58.18
C GLU H 373 -11.11 13.03 58.79
N GLY H 374 -11.09 11.69 58.71
CA GLY H 374 -10.00 10.84 59.16
C GLY H 374 -9.95 10.61 60.65
N GLN H 375 -9.01 9.75 61.08
CA GLN H 375 -8.74 9.40 62.49
C GLN H 375 -8.16 10.60 63.21
N THR H 376 -7.34 11.41 62.52
CA THR H 376 -6.77 12.62 63.10
C THR H 376 -7.87 13.66 63.28
N LYS H 377 -9.12 13.34 62.83
CA LYS H 377 -10.38 14.10 62.98
C LYS H 377 -10.20 15.65 62.86
N THR H 378 -9.35 16.06 61.90
CA THR H 378 -8.96 17.45 61.61
C THR H 378 -10.07 18.34 61.03
N LYS H 379 -11.13 17.75 60.46
CA LYS H 379 -12.20 18.52 59.83
C LYS H 379 -13.56 17.91 60.19
N LEU H 380 -14.66 18.70 60.14
CA LEU H 380 -16.02 18.21 60.39
C LEU H 380 -16.86 18.42 59.12
N GLY H 381 -17.36 17.31 58.56
CA GLY H 381 -18.07 17.30 57.28
C GLY H 381 -19.58 17.27 57.29
N ASN H 382 -20.21 17.36 58.47
CA ASN H 382 -21.67 17.35 58.61
C ASN H 382 -22.32 18.57 57.94
N THR H 383 -22.82 18.39 56.70
CA THR H 383 -23.49 19.42 55.90
C THR H 383 -24.63 20.14 56.65
N GLU H 384 -25.35 19.41 57.54
CA GLU H 384 -26.44 19.93 58.37
C GLU H 384 -25.97 20.88 59.47
N VAL H 385 -24.69 20.73 59.90
CA VAL H 385 -24.06 21.54 60.96
C VAL H 385 -23.75 22.96 60.46
N LYS H 386 -23.23 23.10 59.22
CA LYS H 386 -22.93 24.39 58.58
C LYS H 386 -24.15 25.31 58.66
N SER H 387 -25.31 24.80 58.23
CA SER H 387 -26.58 25.52 58.27
C SER H 387 -26.99 25.87 59.70
N PHE H 388 -26.93 24.88 60.62
CA PHE H 388 -27.32 25.05 62.03
C PHE H 388 -26.46 26.08 62.73
N VAL H 389 -25.14 26.06 62.48
CA VAL H 389 -24.18 27.00 63.07
C VAL H 389 -24.49 28.41 62.54
N GLN H 390 -24.71 28.53 61.22
CA GLN H 390 -25.07 29.77 60.55
C GLN H 390 -26.41 30.32 61.09
N LYS H 391 -27.40 29.43 61.31
CA LYS H 391 -28.74 29.76 61.82
C LYS H 391 -28.62 30.37 63.21
N VAL H 392 -27.81 29.74 64.09
CA VAL H 392 -27.57 30.21 65.45
C VAL H 392 -26.78 31.52 65.41
N CYS H 393 -25.70 31.56 64.62
CA CYS H 393 -24.81 32.71 64.51
C CYS H 393 -25.44 33.93 63.88
N ASN H 394 -25.99 33.82 62.65
CA ASN H 394 -26.67 34.93 61.96
C ASN H 394 -27.74 35.59 62.83
N GLU H 395 -28.36 34.81 63.75
CA GLU H 395 -29.40 35.32 64.65
C GLU H 395 -28.87 35.82 65.98
N GLN H 396 -27.95 35.07 66.63
CA GLN H 396 -27.46 35.47 67.94
C GLN H 396 -26.29 36.47 67.91
N LEU H 397 -25.56 36.59 66.79
CA LEU H 397 -24.52 37.61 66.71
C LEU H 397 -25.17 38.98 66.53
N THR H 398 -26.21 39.04 65.64
CA THR H 398 -27.01 40.26 65.39
C THR H 398 -27.61 40.74 66.71
N HIS H 399 -28.13 39.80 67.55
CA HIS H 399 -28.67 40.15 68.86
C HIS H 399 -27.62 40.89 69.67
N TRP H 400 -26.40 40.32 69.79
CA TRP H 400 -25.29 40.93 70.53
C TRP H 400 -24.89 42.28 69.94
N PHE H 401 -24.85 42.37 68.60
CA PHE H 401 -24.52 43.59 67.85
C PHE H 401 -25.52 44.73 68.09
N GLU H 402 -26.80 44.38 68.29
CA GLU H 402 -27.89 45.32 68.55
C GLU H 402 -27.98 45.67 70.05
N ALA H 403 -27.79 44.68 70.94
CA ALA H 403 -27.84 44.84 72.40
C ALA H 403 -26.64 45.62 72.94
N ASN H 404 -25.46 45.46 72.31
CA ASN H 404 -24.23 46.16 72.68
C ASN H 404 -23.83 47.04 71.48
N PRO H 405 -24.45 48.25 71.31
CA PRO H 405 -24.14 49.07 70.13
C PRO H 405 -22.77 49.71 70.14
N THR H 406 -22.31 50.16 71.33
CA THR H 406 -21.01 50.79 71.56
C THR H 406 -19.89 49.84 71.14
N ASP H 407 -19.85 48.63 71.75
CA ASP H 407 -18.89 47.56 71.49
C ASP H 407 -18.95 47.09 70.03
N ALA H 408 -20.14 47.14 69.40
CA ALA H 408 -20.33 46.77 67.99
C ALA H 408 -19.73 47.80 67.05
N LYS H 409 -19.90 49.10 67.35
CA LYS H 409 -19.36 50.22 66.56
C LYS H 409 -17.84 50.11 66.47
N VAL H 410 -17.16 49.96 67.63
CA VAL H 410 -15.70 49.85 67.74
C VAL H 410 -15.18 48.60 66.98
N VAL H 411 -15.95 47.48 66.97
CA VAL H 411 -15.61 46.22 66.30
C VAL H 411 -15.68 46.34 64.76
N VAL H 412 -16.80 46.88 64.23
CA VAL H 412 -17.03 47.07 62.79
C VAL H 412 -16.00 48.03 62.21
N ASN H 413 -15.68 49.11 62.95
CA ASN H 413 -14.69 50.13 62.59
C ASN H 413 -13.31 49.51 62.34
N LYS H 414 -12.93 48.53 63.19
CA LYS H 414 -11.67 47.78 63.09
C LYS H 414 -11.58 47.05 61.75
N ALA H 415 -12.68 46.35 61.37
CA ALA H 415 -12.77 45.60 60.12
C ALA H 415 -12.71 46.52 58.89
N VAL H 416 -13.46 47.65 58.93
CA VAL H 416 -13.48 48.65 57.87
C VAL H 416 -12.06 49.19 57.65
N SER H 417 -11.28 49.36 58.75
CA SER H 417 -9.89 49.82 58.72
C SER H 417 -8.95 48.78 58.07
N SER H 418 -8.99 47.52 58.55
CA SER H 418 -8.20 46.38 58.07
C SER H 418 -8.34 46.21 56.57
N ALA H 419 -9.61 46.31 56.07
CA ALA H 419 -10.00 46.18 54.65
C ALA H 419 -9.68 47.41 53.81
N GLN H 420 -9.84 48.63 54.36
CA GLN H 420 -9.55 49.86 53.62
C GLN H 420 -8.05 50.09 53.46
N ALA H 421 -7.23 49.42 54.28
CA ALA H 421 -5.76 49.48 54.20
C ALA H 421 -5.28 48.69 52.98
N ARG H 422 -5.88 47.49 52.76
CA ARG H 422 -5.58 46.57 51.65
C ARG H 422 -5.93 47.21 50.29
N ILE H 423 -7.18 47.71 50.13
CA ILE H 423 -7.67 48.36 48.90
C ILE H 423 -6.87 49.62 48.54
N ALA H 424 -6.36 50.32 49.56
CA ALA H 424 -5.57 51.55 49.41
C ALA H 424 -4.27 51.34 48.63
N ALA H 425 -3.56 50.21 48.87
CA ALA H 425 -2.30 49.88 48.21
C ALA H 425 -2.49 49.48 46.73
N ARG H 426 -3.42 48.54 46.48
CA ARG H 426 -3.75 48.02 45.16
C ARG H 426 -4.51 49.06 44.33
#